data_2MH3
#
_entry.id   2MH3
#
_cell.length_a   1.000
_cell.length_b   1.000
_cell.length_c   1.000
_cell.angle_alpha   90.00
_cell.angle_beta   90.00
_cell.angle_gamma   90.00
#
_symmetry.space_group_name_H-M   'P 1'
#
_entity_poly.entity_id   1
_entity_poly.type   'polypeptide(L)'
_entity_poly.pdbx_seq_one_letter_code
;MKPKTASEHRKSSKPIMEKRRRARINESLSQLKTLILDALKKDSSRHSKLEKADILEMTVKHLRNLQRAQ
;
_entity_poly.pdbx_strand_id   A,B
#
# COMPACT_ATOMS: atom_id res chain seq x y z
N MET A 1 -19.61 22.51 21.17
CA MET A 1 -20.37 22.09 19.98
C MET A 1 -20.09 20.63 19.67
N LYS A 2 -18.85 20.33 19.27
CA LYS A 2 -18.40 18.99 18.93
C LYS A 2 -19.10 18.46 17.66
N PRO A 3 -18.52 18.73 16.49
CA PRO A 3 -19.09 18.29 15.23
C PRO A 3 -18.79 16.82 14.97
N LYS A 4 -19.79 16.01 15.12
CA LYS A 4 -19.66 14.59 14.91
C LYS A 4 -19.91 14.30 13.44
N THR A 5 -18.86 14.09 12.71
CA THR A 5 -18.95 13.80 11.30
C THR A 5 -18.42 12.40 10.99
N ALA A 6 -17.58 11.88 11.86
CA ALA A 6 -16.99 10.58 11.66
C ALA A 6 -17.07 9.77 12.94
N SER A 7 -18.00 8.89 12.98
CA SER A 7 -18.17 8.01 14.11
C SER A 7 -18.72 6.67 13.65
N GLU A 8 -19.71 6.73 12.78
CA GLU A 8 -20.29 5.55 12.21
C GLU A 8 -19.57 5.25 10.90
N HIS A 9 -19.58 4.01 10.49
CA HIS A 9 -18.90 3.62 9.30
C HIS A 9 -19.79 3.73 8.08
N ARG A 10 -19.56 4.76 7.28
CA ARG A 10 -20.23 4.83 6.00
C ARG A 10 -19.36 4.06 5.03
N LYS A 11 -19.62 2.81 4.99
CA LYS A 11 -18.83 1.83 4.32
C LYS A 11 -19.77 0.77 3.77
N SER A 12 -19.66 0.50 2.50
CA SER A 12 -20.53 -0.45 1.84
C SER A 12 -19.73 -1.39 0.94
N SER A 13 -19.99 -2.69 1.06
CA SER A 13 -19.37 -3.75 0.28
C SER A 13 -19.88 -5.09 0.79
N LYS A 14 -19.46 -6.16 0.18
CA LYS A 14 -19.80 -7.48 0.63
C LYS A 14 -18.74 -7.94 1.58
N PRO A 15 -19.14 -8.48 2.73
CA PRO A 15 -18.22 -8.92 3.78
C PRO A 15 -17.24 -9.97 3.25
N ILE A 16 -17.74 -10.87 2.43
CA ILE A 16 -16.92 -11.90 1.85
C ILE A 16 -15.93 -11.30 0.85
N MET A 17 -16.42 -10.42 -0.03
CA MET A 17 -15.57 -9.84 -1.08
C MET A 17 -14.52 -8.95 -0.51
N GLU A 18 -14.88 -8.17 0.48
CA GLU A 18 -13.95 -7.26 1.09
C GLU A 18 -12.90 -8.02 1.89
N LYS A 19 -13.26 -9.22 2.35
CA LYS A 19 -12.34 -10.08 3.08
C LYS A 19 -11.35 -10.70 2.09
N ARG A 20 -11.84 -11.05 0.92
CA ARG A 20 -11.01 -11.60 -0.16
C ARG A 20 -10.03 -10.53 -0.62
N ARG A 21 -10.55 -9.30 -0.75
CA ARG A 21 -9.75 -8.14 -1.09
C ARG A 21 -8.67 -7.95 -0.05
N ARG A 22 -9.07 -7.98 1.22
CA ARG A 22 -8.20 -7.79 2.37
C ARG A 22 -6.99 -8.70 2.32
N ALA A 23 -7.24 -9.97 2.00
CA ALA A 23 -6.19 -10.95 1.89
C ALA A 23 -5.19 -10.51 0.83
N ARG A 24 -5.71 -10.14 -0.34
CA ARG A 24 -4.88 -9.71 -1.46
C ARG A 24 -4.13 -8.42 -1.17
N ILE A 25 -4.73 -7.55 -0.35
CA ILE A 25 -4.07 -6.31 0.07
C ILE A 25 -2.78 -6.64 0.79
N ASN A 26 -2.91 -7.50 1.78
CA ASN A 26 -1.79 -7.94 2.60
C ASN A 26 -0.78 -8.67 1.74
N GLU A 27 -1.28 -9.54 0.87
CA GLU A 27 -0.42 -10.29 -0.07
C GLU A 27 0.42 -9.35 -0.94
N SER A 28 -0.22 -8.32 -1.48
CA SER A 28 0.43 -7.42 -2.38
C SER A 28 1.47 -6.59 -1.65
N LEU A 29 1.08 -6.09 -0.49
CA LEU A 29 1.93 -5.23 0.31
C LEU A 29 3.16 -6.01 0.82
N SER A 30 2.95 -7.27 1.14
CA SER A 30 4.00 -8.14 1.63
C SER A 30 5.10 -8.32 0.55
N GLN A 31 4.71 -8.73 -0.63
CA GLN A 31 5.69 -8.94 -1.70
C GLN A 31 6.24 -7.60 -2.20
N LEU A 32 5.45 -6.55 -2.03
CA LEU A 32 5.82 -5.19 -2.38
C LEU A 32 7.06 -4.76 -1.61
N LYS A 33 7.00 -4.81 -0.27
CA LYS A 33 8.14 -4.44 0.58
C LYS A 33 9.36 -5.32 0.26
N THR A 34 9.08 -6.60 -0.02
CA THR A 34 10.10 -7.59 -0.28
C THR A 34 10.98 -7.20 -1.48
N LEU A 35 10.36 -7.04 -2.63
CA LEU A 35 11.09 -6.77 -3.85
C LEU A 35 11.75 -5.39 -3.85
N ILE A 36 11.17 -4.46 -3.12
CA ILE A 36 11.74 -3.12 -3.04
C ILE A 36 13.02 -3.12 -2.22
N LEU A 37 12.92 -3.61 -1.00
CA LEU A 37 14.04 -3.55 -0.08
C LEU A 37 15.22 -4.32 -0.66
N ASP A 38 14.91 -5.46 -1.26
CA ASP A 38 15.91 -6.31 -1.83
C ASP A 38 16.49 -5.79 -3.12
N ALA A 39 15.75 -5.00 -3.83
CA ALA A 39 16.28 -4.51 -5.08
C ALA A 39 17.35 -3.45 -4.87
N LEU A 40 17.18 -2.62 -3.86
CA LEU A 40 18.16 -1.56 -3.63
C LEU A 40 19.13 -1.92 -2.55
N LYS A 41 18.73 -2.89 -1.73
CA LYS A 41 19.58 -3.44 -0.68
C LYS A 41 19.93 -2.39 0.37
N LYS A 42 18.90 -1.69 0.84
CA LYS A 42 19.05 -0.74 1.91
C LYS A 42 19.62 -1.38 3.16
N ASP A 43 18.78 -2.10 3.89
CA ASP A 43 19.20 -2.81 5.05
C ASP A 43 18.10 -3.70 5.44
N SER A 44 18.43 -4.91 5.70
CA SER A 44 17.44 -5.86 5.98
C SER A 44 17.09 -5.87 7.48
N SER A 45 17.94 -5.27 8.27
CA SER A 45 17.73 -5.16 9.69
C SER A 45 16.61 -4.15 9.94
N ARG A 46 16.72 -2.98 9.30
CA ARG A 46 15.69 -1.94 9.44
C ARG A 46 14.44 -2.34 8.72
N HIS A 47 14.54 -3.35 7.88
CA HIS A 47 13.39 -3.87 7.17
C HIS A 47 12.38 -4.53 8.14
N SER A 48 12.84 -4.85 9.35
CA SER A 48 11.96 -5.46 10.34
C SER A 48 11.07 -4.42 11.00
N LYS A 49 11.32 -3.19 10.67
CA LYS A 49 10.61 -2.07 11.20
C LYS A 49 10.43 -1.05 10.14
N LEU A 50 9.56 -1.35 9.27
CA LEU A 50 9.16 -0.42 8.30
C LEU A 50 7.75 -0.04 8.55
N GLU A 51 7.54 1.22 8.70
CA GLU A 51 6.23 1.78 8.86
C GLU A 51 5.49 1.55 7.55
N LYS A 52 4.20 1.26 7.62
CA LYS A 52 3.39 1.01 6.41
C LYS A 52 3.55 2.10 5.36
N ALA A 53 3.62 3.31 5.83
CA ALA A 53 3.81 4.48 4.99
C ALA A 53 5.18 4.47 4.31
N ASP A 54 6.15 3.89 4.99
CA ASP A 54 7.56 3.88 4.55
C ASP A 54 7.69 2.86 3.46
N ILE A 55 6.92 1.82 3.61
CA ILE A 55 6.86 0.73 2.69
C ILE A 55 6.24 1.17 1.36
N LEU A 56 5.09 1.82 1.44
CA LEU A 56 4.40 2.30 0.25
C LEU A 56 5.30 3.29 -0.49
N GLU A 57 5.81 4.27 0.25
CA GLU A 57 6.70 5.29 -0.29
C GLU A 57 7.97 4.72 -0.88
N MET A 58 8.48 3.67 -0.29
CA MET A 58 9.75 3.10 -0.71
C MET A 58 9.60 2.50 -2.10
N THR A 59 8.45 1.96 -2.32
CA THR A 59 8.05 1.37 -3.56
C THR A 59 7.83 2.45 -4.62
N VAL A 60 7.14 3.52 -4.23
CA VAL A 60 6.86 4.65 -5.13
C VAL A 60 8.17 5.32 -5.54
N LYS A 61 9.05 5.50 -4.59
CA LYS A 61 10.33 6.14 -4.85
C LYS A 61 11.21 5.29 -5.77
N HIS A 62 11.15 3.98 -5.61
CA HIS A 62 11.90 3.06 -6.46
C HIS A 62 11.32 3.05 -7.88
N LEU A 63 10.02 3.34 -7.97
CA LEU A 63 9.29 3.39 -9.22
C LEU A 63 9.90 4.53 -10.02
N ARG A 64 10.15 5.63 -9.32
CA ARG A 64 10.71 6.84 -9.89
C ARG A 64 12.07 6.54 -10.44
N ASN A 65 12.86 5.82 -9.66
CA ASN A 65 14.21 5.44 -10.04
C ASN A 65 14.19 4.62 -11.30
N LEU A 66 13.33 3.63 -11.33
CA LEU A 66 13.19 2.77 -12.48
C LEU A 66 12.71 3.54 -13.72
N GLN A 67 11.87 4.51 -13.49
CA GLN A 67 11.36 5.37 -14.54
C GLN A 67 12.42 6.31 -15.13
N ARG A 68 13.41 6.71 -14.34
CA ARG A 68 14.36 7.72 -14.83
C ARG A 68 15.85 7.31 -14.84
N ALA A 69 16.20 6.18 -14.28
CA ALA A 69 17.62 5.76 -14.26
C ALA A 69 17.93 4.88 -15.45
N GLN A 70 16.90 4.51 -16.15
CA GLN A 70 16.97 3.68 -17.31
C GLN A 70 15.67 3.83 -18.07
N MET B 1 -19.93 8.38 -2.46
CA MET B 1 -18.84 8.44 -3.45
C MET B 1 -17.89 7.33 -3.12
N LYS B 2 -16.82 7.18 -3.87
CA LYS B 2 -15.78 6.25 -3.50
C LYS B 2 -14.54 7.00 -3.06
N PRO B 3 -14.41 7.27 -1.76
CA PRO B 3 -13.29 7.98 -1.22
C PRO B 3 -12.10 7.06 -1.03
N LYS B 4 -11.01 7.64 -0.63
CA LYS B 4 -9.81 6.91 -0.31
C LYS B 4 -10.06 6.08 0.95
N THR B 5 -10.40 4.83 0.75
CA THR B 5 -10.69 3.93 1.85
C THR B 5 -9.45 3.72 2.72
N ALA B 6 -9.64 3.89 4.00
CA ALA B 6 -8.58 3.72 4.94
C ALA B 6 -8.69 2.35 5.55
N SER B 7 -7.63 1.59 5.43
CA SER B 7 -7.60 0.28 5.99
C SER B 7 -7.17 0.36 7.44
N GLU B 8 -8.15 0.57 8.29
CA GLU B 8 -7.90 0.77 9.68
C GLU B 8 -7.74 -0.56 10.39
N HIS B 9 -6.50 -0.91 10.63
CA HIS B 9 -6.16 -2.05 11.45
C HIS B 9 -5.59 -1.49 12.72
N ARG B 10 -6.19 -1.83 13.83
CA ARG B 10 -5.84 -1.24 15.09
C ARG B 10 -4.51 -1.76 15.62
N LYS B 11 -3.59 -0.86 15.78
CA LYS B 11 -2.32 -1.09 16.40
C LYS B 11 -1.79 0.23 16.88
N SER B 12 -2.18 0.55 18.04
CA SER B 12 -1.88 1.80 18.65
C SER B 12 -0.66 1.75 19.53
N SER B 13 -0.04 2.90 19.69
CA SER B 13 1.07 3.08 20.54
C SER B 13 1.09 4.54 20.97
N LYS B 14 1.55 5.35 20.10
CA LYS B 14 1.49 6.76 20.27
C LYS B 14 0.44 7.30 19.36
N PRO B 15 -0.61 7.89 19.93
CA PRO B 15 -1.76 8.39 19.17
C PRO B 15 -1.35 9.36 18.08
N ILE B 16 -0.43 10.22 18.43
CA ILE B 16 0.07 11.22 17.53
C ILE B 16 0.89 10.57 16.40
N MET B 17 1.78 9.66 16.77
CA MET B 17 2.68 9.06 15.80
C MET B 17 1.97 8.15 14.85
N GLU B 18 1.01 7.40 15.35
CA GLU B 18 0.26 6.48 14.53
C GLU B 18 -0.67 7.25 13.59
N LYS B 19 -1.06 8.45 14.01
CA LYS B 19 -1.91 9.28 13.18
C LYS B 19 -1.05 9.86 12.04
N ARG B 20 0.16 10.27 12.40
CA ARG B 20 1.13 10.78 11.42
C ARG B 20 1.47 9.68 10.42
N ARG B 21 1.63 8.46 10.95
CA ARG B 21 1.85 7.28 10.14
C ARG B 21 0.71 7.11 9.17
N ARG B 22 -0.50 7.08 9.72
CA ARG B 22 -1.75 6.91 8.97
C ARG B 22 -1.85 7.89 7.83
N ALA B 23 -1.62 9.16 8.15
CA ALA B 23 -1.66 10.23 7.18
C ALA B 23 -0.67 9.95 6.05
N ARG B 24 0.55 9.59 6.43
CA ARG B 24 1.62 9.33 5.49
C ARG B 24 1.30 8.07 4.64
N ILE B 25 0.58 7.10 5.23
CA ILE B 25 0.13 5.91 4.51
C ILE B 25 -0.77 6.33 3.37
N ASN B 26 -1.69 7.23 3.66
CA ASN B 26 -2.61 7.73 2.66
C ASN B 26 -1.86 8.52 1.61
N GLU B 27 -0.93 9.36 2.08
CA GLU B 27 -0.10 10.19 1.22
C GLU B 27 0.69 9.36 0.20
N SER B 28 1.28 8.27 0.66
CA SER B 28 2.10 7.46 -0.19
C SER B 28 1.26 6.61 -1.13
N LEU B 29 0.18 6.04 -0.61
CA LEU B 29 -0.72 5.19 -1.39
C LEU B 29 -1.37 6.02 -2.52
N SER B 30 -1.72 7.26 -2.21
CA SER B 30 -2.36 8.14 -3.16
C SER B 30 -1.42 8.42 -4.35
N GLN B 31 -0.18 8.81 -4.06
CA GLN B 31 0.77 9.12 -5.13
C GLN B 31 1.16 7.83 -5.88
N LEU B 32 1.19 6.73 -5.15
CA LEU B 32 1.48 5.40 -5.68
C LEU B 32 0.49 5.08 -6.81
N LYS B 33 -0.79 5.11 -6.47
CA LYS B 33 -1.90 4.88 -7.40
C LYS B 33 -1.78 5.83 -8.62
N THR B 34 -1.49 7.08 -8.31
CA THR B 34 -1.40 8.13 -9.30
C THR B 34 -0.32 7.85 -10.36
N LEU B 35 0.91 7.61 -9.90
CA LEU B 35 2.02 7.38 -10.82
C LEU B 35 1.91 6.05 -11.54
N ILE B 36 1.33 5.05 -10.87
CA ILE B 36 1.14 3.75 -11.50
C ILE B 36 0.15 3.82 -12.64
N LEU B 37 -1.04 4.32 -12.38
CA LEU B 37 -2.07 4.33 -13.40
C LEU B 37 -1.62 5.21 -14.57
N ASP B 38 -0.80 6.19 -14.27
CA ASP B 38 -0.32 7.11 -15.28
C ASP B 38 0.81 6.55 -16.09
N ALA B 39 1.56 5.64 -15.54
CA ALA B 39 2.66 5.07 -16.28
C ALA B 39 2.21 3.95 -17.18
N LEU B 40 1.19 3.25 -16.75
CA LEU B 40 0.69 2.13 -17.54
C LEU B 40 -0.38 2.59 -18.49
N LYS B 41 -1.13 3.63 -18.08
CA LYS B 41 -2.17 4.23 -18.93
C LYS B 41 -3.18 3.19 -19.36
N LYS B 42 -3.78 2.57 -18.36
CA LYS B 42 -4.74 1.53 -18.58
C LYS B 42 -6.09 2.11 -18.97
N ASP B 43 -6.79 2.68 -18.02
CA ASP B 43 -8.11 3.24 -18.27
C ASP B 43 -8.47 4.02 -17.06
N SER B 44 -9.30 4.99 -17.23
CA SER B 44 -9.70 5.79 -16.14
C SER B 44 -10.89 5.12 -15.40
N SER B 45 -11.60 4.25 -16.08
CA SER B 45 -12.71 3.54 -15.49
C SER B 45 -12.17 2.48 -14.54
N ARG B 46 -11.08 1.85 -14.93
CA ARG B 46 -10.45 0.82 -14.10
C ARG B 46 -9.59 1.48 -13.03
N HIS B 47 -9.46 2.79 -13.12
CA HIS B 47 -8.87 3.60 -12.07
C HIS B 47 -9.98 3.85 -11.03
N SER B 48 -11.19 4.11 -11.53
CA SER B 48 -12.38 4.33 -10.70
C SER B 48 -12.95 2.98 -10.19
N LYS B 49 -12.20 1.94 -10.42
CA LYS B 49 -12.53 0.59 -10.00
C LYS B 49 -11.26 -0.07 -9.48
N LEU B 50 -10.39 0.74 -8.96
CA LEU B 50 -9.19 0.25 -8.37
C LEU B 50 -9.40 -0.16 -6.93
N GLU B 51 -9.39 -1.45 -6.74
CA GLU B 51 -9.45 -2.03 -5.43
C GLU B 51 -8.09 -1.82 -4.80
N LYS B 52 -8.04 -1.67 -3.50
CA LYS B 52 -6.78 -1.47 -2.78
C LYS B 52 -5.72 -2.52 -3.15
N ALA B 53 -6.15 -3.75 -3.22
CA ALA B 53 -5.30 -4.87 -3.60
C ALA B 53 -4.83 -4.75 -5.06
N ASP B 54 -5.68 -4.14 -5.87
CA ASP B 54 -5.44 -4.01 -7.32
C ASP B 54 -4.39 -2.98 -7.53
N ILE B 55 -4.49 -1.94 -6.73
CA ILE B 55 -3.55 -0.84 -6.73
C ILE B 55 -2.18 -1.30 -6.24
N LEU B 56 -2.14 -1.95 -5.07
CA LEU B 56 -0.88 -2.40 -4.49
C LEU B 56 -0.12 -3.32 -5.42
N GLU B 57 -0.78 -4.37 -5.90
CA GLU B 57 -0.13 -5.30 -6.76
C GLU B 57 0.22 -4.67 -8.09
N MET B 58 -0.55 -3.67 -8.54
CA MET B 58 -0.30 -3.06 -9.85
C MET B 58 1.05 -2.39 -9.83
N THR B 59 1.35 -1.82 -8.69
CA THR B 59 2.60 -1.16 -8.42
C THR B 59 3.75 -2.17 -8.45
N VAL B 60 3.53 -3.32 -7.82
CA VAL B 60 4.52 -4.40 -7.78
C VAL B 60 4.73 -5.01 -9.18
N LYS B 61 3.65 -5.17 -9.91
CA LYS B 61 3.70 -5.72 -11.25
C LYS B 61 4.41 -4.78 -12.21
N HIS B 62 4.16 -3.49 -12.05
CA HIS B 62 4.84 -2.47 -12.85
C HIS B 62 6.33 -2.47 -12.51
N LEU B 63 6.64 -2.85 -11.28
CA LEU B 63 7.99 -2.97 -10.81
C LEU B 63 8.69 -4.03 -11.61
N ARG B 64 8.00 -5.12 -11.86
CA ARG B 64 8.58 -6.24 -12.60
C ARG B 64 8.83 -5.83 -14.03
N ASN B 65 7.88 -5.09 -14.58
CA ASN B 65 7.96 -4.60 -15.95
C ASN B 65 9.14 -3.67 -16.11
N LEU B 66 9.27 -2.75 -15.21
CA LEU B 66 10.40 -1.86 -15.23
C LEU B 66 11.69 -2.62 -15.01
N GLN B 67 11.67 -3.56 -14.09
CA GLN B 67 12.86 -4.36 -13.70
C GLN B 67 13.35 -5.30 -14.80
N ARG B 68 12.55 -5.49 -15.83
CA ARG B 68 13.01 -6.28 -16.97
C ARG B 68 13.37 -5.39 -18.15
N ALA B 69 13.07 -4.12 -18.02
CA ALA B 69 13.31 -3.14 -19.05
C ALA B 69 14.67 -2.47 -18.82
N GLN B 70 15.59 -3.28 -18.38
CA GLN B 70 16.91 -2.84 -18.05
C GLN B 70 17.79 -3.08 -19.28
N MET A 1 -27.21 15.82 -9.64
CA MET A 1 -27.22 14.88 -10.75
C MET A 1 -27.45 13.49 -10.20
N LYS A 2 -27.68 12.53 -11.06
CA LYS A 2 -27.83 11.19 -10.62
C LYS A 2 -26.56 10.42 -10.94
N PRO A 3 -25.79 10.04 -9.92
CA PRO A 3 -24.56 9.29 -10.11
C PRO A 3 -24.82 7.78 -10.11
N LYS A 4 -23.78 7.02 -9.98
CA LYS A 4 -23.89 5.59 -9.92
C LYS A 4 -24.29 5.25 -8.50
N THR A 5 -25.59 5.06 -8.30
CA THR A 5 -26.15 4.81 -6.97
C THR A 5 -25.58 3.50 -6.40
N ALA A 6 -25.25 2.57 -7.29
CA ALA A 6 -24.56 1.38 -6.91
C ALA A 6 -23.08 1.72 -6.88
N SER A 7 -22.71 2.46 -5.87
CA SER A 7 -21.36 2.89 -5.72
C SER A 7 -20.51 1.77 -5.19
N GLU A 8 -19.88 1.09 -6.11
CA GLU A 8 -18.99 -0.02 -5.82
C GLU A 8 -17.86 0.48 -4.92
N HIS A 9 -17.26 1.59 -5.30
CA HIS A 9 -16.21 2.17 -4.50
C HIS A 9 -16.83 3.11 -3.46
N ARG A 10 -17.04 2.56 -2.31
CA ARG A 10 -17.56 3.27 -1.15
C ARG A 10 -17.33 2.34 0.01
N LYS A 11 -17.90 1.18 -0.15
CA LYS A 11 -17.87 0.09 0.75
C LYS A 11 -18.41 -1.06 -0.02
N SER A 12 -17.83 -2.17 0.17
CA SER A 12 -18.23 -3.36 -0.48
C SER A 12 -19.44 -3.95 0.22
N SER A 13 -20.41 -4.38 -0.55
CA SER A 13 -21.63 -4.92 0.02
C SER A 13 -21.51 -6.41 0.29
N LYS A 14 -20.48 -7.02 -0.24
CA LYS A 14 -20.22 -8.38 0.05
C LYS A 14 -19.04 -8.54 0.98
N PRO A 15 -19.31 -9.05 2.18
CA PRO A 15 -18.29 -9.24 3.20
C PRO A 15 -17.29 -10.28 2.79
N ILE A 16 -17.78 -11.27 2.04
CA ILE A 16 -16.94 -12.34 1.55
C ILE A 16 -15.94 -11.81 0.53
N MET A 17 -16.42 -10.93 -0.34
CA MET A 17 -15.61 -10.36 -1.41
C MET A 17 -14.54 -9.49 -0.85
N GLU A 18 -14.89 -8.67 0.11
CA GLU A 18 -13.94 -7.75 0.67
C GLU A 18 -12.96 -8.47 1.58
N LYS A 19 -13.35 -9.62 2.08
CA LYS A 19 -12.47 -10.40 2.95
C LYS A 19 -11.43 -11.04 2.07
N ARG A 20 -11.88 -11.54 0.93
CA ARG A 20 -10.99 -12.13 -0.07
C ARG A 20 -10.02 -11.07 -0.55
N ARG A 21 -10.58 -9.89 -0.84
CA ARG A 21 -9.81 -8.74 -1.25
C ARG A 21 -8.76 -8.42 -0.22
N ARG A 22 -9.19 -8.26 1.02
CA ARG A 22 -8.34 -7.91 2.14
C ARG A 22 -7.14 -8.85 2.28
N ALA A 23 -7.37 -10.16 2.15
CA ALA A 23 -6.30 -11.13 2.23
C ALA A 23 -5.33 -10.88 1.09
N ARG A 24 -5.88 -10.67 -0.10
CA ARG A 24 -5.07 -10.43 -1.28
C ARG A 24 -4.26 -9.12 -1.12
N ILE A 25 -4.83 -8.13 -0.43
CA ILE A 25 -4.15 -6.88 -0.13
C ILE A 25 -2.86 -7.18 0.64
N ASN A 26 -3.02 -7.88 1.73
CA ASN A 26 -1.91 -8.22 2.62
C ASN A 26 -0.89 -9.07 1.89
N GLU A 27 -1.39 -9.96 1.09
CA GLU A 27 -0.53 -10.83 0.29
C GLU A 27 0.24 -10.04 -0.80
N SER A 28 -0.40 -9.04 -1.37
CA SER A 28 0.24 -8.26 -2.40
C SER A 28 1.23 -7.31 -1.77
N LEU A 29 0.89 -6.78 -0.60
CA LEU A 29 1.73 -5.87 0.13
C LEU A 29 2.97 -6.63 0.62
N SER A 30 2.79 -7.91 0.92
CA SER A 30 3.86 -8.78 1.33
C SER A 30 4.92 -8.85 0.23
N GLN A 31 4.50 -9.20 -0.98
CA GLN A 31 5.43 -9.34 -2.09
C GLN A 31 5.96 -7.97 -2.54
N LEU A 32 5.12 -6.96 -2.40
CA LEU A 32 5.45 -5.55 -2.67
C LEU A 32 6.71 -5.17 -1.85
N LYS A 33 6.59 -5.31 -0.55
CA LYS A 33 7.68 -5.12 0.39
C LYS A 33 8.89 -6.05 0.11
N THR A 34 8.60 -7.29 -0.28
CA THR A 34 9.64 -8.26 -0.54
C THR A 34 10.53 -7.82 -1.70
N LEU A 35 9.92 -7.51 -2.84
CA LEU A 35 10.69 -7.11 -4.01
C LEU A 35 11.33 -5.74 -3.83
N ILE A 36 10.73 -4.89 -3.04
CA ILE A 36 11.31 -3.59 -2.77
C ILE A 36 12.60 -3.73 -1.96
N LEU A 37 12.57 -4.51 -0.92
CA LEU A 37 13.75 -4.66 -0.10
C LEU A 37 14.78 -5.52 -0.85
N ASP A 38 14.32 -6.30 -1.80
CA ASP A 38 15.18 -7.19 -2.58
C ASP A 38 15.89 -6.47 -3.72
N ALA A 39 15.20 -5.54 -4.35
CA ALA A 39 15.76 -4.77 -5.44
C ALA A 39 16.56 -3.62 -4.91
N LEU A 40 16.01 -2.94 -3.92
CA LEU A 40 16.66 -1.75 -3.39
C LEU A 40 17.71 -2.12 -2.40
N LYS A 41 17.48 -3.24 -1.70
CA LYS A 41 18.39 -3.77 -0.70
C LYS A 41 18.85 -2.72 0.28
N LYS A 42 17.90 -2.29 1.04
CA LYS A 42 18.12 -1.28 2.05
C LYS A 42 19.01 -1.83 3.15
N ASP A 43 18.44 -2.63 4.01
CA ASP A 43 19.14 -3.29 5.09
C ASP A 43 18.15 -4.16 5.75
N SER A 44 18.60 -5.21 6.33
CA SER A 44 17.72 -6.11 6.96
C SER A 44 17.35 -5.60 8.37
N SER A 45 18.22 -4.80 8.94
CA SER A 45 18.04 -4.28 10.27
C SER A 45 16.93 -3.21 10.27
N ARG A 46 16.99 -2.31 9.30
CA ARG A 46 16.04 -1.20 9.21
C ARG A 46 14.76 -1.64 8.50
N HIS A 47 14.81 -2.82 7.88
CA HIS A 47 13.66 -3.44 7.21
C HIS A 47 12.49 -3.59 8.18
N SER A 48 12.79 -4.02 9.38
CA SER A 48 11.79 -4.27 10.39
C SER A 48 11.29 -2.99 11.09
N LYS A 49 11.60 -1.84 10.51
CA LYS A 49 11.08 -0.59 11.00
C LYS A 49 10.43 0.18 9.84
N LEU A 50 10.25 -0.48 8.74
CA LEU A 50 9.51 0.10 7.69
C LEU A 50 8.06 -0.04 7.96
N GLU A 51 7.43 1.06 8.22
CA GLU A 51 6.04 1.10 8.47
C GLU A 51 5.32 1.00 7.16
N LYS A 52 4.06 0.70 7.20
CA LYS A 52 3.24 0.52 6.02
C LYS A 52 3.33 1.71 5.06
N ALA A 53 3.27 2.90 5.61
CA ALA A 53 3.37 4.14 4.83
C ALA A 53 4.75 4.29 4.18
N ASP A 54 5.76 3.69 4.79
CA ASP A 54 7.14 3.81 4.32
C ASP A 54 7.33 2.90 3.16
N ILE A 55 6.81 1.72 3.31
CA ILE A 55 6.86 0.67 2.32
C ILE A 55 6.12 1.11 1.06
N LEU A 56 4.94 1.65 1.25
CA LEU A 56 4.13 2.14 0.15
C LEU A 56 4.87 3.20 -0.66
N GLU A 57 5.37 4.23 0.03
CA GLU A 57 6.03 5.31 -0.65
C GLU A 57 7.33 4.85 -1.29
N MET A 58 7.95 3.81 -0.73
CA MET A 58 9.24 3.34 -1.20
C MET A 58 9.10 2.72 -2.56
N THR A 59 8.00 2.05 -2.73
CA THR A 59 7.66 1.41 -3.98
C THR A 59 7.37 2.49 -5.03
N VAL A 60 6.75 3.57 -4.58
CA VAL A 60 6.46 4.74 -5.39
C VAL A 60 7.78 5.39 -5.82
N LYS A 61 8.70 5.54 -4.88
CA LYS A 61 10.00 6.14 -5.13
C LYS A 61 10.78 5.30 -6.12
N HIS A 62 10.69 3.99 -5.95
CA HIS A 62 11.36 3.02 -6.81
C HIS A 62 10.86 3.15 -8.25
N LEU A 63 9.59 3.51 -8.40
CA LEU A 63 8.97 3.67 -9.69
C LEU A 63 9.65 4.84 -10.35
N ARG A 64 9.84 5.89 -9.58
CA ARG A 64 10.44 7.12 -10.06
C ARG A 64 11.88 6.85 -10.44
N ASN A 65 12.59 6.17 -9.55
CA ASN A 65 14.01 5.87 -9.71
C ASN A 65 14.26 5.09 -10.96
N LEU A 66 13.45 4.09 -11.18
CA LEU A 66 13.57 3.30 -12.35
C LEU A 66 13.17 4.08 -13.57
N GLN A 67 12.12 4.87 -13.47
CA GLN A 67 11.61 5.67 -14.60
C GLN A 67 12.63 6.70 -15.09
N ARG A 68 13.48 7.14 -14.20
CA ARG A 68 14.49 8.12 -14.54
C ARG A 68 15.83 7.44 -14.83
N ALA A 69 15.79 6.13 -14.92
CA ALA A 69 16.93 5.31 -15.29
C ALA A 69 16.85 5.04 -16.79
N GLN A 70 15.90 5.70 -17.39
CA GLN A 70 15.60 5.60 -18.78
C GLN A 70 15.59 6.99 -19.34
N MET B 1 16.49 -4.69 15.82
CA MET B 1 15.94 -5.02 17.12
C MET B 1 14.94 -6.11 16.96
N LYS B 2 15.04 -7.13 17.78
CA LYS B 2 14.11 -8.23 17.72
C LYS B 2 12.73 -7.75 18.18
N PRO B 3 11.72 -7.78 17.30
CA PRO B 3 10.40 -7.28 17.60
C PRO B 3 9.63 -8.17 18.55
N LYS B 4 9.18 -7.58 19.63
CA LYS B 4 8.35 -8.25 20.58
C LYS B 4 6.91 -8.12 20.13
N THR B 5 6.30 -9.23 19.75
CA THR B 5 4.91 -9.32 19.29
C THR B 5 4.52 -8.26 18.23
N ALA B 6 4.85 -8.51 17.00
CA ALA B 6 4.51 -7.60 15.93
C ALA B 6 3.99 -8.37 14.72
N SER B 7 2.72 -8.73 14.78
CA SER B 7 2.05 -9.43 13.71
C SER B 7 1.40 -8.44 12.76
N GLU B 8 1.20 -7.26 13.28
CA GLU B 8 0.60 -6.16 12.60
C GLU B 8 1.40 -4.97 13.06
N HIS B 9 1.27 -3.82 12.40
CA HIS B 9 2.01 -2.63 12.84
C HIS B 9 1.39 -2.00 14.08
N ARG B 10 1.46 -2.74 15.15
CA ARG B 10 0.99 -2.36 16.44
C ARG B 10 2.22 -2.17 17.32
N LYS B 11 2.72 -0.98 17.28
CA LYS B 11 3.92 -0.62 18.00
C LYS B 11 3.83 0.88 18.12
N SER B 12 3.96 1.37 19.35
CA SER B 12 3.80 2.78 19.63
C SER B 12 2.38 3.19 19.24
N SER B 13 1.43 2.43 19.77
CA SER B 13 0.06 2.55 19.41
C SER B 13 -0.60 3.73 20.07
N LYS B 14 -0.42 4.85 19.48
CA LYS B 14 -1.11 6.04 19.83
C LYS B 14 -2.12 6.32 18.79
N PRO B 15 -3.39 6.46 19.17
CA PRO B 15 -4.48 6.62 18.22
C PRO B 15 -4.27 7.81 17.30
N ILE B 16 -3.76 8.90 17.84
CA ILE B 16 -3.52 10.08 17.05
C ILE B 16 -2.29 9.90 16.16
N MET B 17 -1.21 9.36 16.72
CA MET B 17 0.03 9.22 15.96
C MET B 17 -0.11 8.18 14.87
N GLU B 18 -0.78 7.09 15.16
CA GLU B 18 -0.95 6.07 14.16
C GLU B 18 -2.02 6.43 13.16
N LYS B 19 -2.89 7.36 13.53
CA LYS B 19 -3.88 7.92 12.61
C LYS B 19 -3.14 8.72 11.56
N ARG B 20 -2.13 9.43 12.02
CA ARG B 20 -1.27 10.23 11.16
C ARG B 20 -0.47 9.32 10.24
N ARG B 21 0.04 8.23 10.80
CA ARG B 21 0.71 7.21 10.03
C ARG B 21 -0.23 6.66 8.96
N ARG B 22 -1.41 6.27 9.39
CA ARG B 22 -2.45 5.76 8.53
C ARG B 22 -2.81 6.76 7.42
N ALA B 23 -2.81 8.04 7.75
CA ALA B 23 -3.02 9.09 6.77
C ALA B 23 -1.94 9.00 5.71
N ARG B 24 -0.71 8.85 6.17
CA ARG B 24 0.43 8.72 5.27
C ARG B 24 0.35 7.45 4.45
N ILE B 25 -0.22 6.40 5.03
CA ILE B 25 -0.48 5.15 4.30
C ILE B 25 -1.39 5.45 3.10
N ASN B 26 -2.50 6.10 3.39
CA ASN B 26 -3.51 6.45 2.39
C ASN B 26 -2.91 7.36 1.35
N GLU B 27 -2.20 8.36 1.81
CA GLU B 27 -1.56 9.32 0.92
C GLU B 27 -0.47 8.68 0.05
N SER B 28 0.23 7.70 0.59
CA SER B 28 1.28 7.04 -0.17
C SER B 28 0.69 6.05 -1.18
N LEU B 29 -0.42 5.44 -0.83
CA LEU B 29 -1.06 4.47 -1.68
C LEU B 29 -1.77 5.18 -2.83
N SER B 30 -2.31 6.34 -2.55
CA SER B 30 -3.03 7.09 -3.54
C SER B 30 -2.09 7.69 -4.60
N GLN B 31 -0.94 8.21 -4.18
CA GLN B 31 0.06 8.74 -5.14
C GLN B 31 0.63 7.57 -5.95
N LEU B 32 0.72 6.42 -5.29
CA LEU B 32 1.16 5.17 -5.88
C LEU B 32 0.24 4.82 -7.04
N LYS B 33 -1.05 4.73 -6.74
CA LYS B 33 -2.12 4.49 -7.73
C LYS B 33 -2.01 5.49 -8.89
N THR B 34 -1.76 6.73 -8.55
CA THR B 34 -1.68 7.82 -9.50
C THR B 34 -0.52 7.62 -10.49
N LEU B 35 0.70 7.46 -9.98
CA LEU B 35 1.86 7.30 -10.83
C LEU B 35 1.85 5.99 -11.59
N ILE B 36 1.24 4.97 -11.01
CA ILE B 36 1.09 3.68 -11.68
C ILE B 36 0.18 3.84 -12.90
N LEU B 37 -0.99 4.41 -12.72
CA LEU B 37 -1.90 4.62 -13.83
C LEU B 37 -1.34 5.63 -14.84
N ASP B 38 -0.40 6.42 -14.40
CA ASP B 38 0.25 7.41 -15.27
C ASP B 38 1.35 6.78 -16.08
N ALA B 39 2.02 5.82 -15.51
CA ALA B 39 3.11 5.15 -16.17
C ALA B 39 2.59 4.06 -17.07
N LEU B 40 1.55 3.37 -16.64
CA LEU B 40 1.02 2.28 -17.45
C LEU B 40 -0.10 2.76 -18.33
N LYS B 41 -0.87 3.73 -17.82
CA LYS B 41 -2.03 4.34 -18.53
C LYS B 41 -2.95 3.31 -19.09
N LYS B 42 -3.58 2.64 -18.20
CA LYS B 42 -4.54 1.64 -18.55
C LYS B 42 -5.87 2.26 -18.85
N ASP B 43 -6.60 2.61 -17.81
CA ASP B 43 -7.91 3.16 -17.96
C ASP B 43 -8.20 4.03 -16.78
N SER B 44 -8.89 5.09 -17.01
CA SER B 44 -9.24 6.00 -15.97
C SER B 44 -10.56 5.60 -15.29
N SER B 45 -11.31 4.72 -15.93
CA SER B 45 -12.55 4.24 -15.38
C SER B 45 -12.30 3.15 -14.34
N ARG B 46 -11.23 2.36 -14.54
CA ARG B 46 -10.86 1.33 -13.58
C ARG B 46 -10.23 2.01 -12.38
N HIS B 47 -9.46 3.06 -12.67
CA HIS B 47 -8.81 3.90 -11.69
C HIS B 47 -9.84 4.33 -10.61
N SER B 48 -9.46 4.08 -9.37
CA SER B 48 -10.26 4.37 -8.17
C SER B 48 -11.24 3.27 -7.81
N LYS B 49 -11.66 2.54 -8.79
CA LYS B 49 -12.47 1.32 -8.55
C LYS B 49 -11.48 0.16 -8.43
N LEU B 50 -10.29 0.51 -8.64
CA LEU B 50 -9.20 -0.34 -8.53
C LEU B 50 -9.06 -0.61 -7.07
N GLU B 51 -9.10 -1.84 -6.73
CA GLU B 51 -9.10 -2.23 -5.39
C GLU B 51 -7.73 -2.18 -4.86
N LYS B 52 -7.62 -2.02 -3.56
CA LYS B 52 -6.35 -1.90 -2.89
C LYS B 52 -5.39 -3.03 -3.28
N ALA B 53 -5.92 -4.21 -3.33
CA ALA B 53 -5.19 -5.41 -3.75
C ALA B 53 -4.74 -5.33 -5.21
N ASP B 54 -5.49 -4.62 -6.02
CA ASP B 54 -5.19 -4.51 -7.46
C ASP B 54 -4.07 -3.54 -7.63
N ILE B 55 -4.28 -2.38 -7.04
CA ILE B 55 -3.34 -1.27 -7.03
C ILE B 55 -1.97 -1.74 -6.53
N LEU B 56 -1.95 -2.41 -5.38
CA LEU B 56 -0.71 -2.95 -4.81
C LEU B 56 0.02 -3.84 -5.79
N GLU B 57 -0.68 -4.83 -6.34
CA GLU B 57 -0.12 -5.76 -7.29
C GLU B 57 0.37 -5.05 -8.52
N MET B 58 -0.36 -4.03 -8.95
CA MET B 58 -0.08 -3.32 -10.18
C MET B 58 1.26 -2.63 -10.07
N THR B 59 1.50 -2.12 -8.90
CA THR B 59 2.70 -1.41 -8.57
C THR B 59 3.88 -2.39 -8.49
N VAL B 60 3.63 -3.56 -7.88
CA VAL B 60 4.64 -4.61 -7.80
C VAL B 60 5.03 -5.02 -9.22
N LYS B 61 4.03 -5.40 -10.01
CA LYS B 61 4.22 -5.87 -11.39
C LYS B 61 4.98 -4.85 -12.23
N HIS B 62 4.64 -3.58 -12.07
CA HIS B 62 5.28 -2.51 -12.84
C HIS B 62 6.75 -2.31 -12.44
N LEU B 63 7.08 -2.55 -11.17
CA LEU B 63 8.44 -2.34 -10.75
C LEU B 63 9.27 -3.46 -11.31
N ARG B 64 8.61 -4.61 -11.52
CA ARG B 64 9.26 -5.76 -12.09
C ARG B 64 9.61 -5.43 -13.52
N ASN B 65 8.63 -4.86 -14.24
CA ASN B 65 8.80 -4.43 -15.64
C ASN B 65 9.99 -3.52 -15.76
N LEU B 66 9.98 -2.47 -14.94
CA LEU B 66 11.03 -1.48 -14.91
C LEU B 66 12.38 -2.06 -14.47
N GLN B 67 12.34 -3.21 -13.85
CA GLN B 67 13.55 -3.89 -13.45
C GLN B 67 14.21 -4.70 -14.59
N ARG B 68 13.43 -5.34 -15.45
CA ARG B 68 14.08 -6.21 -16.44
C ARG B 68 13.89 -5.78 -17.91
N ALA B 69 12.91 -4.93 -18.20
CA ALA B 69 12.56 -4.58 -19.61
C ALA B 69 13.58 -3.64 -20.24
N GLN B 70 14.55 -3.29 -19.47
CA GLN B 70 15.57 -2.39 -19.86
C GLN B 70 16.80 -2.65 -19.04
N MET A 1 -30.61 -8.16 1.82
CA MET A 1 -30.80 -8.93 3.05
C MET A 1 -29.82 -8.44 4.09
N LYS A 2 -30.36 -7.89 5.21
CA LYS A 2 -29.56 -7.34 6.33
C LYS A 2 -28.58 -6.24 5.87
N PRO A 3 -29.01 -4.96 5.94
CA PRO A 3 -28.20 -3.80 5.48
C PRO A 3 -27.00 -3.45 6.41
N LYS A 4 -26.22 -4.45 6.77
CA LYS A 4 -25.02 -4.24 7.55
C LYS A 4 -23.96 -3.65 6.63
N THR A 5 -23.71 -4.34 5.56
CA THR A 5 -22.82 -3.92 4.56
C THR A 5 -23.68 -3.51 3.37
N ALA A 6 -23.89 -2.23 3.20
CA ALA A 6 -24.82 -1.79 2.18
C ALA A 6 -24.38 -0.51 1.49
N SER A 7 -23.61 0.31 2.15
CA SER A 7 -23.20 1.58 1.56
C SER A 7 -21.68 1.69 1.54
N GLU A 8 -21.03 0.74 2.20
CA GLU A 8 -19.58 0.64 2.29
C GLU A 8 -19.01 0.50 0.89
N HIS A 9 -19.47 -0.49 0.21
CA HIS A 9 -19.12 -0.76 -1.16
C HIS A 9 -20.23 -1.57 -1.77
N ARG A 10 -20.87 -1.03 -2.75
CA ARG A 10 -21.92 -1.72 -3.44
C ARG A 10 -21.36 -2.43 -4.64
N LYS A 11 -20.60 -3.47 -4.35
CA LYS A 11 -19.90 -4.27 -5.33
C LYS A 11 -19.10 -5.31 -4.57
N SER A 12 -19.43 -6.57 -4.80
CA SER A 12 -18.71 -7.69 -4.22
C SER A 12 -18.84 -7.63 -2.67
N SER A 13 -20.03 -7.27 -2.21
CA SER A 13 -20.35 -7.06 -0.79
C SER A 13 -20.56 -8.40 -0.04
N LYS A 14 -19.79 -9.39 -0.41
CA LYS A 14 -19.85 -10.71 0.18
C LYS A 14 -18.67 -10.88 1.12
N PRO A 15 -18.89 -11.51 2.29
CA PRO A 15 -17.82 -11.76 3.26
C PRO A 15 -16.74 -12.67 2.68
N ILE A 16 -17.16 -13.58 1.82
CA ILE A 16 -16.23 -14.48 1.15
C ILE A 16 -15.42 -13.70 0.10
N MET A 17 -16.09 -12.84 -0.64
CA MET A 17 -15.45 -12.06 -1.70
C MET A 17 -14.47 -11.07 -1.14
N GLU A 18 -14.84 -10.41 -0.06
CA GLU A 18 -13.97 -9.43 0.56
C GLU A 18 -12.77 -10.13 1.19
N LYS A 19 -12.97 -11.37 1.63
CA LYS A 19 -11.91 -12.12 2.27
C LYS A 19 -10.86 -12.48 1.22
N ARG A 20 -11.34 -12.85 0.03
CA ARG A 20 -10.49 -13.17 -1.12
C ARG A 20 -9.69 -11.93 -1.50
N ARG A 21 -10.40 -10.81 -1.61
CA ARG A 21 -9.82 -9.53 -1.96
C ARG A 21 -8.75 -9.14 -0.94
N ARG A 22 -9.11 -9.24 0.33
CA ARG A 22 -8.25 -8.87 1.43
C ARG A 22 -7.03 -9.78 1.53
N ALA A 23 -7.19 -11.04 1.20
CA ALA A 23 -6.08 -11.95 1.14
C ALA A 23 -5.11 -11.46 0.08
N ARG A 24 -5.66 -11.09 -1.08
CA ARG A 24 -4.85 -10.55 -2.15
C ARG A 24 -4.20 -9.24 -1.75
N ILE A 25 -4.91 -8.43 -0.96
CA ILE A 25 -4.37 -7.20 -0.44
C ILE A 25 -3.09 -7.48 0.38
N ASN A 26 -3.22 -8.33 1.40
CA ASN A 26 -2.07 -8.66 2.28
C ASN A 26 -0.96 -9.31 1.49
N GLU A 27 -1.33 -10.21 0.61
CA GLU A 27 -0.35 -10.93 -0.19
C GLU A 27 0.38 -10.02 -1.18
N SER A 28 -0.30 -9.02 -1.72
CA SER A 28 0.34 -8.14 -2.65
C SER A 28 1.25 -7.16 -1.91
N LEU A 29 0.78 -6.67 -0.75
CA LEU A 29 1.54 -5.74 0.06
C LEU A 29 2.82 -6.42 0.57
N SER A 30 2.70 -7.66 1.02
CA SER A 30 3.83 -8.41 1.53
C SER A 30 4.91 -8.56 0.45
N GLN A 31 4.52 -9.05 -0.73
CA GLN A 31 5.49 -9.29 -1.80
C GLN A 31 6.04 -7.98 -2.33
N LEU A 32 5.24 -6.93 -2.27
CA LEU A 32 5.62 -5.59 -2.66
C LEU A 32 6.87 -5.18 -1.89
N LYS A 33 6.74 -5.24 -0.59
CA LYS A 33 7.83 -4.92 0.32
C LYS A 33 9.02 -5.85 0.11
N THR A 34 8.73 -7.13 -0.14
CA THR A 34 9.77 -8.13 -0.38
C THR A 34 10.60 -7.79 -1.62
N LEU A 35 9.95 -7.68 -2.78
CA LEU A 35 10.62 -7.46 -4.04
C LEU A 35 11.38 -6.14 -4.05
N ILE A 36 10.83 -5.12 -3.42
CA ILE A 36 11.49 -3.83 -3.32
C ILE A 36 12.76 -3.95 -2.49
N LEU A 37 12.62 -4.46 -1.29
CA LEU A 37 13.72 -4.56 -0.34
C LEU A 37 14.83 -5.44 -0.93
N ASP A 38 14.43 -6.50 -1.59
CA ASP A 38 15.37 -7.47 -2.17
C ASP A 38 16.08 -6.98 -3.41
N ALA A 39 15.49 -6.03 -4.11
CA ALA A 39 16.09 -5.55 -5.34
C ALA A 39 17.13 -4.51 -5.02
N LEU A 40 16.76 -3.67 -4.13
CA LEU A 40 17.53 -2.51 -3.81
C LEU A 40 18.49 -2.78 -2.69
N LYS A 41 18.08 -3.65 -1.77
CA LYS A 41 18.84 -4.01 -0.60
C LYS A 41 19.16 -2.78 0.20
N LYS A 42 18.11 -2.33 0.84
CA LYS A 42 18.08 -1.13 1.61
C LYS A 42 18.94 -1.25 2.85
N ASP A 43 18.60 -2.21 3.70
CA ASP A 43 19.33 -2.52 4.93
C ASP A 43 18.50 -3.50 5.67
N SER A 44 19.09 -4.32 6.48
CA SER A 44 18.33 -5.26 7.21
C SER A 44 17.79 -4.64 8.50
N SER A 45 18.46 -3.61 8.98
CA SER A 45 18.05 -2.93 10.17
C SER A 45 16.82 -2.08 9.88
N ARG A 46 16.82 -1.38 8.74
CA ARG A 46 15.70 -0.53 8.37
C ARG A 46 14.54 -1.38 7.86
N HIS A 47 14.83 -2.66 7.62
CA HIS A 47 13.83 -3.63 7.16
C HIS A 47 12.90 -3.96 8.33
N SER A 48 13.41 -3.80 9.52
CA SER A 48 12.65 -4.03 10.73
C SER A 48 12.10 -2.67 11.22
N LYS A 49 12.13 -1.68 10.35
CA LYS A 49 11.69 -0.35 10.67
C LYS A 49 10.76 0.12 9.55
N LEU A 50 10.13 -0.83 8.92
CA LEU A 50 9.18 -0.51 7.88
C LEU A 50 7.83 -0.25 8.49
N GLU A 51 7.29 0.85 8.13
CA GLU A 51 5.98 1.24 8.52
C GLU A 51 5.12 1.05 7.29
N LYS A 52 3.83 0.84 7.43
CA LYS A 52 2.97 0.60 6.26
C LYS A 52 3.11 1.69 5.18
N ALA A 53 3.08 2.92 5.61
CA ALA A 53 3.26 4.07 4.72
C ALA A 53 4.66 4.08 4.10
N ASP A 54 5.62 3.58 4.85
CA ASP A 54 7.03 3.61 4.46
C ASP A 54 7.27 2.61 3.37
N ILE A 55 6.53 1.53 3.46
CA ILE A 55 6.54 0.46 2.52
C ILE A 55 5.90 0.92 1.21
N LEU A 56 4.72 1.52 1.32
CA LEU A 56 4.00 2.00 0.17
C LEU A 56 4.83 3.04 -0.58
N GLU A 57 5.28 4.04 0.17
CA GLU A 57 6.06 5.13 -0.36
C GLU A 57 7.37 4.63 -0.96
N MET A 58 7.97 3.61 -0.37
CA MET A 58 9.27 3.11 -0.81
C MET A 58 9.17 2.62 -2.23
N THR A 59 8.17 1.86 -2.46
CA THR A 59 7.85 1.29 -3.74
C THR A 59 7.57 2.41 -4.78
N VAL A 60 6.91 3.49 -4.35
CA VAL A 60 6.61 4.63 -5.22
C VAL A 60 7.89 5.41 -5.55
N LYS A 61 8.68 5.70 -4.54
CA LYS A 61 9.92 6.47 -4.69
C LYS A 61 10.90 5.70 -5.56
N HIS A 62 10.95 4.42 -5.35
CA HIS A 62 11.81 3.55 -6.09
C HIS A 62 11.32 3.34 -7.52
N LEU A 63 10.01 3.51 -7.72
CA LEU A 63 9.41 3.49 -9.04
C LEU A 63 10.02 4.62 -9.82
N ARG A 64 10.18 5.75 -9.15
CA ARG A 64 10.71 6.94 -9.78
C ARG A 64 12.15 6.67 -10.18
N ASN A 65 12.88 6.03 -9.29
CA ASN A 65 14.28 5.66 -9.51
C ASN A 65 14.43 4.76 -10.73
N LEU A 66 13.62 3.71 -10.78
CA LEU A 66 13.64 2.79 -11.90
C LEU A 66 13.12 3.42 -13.18
N GLN A 67 12.28 4.42 -13.07
CA GLN A 67 11.77 5.14 -14.22
C GLN A 67 12.76 6.16 -14.77
N ARG A 68 13.61 6.69 -13.91
CA ARG A 68 14.55 7.72 -14.32
C ARG A 68 15.87 7.14 -14.73
N ALA A 69 16.02 5.84 -14.60
CA ALA A 69 17.27 5.16 -14.91
C ALA A 69 17.57 5.21 -16.41
N GLN A 70 16.60 5.65 -17.18
CA GLN A 70 16.73 5.76 -18.60
C GLN A 70 16.34 7.17 -18.96
N MET B 1 17.42 11.79 31.59
CA MET B 1 17.56 10.63 30.74
C MET B 1 16.21 10.02 30.47
N LYS B 2 15.86 9.94 29.22
CA LYS B 2 14.65 9.26 28.81
C LYS B 2 14.88 8.71 27.43
N PRO B 3 14.22 7.60 27.06
CA PRO B 3 14.25 7.10 25.71
C PRO B 3 13.75 8.18 24.76
N LYS B 4 14.53 8.48 23.75
CA LYS B 4 14.16 9.52 22.81
C LYS B 4 13.69 8.88 21.52
N THR B 5 13.55 7.59 21.55
CA THR B 5 13.06 6.83 20.43
C THR B 5 12.28 5.64 20.96
N ALA B 6 11.01 5.58 20.63
CA ALA B 6 10.11 4.54 21.06
C ALA B 6 10.58 3.17 20.60
N SER B 7 11.06 2.40 21.53
CA SER B 7 11.56 1.08 21.28
C SER B 7 11.21 0.15 22.45
N GLU B 8 10.01 0.32 23.00
CA GLU B 8 9.56 -0.53 24.08
C GLU B 8 9.10 -1.88 23.54
N HIS B 9 7.95 -1.89 22.88
CA HIS B 9 7.35 -3.14 22.43
C HIS B 9 6.50 -2.88 21.16
N ARG B 10 6.75 -1.74 20.52
CA ARG B 10 6.01 -1.26 19.33
C ARG B 10 4.55 -0.93 19.70
N LYS B 11 4.31 -0.87 20.97
CA LYS B 11 3.04 -0.54 21.50
C LYS B 11 3.20 0.77 22.20
N SER B 12 3.12 1.78 21.44
CA SER B 12 3.31 3.12 21.88
C SER B 12 2.02 3.69 22.42
N SER B 13 0.92 3.24 21.83
CA SER B 13 -0.44 3.64 22.22
C SER B 13 -0.66 5.15 22.05
N LYS B 14 0.08 5.76 21.15
CA LYS B 14 0.00 7.17 20.96
C LYS B 14 -0.91 7.54 19.82
N PRO B 15 -1.93 8.36 20.13
CA PRO B 15 -2.92 8.79 19.15
C PRO B 15 -2.28 9.68 18.09
N ILE B 16 -1.29 10.44 18.50
CA ILE B 16 -0.60 11.32 17.60
C ILE B 16 0.21 10.51 16.58
N MET B 17 0.91 9.50 17.05
CA MET B 17 1.80 8.69 16.21
C MET B 17 1.01 7.87 15.22
N GLU B 18 -0.14 7.36 15.67
CA GLU B 18 -0.95 6.51 14.82
C GLU B 18 -1.58 7.34 13.71
N LYS B 19 -1.90 8.59 14.03
CA LYS B 19 -2.54 9.48 13.08
C LYS B 19 -1.58 9.93 12.00
N ARG B 20 -0.36 10.23 12.43
CA ARG B 20 0.71 10.65 11.51
C ARG B 20 0.96 9.56 10.48
N ARG B 21 1.12 8.35 10.97
CA ARG B 21 1.39 7.23 10.12
C ARG B 21 0.17 6.89 9.24
N ARG B 22 -1.02 6.84 9.86
CA ARG B 22 -2.28 6.52 9.18
C ARG B 22 -2.52 7.42 7.97
N ALA B 23 -2.41 8.73 8.18
CA ALA B 23 -2.57 9.70 7.12
C ALA B 23 -1.61 9.37 5.99
N ARG B 24 -0.34 9.18 6.35
CA ARG B 24 0.71 8.85 5.38
C ARG B 24 0.39 7.58 4.61
N ILE B 25 -0.20 6.59 5.29
CA ILE B 25 -0.57 5.33 4.65
C ILE B 25 -1.55 5.57 3.50
N ASN B 26 -2.61 6.30 3.78
CA ASN B 26 -3.62 6.59 2.76
C ASN B 26 -3.05 7.43 1.64
N GLU B 27 -2.23 8.38 2.01
CA GLU B 27 -1.62 9.31 1.06
C GLU B 27 -0.56 8.61 0.17
N SER B 28 0.23 7.71 0.73
CA SER B 28 1.26 7.06 -0.03
C SER B 28 0.64 6.05 -0.98
N LEU B 29 -0.41 5.38 -0.49
CA LEU B 29 -1.16 4.44 -1.29
C LEU B 29 -1.82 5.21 -2.46
N SER B 30 -2.28 6.42 -2.16
CA SER B 30 -2.92 7.27 -3.14
C SER B 30 -1.95 7.60 -4.28
N GLN B 31 -0.78 8.15 -3.95
CA GLN B 31 0.19 8.53 -4.98
C GLN B 31 0.73 7.29 -5.71
N LEU B 32 0.82 6.17 -4.99
CA LEU B 32 1.24 4.88 -5.54
C LEU B 32 0.31 4.51 -6.70
N LYS B 33 -0.96 4.42 -6.36
CA LYS B 33 -2.03 4.13 -7.30
C LYS B 33 -2.01 5.09 -8.50
N THR B 34 -1.81 6.34 -8.19
CA THR B 34 -1.88 7.40 -9.15
C THR B 34 -0.70 7.35 -10.14
N LEU B 35 0.51 7.24 -9.62
CA LEU B 35 1.68 7.27 -10.46
C LEU B 35 1.82 6.00 -11.28
N ILE B 36 1.39 4.88 -10.73
CA ILE B 36 1.42 3.63 -11.46
C ILE B 36 0.45 3.68 -12.63
N LEU B 37 -0.76 4.10 -12.36
CA LEU B 37 -1.80 4.12 -13.38
C LEU B 37 -1.40 5.08 -14.51
N ASP B 38 -0.70 6.14 -14.15
CA ASP B 38 -0.24 7.17 -15.11
C ASP B 38 0.99 6.70 -15.88
N ALA B 39 1.72 5.81 -15.30
CA ALA B 39 2.93 5.31 -15.90
C ALA B 39 2.60 4.25 -16.94
N LEU B 40 1.51 3.55 -16.73
CA LEU B 40 1.10 2.53 -17.70
C LEU B 40 0.00 3.05 -18.60
N LYS B 41 -0.82 3.96 -18.05
CA LYS B 41 -1.93 4.60 -18.77
C LYS B 41 -2.93 3.59 -19.28
N LYS B 42 -3.56 2.96 -18.33
CA LYS B 42 -4.55 1.96 -18.59
C LYS B 42 -5.91 2.57 -18.86
N ASP B 43 -6.53 3.14 -17.83
CA ASP B 43 -7.86 3.73 -17.96
C ASP B 43 -8.21 4.38 -16.68
N SER B 44 -8.81 5.50 -16.75
CA SER B 44 -9.18 6.20 -15.60
C SER B 44 -10.47 5.62 -15.00
N SER B 45 -11.24 4.92 -15.82
CA SER B 45 -12.49 4.32 -15.38
C SER B 45 -12.20 3.25 -14.33
N ARG B 46 -11.26 2.35 -14.64
CA ARG B 46 -10.89 1.27 -13.73
C ARG B 46 -10.09 1.82 -12.54
N HIS B 47 -9.54 3.00 -12.71
CA HIS B 47 -8.79 3.70 -11.67
C HIS B 47 -9.78 4.33 -10.66
N SER B 48 -11.03 4.51 -11.07
CA SER B 48 -12.03 5.14 -10.23
C SER B 48 -12.71 4.14 -9.30
N LYS B 49 -12.44 2.90 -9.53
CA LYS B 49 -12.92 1.81 -8.71
C LYS B 49 -11.92 0.69 -8.77
N LEU B 50 -10.78 0.96 -8.24
CA LEU B 50 -9.74 0.02 -8.22
C LEU B 50 -9.57 -0.50 -6.84
N GLU B 51 -9.50 -1.78 -6.72
CA GLU B 51 -9.41 -2.39 -5.46
C GLU B 51 -7.98 -2.38 -5.03
N LYS B 52 -7.79 -2.34 -3.74
CA LYS B 52 -6.48 -2.24 -3.15
C LYS B 52 -5.57 -3.37 -3.58
N ALA B 53 -6.15 -4.53 -3.72
CA ALA B 53 -5.44 -5.70 -4.20
C ALA B 53 -4.91 -5.50 -5.62
N ASP B 54 -5.62 -4.70 -6.43
CA ASP B 54 -5.19 -4.48 -7.80
C ASP B 54 -4.07 -3.49 -7.80
N ILE B 55 -4.31 -2.42 -7.09
CA ILE B 55 -3.38 -1.31 -6.94
C ILE B 55 -2.01 -1.77 -6.45
N LEU B 56 -2.01 -2.51 -5.35
CA LEU B 56 -0.78 -3.05 -4.79
C LEU B 56 -0.05 -3.92 -5.79
N GLU B 57 -0.78 -4.86 -6.38
CA GLU B 57 -0.21 -5.76 -7.33
C GLU B 57 0.31 -5.03 -8.57
N MET B 58 -0.40 -3.99 -9.01
CA MET B 58 -0.08 -3.29 -10.24
C MET B 58 1.27 -2.63 -10.12
N THR B 59 1.49 -2.08 -8.96
CA THR B 59 2.70 -1.40 -8.60
C THR B 59 3.87 -2.42 -8.54
N VAL B 60 3.61 -3.59 -7.98
CA VAL B 60 4.61 -4.64 -7.88
C VAL B 60 4.97 -5.18 -9.27
N LYS B 61 3.94 -5.51 -10.05
CA LYS B 61 4.12 -6.06 -11.38
C LYS B 61 4.88 -5.08 -12.26
N HIS B 62 4.54 -3.80 -12.16
CA HIS B 62 5.20 -2.79 -12.95
C HIS B 62 6.65 -2.60 -12.50
N LEU B 63 6.91 -2.88 -11.25
CA LEU B 63 8.23 -2.73 -10.70
C LEU B 63 9.09 -3.80 -11.34
N ARG B 64 8.49 -4.95 -11.58
CA ARG B 64 9.18 -6.05 -12.19
C ARG B 64 9.40 -5.76 -13.67
N ASN B 65 8.42 -5.09 -14.27
CA ASN B 65 8.49 -4.68 -15.69
C ASN B 65 9.67 -3.77 -15.90
N LEU B 66 9.88 -2.88 -14.97
CA LEU B 66 11.02 -2.00 -14.99
C LEU B 66 12.27 -2.78 -14.77
N GLN B 67 12.24 -3.69 -13.82
CA GLN B 67 13.42 -4.46 -13.43
C GLN B 67 13.92 -5.39 -14.53
N ARG B 68 13.02 -5.84 -15.38
CA ARG B 68 13.40 -6.75 -16.47
C ARG B 68 13.90 -5.98 -17.67
N ALA B 69 13.77 -4.67 -17.59
CA ALA B 69 14.15 -3.77 -18.68
C ALA B 69 15.64 -3.47 -18.63
N GLN B 70 16.31 -4.11 -17.75
CA GLN B 70 17.69 -3.88 -17.53
C GLN B 70 18.48 -5.11 -17.89
N MET A 1 -41.44 0.03 13.51
CA MET A 1 -40.98 0.45 12.20
C MET A 1 -39.94 1.54 12.37
N LYS A 2 -38.87 1.50 11.59
CA LYS A 2 -37.86 2.54 11.68
C LYS A 2 -37.64 3.21 10.33
N PRO A 3 -38.24 4.39 10.13
CA PRO A 3 -37.99 5.17 8.93
C PRO A 3 -36.84 6.17 9.20
N LYS A 4 -36.20 5.96 10.34
CA LYS A 4 -35.13 6.77 10.85
C LYS A 4 -34.00 5.81 11.20
N THR A 5 -32.89 6.34 11.72
CA THR A 5 -31.73 5.53 12.08
C THR A 5 -31.16 4.90 10.79
N ALA A 6 -31.09 5.72 9.76
CA ALA A 6 -30.63 5.28 8.47
C ALA A 6 -29.46 6.12 7.98
N SER A 7 -29.34 7.32 8.48
CA SER A 7 -28.29 8.22 8.06
C SER A 7 -26.94 7.70 8.51
N GLU A 8 -26.11 7.32 7.53
CA GLU A 8 -24.75 6.77 7.72
C GLU A 8 -24.80 5.32 8.26
N HIS A 9 -25.98 4.90 8.68
CA HIS A 9 -26.20 3.55 9.15
C HIS A 9 -26.37 2.65 7.93
N ARG A 10 -26.71 3.26 6.80
CA ARG A 10 -26.73 2.56 5.53
C ARG A 10 -25.27 2.35 5.15
N LYS A 11 -24.81 1.16 5.35
CA LYS A 11 -23.42 0.86 5.21
C LYS A 11 -23.28 -0.56 4.74
N SER A 12 -23.03 -0.70 3.50
CA SER A 12 -22.90 -1.98 2.91
C SER A 12 -21.44 -2.40 2.90
N SER A 13 -21.06 -3.16 3.89
CA SER A 13 -19.72 -3.67 4.00
C SER A 13 -19.77 -5.01 4.71
N LYS A 14 -19.00 -5.93 4.23
CA LYS A 14 -18.95 -7.25 4.80
C LYS A 14 -17.68 -7.50 5.57
N PRO A 15 -17.79 -8.08 6.77
CA PRO A 15 -16.62 -8.44 7.59
C PRO A 15 -15.78 -9.51 6.88
N ILE A 16 -16.46 -10.42 6.20
CA ILE A 16 -15.80 -11.46 5.44
C ILE A 16 -15.06 -10.85 4.25
N MET A 17 -15.71 -9.92 3.56
CA MET A 17 -15.13 -9.31 2.37
C MET A 17 -13.95 -8.42 2.71
N GLU A 18 -14.07 -7.68 3.82
CA GLU A 18 -12.98 -6.81 4.26
C GLU A 18 -11.80 -7.66 4.66
N LYS A 19 -12.07 -8.86 5.18
CA LYS A 19 -11.02 -9.74 5.65
C LYS A 19 -10.25 -10.25 4.45
N ARG A 20 -10.99 -10.62 3.42
CA ARG A 20 -10.42 -11.12 2.17
C ARG A 20 -9.64 -10.02 1.47
N ARG A 21 -10.24 -8.84 1.40
CA ARG A 21 -9.58 -7.69 0.80
C ARG A 21 -8.31 -7.36 1.56
N ARG A 22 -8.40 -7.33 2.89
CA ARG A 22 -7.27 -7.03 3.75
C ARG A 22 -6.18 -8.04 3.58
N ALA A 23 -6.56 -9.29 3.41
CA ALA A 23 -5.62 -10.34 3.14
C ALA A 23 -4.86 -10.02 1.87
N ARG A 24 -5.60 -9.68 0.80
CA ARG A 24 -4.97 -9.33 -0.47
C ARG A 24 -4.05 -8.11 -0.29
N ILE A 25 -4.51 -7.14 0.52
CA ILE A 25 -3.75 -5.93 0.83
C ILE A 25 -2.41 -6.31 1.44
N ASN A 26 -2.45 -7.07 2.51
CA ASN A 26 -1.25 -7.47 3.25
C ASN A 26 -0.36 -8.32 2.39
N GLU A 27 -0.97 -9.22 1.62
CA GLU A 27 -0.22 -10.08 0.70
C GLU A 27 0.56 -9.25 -0.31
N SER A 28 -0.10 -8.25 -0.88
CA SER A 28 0.51 -7.44 -1.88
C SER A 28 1.57 -6.55 -1.26
N LEU A 29 1.24 -6.00 -0.10
CA LEU A 29 2.11 -5.09 0.63
C LEU A 29 3.38 -5.83 1.10
N SER A 30 3.22 -7.08 1.50
CA SER A 30 4.32 -7.90 1.97
C SER A 30 5.32 -8.14 0.83
N GLN A 31 4.83 -8.61 -0.32
CA GLN A 31 5.74 -8.85 -1.43
C GLN A 31 6.29 -7.53 -1.97
N LEU A 32 5.47 -6.50 -1.90
CA LEU A 32 5.81 -5.15 -2.34
C LEU A 32 7.08 -4.66 -1.64
N LYS A 33 7.07 -4.66 -0.31
CA LYS A 33 8.25 -4.23 0.45
C LYS A 33 9.43 -5.16 0.21
N THR A 34 9.13 -6.43 -0.03
CA THR A 34 10.15 -7.43 -0.24
C THR A 34 10.92 -7.14 -1.54
N LEU A 35 10.20 -7.00 -2.65
CA LEU A 35 10.81 -6.72 -3.95
C LEU A 35 11.53 -5.39 -3.93
N ILE A 36 10.95 -4.42 -3.26
CA ILE A 36 11.57 -3.11 -3.13
C ILE A 36 12.88 -3.23 -2.37
N LEU A 37 12.83 -3.87 -1.22
CA LEU A 37 13.98 -3.98 -0.37
C LEU A 37 15.06 -4.80 -1.08
N ASP A 38 14.66 -5.75 -1.91
CA ASP A 38 15.62 -6.55 -2.65
C ASP A 38 16.21 -5.84 -3.83
N ALA A 39 15.49 -4.90 -4.38
CA ALA A 39 16.03 -4.19 -5.50
C ALA A 39 16.92 -3.08 -5.03
N LEU A 40 16.77 -2.71 -3.78
CA LEU A 40 17.52 -1.61 -3.23
C LEU A 40 18.66 -2.11 -2.40
N LYS A 41 18.43 -3.23 -1.72
CA LYS A 41 19.43 -3.88 -0.88
C LYS A 41 19.85 -2.94 0.23
N LYS A 42 18.87 -2.20 0.77
CA LYS A 42 19.13 -1.27 1.86
C LYS A 42 19.59 -2.03 3.10
N ASP A 43 18.66 -2.68 3.78
CA ASP A 43 18.99 -3.44 4.97
C ASP A 43 17.83 -4.28 5.34
N SER A 44 18.09 -5.45 5.82
CA SER A 44 17.05 -6.33 6.19
C SER A 44 16.59 -6.06 7.64
N SER A 45 17.42 -5.37 8.40
CA SER A 45 17.09 -5.04 9.76
C SER A 45 15.97 -4.01 9.75
N ARG A 46 16.16 -2.98 8.92
CA ARG A 46 15.20 -1.89 8.80
C ARG A 46 13.99 -2.35 8.00
N HIS A 47 14.12 -3.50 7.33
CA HIS A 47 13.03 -4.13 6.58
C HIS A 47 11.87 -4.45 7.52
N SER A 48 12.19 -4.86 8.72
CA SER A 48 11.17 -5.18 9.71
C SER A 48 10.67 -3.92 10.44
N LYS A 49 11.24 -2.80 10.10
CA LYS A 49 10.86 -1.55 10.73
C LYS A 49 10.19 -0.64 9.71
N LEU A 50 9.85 -1.22 8.60
CA LEU A 50 9.14 -0.51 7.58
C LEU A 50 7.68 -0.46 7.91
N GLU A 51 7.23 0.72 8.23
CA GLU A 51 5.84 0.94 8.51
C GLU A 51 5.11 1.13 7.21
N LYS A 52 3.80 1.03 7.24
CA LYS A 52 2.97 1.07 6.05
C LYS A 52 3.29 2.26 5.13
N ALA A 53 3.28 3.43 5.69
CA ALA A 53 3.58 4.68 4.95
C ALA A 53 5.04 4.71 4.45
N ASP A 54 5.89 3.96 5.13
CA ASP A 54 7.33 3.97 4.84
C ASP A 54 7.57 3.10 3.63
N ILE A 55 6.84 2.03 3.60
CA ILE A 55 6.88 1.06 2.54
C ILE A 55 6.29 1.64 1.28
N LEU A 56 5.07 2.17 1.40
CA LEU A 56 4.35 2.75 0.28
C LEU A 56 5.20 3.75 -0.48
N GLU A 57 5.76 4.72 0.22
CA GLU A 57 6.56 5.72 -0.42
C GLU A 57 7.85 5.14 -0.99
N MET A 58 8.47 4.17 -0.31
CA MET A 58 9.77 3.64 -0.75
C MET A 58 9.61 2.96 -2.11
N THR A 59 8.48 2.32 -2.26
CA THR A 59 8.08 1.64 -3.46
C THR A 59 7.87 2.65 -4.60
N VAL A 60 7.13 3.72 -4.31
CA VAL A 60 6.89 4.76 -5.30
C VAL A 60 8.20 5.42 -5.71
N LYS A 61 9.03 5.74 -4.73
CA LYS A 61 10.32 6.38 -4.97
C LYS A 61 11.26 5.49 -5.78
N HIS A 62 11.18 4.18 -5.58
CA HIS A 62 11.98 3.25 -6.36
C HIS A 62 11.43 3.14 -7.78
N LEU A 63 10.14 3.38 -7.93
CA LEU A 63 9.48 3.31 -9.21
C LEU A 63 10.01 4.49 -10.00
N ARG A 64 10.22 5.58 -9.29
CA ARG A 64 10.77 6.80 -9.86
C ARG A 64 12.19 6.55 -10.29
N ASN A 65 12.96 5.89 -9.42
CA ASN A 65 14.35 5.56 -9.68
C ASN A 65 14.50 4.79 -10.95
N LEU A 66 13.69 3.77 -11.09
CA LEU A 66 13.70 2.96 -12.28
C LEU A 66 13.32 3.79 -13.48
N GLN A 67 12.29 4.61 -13.32
CA GLN A 67 11.77 5.45 -14.41
C GLN A 67 12.81 6.42 -14.96
N ARG A 68 13.73 6.83 -14.12
CA ARG A 68 14.75 7.78 -14.53
C ARG A 68 16.12 7.12 -14.69
N ALA A 69 16.12 5.80 -14.56
CA ALA A 69 17.33 5.00 -14.75
C ALA A 69 17.57 4.79 -16.23
N GLN A 70 16.59 5.16 -16.99
CA GLN A 70 16.64 5.04 -18.41
C GLN A 70 16.70 6.45 -19.01
N MET B 1 -13.37 13.75 3.30
CA MET B 1 -12.22 12.83 3.32
C MET B 1 -12.04 12.33 4.71
N LYS B 2 -11.08 11.41 4.90
CA LYS B 2 -10.80 10.80 6.20
C LYS B 2 -12.01 9.98 6.69
N PRO B 3 -12.11 8.71 6.26
CA PRO B 3 -13.23 7.83 6.60
C PRO B 3 -13.20 7.43 8.08
N LYS B 4 -14.36 7.13 8.63
CA LYS B 4 -14.44 6.77 10.03
C LYS B 4 -14.19 5.28 10.25
N THR B 5 -12.96 4.89 10.02
CA THR B 5 -12.49 3.54 10.24
C THR B 5 -10.98 3.63 10.45
N ALA B 6 -10.58 3.83 11.69
CA ALA B 6 -9.17 3.99 12.05
C ALA B 6 -9.04 4.14 13.55
N SER B 7 -9.86 5.00 14.11
CA SER B 7 -9.81 5.27 15.51
C SER B 7 -10.55 4.18 16.27
N GLU B 8 -9.80 3.25 16.78
CA GLU B 8 -10.37 2.15 17.51
C GLU B 8 -10.12 2.37 18.98
N HIS B 9 -11.09 2.04 19.82
CA HIS B 9 -10.96 2.24 21.25
C HIS B 9 -9.95 1.29 21.83
N ARG B 10 -10.13 0.02 21.59
CA ARG B 10 -9.19 -0.94 22.07
C ARG B 10 -8.13 -1.12 21.00
N LYS B 11 -7.16 -0.23 21.05
CA LYS B 11 -6.08 -0.17 20.10
C LYS B 11 -4.98 0.64 20.73
N SER B 12 -3.77 0.18 20.61
CA SER B 12 -2.68 0.82 21.25
C SER B 12 -1.69 1.39 20.25
N SER B 13 -1.61 2.70 20.24
CA SER B 13 -0.71 3.47 19.42
C SER B 13 -0.71 4.86 20.00
N LYS B 14 0.13 5.71 19.52
CA LYS B 14 0.09 7.06 19.93
C LYS B 14 -0.82 7.80 19.01
N PRO B 15 -1.85 8.45 19.55
CA PRO B 15 -2.89 9.12 18.76
C PRO B 15 -2.31 10.12 17.77
N ILE B 16 -1.28 10.82 18.19
CA ILE B 16 -0.62 11.79 17.34
C ILE B 16 0.23 11.07 16.29
N MET B 17 0.98 10.05 16.71
CA MET B 17 1.85 9.32 15.77
C MET B 17 1.05 8.57 14.73
N GLU B 18 -0.02 7.94 15.17
CA GLU B 18 -0.86 7.17 14.25
C GLU B 18 -1.62 8.11 13.32
N LYS B 19 -1.86 9.33 13.80
CA LYS B 19 -2.54 10.33 12.99
C LYS B 19 -1.62 10.73 11.85
N ARG B 20 -0.36 10.96 12.20
CA ARG B 20 0.68 11.32 11.24
C ARG B 20 0.87 10.18 10.25
N ARG B 21 1.03 8.97 10.78
CA ARG B 21 1.21 7.76 9.97
C ARG B 21 0.06 7.59 8.98
N ARG B 22 -1.17 7.59 9.51
CA ARG B 22 -2.40 7.40 8.71
C ARG B 22 -2.43 8.35 7.51
N ALA B 23 -2.11 9.60 7.75
CA ALA B 23 -2.08 10.61 6.73
C ALA B 23 -1.09 10.22 5.64
N ARG B 24 0.16 9.93 6.03
CA ARG B 24 1.21 9.57 5.09
C ARG B 24 0.85 8.33 4.28
N ILE B 25 0.14 7.39 4.90
CA ILE B 25 -0.33 6.19 4.21
C ILE B 25 -1.21 6.57 3.01
N ASN B 26 -2.21 7.41 3.27
CA ASN B 26 -3.12 7.83 2.20
C ASN B 26 -2.37 8.67 1.17
N GLU B 27 -1.49 9.53 1.65
CA GLU B 27 -0.69 10.39 0.79
C GLU B 27 0.20 9.57 -0.16
N SER B 28 0.83 8.54 0.36
CA SER B 28 1.72 7.75 -0.43
C SER B 28 0.96 6.81 -1.37
N LEU B 29 -0.20 6.32 -0.92
CA LEU B 29 -0.98 5.37 -1.70
C LEU B 29 -1.62 6.10 -2.89
N SER B 30 -2.05 7.30 -2.64
CA SER B 30 -2.69 8.09 -3.65
C SER B 30 -1.72 8.47 -4.79
N GLN B 31 -0.51 8.90 -4.43
CA GLN B 31 0.48 9.22 -5.46
C GLN B 31 0.95 7.91 -6.15
N LEU B 32 1.01 6.84 -5.37
CA LEU B 32 1.41 5.52 -5.82
C LEU B 32 0.56 5.06 -7.00
N LYS B 33 -0.74 5.01 -6.80
CA LYS B 33 -1.66 4.59 -7.86
C LYS B 33 -1.58 5.54 -9.06
N THR B 34 -1.38 6.81 -8.77
CA THR B 34 -1.31 7.83 -9.79
C THR B 34 -0.13 7.60 -10.73
N LEU B 35 1.07 7.47 -10.18
CA LEU B 35 2.25 7.28 -11.01
C LEU B 35 2.23 5.97 -11.77
N ILE B 36 1.62 4.96 -11.19
CA ILE B 36 1.49 3.68 -11.87
C ILE B 36 0.55 3.79 -13.05
N LEU B 37 -0.62 4.33 -12.81
CA LEU B 37 -1.63 4.43 -13.83
C LEU B 37 -1.17 5.41 -14.91
N ASP B 38 -0.43 6.43 -14.51
CA ASP B 38 0.03 7.48 -15.43
C ASP B 38 1.20 7.03 -16.28
N ALA B 39 1.97 6.11 -15.78
CA ALA B 39 3.14 5.62 -16.47
C ALA B 39 2.74 4.67 -17.58
N LEU B 40 1.70 3.89 -17.34
CA LEU B 40 1.29 2.94 -18.38
C LEU B 40 0.08 3.43 -19.12
N LYS B 41 -0.75 4.19 -18.42
CA LYS B 41 -1.99 4.74 -18.96
C LYS B 41 -2.91 3.65 -19.47
N LYS B 42 -3.32 2.82 -18.50
CA LYS B 42 -4.26 1.76 -18.73
C LYS B 42 -5.64 2.31 -19.05
N ASP B 43 -6.35 2.73 -18.02
CA ASP B 43 -7.72 3.20 -18.13
C ASP B 43 -8.15 3.71 -16.80
N SER B 44 -8.97 4.70 -16.81
CA SER B 44 -9.40 5.25 -15.58
C SER B 44 -10.66 4.53 -15.02
N SER B 45 -11.34 3.78 -15.85
CA SER B 45 -12.53 3.07 -15.43
C SER B 45 -12.14 1.90 -14.52
N ARG B 46 -11.10 1.15 -14.90
CA ARG B 46 -10.58 0.06 -14.05
C ARG B 46 -10.01 0.67 -12.78
N HIS B 47 -9.38 1.84 -12.94
CA HIS B 47 -8.84 2.62 -11.81
C HIS B 47 -9.95 2.96 -10.80
N SER B 48 -11.17 3.08 -11.26
CA SER B 48 -12.29 3.43 -10.40
C SER B 48 -12.83 2.19 -9.69
N LYS B 49 -12.27 1.06 -10.00
CA LYS B 49 -12.64 -0.18 -9.38
C LYS B 49 -11.42 -0.77 -8.69
N LEU B 50 -10.42 0.03 -8.60
CA LEU B 50 -9.21 -0.36 -7.99
C LEU B 50 -9.28 -0.19 -6.53
N GLU B 51 -9.21 -1.28 -5.88
CA GLU B 51 -9.23 -1.35 -4.46
C GLU B 51 -7.81 -1.31 -3.97
N LYS B 52 -7.61 -1.09 -2.70
CA LYS B 52 -6.29 -0.96 -2.08
C LYS B 52 -5.33 -2.09 -2.47
N ALA B 53 -5.80 -3.30 -2.32
CA ALA B 53 -5.02 -4.49 -2.63
C ALA B 53 -4.67 -4.59 -4.11
N ASP B 54 -5.52 -4.02 -4.93
CA ASP B 54 -5.39 -4.13 -6.37
C ASP B 54 -4.33 -3.17 -6.83
N ILE B 55 -4.46 -1.97 -6.33
CA ILE B 55 -3.53 -0.88 -6.53
C ILE B 55 -2.12 -1.27 -6.08
N LEU B 56 -2.03 -1.80 -4.86
CA LEU B 56 -0.76 -2.27 -4.29
C LEU B 56 -0.04 -3.20 -5.24
N GLU B 57 -0.73 -4.23 -5.69
CA GLU B 57 -0.14 -5.21 -6.55
C GLU B 57 0.21 -4.62 -7.92
N MET B 58 -0.60 -3.68 -8.41
CA MET B 58 -0.39 -3.13 -9.77
C MET B 58 0.96 -2.42 -9.83
N THR B 59 1.27 -1.79 -8.74
CA THR B 59 2.51 -1.09 -8.52
C THR B 59 3.68 -2.09 -8.51
N VAL B 60 3.52 -3.18 -7.76
CA VAL B 60 4.54 -4.22 -7.66
C VAL B 60 4.75 -4.90 -9.03
N LYS B 61 3.67 -5.14 -9.74
CA LYS B 61 3.74 -5.78 -11.04
C LYS B 61 4.43 -4.87 -12.06
N HIS B 62 4.21 -3.56 -11.93
CA HIS B 62 4.87 -2.60 -12.80
C HIS B 62 6.35 -2.48 -12.42
N LEU B 63 6.64 -2.74 -11.16
CA LEU B 63 8.00 -2.71 -10.67
C LEU B 63 8.80 -3.77 -11.42
N ARG B 64 8.17 -4.95 -11.63
CA ARG B 64 8.78 -6.02 -12.44
C ARG B 64 9.04 -5.54 -13.86
N ASN B 65 8.04 -4.86 -14.43
CA ASN B 65 8.12 -4.35 -15.81
C ASN B 65 9.32 -3.46 -16.00
N LEU B 66 9.53 -2.57 -15.08
CA LEU B 66 10.67 -1.73 -15.15
C LEU B 66 11.93 -2.55 -14.90
N GLN B 67 11.88 -3.41 -13.90
CA GLN B 67 13.03 -4.24 -13.49
C GLN B 67 13.48 -5.22 -14.57
N ARG B 68 12.66 -5.40 -15.59
CA ARG B 68 12.99 -6.39 -16.62
C ARG B 68 13.57 -5.70 -17.83
N ALA B 69 13.48 -4.41 -17.85
CA ALA B 69 14.02 -3.64 -18.93
C ALA B 69 15.38 -3.09 -18.53
N GLN B 70 15.78 -3.40 -17.30
CA GLN B 70 17.03 -2.92 -16.79
C GLN B 70 18.06 -4.01 -16.99
N MET A 1 -23.23 -25.51 -0.79
CA MET A 1 -23.05 -24.17 -0.23
C MET A 1 -24.17 -23.85 0.71
N LYS A 2 -23.91 -22.99 1.66
CA LYS A 2 -24.90 -22.60 2.62
C LYS A 2 -24.95 -21.09 2.75
N PRO A 3 -25.90 -20.46 2.08
CA PRO A 3 -26.11 -19.03 2.18
C PRO A 3 -26.97 -18.68 3.41
N LYS A 4 -26.70 -17.54 3.98
CA LYS A 4 -27.46 -17.04 5.10
C LYS A 4 -27.82 -15.59 4.85
N THR A 5 -26.82 -14.81 4.53
CA THR A 5 -26.96 -13.41 4.29
C THR A 5 -26.66 -13.14 2.80
N ALA A 6 -27.11 -14.03 1.95
CA ALA A 6 -26.91 -13.86 0.54
C ALA A 6 -28.11 -13.12 -0.04
N SER A 7 -28.01 -11.82 -0.06
CA SER A 7 -29.03 -10.96 -0.55
C SER A 7 -29.07 -10.98 -2.08
N GLU A 8 -27.98 -11.48 -2.68
CA GLU A 8 -27.82 -11.69 -4.12
C GLU A 8 -27.70 -10.39 -4.91
N HIS A 9 -28.75 -9.59 -4.94
CA HIS A 9 -28.74 -8.33 -5.69
C HIS A 9 -27.82 -7.34 -4.98
N ARG A 10 -27.85 -7.39 -3.66
CA ARG A 10 -26.93 -6.64 -2.86
C ARG A 10 -25.75 -7.54 -2.58
N LYS A 11 -24.54 -7.02 -2.68
CA LYS A 11 -23.36 -7.79 -2.58
C LYS A 11 -22.22 -6.86 -2.22
N SER A 12 -21.02 -7.33 -2.42
CA SER A 12 -19.78 -6.59 -2.17
C SER A 12 -19.43 -6.36 -0.69
N SER A 13 -20.42 -6.22 0.13
CA SER A 13 -20.25 -5.99 1.56
C SER A 13 -20.11 -7.32 2.33
N LYS A 14 -19.64 -8.33 1.64
CA LYS A 14 -19.48 -9.62 2.16
C LYS A 14 -18.25 -9.79 3.00
N PRO A 15 -18.41 -10.37 4.19
CA PRO A 15 -17.31 -10.62 5.12
C PRO A 15 -16.30 -11.56 4.49
N ILE A 16 -16.81 -12.56 3.78
CA ILE A 16 -15.97 -13.53 3.12
C ILE A 16 -15.16 -12.87 1.98
N MET A 17 -15.81 -11.98 1.28
CA MET A 17 -15.23 -11.36 0.12
C MET A 17 -14.20 -10.34 0.52
N GLU A 18 -14.48 -9.62 1.57
CA GLU A 18 -13.53 -8.62 2.05
C GLU A 18 -12.33 -9.33 2.68
N LYS A 19 -12.58 -10.48 3.29
CA LYS A 19 -11.53 -11.29 3.90
C LYS A 19 -10.56 -11.80 2.84
N ARG A 20 -11.13 -12.29 1.75
CA ARG A 20 -10.34 -12.78 0.62
C ARG A 20 -9.54 -11.66 -0.01
N ARG A 21 -10.14 -10.49 -0.05
CA ARG A 21 -9.46 -9.30 -0.53
C ARG A 21 -8.33 -8.92 0.40
N ARG A 22 -8.61 -8.93 1.68
CA ARG A 22 -7.69 -8.60 2.74
C ARG A 22 -6.50 -9.53 2.77
N ALA A 23 -6.75 -10.81 2.54
CA ALA A 23 -5.72 -11.79 2.41
C ALA A 23 -4.79 -11.37 1.28
N ARG A 24 -5.38 -11.00 0.14
CA ARG A 24 -4.63 -10.52 -1.03
C ARG A 24 -3.83 -9.26 -0.68
N ILE A 25 -4.44 -8.34 0.06
CA ILE A 25 -3.80 -7.09 0.48
C ILE A 25 -2.49 -7.38 1.22
N ASN A 26 -2.57 -8.23 2.22
CA ASN A 26 -1.41 -8.58 3.06
C ASN A 26 -0.37 -9.31 2.25
N GLU A 27 -0.82 -10.27 1.46
CA GLU A 27 0.09 -11.05 0.61
C GLU A 27 0.78 -10.16 -0.45
N SER A 28 0.06 -9.17 -0.95
CA SER A 28 0.56 -8.31 -1.96
C SER A 28 1.57 -7.33 -1.35
N LEU A 29 1.17 -6.70 -0.24
CA LEU A 29 1.99 -5.71 0.44
C LEU A 29 3.30 -6.34 0.94
N SER A 30 3.22 -7.56 1.36
CA SER A 30 4.35 -8.27 1.84
C SER A 30 5.36 -8.58 0.70
N GLN A 31 4.89 -9.01 -0.47
CA GLN A 31 5.81 -9.27 -1.58
C GLN A 31 6.31 -7.93 -2.16
N LEU A 32 5.44 -6.93 -2.06
CA LEU A 32 5.67 -5.53 -2.46
C LEU A 32 6.98 -5.02 -1.80
N LYS A 33 7.01 -5.06 -0.48
CA LYS A 33 8.18 -4.62 0.28
C LYS A 33 9.40 -5.52 0.02
N THR A 34 9.16 -6.80 -0.24
CA THR A 34 10.22 -7.76 -0.44
C THR A 34 11.00 -7.45 -1.71
N LEU A 35 10.30 -7.37 -2.83
CA LEU A 35 10.96 -7.19 -4.11
C LEU A 35 11.60 -5.81 -4.20
N ILE A 36 10.97 -4.84 -3.55
CA ILE A 36 11.50 -3.49 -3.45
C ILE A 36 12.84 -3.48 -2.69
N LEU A 37 12.88 -4.19 -1.57
CA LEU A 37 14.08 -4.23 -0.79
C LEU A 37 15.15 -5.03 -1.47
N ASP A 38 14.78 -6.02 -2.21
CA ASP A 38 15.74 -6.91 -2.89
C ASP A 38 16.38 -6.23 -4.07
N ALA A 39 15.68 -5.29 -4.63
CA ALA A 39 16.16 -4.57 -5.77
C ALA A 39 17.20 -3.56 -5.33
N LEU A 40 16.95 -2.91 -4.20
CA LEU A 40 17.89 -1.88 -3.75
C LEU A 40 18.78 -2.28 -2.59
N LYS A 41 18.30 -3.15 -1.74
CA LYS A 41 19.05 -3.74 -0.63
C LYS A 41 19.64 -2.69 0.31
N LYS A 42 18.75 -1.89 0.86
CA LYS A 42 19.11 -0.87 1.83
C LYS A 42 19.67 -1.50 3.10
N ASP A 43 18.77 -2.11 3.88
CA ASP A 43 19.10 -2.77 5.16
C ASP A 43 17.99 -3.70 5.53
N SER A 44 18.35 -4.80 6.15
CA SER A 44 17.40 -5.76 6.63
C SER A 44 16.81 -5.25 7.94
N SER A 45 17.64 -4.53 8.69
CA SER A 45 17.23 -3.92 9.93
C SER A 45 16.09 -2.93 9.70
N ARG A 46 16.25 -2.08 8.68
CA ARG A 46 15.25 -1.07 8.39
C ARG A 46 14.05 -1.67 7.69
N HIS A 47 14.22 -2.88 7.16
CA HIS A 47 13.10 -3.62 6.56
C HIS A 47 12.20 -4.12 7.70
N SER A 48 12.80 -4.37 8.82
CA SER A 48 12.11 -4.86 9.98
C SER A 48 11.66 -3.69 10.87
N LYS A 49 11.77 -2.50 10.33
CA LYS A 49 11.35 -1.28 11.01
C LYS A 49 10.49 -0.50 10.02
N LEU A 50 9.93 -1.22 9.10
CA LEU A 50 9.14 -0.67 8.07
C LEU A 50 7.74 -0.41 8.49
N GLU A 51 7.43 0.84 8.49
CA GLU A 51 6.11 1.34 8.75
C GLU A 51 5.33 1.14 7.48
N LYS A 52 4.04 0.95 7.57
CA LYS A 52 3.22 0.80 6.39
C LYS A 52 3.39 1.98 5.42
N ALA A 53 3.45 3.15 5.98
CA ALA A 53 3.69 4.37 5.21
C ALA A 53 5.10 4.41 4.61
N ASP A 54 6.04 3.71 5.26
CA ASP A 54 7.45 3.69 4.82
C ASP A 54 7.54 2.82 3.60
N ILE A 55 6.92 1.68 3.71
CA ILE A 55 6.86 0.67 2.67
C ILE A 55 6.23 1.23 1.39
N LEU A 56 5.06 1.84 1.54
CA LEU A 56 4.36 2.45 0.41
C LEU A 56 5.24 3.46 -0.30
N GLU A 57 5.78 4.38 0.48
CA GLU A 57 6.62 5.42 -0.04
C GLU A 57 7.89 4.89 -0.67
N MET A 58 8.42 3.81 -0.13
CA MET A 58 9.67 3.28 -0.61
C MET A 58 9.46 2.72 -2.01
N THR A 59 8.33 2.09 -2.18
CA THR A 59 7.93 1.51 -3.44
C THR A 59 7.65 2.61 -4.49
N VAL A 60 6.92 3.66 -4.09
CA VAL A 60 6.62 4.79 -4.99
C VAL A 60 7.93 5.53 -5.36
N LYS A 61 8.80 5.72 -4.39
CA LYS A 61 10.05 6.39 -4.64
C LYS A 61 10.94 5.56 -5.55
N HIS A 62 10.92 4.25 -5.33
CA HIS A 62 11.66 3.33 -6.19
C HIS A 62 11.07 3.30 -7.57
N LEU A 63 9.79 3.61 -7.69
CA LEU A 63 9.12 3.74 -8.97
C LEU A 63 9.80 4.80 -9.80
N ARG A 64 10.05 5.97 -9.19
CA ARG A 64 10.77 7.05 -9.89
C ARG A 64 12.13 6.55 -10.36
N ASN A 65 12.84 5.91 -9.43
CA ASN A 65 14.18 5.38 -9.66
C ASN A 65 14.18 4.43 -10.85
N LEU A 66 13.26 3.48 -10.82
CA LEU A 66 13.15 2.46 -11.83
C LEU A 66 12.53 2.96 -13.11
N GLN A 67 11.86 4.08 -13.06
CA GLN A 67 11.38 4.71 -14.26
C GLN A 67 12.54 5.37 -15.02
N ARG A 68 13.45 5.96 -14.26
CA ARG A 68 14.59 6.67 -14.85
C ARG A 68 15.87 5.83 -14.82
N ALA A 69 15.71 4.54 -14.63
CA ALA A 69 16.85 3.62 -14.58
C ALA A 69 17.31 3.29 -15.99
N GLN A 70 16.50 3.69 -16.92
CA GLN A 70 16.73 3.45 -18.30
C GLN A 70 16.07 4.55 -19.13
N MET B 1 28.86 4.33 29.45
CA MET B 1 28.12 3.60 28.42
C MET B 1 26.92 4.42 27.98
N LYS B 2 26.54 4.30 26.74
CA LYS B 2 25.37 5.00 26.25
C LYS B 2 24.33 4.02 25.75
N PRO B 3 23.29 3.77 26.54
CA PRO B 3 22.18 2.95 26.10
C PRO B 3 21.41 3.70 25.03
N LYS B 4 21.23 3.09 23.88
CA LYS B 4 20.51 3.76 22.80
C LYS B 4 19.04 3.91 23.13
N THR B 5 18.44 2.84 23.66
CA THR B 5 17.04 2.83 24.10
C THR B 5 16.09 3.28 22.95
N ALA B 6 16.50 2.97 21.74
CA ALA B 6 15.76 3.36 20.57
C ALA B 6 15.22 2.12 19.87
N SER B 7 14.06 1.72 20.28
CA SER B 7 13.43 0.54 19.76
C SER B 7 11.93 0.70 19.85
N GLU B 8 11.28 0.64 18.72
CA GLU B 8 9.84 0.77 18.66
C GLU B 8 9.22 -0.45 17.97
N HIS B 9 8.52 -1.25 18.75
CA HIS B 9 7.81 -2.41 18.20
C HIS B 9 6.34 -2.04 17.97
N ARG B 10 5.84 -1.20 18.84
CA ARG B 10 4.52 -0.66 18.74
C ARG B 10 4.62 0.81 19.00
N LYS B 11 4.70 1.58 17.96
CA LYS B 11 4.81 3.01 18.10
C LYS B 11 3.46 3.67 17.92
N SER B 12 2.52 2.83 17.64
CA SER B 12 1.13 3.19 17.47
C SER B 12 0.46 3.33 18.86
N SER B 13 1.28 3.23 19.91
CA SER B 13 0.85 3.43 21.26
C SER B 13 0.48 4.90 21.45
N LYS B 14 1.02 5.71 20.57
CA LYS B 14 0.76 7.11 20.53
C LYS B 14 -0.27 7.39 19.45
N PRO B 15 -1.36 8.06 19.81
CA PRO B 15 -2.44 8.38 18.88
C PRO B 15 -1.96 9.34 17.79
N ILE B 16 -1.06 10.20 18.17
CA ILE B 16 -0.48 11.16 17.26
C ILE B 16 0.37 10.44 16.19
N MET B 17 1.15 9.48 16.63
CA MET B 17 2.05 8.73 15.74
C MET B 17 1.31 7.86 14.77
N GLU B 18 0.25 7.24 15.23
CA GLU B 18 -0.53 6.35 14.38
C GLU B 18 -1.26 7.16 13.34
N LYS B 19 -1.65 8.38 13.71
CA LYS B 19 -2.36 9.24 12.81
C LYS B 19 -1.46 9.73 11.72
N ARG B 20 -0.24 10.06 12.10
CA ARG B 20 0.80 10.45 11.17
C ARG B 20 1.06 9.31 10.20
N ARG B 21 1.09 8.09 10.73
CA ARG B 21 1.31 6.92 9.93
C ARG B 21 0.21 6.76 8.90
N ARG B 22 -1.04 6.68 9.33
CA ARG B 22 -2.13 6.46 8.40
C ARG B 22 -2.38 7.59 7.44
N ALA B 23 -2.14 8.80 7.86
CA ALA B 23 -2.24 9.93 6.97
C ALA B 23 -1.24 9.73 5.84
N ARG B 24 -0.02 9.36 6.20
CA ARG B 24 1.02 9.17 5.22
C ARG B 24 0.74 7.92 4.38
N ILE B 25 0.08 6.89 4.98
CA ILE B 25 -0.35 5.70 4.24
C ILE B 25 -1.27 6.11 3.11
N ASN B 26 -2.34 6.84 3.43
CA ASN B 26 -3.33 7.28 2.42
C ASN B 26 -2.69 8.15 1.38
N GLU B 27 -1.92 9.12 1.82
CA GLU B 27 -1.25 10.04 0.92
C GLU B 27 -0.29 9.32 -0.03
N SER B 28 0.45 8.34 0.48
CA SER B 28 1.38 7.62 -0.32
C SER B 28 0.66 6.63 -1.23
N LEU B 29 -0.36 5.96 -0.70
CA LEU B 29 -1.15 4.96 -1.43
C LEU B 29 -1.82 5.64 -2.62
N SER B 30 -2.28 6.84 -2.40
CA SER B 30 -2.90 7.61 -3.42
C SER B 30 -1.91 7.94 -4.56
N GLN B 31 -0.69 8.38 -4.23
CA GLN B 31 0.27 8.70 -5.31
C GLN B 31 0.83 7.40 -5.93
N LEU B 32 0.88 6.38 -5.11
CA LEU B 32 1.26 5.01 -5.47
C LEU B 32 0.38 4.57 -6.64
N LYS B 33 -0.91 4.59 -6.39
CA LYS B 33 -1.95 4.30 -7.38
C LYS B 33 -1.82 5.24 -8.60
N THR B 34 -1.67 6.53 -8.33
CA THR B 34 -1.61 7.55 -9.37
C THR B 34 -0.47 7.32 -10.35
N LEU B 35 0.76 7.32 -9.87
CA LEU B 35 1.93 7.23 -10.74
C LEU B 35 2.02 5.89 -11.45
N ILE B 36 1.54 4.83 -10.82
CA ILE B 36 1.54 3.53 -11.48
C ILE B 36 0.60 3.55 -12.67
N LEU B 37 -0.62 3.96 -12.44
CA LEU B 37 -1.63 3.96 -13.46
C LEU B 37 -1.34 5.04 -14.50
N ASP B 38 -0.58 6.03 -14.10
CA ASP B 38 -0.18 7.14 -14.99
C ASP B 38 0.96 6.72 -15.91
N ALA B 39 1.73 5.77 -15.49
CA ALA B 39 2.85 5.29 -16.25
C ALA B 39 2.37 4.27 -17.24
N LEU B 40 1.34 3.54 -16.85
CA LEU B 40 0.86 2.45 -17.67
C LEU B 40 -0.30 2.89 -18.53
N LYS B 41 -1.15 3.74 -17.94
CA LYS B 41 -2.35 4.29 -18.57
C LYS B 41 -3.17 3.24 -19.24
N LYS B 42 -3.75 2.44 -18.38
CA LYS B 42 -4.60 1.36 -18.79
C LYS B 42 -5.95 1.94 -19.21
N ASP B 43 -6.63 2.60 -18.28
CA ASP B 43 -7.88 3.31 -18.57
C ASP B 43 -8.27 4.10 -17.38
N SER B 44 -8.84 5.20 -17.64
CA SER B 44 -9.21 6.10 -16.61
C SER B 44 -10.61 5.77 -16.07
N SER B 45 -11.36 4.98 -16.81
CA SER B 45 -12.67 4.55 -16.37
C SER B 45 -12.48 3.57 -15.22
N ARG B 46 -11.56 2.62 -15.42
CA ARG B 46 -11.30 1.63 -14.40
C ARG B 46 -10.41 2.16 -13.30
N HIS B 47 -9.87 3.37 -13.50
CA HIS B 47 -9.09 4.07 -12.46
C HIS B 47 -9.94 4.21 -11.20
N SER B 48 -11.23 4.41 -11.37
CA SER B 48 -12.13 4.57 -10.27
C SER B 48 -12.62 3.22 -9.71
N LYS B 49 -11.99 2.16 -10.16
CA LYS B 49 -12.27 0.85 -9.66
C LYS B 49 -10.99 0.09 -9.48
N LEU B 50 -10.34 0.43 -8.43
CA LEU B 50 -9.17 -0.21 -8.00
C LEU B 50 -9.33 -0.58 -6.58
N GLU B 51 -9.11 -1.82 -6.30
CA GLU B 51 -9.23 -2.31 -4.96
C GLU B 51 -7.87 -2.25 -4.34
N LYS B 52 -7.82 -2.11 -3.04
CA LYS B 52 -6.55 -1.98 -2.30
C LYS B 52 -5.51 -3.05 -2.70
N ALA B 53 -5.95 -4.28 -2.74
CA ALA B 53 -5.10 -5.41 -3.13
C ALA B 53 -4.58 -5.27 -4.56
N ASP B 54 -5.38 -4.64 -5.40
CA ASP B 54 -5.09 -4.49 -6.83
C ASP B 54 -4.09 -3.41 -7.05
N ILE B 55 -4.24 -2.36 -6.30
CA ILE B 55 -3.38 -1.20 -6.36
C ILE B 55 -1.97 -1.59 -5.94
N LEU B 56 -1.89 -2.27 -4.80
CA LEU B 56 -0.64 -2.82 -4.30
C LEU B 56 0.02 -3.68 -5.38
N GLU B 57 -0.77 -4.56 -5.95
CA GLU B 57 -0.31 -5.49 -6.94
C GLU B 57 0.15 -4.80 -8.21
N MET B 58 -0.55 -3.77 -8.65
CA MET B 58 -0.25 -3.14 -9.93
C MET B 58 1.10 -2.46 -9.85
N THR B 59 1.42 -2.00 -8.68
CA THR B 59 2.67 -1.38 -8.38
C THR B 59 3.80 -2.44 -8.39
N VAL B 60 3.58 -3.57 -7.71
CA VAL B 60 4.55 -4.68 -7.68
C VAL B 60 4.75 -5.27 -9.09
N LYS B 61 3.69 -5.39 -9.84
CA LYS B 61 3.78 -5.92 -11.19
C LYS B 61 4.54 -4.97 -12.11
N HIS B 62 4.32 -3.68 -11.91
CA HIS B 62 5.04 -2.66 -12.67
C HIS B 62 6.52 -2.66 -12.24
N LEU B 63 6.75 -3.07 -10.99
CA LEU B 63 8.09 -3.22 -10.46
C LEU B 63 8.84 -4.24 -11.29
N ARG B 64 8.20 -5.38 -11.60
CA ARG B 64 8.81 -6.38 -12.47
C ARG B 64 9.13 -5.77 -13.81
N ASN B 65 8.15 -5.07 -14.37
CA ASN B 65 8.26 -4.45 -15.70
C ASN B 65 9.44 -3.55 -15.80
N LEU B 66 9.58 -2.67 -14.85
CA LEU B 66 10.68 -1.77 -14.83
C LEU B 66 11.96 -2.55 -14.61
N GLN B 67 11.94 -3.49 -13.69
CA GLN B 67 13.14 -4.29 -13.31
C GLN B 67 13.67 -5.16 -14.45
N ARG B 68 12.87 -5.32 -15.49
CA ARG B 68 13.28 -6.09 -16.66
C ARG B 68 13.43 -5.20 -17.88
N ALA B 69 13.32 -3.92 -17.67
CA ALA B 69 13.48 -2.94 -18.73
C ALA B 69 14.95 -2.52 -18.79
N GLN B 70 15.66 -2.91 -17.77
CA GLN B 70 17.02 -2.52 -17.58
C GLN B 70 17.95 -3.72 -17.70
N MET A 1 -29.56 -15.56 13.86
CA MET A 1 -29.30 -15.70 12.41
C MET A 1 -28.13 -14.85 11.98
N LYS A 2 -28.16 -13.60 12.33
CA LYS A 2 -27.07 -12.72 12.05
C LYS A 2 -26.33 -12.43 13.34
N PRO A 3 -25.00 -12.33 13.28
CA PRO A 3 -24.12 -12.20 14.48
C PRO A 3 -24.12 -10.79 15.11
N LYS A 4 -25.26 -10.08 14.97
CA LYS A 4 -25.43 -8.72 15.49
C LYS A 4 -24.59 -7.70 14.73
N THR A 5 -25.15 -6.51 14.57
CA THR A 5 -24.51 -5.37 13.88
C THR A 5 -24.43 -5.58 12.33
N ALA A 6 -24.16 -6.83 11.91
CA ALA A 6 -24.08 -7.26 10.50
C ALA A 6 -22.85 -6.67 9.80
N SER A 7 -21.96 -6.10 10.57
CA SER A 7 -20.76 -5.52 10.09
C SER A 7 -19.64 -5.74 11.09
N GLU A 8 -18.52 -6.28 10.63
CA GLU A 8 -17.33 -6.45 11.46
C GLU A 8 -16.37 -5.30 11.19
N HIS A 9 -16.92 -4.32 10.55
CA HIS A 9 -16.33 -3.07 10.22
C HIS A 9 -17.26 -2.08 10.92
N ARG A 10 -17.09 -0.77 10.79
CA ARG A 10 -18.08 0.10 11.45
C ARG A 10 -19.42 0.03 10.70
N LYS A 11 -19.33 -0.22 9.41
CA LYS A 11 -20.48 -0.44 8.57
C LYS A 11 -19.98 -1.08 7.30
N SER A 12 -20.69 -2.07 6.83
CA SER A 12 -20.33 -2.76 5.62
C SER A 12 -21.54 -3.61 5.20
N SER A 13 -21.48 -4.22 4.04
CA SER A 13 -22.51 -5.09 3.62
C SER A 13 -21.98 -6.49 3.65
N LYS A 14 -20.83 -6.62 3.08
CA LYS A 14 -20.14 -7.83 3.02
C LYS A 14 -18.90 -7.96 3.96
N PRO A 15 -18.95 -8.88 4.76
CA PRO A 15 -17.86 -9.23 5.64
C PRO A 15 -16.84 -10.15 4.94
N ILE A 16 -17.35 -11.02 4.12
CA ILE A 16 -16.52 -12.05 3.53
C ILE A 16 -15.81 -11.54 2.30
N MET A 17 -16.51 -10.78 1.52
CA MET A 17 -15.95 -10.26 0.28
C MET A 17 -14.85 -9.28 0.58
N GLU A 18 -15.04 -8.48 1.62
CA GLU A 18 -14.05 -7.51 1.96
C GLU A 18 -12.86 -8.18 2.66
N LYS A 19 -13.13 -9.30 3.33
CA LYS A 19 -12.10 -10.06 4.01
C LYS A 19 -11.19 -10.71 2.96
N ARG A 20 -11.80 -11.15 1.86
CA ARG A 20 -11.09 -11.72 0.72
C ARG A 20 -10.25 -10.64 0.05
N ARG A 21 -10.84 -9.46 -0.13
CA ARG A 21 -10.15 -8.30 -0.67
C ARG A 21 -8.93 -7.99 0.18
N ARG A 22 -9.16 -7.92 1.48
CA ARG A 22 -8.15 -7.61 2.49
C ARG A 22 -6.94 -8.53 2.39
N ALA A 23 -7.19 -9.79 2.13
CA ALA A 23 -6.16 -10.77 1.99
C ALA A 23 -5.25 -10.43 0.85
N ARG A 24 -5.83 -10.21 -0.34
CA ARG A 24 -5.03 -9.94 -1.52
C ARG A 24 -4.31 -8.59 -1.40
N ILE A 25 -4.87 -7.67 -0.59
CA ILE A 25 -4.22 -6.41 -0.27
C ILE A 25 -2.89 -6.72 0.44
N ASN A 26 -2.98 -7.44 1.53
CA ASN A 26 -1.82 -7.81 2.35
C ASN A 26 -0.85 -8.64 1.55
N GLU A 27 -1.38 -9.58 0.80
CA GLU A 27 -0.57 -10.44 -0.08
C GLU A 27 0.26 -9.61 -1.06
N SER A 28 -0.32 -8.55 -1.60
CA SER A 28 0.37 -7.74 -2.55
C SER A 28 1.38 -6.85 -1.83
N LEU A 29 0.99 -6.30 -0.68
CA LEU A 29 1.83 -5.42 0.13
C LEU A 29 3.08 -6.18 0.62
N SER A 30 2.87 -7.43 1.00
CA SER A 30 3.94 -8.27 1.49
C SER A 30 4.99 -8.51 0.40
N GLN A 31 4.54 -8.94 -0.79
CA GLN A 31 5.47 -9.19 -1.88
C GLN A 31 6.09 -7.88 -2.38
N LEU A 32 5.30 -6.80 -2.28
CA LEU A 32 5.73 -5.44 -2.60
C LEU A 32 7.00 -5.12 -1.81
N LYS A 33 6.89 -5.23 -0.49
CA LYS A 33 8.00 -5.01 0.42
C LYS A 33 9.18 -5.90 0.07
N THR A 34 8.86 -7.15 -0.15
CA THR A 34 9.85 -8.19 -0.39
C THR A 34 10.69 -7.91 -1.66
N LEU A 35 10.03 -7.57 -2.75
CA LEU A 35 10.74 -7.31 -3.99
C LEU A 35 11.44 -5.96 -4.01
N ILE A 36 10.82 -4.94 -3.42
CA ILE A 36 11.46 -3.62 -3.34
C ILE A 36 12.74 -3.72 -2.52
N LEU A 37 12.65 -4.42 -1.40
CA LEU A 37 13.77 -4.59 -0.50
C LEU A 37 14.90 -5.32 -1.21
N ASP A 38 14.55 -6.26 -2.04
CA ASP A 38 15.54 -7.07 -2.73
C ASP A 38 16.21 -6.33 -3.86
N ALA A 39 15.54 -5.36 -4.39
CA ALA A 39 16.06 -4.61 -5.50
C ALA A 39 17.00 -3.53 -5.00
N LEU A 40 16.78 -3.10 -3.77
CA LEU A 40 17.58 -2.02 -3.24
C LEU A 40 18.61 -2.53 -2.25
N LYS A 41 18.18 -3.50 -1.45
CA LYS A 41 19.00 -4.12 -0.40
C LYS A 41 19.76 -3.07 0.39
N LYS A 42 18.99 -2.19 0.97
CA LYS A 42 19.52 -1.09 1.74
C LYS A 42 20.17 -1.62 3.00
N ASP A 43 19.37 -2.18 3.89
CA ASP A 43 19.86 -2.71 5.16
C ASP A 43 18.78 -3.47 5.80
N SER A 44 19.11 -4.56 6.35
CA SER A 44 18.12 -5.37 6.95
C SER A 44 17.73 -4.82 8.34
N SER A 45 18.61 -4.02 8.94
CA SER A 45 18.38 -3.45 10.24
C SER A 45 17.21 -2.45 10.21
N ARG A 46 17.28 -1.46 9.31
CA ARG A 46 16.22 -0.45 9.19
C ARG A 46 14.94 -1.08 8.68
N HIS A 47 15.07 -2.04 7.78
CA HIS A 47 13.94 -2.67 7.17
C HIS A 47 13.25 -3.70 8.05
N SER A 48 13.65 -3.77 9.31
CA SER A 48 12.96 -4.59 10.26
C SER A 48 12.13 -3.69 11.19
N LYS A 49 12.06 -2.43 10.83
CA LYS A 49 11.29 -1.45 11.56
C LYS A 49 10.52 -0.60 10.54
N LEU A 50 10.28 -1.17 9.40
CA LEU A 50 9.65 -0.44 8.35
C LEU A 50 8.16 -0.49 8.47
N GLU A 51 7.62 0.69 8.64
CA GLU A 51 6.20 0.89 8.76
C GLU A 51 5.55 0.76 7.40
N LYS A 52 4.26 0.48 7.40
CA LYS A 52 3.48 0.35 6.17
C LYS A 52 3.68 1.57 5.27
N ALA A 53 3.59 2.71 5.88
CA ALA A 53 3.74 4.00 5.22
C ALA A 53 5.12 4.14 4.56
N ASP A 54 6.11 3.49 5.14
CA ASP A 54 7.49 3.57 4.66
C ASP A 54 7.67 2.68 3.49
N ILE A 55 7.09 1.52 3.62
CA ILE A 55 7.13 0.48 2.64
C ILE A 55 6.44 0.93 1.35
N LEU A 56 5.25 1.51 1.48
CA LEU A 56 4.52 2.06 0.34
C LEU A 56 5.36 3.11 -0.37
N GLU A 57 5.84 4.10 0.38
CA GLU A 57 6.68 5.18 -0.15
C GLU A 57 7.91 4.65 -0.87
N MET A 58 8.54 3.64 -0.32
CA MET A 58 9.79 3.13 -0.85
C MET A 58 9.56 2.50 -2.20
N THR A 59 8.42 1.89 -2.33
CA THR A 59 7.99 1.25 -3.55
C THR A 59 7.70 2.31 -4.63
N VAL A 60 7.00 3.36 -4.24
CA VAL A 60 6.64 4.44 -5.15
C VAL A 60 7.90 5.21 -5.58
N LYS A 61 8.78 5.46 -4.63
CA LYS A 61 9.97 6.20 -4.92
C LYS A 61 10.94 5.37 -5.74
N HIS A 62 10.90 4.05 -5.56
CA HIS A 62 11.70 3.16 -6.37
C HIS A 62 11.16 3.14 -7.80
N LEU A 63 9.85 3.38 -7.94
CA LEU A 63 9.21 3.46 -9.24
C LEU A 63 9.90 4.58 -10.01
N ARG A 64 10.01 5.74 -9.38
CA ARG A 64 10.71 6.85 -10.01
C ARG A 64 12.17 6.54 -10.27
N ASN A 65 12.80 5.79 -9.37
CA ASN A 65 14.22 5.42 -9.51
C ASN A 65 14.43 4.58 -10.74
N LEU A 66 13.55 3.65 -10.94
CA LEU A 66 13.61 2.79 -12.09
C LEU A 66 13.27 3.59 -13.33
N GLN A 67 12.26 4.42 -13.24
CA GLN A 67 11.78 5.20 -14.38
C GLN A 67 12.79 6.22 -14.87
N ARG A 68 13.67 6.65 -13.99
CA ARG A 68 14.67 7.65 -14.34
C ARG A 68 15.93 6.98 -14.89
N ALA A 69 15.92 5.67 -14.91
CA ALA A 69 17.04 4.90 -15.40
C ALA A 69 16.96 4.78 -16.92
N GLN A 70 15.78 5.03 -17.42
CA GLN A 70 15.47 4.85 -18.81
C GLN A 70 15.28 6.21 -19.45
N MET B 1 -24.43 8.82 22.83
CA MET B 1 -23.76 10.07 22.45
C MET B 1 -22.38 9.75 21.95
N LYS B 2 -21.97 10.37 20.87
CA LYS B 2 -20.65 10.16 20.33
C LYS B 2 -20.12 11.49 19.77
N PRO B 3 -19.58 12.37 20.64
CA PRO B 3 -19.13 13.71 20.26
C PRO B 3 -17.89 13.69 19.36
N LYS B 4 -17.96 14.48 18.26
CA LYS B 4 -16.86 14.66 17.29
C LYS B 4 -16.34 13.34 16.74
N THR B 5 -17.22 12.36 16.67
CA THR B 5 -16.89 11.01 16.25
C THR B 5 -15.97 10.31 17.27
N ALA B 6 -14.69 10.71 17.31
CA ALA B 6 -13.65 10.13 18.16
C ALA B 6 -13.41 8.65 17.83
N SER B 7 -12.20 8.30 17.54
CA SER B 7 -11.90 6.93 17.26
C SER B 7 -11.13 6.32 18.41
N GLU B 8 -11.82 5.97 19.46
CA GLU B 8 -11.21 5.30 20.59
C GLU B 8 -11.15 3.83 20.26
N HIS B 9 -12.12 3.40 19.48
CA HIS B 9 -12.26 2.02 19.07
C HIS B 9 -11.32 1.63 17.93
N ARG B 10 -10.10 1.33 18.30
CA ARG B 10 -9.07 0.83 17.42
C ARG B 10 -7.98 0.39 18.36
N LYS B 11 -7.06 -0.42 17.94
CA LYS B 11 -6.07 -0.83 18.87
C LYS B 11 -4.68 -0.39 18.44
N SER B 12 -4.21 0.61 19.10
CA SER B 12 -2.92 1.19 18.92
C SER B 12 -2.51 1.88 20.22
N SER B 13 -1.23 1.94 20.50
CA SER B 13 -0.77 2.48 21.74
C SER B 13 -0.81 4.00 21.75
N LYS B 14 -0.16 4.57 20.80
CA LYS B 14 -0.03 5.99 20.71
C LYS B 14 -0.90 6.62 19.67
N PRO B 15 -1.79 7.49 20.13
CA PRO B 15 -2.67 8.26 19.25
C PRO B 15 -1.84 9.12 18.28
N ILE B 16 -0.73 9.65 18.78
CA ILE B 16 0.13 10.49 17.95
C ILE B 16 0.77 9.67 16.81
N MET B 17 1.24 8.49 17.14
CA MET B 17 1.96 7.64 16.20
C MET B 17 1.05 7.04 15.18
N GLU B 18 -0.15 6.70 15.62
CA GLU B 18 -1.10 6.04 14.73
C GLU B 18 -1.58 7.02 13.70
N LYS B 19 -1.68 8.29 14.09
CA LYS B 19 -2.17 9.30 13.19
C LYS B 19 -1.15 9.59 12.13
N ARG B 20 0.11 9.69 12.56
CA ARG B 20 1.24 9.89 11.67
C ARG B 20 1.31 8.78 10.65
N ARG B 21 1.31 7.55 11.16
CA ARG B 21 1.38 6.38 10.33
C ARG B 21 0.21 6.34 9.35
N ARG B 22 -1.00 6.40 9.88
CA ARG B 22 -2.23 6.32 9.10
C ARG B 22 -2.26 7.34 7.97
N ALA B 23 -1.95 8.58 8.28
CA ALA B 23 -1.91 9.63 7.30
C ALA B 23 -0.90 9.30 6.21
N ARG B 24 0.32 8.94 6.62
CA ARG B 24 1.38 8.62 5.68
C ARG B 24 1.05 7.39 4.82
N ILE B 25 0.32 6.43 5.37
CA ILE B 25 -0.11 5.26 4.61
C ILE B 25 -1.00 5.69 3.46
N ASN B 26 -1.98 6.52 3.77
CA ASN B 26 -2.91 7.00 2.75
C ASN B 26 -2.21 7.87 1.75
N GLU B 27 -1.31 8.69 2.24
CA GLU B 27 -0.53 9.60 1.39
C GLU B 27 0.38 8.85 0.41
N SER B 28 1.00 7.79 0.87
CA SER B 28 1.91 7.06 0.03
C SER B 28 1.14 6.21 -0.96
N LEU B 29 0.03 5.63 -0.51
CA LEU B 29 -0.85 4.84 -1.35
C LEU B 29 -1.47 5.75 -2.41
N SER B 30 -1.74 6.99 -2.03
CA SER B 30 -2.34 7.95 -2.92
C SER B 30 -1.39 8.27 -4.08
N GLN B 31 -0.13 8.62 -3.77
CA GLN B 31 0.83 8.92 -4.82
C GLN B 31 1.17 7.65 -5.62
N LEU B 32 1.13 6.51 -4.94
CA LEU B 32 1.34 5.19 -5.54
C LEU B 32 0.30 4.97 -6.64
N LYS B 33 -0.95 5.06 -6.23
CA LYS B 33 -2.13 4.94 -7.09
C LYS B 33 -2.02 5.88 -8.31
N THR B 34 -1.54 7.08 -8.04
CA THR B 34 -1.38 8.09 -9.06
C THR B 34 -0.29 7.70 -10.06
N LEU B 35 0.89 7.43 -9.55
CA LEU B 35 2.05 7.09 -10.37
C LEU B 35 1.83 5.85 -11.19
N ILE B 36 1.17 4.89 -10.63
CA ILE B 36 0.91 3.65 -11.33
C ILE B 36 -0.03 3.83 -12.50
N LEU B 37 -1.14 4.48 -12.28
CA LEU B 37 -2.08 4.62 -13.36
C LEU B 37 -1.49 5.54 -14.44
N ASP B 38 -0.65 6.49 -14.01
CA ASP B 38 -0.02 7.39 -14.93
C ASP B 38 1.18 6.81 -15.66
N ALA B 39 1.82 5.84 -15.09
CA ALA B 39 3.01 5.29 -15.73
C ALA B 39 2.66 4.26 -16.79
N LEU B 40 1.58 3.54 -16.59
CA LEU B 40 1.21 2.51 -17.54
C LEU B 40 0.16 3.03 -18.49
N LYS B 41 -0.56 4.06 -18.02
CA LYS B 41 -1.59 4.73 -18.80
C LYS B 41 -2.66 3.75 -19.24
N LYS B 42 -3.33 3.17 -18.28
CA LYS B 42 -4.39 2.24 -18.57
C LYS B 42 -5.64 2.96 -19.00
N ASP B 43 -6.36 3.52 -18.04
CA ASP B 43 -7.61 4.23 -18.28
C ASP B 43 -8.14 4.62 -16.96
N SER B 44 -8.85 5.69 -16.92
CA SER B 44 -9.42 6.14 -15.71
C SER B 44 -10.79 5.47 -15.45
N SER B 45 -11.39 4.92 -16.50
CA SER B 45 -12.67 4.24 -16.40
C SER B 45 -12.52 2.96 -15.55
N ARG B 46 -11.54 2.12 -15.92
CA ARG B 46 -11.27 0.89 -15.20
C ARG B 46 -10.78 1.20 -13.78
N HIS B 47 -10.07 2.31 -13.66
CA HIS B 47 -9.49 2.74 -12.40
C HIS B 47 -10.58 3.29 -11.45
N SER B 48 -11.76 3.59 -11.99
CA SER B 48 -12.84 4.15 -11.18
C SER B 48 -13.35 3.14 -10.15
N LYS B 49 -13.01 1.92 -10.39
CA LYS B 49 -13.28 0.85 -9.50
C LYS B 49 -12.11 -0.10 -9.53
N LEU B 50 -11.05 0.34 -8.93
CA LEU B 50 -9.91 -0.48 -8.75
C LEU B 50 -9.77 -0.66 -7.28
N GLU B 51 -9.69 -1.87 -6.84
CA GLU B 51 -9.62 -2.15 -5.44
C GLU B 51 -8.23 -1.90 -4.94
N LYS B 52 -8.09 -1.72 -3.66
CA LYS B 52 -6.82 -1.48 -3.01
C LYS B 52 -5.82 -2.59 -3.36
N ALA B 53 -6.33 -3.78 -3.39
CA ALA B 53 -5.58 -4.97 -3.76
C ALA B 53 -5.09 -4.89 -5.20
N ASP B 54 -5.85 -4.22 -6.05
CA ASP B 54 -5.53 -4.12 -7.49
C ASP B 54 -4.48 -3.10 -7.68
N ILE B 55 -4.66 -2.01 -7.00
CA ILE B 55 -3.76 -0.89 -7.03
C ILE B 55 -2.39 -1.29 -6.48
N LEU B 56 -2.37 -1.94 -5.30
CA LEU B 56 -1.13 -2.45 -4.72
C LEU B 56 -0.43 -3.40 -5.67
N GLU B 57 -1.17 -4.37 -6.16
CA GLU B 57 -0.66 -5.37 -7.07
C GLU B 57 -0.13 -4.75 -8.34
N MET B 58 -0.79 -3.73 -8.85
CA MET B 58 -0.38 -3.17 -10.11
C MET B 58 0.92 -2.43 -9.96
N THR B 59 1.14 -1.96 -8.76
CA THR B 59 2.35 -1.27 -8.40
C THR B 59 3.51 -2.28 -8.35
N VAL B 60 3.25 -3.43 -7.75
CA VAL B 60 4.24 -4.48 -7.62
C VAL B 60 4.52 -5.12 -8.98
N LYS B 61 3.49 -5.30 -9.77
CA LYS B 61 3.65 -5.89 -11.08
C LYS B 61 4.40 -4.96 -12.03
N HIS B 62 4.15 -3.65 -11.89
CA HIS B 62 4.88 -2.63 -12.66
C HIS B 62 6.35 -2.64 -12.24
N LEU B 63 6.59 -2.97 -10.97
CA LEU B 63 7.92 -3.12 -10.44
C LEU B 63 8.68 -4.17 -11.22
N ARG B 64 8.05 -5.33 -11.44
CA ARG B 64 8.68 -6.39 -12.22
C ARG B 64 9.03 -5.91 -13.61
N ASN B 65 8.11 -5.18 -14.21
CA ASN B 65 8.28 -4.66 -15.57
C ASN B 65 9.50 -3.77 -15.65
N LEU B 66 9.60 -2.85 -14.72
CA LEU B 66 10.73 -1.92 -14.66
C LEU B 66 11.99 -2.59 -14.20
N GLN B 67 11.88 -3.66 -13.46
CA GLN B 67 13.04 -4.41 -13.03
C GLN B 67 13.65 -5.21 -14.17
N ARG B 68 12.82 -5.64 -15.09
CA ARG B 68 13.30 -6.38 -16.25
C ARG B 68 13.47 -5.45 -17.45
N ALA B 69 13.33 -4.13 -17.23
CA ALA B 69 13.45 -3.15 -18.31
C ALA B 69 14.86 -3.17 -18.85
N GLN B 70 15.77 -3.48 -18.00
CA GLN B 70 17.13 -3.63 -18.32
C GLN B 70 17.54 -5.06 -18.02
N MET A 1 -16.31 17.73 5.66
CA MET A 1 -16.32 16.96 6.88
C MET A 1 -17.48 15.99 6.88
N LYS A 2 -17.16 14.73 6.83
CA LYS A 2 -18.12 13.65 6.90
C LYS A 2 -17.66 12.66 7.96
N PRO A 3 -18.15 12.81 9.19
CA PRO A 3 -17.80 11.95 10.31
C PRO A 3 -18.27 10.51 10.10
N LYS A 4 -17.31 9.61 10.03
CA LYS A 4 -17.59 8.19 9.85
C LYS A 4 -17.58 7.49 11.21
N THR A 5 -17.60 8.31 12.23
CA THR A 5 -17.55 7.90 13.63
C THR A 5 -18.88 7.32 14.14
N ALA A 6 -19.76 6.99 13.23
CA ALA A 6 -21.02 6.36 13.57
C ALA A 6 -20.90 4.87 13.33
N SER A 7 -19.71 4.46 12.87
CA SER A 7 -19.37 3.09 12.56
C SER A 7 -20.26 2.56 11.40
N GLU A 8 -20.16 1.31 11.13
CA GLU A 8 -20.91 0.69 10.09
C GLU A 8 -22.20 0.15 10.68
N HIS A 9 -23.29 0.92 10.50
CA HIS A 9 -24.61 0.53 11.03
C HIS A 9 -25.09 -0.72 10.35
N ARG A 10 -25.08 -0.69 9.05
CA ARG A 10 -25.47 -1.82 8.27
C ARG A 10 -24.31 -2.26 7.44
N LYS A 11 -23.83 -3.44 7.70
CA LYS A 11 -22.74 -3.97 6.96
C LYS A 11 -23.27 -4.87 5.89
N SER A 12 -23.70 -4.26 4.86
CA SER A 12 -24.27 -4.93 3.74
C SER A 12 -23.26 -5.02 2.60
N SER A 13 -22.32 -5.90 2.77
CA SER A 13 -21.26 -6.13 1.85
C SER A 13 -20.93 -7.59 1.97
N LYS A 14 -19.90 -8.04 1.31
CA LYS A 14 -19.53 -9.41 1.41
C LYS A 14 -18.32 -9.60 2.28
N PRO A 15 -18.51 -10.33 3.38
CA PRO A 15 -17.45 -10.60 4.35
C PRO A 15 -16.34 -11.44 3.73
N ILE A 16 -16.75 -12.31 2.80
CA ILE A 16 -15.81 -13.16 2.10
C ILE A 16 -14.99 -12.35 1.09
N MET A 17 -15.65 -11.45 0.38
CA MET A 17 -14.98 -10.64 -0.63
C MET A 17 -13.98 -9.72 -0.02
N GLU A 18 -14.35 -9.11 1.10
CA GLU A 18 -13.44 -8.21 1.77
C GLU A 18 -12.33 -8.99 2.47
N LYS A 19 -12.60 -10.24 2.79
CA LYS A 19 -11.59 -11.10 3.41
C LYS A 19 -10.54 -11.45 2.37
N ARG A 20 -11.03 -11.81 1.20
CA ARG A 20 -10.20 -12.09 0.04
C ARG A 20 -9.39 -10.85 -0.31
N ARG A 21 -10.07 -9.71 -0.32
CA ARG A 21 -9.45 -8.43 -0.58
C ARG A 21 -8.35 -8.18 0.43
N ARG A 22 -8.66 -8.37 1.71
CA ARG A 22 -7.73 -8.19 2.83
C ARG A 22 -6.48 -9.04 2.63
N ALA A 23 -6.68 -10.30 2.30
CA ALA A 23 -5.60 -11.21 2.04
C ALA A 23 -4.76 -10.71 0.89
N ARG A 24 -5.43 -10.33 -0.20
CA ARG A 24 -4.78 -9.80 -1.38
C ARG A 24 -3.98 -8.53 -1.07
N ILE A 25 -4.52 -7.68 -0.20
CA ILE A 25 -3.85 -6.46 0.26
C ILE A 25 -2.54 -6.83 0.94
N ASN A 26 -2.63 -7.71 1.90
CA ASN A 26 -1.47 -8.14 2.67
C ASN A 26 -0.46 -8.82 1.79
N GLU A 27 -0.95 -9.65 0.92
CA GLU A 27 -0.12 -10.35 -0.02
C GLU A 27 0.60 -9.42 -0.99
N SER A 28 -0.09 -8.42 -1.49
CA SER A 28 0.52 -7.53 -2.44
C SER A 28 1.49 -6.61 -1.75
N LEU A 29 1.16 -6.20 -0.53
CA LEU A 29 2.01 -5.34 0.27
C LEU A 29 3.26 -6.12 0.70
N SER A 30 3.08 -7.40 1.00
CA SER A 30 4.18 -8.22 1.43
C SER A 30 5.17 -8.42 0.29
N GLN A 31 4.70 -8.85 -0.88
CA GLN A 31 5.61 -9.05 -2.03
C GLN A 31 6.23 -7.71 -2.44
N LEU A 32 5.48 -6.65 -2.25
CA LEU A 32 5.91 -5.29 -2.49
C LEU A 32 7.18 -4.98 -1.67
N LYS A 33 7.08 -5.09 -0.36
CA LYS A 33 8.22 -4.84 0.52
C LYS A 33 9.36 -5.84 0.30
N THR A 34 9.00 -7.03 -0.14
CA THR A 34 9.95 -8.08 -0.41
C THR A 34 10.81 -7.72 -1.64
N LEU A 35 10.15 -7.40 -2.74
CA LEU A 35 10.84 -7.08 -3.99
C LEU A 35 11.56 -5.74 -3.92
N ILE A 36 10.98 -4.74 -3.27
CA ILE A 36 11.63 -3.43 -3.14
C ILE A 36 12.97 -3.55 -2.42
N LEU A 37 12.94 -4.17 -1.24
CA LEU A 37 14.13 -4.28 -0.43
C LEU A 37 15.16 -5.14 -1.15
N ASP A 38 14.70 -6.11 -1.90
CA ASP A 38 15.58 -7.04 -2.60
C ASP A 38 16.18 -6.42 -3.84
N ALA A 39 15.46 -5.51 -4.47
CA ALA A 39 15.92 -4.88 -5.70
C ALA A 39 17.01 -3.89 -5.44
N LEU A 40 16.99 -3.24 -4.28
CA LEU A 40 18.04 -2.26 -3.99
C LEU A 40 18.98 -2.74 -2.92
N LYS A 41 18.52 -3.71 -2.14
CA LYS A 41 19.26 -4.31 -1.01
C LYS A 41 19.69 -3.25 -0.06
N LYS A 42 18.75 -2.33 0.17
CA LYS A 42 18.95 -1.18 1.07
C LYS A 42 19.50 -1.59 2.43
N ASP A 43 18.66 -2.19 3.26
CA ASP A 43 19.05 -2.62 4.59
C ASP A 43 17.96 -3.42 5.19
N SER A 44 18.33 -4.44 5.86
CA SER A 44 17.36 -5.28 6.46
C SER A 44 16.95 -4.81 7.88
N SER A 45 17.74 -3.95 8.47
CA SER A 45 17.43 -3.42 9.79
C SER A 45 16.23 -2.48 9.71
N ARG A 46 16.17 -1.68 8.67
CA ARG A 46 15.04 -0.82 8.42
C ARG A 46 13.85 -1.66 7.97
N HIS A 47 14.12 -2.67 7.15
CA HIS A 47 13.12 -3.64 6.67
C HIS A 47 12.30 -4.23 7.82
N SER A 48 12.96 -4.52 8.92
CA SER A 48 12.31 -5.09 10.07
C SER A 48 11.79 -4.01 11.04
N LYS A 49 11.68 -2.80 10.56
CA LYS A 49 11.09 -1.71 11.31
C LYS A 49 10.27 -0.84 10.36
N LEU A 50 9.92 -1.42 9.24
CA LEU A 50 9.18 -0.73 8.23
C LEU A 50 7.73 -0.57 8.58
N GLU A 51 7.34 0.65 8.60
CA GLU A 51 5.97 1.02 8.84
C GLU A 51 5.27 1.00 7.50
N LYS A 52 3.98 0.72 7.51
CA LYS A 52 3.17 0.65 6.29
C LYS A 52 3.38 1.86 5.37
N ALA A 53 3.39 3.04 5.95
CA ALA A 53 3.60 4.29 5.22
C ALA A 53 4.97 4.31 4.54
N ASP A 54 5.93 3.71 5.20
CA ASP A 54 7.33 3.72 4.74
C ASP A 54 7.48 2.79 3.60
N ILE A 55 6.84 1.67 3.74
CA ILE A 55 6.84 0.64 2.76
C ILE A 55 6.21 1.14 1.44
N LEU A 56 5.06 1.80 1.54
CA LEU A 56 4.37 2.32 0.37
C LEU A 56 5.27 3.32 -0.35
N GLU A 57 5.77 4.29 0.39
CA GLU A 57 6.66 5.32 -0.12
C GLU A 57 7.92 4.75 -0.76
N MET A 58 8.46 3.71 -0.15
CA MET A 58 9.73 3.11 -0.56
C MET A 58 9.57 2.55 -1.97
N THR A 59 8.38 2.05 -2.20
CA THR A 59 8.01 1.45 -3.44
C THR A 59 7.75 2.52 -4.51
N VAL A 60 7.05 3.59 -4.12
CA VAL A 60 6.76 4.69 -5.05
C VAL A 60 8.06 5.36 -5.48
N LYS A 61 8.92 5.64 -4.51
CA LYS A 61 10.19 6.28 -4.77
C LYS A 61 11.08 5.41 -5.67
N HIS A 62 10.97 4.11 -5.52
CA HIS A 62 11.74 3.19 -6.34
C HIS A 62 11.22 3.17 -7.78
N LEU A 63 9.92 3.40 -7.97
CA LEU A 63 9.38 3.34 -9.31
C LEU A 63 9.86 4.54 -10.06
N ARG A 64 10.09 5.62 -9.32
CA ARG A 64 10.60 6.86 -9.89
C ARG A 64 12.00 6.58 -10.41
N ASN A 65 12.78 5.89 -9.59
CA ASN A 65 14.17 5.54 -9.90
C ASN A 65 14.23 4.70 -11.13
N LEU A 66 13.43 3.67 -11.16
CA LEU A 66 13.35 2.80 -12.31
C LEU A 66 12.88 3.54 -13.53
N GLN A 67 11.90 4.39 -13.37
CA GLN A 67 11.32 5.14 -14.49
C GLN A 67 12.33 6.06 -15.17
N ARG A 68 13.31 6.50 -14.41
CA ARG A 68 14.30 7.42 -14.94
C ARG A 68 15.63 6.73 -15.27
N ALA A 69 15.72 5.44 -14.96
CA ALA A 69 16.96 4.67 -15.19
C ALA A 69 17.22 4.43 -16.68
N GLN A 70 16.18 4.67 -17.46
CA GLN A 70 16.21 4.56 -18.87
C GLN A 70 15.13 5.44 -19.49
N MET B 1 -12.13 -15.47 21.82
CA MET B 1 -11.93 -14.22 22.59
C MET B 1 -10.48 -13.76 22.54
N LYS B 2 -9.68 -14.40 21.71
CA LYS B 2 -8.27 -14.08 21.61
C LYS B 2 -7.89 -14.04 20.13
N PRO B 3 -7.94 -12.86 19.49
CA PRO B 3 -7.64 -12.71 18.07
C PRO B 3 -6.13 -12.61 17.78
N LYS B 4 -5.52 -11.49 18.12
CA LYS B 4 -4.12 -11.23 17.88
C LYS B 4 -3.77 -9.99 18.68
N THR B 5 -2.49 -9.79 18.96
CA THR B 5 -2.04 -8.66 19.75
C THR B 5 -2.01 -7.37 18.88
N ALA B 6 -1.99 -7.56 17.55
CA ALA B 6 -1.99 -6.48 16.53
C ALA B 6 -0.61 -5.81 16.45
N SER B 7 -0.06 -5.51 17.58
CA SER B 7 1.26 -5.00 17.67
C SER B 7 2.21 -6.19 17.70
N GLU B 8 2.60 -6.63 16.53
CA GLU B 8 3.41 -7.80 16.41
C GLU B 8 4.88 -7.46 16.39
N HIS B 9 5.51 -7.70 17.55
CA HIS B 9 6.95 -7.49 17.80
C HIS B 9 7.32 -6.00 17.84
N ARG B 10 7.15 -5.31 16.73
CA ARG B 10 7.51 -3.92 16.65
C ARG B 10 6.36 -3.07 16.15
N LYS B 11 5.91 -2.18 17.01
CA LYS B 11 4.89 -1.22 16.72
C LYS B 11 4.84 -0.27 17.89
N SER B 12 4.68 0.98 17.61
CA SER B 12 4.55 1.91 18.65
C SER B 12 3.10 1.94 19.10
N SER B 13 2.90 2.26 20.33
CA SER B 13 1.59 2.37 20.86
C SER B 13 1.28 3.84 21.07
N LYS B 14 2.02 4.66 20.37
CA LYS B 14 1.87 6.07 20.43
C LYS B 14 0.83 6.53 19.45
N PRO B 15 -0.17 7.24 19.95
CA PRO B 15 -1.26 7.75 19.13
C PRO B 15 -0.73 8.74 18.08
N ILE B 16 0.30 9.48 18.46
CA ILE B 16 0.93 10.43 17.58
C ILE B 16 1.72 9.74 16.49
N MET B 17 2.48 8.72 16.86
CA MET B 17 3.32 8.01 15.90
C MET B 17 2.50 7.24 14.91
N GLU B 18 1.45 6.60 15.38
CA GLU B 18 0.61 5.84 14.47
C GLU B 18 -0.23 6.78 13.61
N LYS B 19 -0.47 8.00 14.10
CA LYS B 19 -1.20 9.02 13.35
C LYS B 19 -0.32 9.47 12.21
N ARG B 20 0.95 9.68 12.53
CA ARG B 20 1.97 10.04 11.56
C ARG B 20 2.09 8.98 10.50
N ARG B 21 2.13 7.73 10.94
CA ARG B 21 2.13 6.60 10.05
C ARG B 21 0.89 6.66 9.15
N ARG B 22 -0.29 6.71 9.78
CA ARG B 22 -1.58 6.68 9.09
C ARG B 22 -1.72 7.76 8.02
N ALA B 23 -1.37 8.99 8.36
CA ALA B 23 -1.46 10.08 7.43
C ALA B 23 -0.59 9.80 6.22
N ARG B 24 0.63 9.36 6.50
CA ARG B 24 1.60 9.10 5.46
C ARG B 24 1.20 7.86 4.63
N ILE B 25 0.46 6.92 5.23
CA ILE B 25 -0.05 5.75 4.50
C ILE B 25 -0.93 6.23 3.37
N ASN B 26 -1.88 7.10 3.71
CA ASN B 26 -2.81 7.63 2.71
C ASN B 26 -2.05 8.44 1.67
N GLU B 27 -1.13 9.27 2.15
CA GLU B 27 -0.30 10.11 1.28
C GLU B 27 0.45 9.27 0.26
N SER B 28 1.06 8.20 0.71
CA SER B 28 1.86 7.39 -0.14
C SER B 28 1.01 6.53 -1.06
N LEU B 29 -0.05 5.93 -0.52
CA LEU B 29 -0.93 5.05 -1.28
C LEU B 29 -1.61 5.84 -2.41
N SER B 30 -2.04 7.05 -2.10
CA SER B 30 -2.71 7.90 -3.05
C SER B 30 -1.78 8.20 -4.23
N GLN B 31 -0.58 8.69 -3.95
CA GLN B 31 0.36 9.03 -5.01
C GLN B 31 0.86 7.78 -5.72
N LEU B 32 0.93 6.68 -4.99
CA LEU B 32 1.30 5.38 -5.53
C LEU B 32 0.35 5.02 -6.66
N LYS B 33 -0.93 4.99 -6.34
CA LYS B 33 -2.00 4.73 -7.31
C LYS B 33 -1.93 5.73 -8.47
N THR B 34 -1.69 6.99 -8.13
CA THR B 34 -1.66 8.08 -9.10
C THR B 34 -0.54 7.87 -10.14
N LEU B 35 0.69 7.75 -9.66
CA LEU B 35 1.84 7.61 -10.52
C LEU B 35 1.82 6.31 -11.28
N ILE B 36 1.30 5.26 -10.67
CA ILE B 36 1.19 3.99 -11.36
C ILE B 36 0.23 4.06 -12.54
N LEU B 37 -0.93 4.64 -12.33
CA LEU B 37 -1.91 4.69 -13.39
C LEU B 37 -1.38 5.61 -14.51
N ASP B 38 -0.54 6.54 -14.15
CA ASP B 38 0.05 7.49 -15.11
C ASP B 38 1.25 6.91 -15.85
N ALA B 39 1.96 6.05 -15.20
CA ALA B 39 3.14 5.45 -15.77
C ALA B 39 2.77 4.33 -16.70
N LEU B 40 1.70 3.64 -16.38
CA LEU B 40 1.27 2.53 -17.22
C LEU B 40 0.18 2.98 -18.15
N LYS B 41 -0.70 3.83 -17.64
CA LYS B 41 -1.87 4.32 -18.36
C LYS B 41 -2.71 3.20 -18.90
N LYS B 42 -3.34 2.52 -17.97
CA LYS B 42 -4.22 1.43 -18.29
C LYS B 42 -5.52 1.96 -18.83
N ASP B 43 -6.33 2.51 -17.95
CA ASP B 43 -7.59 3.11 -18.31
C ASP B 43 -8.07 3.90 -17.18
N SER B 44 -8.77 4.94 -17.46
CA SER B 44 -9.29 5.77 -16.46
C SER B 44 -10.66 5.25 -15.97
N SER B 45 -11.25 4.35 -16.73
CA SER B 45 -12.51 3.73 -16.35
C SER B 45 -12.24 2.66 -15.28
N ARG B 46 -11.18 1.87 -15.49
CA ARG B 46 -10.80 0.82 -14.54
C ARG B 46 -10.16 1.44 -13.32
N HIS B 47 -9.86 2.73 -13.44
CA HIS B 47 -9.32 3.49 -12.33
C HIS B 47 -10.35 3.60 -11.21
N SER B 48 -11.63 3.61 -11.59
CA SER B 48 -12.72 3.73 -10.65
C SER B 48 -13.01 2.40 -9.93
N LYS B 49 -12.31 1.38 -10.35
CA LYS B 49 -12.50 0.04 -9.85
C LYS B 49 -11.17 -0.45 -9.26
N LEU B 50 -10.38 0.50 -8.81
CA LEU B 50 -9.17 0.17 -8.15
C LEU B 50 -9.43 -0.22 -6.71
N GLU B 51 -9.07 -1.43 -6.40
CA GLU B 51 -9.18 -1.97 -5.06
C GLU B 51 -7.84 -1.75 -4.43
N LYS B 52 -7.78 -1.60 -3.12
CA LYS B 52 -6.50 -1.43 -2.44
C LYS B 52 -5.51 -2.53 -2.83
N ALA B 53 -6.00 -3.74 -2.83
CA ALA B 53 -5.24 -4.92 -3.22
C ALA B 53 -4.76 -4.84 -4.67
N ASP B 54 -5.55 -4.16 -5.50
CA ASP B 54 -5.26 -4.07 -6.94
C ASP B 54 -4.21 -3.02 -7.14
N ILE B 55 -4.38 -1.94 -6.41
CA ILE B 55 -3.48 -0.79 -6.44
C ILE B 55 -2.07 -1.22 -6.05
N LEU B 56 -1.95 -1.87 -4.90
CA LEU B 56 -0.67 -2.37 -4.41
C LEU B 56 -0.01 -3.28 -5.45
N GLU B 57 -0.77 -4.26 -5.89
CA GLU B 57 -0.32 -5.23 -6.87
C GLU B 57 0.07 -4.58 -8.20
N MET B 58 -0.67 -3.57 -8.60
CA MET B 58 -0.47 -2.90 -9.88
C MET B 58 0.88 -2.20 -9.87
N THR B 59 1.25 -1.75 -8.69
CA THR B 59 2.48 -1.07 -8.43
C THR B 59 3.65 -2.08 -8.41
N VAL B 60 3.42 -3.21 -7.75
CA VAL B 60 4.42 -4.27 -7.67
C VAL B 60 4.68 -4.88 -9.05
N LYS B 61 3.62 -5.09 -9.79
CA LYS B 61 3.71 -5.67 -11.11
C LYS B 61 4.47 -4.73 -12.06
N HIS B 62 4.32 -3.42 -11.82
CA HIS B 62 5.05 -2.39 -12.56
C HIS B 62 6.55 -2.48 -12.24
N LEU B 63 6.86 -2.85 -11.00
CA LEU B 63 8.22 -2.98 -10.53
C LEU B 63 8.89 -4.04 -11.36
N ARG B 64 8.17 -5.13 -11.56
CA ARG B 64 8.69 -6.28 -12.27
C ARG B 64 8.99 -5.90 -13.71
N ASN B 65 8.05 -5.14 -14.31
CA ASN B 65 8.15 -4.68 -15.70
C ASN B 65 9.38 -3.87 -15.90
N LEU B 66 9.56 -2.92 -15.03
CA LEU B 66 10.72 -2.07 -15.09
C LEU B 66 11.98 -2.87 -14.85
N GLN B 67 11.93 -3.78 -13.89
CA GLN B 67 13.09 -4.60 -13.51
C GLN B 67 13.49 -5.62 -14.56
N ARG B 68 12.64 -5.82 -15.53
CA ARG B 68 12.93 -6.81 -16.57
C ARG B 68 13.32 -6.13 -17.86
N ALA B 69 13.37 -4.82 -17.82
CA ALA B 69 13.78 -4.03 -18.97
C ALA B 69 15.27 -3.78 -18.90
N GLN B 70 15.94 -4.48 -18.00
CA GLN B 70 17.35 -4.33 -17.79
C GLN B 70 18.04 -5.40 -18.59
N MET A 1 -23.00 2.48 29.56
CA MET A 1 -22.49 2.77 28.23
C MET A 1 -21.69 1.61 27.71
N LYS A 2 -21.77 1.36 26.42
CA LYS A 2 -20.92 0.37 25.80
C LYS A 2 -19.75 1.14 25.20
N PRO A 3 -18.49 0.73 25.55
CA PRO A 3 -17.24 1.48 25.20
C PRO A 3 -17.22 2.04 23.78
N LYS A 4 -17.24 1.18 22.81
CA LYS A 4 -17.21 1.60 21.44
C LYS A 4 -18.47 1.16 20.77
N THR A 5 -19.02 2.00 19.97
CA THR A 5 -20.17 1.65 19.26
C THR A 5 -19.95 1.82 17.77
N ALA A 6 -19.34 0.81 17.18
CA ALA A 6 -19.21 0.76 15.76
C ALA A 6 -20.53 0.29 15.25
N SER A 7 -21.18 1.12 14.47
CA SER A 7 -22.50 0.86 13.94
C SER A 7 -22.57 -0.50 13.27
N GLU A 8 -23.35 -1.39 13.83
CA GLU A 8 -23.50 -2.70 13.29
C GLU A 8 -24.36 -2.63 12.05
N HIS A 9 -23.70 -2.57 10.95
CA HIS A 9 -24.34 -2.60 9.68
C HIS A 9 -24.54 -4.03 9.27
N ARG A 10 -23.61 -4.89 9.75
CA ARG A 10 -23.62 -6.34 9.56
C ARG A 10 -23.52 -6.77 8.09
N LYS A 11 -24.55 -6.53 7.32
CA LYS A 11 -24.56 -6.93 5.96
C LYS A 11 -24.58 -5.71 5.09
N SER A 12 -23.53 -5.54 4.39
CA SER A 12 -23.42 -4.49 3.43
C SER A 12 -22.67 -5.03 2.23
N SER A 13 -21.76 -5.89 2.54
CA SER A 13 -20.95 -6.58 1.62
C SER A 13 -20.82 -7.98 2.17
N LYS A 14 -20.40 -8.89 1.36
CA LYS A 14 -20.28 -10.24 1.81
C LYS A 14 -19.02 -10.42 2.61
N PRO A 15 -19.11 -11.15 3.73
CA PRO A 15 -17.99 -11.36 4.64
C PRO A 15 -16.88 -12.10 3.94
N ILE A 16 -17.28 -13.01 3.06
CA ILE A 16 -16.34 -13.78 2.28
C ILE A 16 -15.70 -12.91 1.21
N MET A 17 -16.50 -12.10 0.53
CA MET A 17 -15.99 -11.27 -0.56
C MET A 17 -14.98 -10.25 -0.07
N GLU A 18 -15.29 -9.63 1.05
CA GLU A 18 -14.40 -8.63 1.61
C GLU A 18 -13.19 -9.30 2.27
N LYS A 19 -13.37 -10.56 2.69
CA LYS A 19 -12.29 -11.32 3.28
C LYS A 19 -11.29 -11.65 2.21
N ARG A 20 -11.80 -12.04 1.04
CA ARG A 20 -11.00 -12.33 -0.13
C ARG A 20 -10.18 -11.11 -0.49
N ARG A 21 -10.81 -9.96 -0.44
CA ARG A 21 -10.15 -8.71 -0.69
C ARG A 21 -9.07 -8.44 0.35
N ARG A 22 -9.45 -8.53 1.61
CA ARG A 22 -8.55 -8.30 2.74
C ARG A 22 -7.31 -9.18 2.64
N ALA A 23 -7.52 -10.44 2.33
CA ALA A 23 -6.45 -11.37 2.14
C ALA A 23 -5.54 -10.90 1.03
N ARG A 24 -6.13 -10.52 -0.12
CA ARG A 24 -5.35 -10.04 -1.25
C ARG A 24 -4.57 -8.77 -0.90
N ILE A 25 -5.17 -7.90 -0.08
CA ILE A 25 -4.52 -6.67 0.36
C ILE A 25 -3.21 -6.99 1.06
N ASN A 26 -3.28 -7.88 2.05
CA ASN A 26 -2.08 -8.29 2.78
C ASN A 26 -1.11 -8.97 1.86
N GLU A 27 -1.63 -9.82 0.99
CA GLU A 27 -0.79 -10.54 0.03
C GLU A 27 -0.02 -9.60 -0.88
N SER A 28 -0.68 -8.57 -1.33
CA SER A 28 -0.08 -7.65 -2.23
C SER A 28 0.89 -6.73 -1.49
N LEU A 29 0.49 -6.26 -0.31
CA LEU A 29 1.29 -5.35 0.52
C LEU A 29 2.58 -6.04 0.97
N SER A 30 2.46 -7.27 1.36
CA SER A 30 3.57 -8.02 1.85
C SER A 30 4.61 -8.33 0.74
N GLN A 31 4.15 -8.70 -0.46
CA GLN A 31 5.09 -8.97 -1.57
C GLN A 31 5.69 -7.65 -2.08
N LEU A 32 4.89 -6.60 -1.99
CA LEU A 32 5.25 -5.23 -2.32
C LEU A 32 6.53 -4.86 -1.54
N LYS A 33 6.43 -4.96 -0.22
CA LYS A 33 7.56 -4.75 0.70
C LYS A 33 8.73 -5.66 0.33
N THR A 34 8.42 -6.93 0.16
CA THR A 34 9.42 -7.96 -0.08
C THR A 34 10.26 -7.66 -1.32
N LEU A 35 9.62 -7.52 -2.46
CA LEU A 35 10.33 -7.35 -3.71
C LEU A 35 11.13 -6.07 -3.77
N ILE A 36 10.66 -5.02 -3.13
CA ILE A 36 11.40 -3.76 -3.10
C ILE A 36 12.66 -3.89 -2.27
N LEU A 37 12.51 -4.41 -1.07
CA LEU A 37 13.63 -4.53 -0.16
C LEU A 37 14.63 -5.55 -0.73
N ASP A 38 14.13 -6.50 -1.49
CA ASP A 38 14.93 -7.57 -2.08
C ASP A 38 15.67 -7.12 -3.34
N ALA A 39 15.03 -6.31 -4.14
CA ALA A 39 15.62 -5.88 -5.40
C ALA A 39 16.68 -4.85 -5.17
N LEU A 40 16.45 -4.00 -4.21
CA LEU A 40 17.40 -2.93 -3.95
C LEU A 40 18.36 -3.34 -2.88
N LYS A 41 17.88 -4.22 -1.98
CA LYS A 41 18.65 -4.66 -0.83
C LYS A 41 19.13 -3.48 -0.08
N LYS A 42 18.12 -2.72 0.30
CA LYS A 42 18.22 -1.44 0.97
C LYS A 42 19.12 -1.53 2.17
N ASP A 43 18.65 -2.20 3.17
CA ASP A 43 19.35 -2.34 4.44
C ASP A 43 18.49 -3.13 5.32
N SER A 44 19.08 -3.88 6.16
CA SER A 44 18.34 -4.71 7.03
C SER A 44 17.94 -3.97 8.32
N SER A 45 18.64 -2.92 8.63
CA SER A 45 18.38 -2.14 9.80
C SER A 45 17.16 -1.20 9.58
N ARG A 46 17.05 -0.66 8.37
CA ARG A 46 15.91 0.20 8.03
C ARG A 46 14.70 -0.67 7.62
N HIS A 47 14.95 -1.95 7.54
CA HIS A 47 13.93 -2.97 7.35
C HIS A 47 13.46 -3.42 8.78
N SER A 48 12.39 -4.21 8.84
CA SER A 48 11.81 -4.75 10.10
C SER A 48 11.03 -3.70 10.86
N LYS A 49 11.67 -2.64 11.11
CA LYS A 49 11.09 -1.47 11.74
C LYS A 49 10.74 -0.51 10.61
N LEU A 50 10.29 -1.11 9.55
CA LEU A 50 9.87 -0.46 8.37
C LEU A 50 8.38 -0.26 8.51
N GLU A 51 8.01 0.97 8.66
CA GLU A 51 6.65 1.32 8.89
C GLU A 51 5.86 1.17 7.62
N LYS A 52 4.60 0.86 7.77
CA LYS A 52 3.68 0.63 6.67
C LYS A 52 3.74 1.72 5.60
N ALA A 53 3.75 2.93 6.06
CA ALA A 53 3.82 4.10 5.19
C ALA A 53 5.14 4.16 4.41
N ASP A 54 6.19 3.65 5.03
CA ASP A 54 7.54 3.76 4.48
C ASP A 54 7.70 2.72 3.40
N ILE A 55 7.09 1.60 3.65
CA ILE A 55 7.00 0.48 2.74
C ILE A 55 6.30 0.87 1.44
N LEU A 56 5.10 1.41 1.58
CA LEU A 56 4.29 1.86 0.45
C LEU A 56 5.07 2.86 -0.38
N GLU A 57 5.58 3.89 0.26
CA GLU A 57 6.25 4.92 -0.44
C GLU A 57 7.60 4.48 -0.98
N MET A 58 8.20 3.47 -0.39
CA MET A 58 9.52 3.00 -0.84
C MET A 58 9.40 2.45 -2.24
N THR A 59 8.35 1.72 -2.44
CA THR A 59 8.00 1.17 -3.71
C THR A 59 7.77 2.30 -4.73
N VAL A 60 7.06 3.32 -4.28
CA VAL A 60 6.80 4.52 -5.07
C VAL A 60 8.12 5.22 -5.44
N LYS A 61 9.03 5.30 -4.49
CA LYS A 61 10.34 5.92 -4.70
C LYS A 61 11.15 5.13 -5.72
N HIS A 62 11.12 3.81 -5.59
CA HIS A 62 11.83 2.92 -6.50
C HIS A 62 11.21 2.99 -7.91
N LEU A 63 9.92 3.33 -7.96
CA LEU A 63 9.21 3.52 -9.20
C LEU A 63 9.85 4.67 -9.92
N ARG A 64 10.14 5.72 -9.17
CA ARG A 64 10.71 6.91 -9.72
C ARG A 64 12.10 6.60 -10.24
N ASN A 65 12.85 5.84 -9.45
CA ASN A 65 14.22 5.44 -9.79
C ASN A 65 14.26 4.73 -11.12
N LEU A 66 13.45 3.68 -11.25
CA LEU A 66 13.40 2.92 -12.48
C LEU A 66 12.87 3.76 -13.64
N GLN A 67 11.94 4.64 -13.35
CA GLN A 67 11.35 5.51 -14.38
C GLN A 67 12.36 6.53 -14.93
N ARG A 68 13.39 6.84 -14.16
CA ARG A 68 14.41 7.79 -14.60
C ARG A 68 15.74 7.10 -14.84
N ALA A 69 15.70 5.78 -14.96
CA ALA A 69 16.91 4.99 -15.23
C ALA A 69 17.30 5.11 -16.70
N GLN A 70 16.50 5.85 -17.43
CA GLN A 70 16.70 6.14 -18.81
C GLN A 70 16.56 7.63 -18.92
N MET B 1 -23.53 6.87 16.54
CA MET B 1 -24.51 6.94 17.62
C MET B 1 -23.88 7.79 18.72
N LYS B 2 -24.51 7.83 19.89
CA LYS B 2 -24.07 8.62 21.04
C LYS B 2 -22.57 8.45 21.39
N PRO B 3 -22.01 7.19 21.50
CA PRO B 3 -20.56 7.00 21.66
C PRO B 3 -19.85 7.37 20.35
N LYS B 4 -19.72 8.66 20.15
CA LYS B 4 -19.13 9.21 18.97
C LYS B 4 -17.64 9.32 19.17
N THR B 5 -17.24 9.93 20.26
CA THR B 5 -15.84 9.99 20.58
C THR B 5 -15.44 8.70 21.30
N ALA B 6 -15.37 7.64 20.53
CA ALA B 6 -14.99 6.34 20.99
C ALA B 6 -14.08 5.73 19.97
N SER B 7 -13.48 6.59 19.18
CA SER B 7 -12.65 6.19 18.11
C SER B 7 -11.23 5.92 18.63
N GLU B 8 -11.08 4.76 19.20
CA GLU B 8 -9.84 4.24 19.63
C GLU B 8 -9.82 2.82 19.15
N HIS B 9 -8.76 2.42 18.54
CA HIS B 9 -8.67 1.10 18.00
C HIS B 9 -7.69 0.32 18.84
N ARG B 10 -7.25 -0.86 18.37
CA ARG B 10 -6.23 -1.63 19.09
C ARG B 10 -5.03 -0.75 19.34
N LYS B 11 -4.80 -0.43 20.57
CA LYS B 11 -3.90 0.58 20.90
C LYS B 11 -2.55 0.06 21.19
N SER B 12 -1.61 0.70 20.57
CA SER B 12 -0.22 0.36 20.63
C SER B 12 0.62 1.53 20.12
N SER B 13 0.02 2.70 20.10
CA SER B 13 0.67 3.90 19.63
C SER B 13 -0.04 5.09 20.23
N LYS B 14 0.56 6.23 20.10
CA LYS B 14 0.03 7.46 20.59
C LYS B 14 -0.87 8.05 19.55
N PRO B 15 -1.92 8.77 19.97
CA PRO B 15 -2.86 9.40 19.06
C PRO B 15 -2.14 10.26 18.02
N ILE B 16 -1.21 11.11 18.46
CA ILE B 16 -0.48 11.95 17.52
C ILE B 16 0.38 11.10 16.58
N MET B 17 1.07 10.13 17.13
CA MET B 17 2.00 9.30 16.36
C MET B 17 1.29 8.42 15.35
N GLU B 18 0.19 7.84 15.75
CA GLU B 18 -0.52 6.93 14.88
C GLU B 18 -1.25 7.68 13.80
N LYS B 19 -1.56 8.94 14.06
CA LYS B 19 -2.20 9.78 13.08
C LYS B 19 -1.23 10.14 12.01
N ARG B 20 -0.01 10.45 12.43
CA ARG B 20 1.09 10.77 11.53
C ARG B 20 1.36 9.61 10.60
N ARG B 21 1.47 8.41 11.19
CA ARG B 21 1.69 7.20 10.44
C ARG B 21 0.54 6.98 9.46
N ARG B 22 -0.69 6.96 10.00
CA ARG B 22 -1.92 6.73 9.22
C ARG B 22 -1.97 7.67 8.04
N ALA B 23 -1.73 8.93 8.30
CA ALA B 23 -1.71 9.93 7.29
C ALA B 23 -0.71 9.59 6.19
N ARG B 24 0.53 9.31 6.57
CA ARG B 24 1.59 9.00 5.59
C ARG B 24 1.26 7.70 4.82
N ILE B 25 0.57 6.74 5.47
CA ILE B 25 0.12 5.50 4.80
C ILE B 25 -0.85 5.86 3.67
N ASN B 26 -1.83 6.70 3.98
CA ASN B 26 -2.80 7.13 2.97
C ASN B 26 -2.12 7.96 1.93
N GLU B 27 -1.20 8.80 2.35
CA GLU B 27 -0.42 9.65 1.44
C GLU B 27 0.35 8.80 0.44
N SER B 28 0.96 7.73 0.90
CA SER B 28 1.77 6.93 0.06
C SER B 28 0.94 6.06 -0.85
N LEU B 29 -0.12 5.45 -0.30
CA LEU B 29 -1.02 4.58 -1.06
C LEU B 29 -1.68 5.41 -2.19
N SER B 30 -2.07 6.61 -1.86
CA SER B 30 -2.72 7.47 -2.80
C SER B 30 -1.78 7.88 -3.94
N GLN B 31 -0.57 8.31 -3.62
CA GLN B 31 0.38 8.72 -4.65
C GLN B 31 0.86 7.50 -5.44
N LEU B 32 0.89 6.37 -4.77
CA LEU B 32 1.27 5.09 -5.34
C LEU B 32 0.39 4.77 -6.56
N LYS B 33 -0.92 4.71 -6.35
CA LYS B 33 -1.83 4.44 -7.45
C LYS B 33 -1.75 5.55 -8.50
N THR B 34 -1.57 6.79 -8.01
CA THR B 34 -1.51 7.95 -8.87
C THR B 34 -0.38 7.81 -9.88
N LEU B 35 0.84 7.64 -9.40
CA LEU B 35 1.99 7.55 -10.25
C LEU B 35 2.03 6.28 -11.06
N ILE B 36 1.59 5.16 -10.50
CA ILE B 36 1.56 3.91 -11.27
C ILE B 36 0.60 4.02 -12.45
N LEU B 37 -0.59 4.49 -12.17
CA LEU B 37 -1.60 4.60 -13.20
C LEU B 37 -1.17 5.66 -14.22
N ASP B 38 -0.50 6.70 -13.74
CA ASP B 38 -0.07 7.84 -14.58
C ASP B 38 1.15 7.50 -15.40
N ALA B 39 1.92 6.56 -14.94
CA ALA B 39 3.12 6.15 -15.62
C ALA B 39 2.78 5.33 -16.83
N LEU B 40 1.75 4.52 -16.69
CA LEU B 40 1.36 3.69 -17.83
C LEU B 40 0.25 4.34 -18.62
N LYS B 41 -0.59 5.07 -17.91
CA LYS B 41 -1.77 5.70 -18.48
C LYS B 41 -2.62 4.66 -19.14
N LYS B 42 -2.99 3.71 -18.29
CA LYS B 42 -3.77 2.58 -18.68
C LYS B 42 -5.14 3.00 -19.17
N ASP B 43 -5.94 3.47 -18.22
CA ASP B 43 -7.32 3.81 -18.45
C ASP B 43 -7.88 4.29 -17.18
N SER B 44 -8.79 5.19 -17.28
CA SER B 44 -9.36 5.75 -16.13
C SER B 44 -10.55 4.93 -15.61
N SER B 45 -11.17 4.18 -16.50
CA SER B 45 -12.28 3.34 -16.15
C SER B 45 -11.81 2.18 -15.25
N ARG B 46 -10.69 1.57 -15.62
CA ARG B 46 -10.09 0.49 -14.81
C ARG B 46 -9.38 1.04 -13.59
N HIS B 47 -9.25 2.37 -13.52
CA HIS B 47 -8.76 3.04 -12.32
C HIS B 47 -9.94 3.31 -11.38
N SER B 48 -11.14 3.36 -11.96
CA SER B 48 -12.36 3.63 -11.20
C SER B 48 -12.98 2.34 -10.69
N LYS B 49 -12.28 1.26 -10.87
CA LYS B 49 -12.68 -0.02 -10.39
C LYS B 49 -11.44 -0.73 -9.92
N LEU B 50 -10.97 -0.28 -8.79
CA LEU B 50 -9.81 -0.79 -8.18
C LEU B 50 -10.01 -1.02 -6.74
N GLU B 51 -9.75 -2.21 -6.34
CA GLU B 51 -9.79 -2.55 -4.97
C GLU B 51 -8.40 -2.27 -4.42
N LYS B 52 -8.28 -2.09 -3.13
CA LYS B 52 -7.01 -1.77 -2.48
C LYS B 52 -5.90 -2.75 -2.86
N ALA B 53 -6.24 -4.01 -2.84
CA ALA B 53 -5.32 -5.09 -3.19
C ALA B 53 -4.82 -4.98 -4.62
N ASP B 54 -5.68 -4.46 -5.48
CA ASP B 54 -5.39 -4.37 -6.91
C ASP B 54 -4.44 -3.28 -7.18
N ILE B 55 -4.64 -2.22 -6.48
CA ILE B 55 -3.81 -1.04 -6.52
C ILE B 55 -2.38 -1.40 -6.06
N LEU B 56 -2.29 -2.10 -4.96
CA LEU B 56 -1.02 -2.57 -4.42
C LEU B 56 -0.31 -3.46 -5.45
N GLU B 57 -1.03 -4.45 -5.95
CA GLU B 57 -0.49 -5.40 -6.90
C GLU B 57 -0.08 -4.71 -8.20
N MET B 58 -0.84 -3.73 -8.64
CA MET B 58 -0.60 -3.04 -9.92
C MET B 58 0.74 -2.37 -9.88
N THR B 59 1.05 -1.86 -8.72
CA THR B 59 2.30 -1.23 -8.43
C THR B 59 3.46 -2.26 -8.46
N VAL B 60 3.28 -3.39 -7.76
CA VAL B 60 4.28 -4.46 -7.71
C VAL B 60 4.55 -5.02 -9.13
N LYS B 61 3.48 -5.29 -9.87
CA LYS B 61 3.58 -5.86 -11.20
C LYS B 61 4.27 -4.89 -12.16
N HIS B 62 4.00 -3.59 -12.00
CA HIS B 62 4.64 -2.57 -12.84
C HIS B 62 6.12 -2.49 -12.53
N LEU B 63 6.46 -2.80 -11.31
CA LEU B 63 7.81 -2.72 -10.86
C LEU B 63 8.59 -3.81 -11.60
N ARG B 64 7.93 -4.93 -11.84
CA ARG B 64 8.55 -6.04 -12.56
C ARG B 64 8.75 -5.65 -14.03
N ASN B 65 7.81 -4.86 -14.55
CA ASN B 65 7.87 -4.36 -15.92
C ASN B 65 9.09 -3.51 -16.09
N LEU B 66 9.29 -2.63 -15.15
CA LEU B 66 10.41 -1.76 -15.16
C LEU B 66 11.69 -2.57 -14.97
N GLN B 67 11.63 -3.55 -14.12
CA GLN B 67 12.80 -4.36 -13.82
C GLN B 67 13.27 -5.28 -14.94
N ARG B 68 12.45 -5.56 -15.94
CA ARG B 68 12.98 -6.44 -16.99
C ARG B 68 13.50 -5.61 -18.14
N ALA B 69 13.01 -4.41 -18.26
CA ALA B 69 13.41 -3.56 -19.35
C ALA B 69 14.51 -2.63 -18.90
N GLN B 70 14.67 -2.49 -17.60
CA GLN B 70 15.69 -1.65 -17.04
C GLN B 70 16.46 -2.46 -16.01
N MET A 1 -10.12 14.43 -4.27
CA MET A 1 -9.49 13.12 -4.13
C MET A 1 -9.69 12.56 -2.72
N LYS A 2 -10.03 13.42 -1.76
CA LYS A 2 -10.31 12.98 -0.41
C LYS A 2 -11.79 13.19 -0.07
N PRO A 3 -12.56 12.11 0.01
CA PRO A 3 -13.94 12.19 0.45
C PRO A 3 -13.99 12.18 1.98
N LYS A 4 -15.12 12.55 2.55
CA LYS A 4 -15.25 12.54 4.00
C LYS A 4 -15.06 11.13 4.51
N THR A 5 -14.12 10.97 5.38
CA THR A 5 -13.84 9.70 5.93
C THR A 5 -14.34 9.65 7.38
N ALA A 6 -15.60 9.27 7.53
CA ALA A 6 -16.21 9.18 8.85
C ALA A 6 -17.23 8.07 8.88
N SER A 7 -18.23 8.18 8.05
CA SER A 7 -19.30 7.21 7.98
C SER A 7 -19.12 6.32 6.74
N GLU A 8 -20.19 5.63 6.32
CA GLU A 8 -20.17 4.73 5.17
C GLU A 8 -19.69 5.44 3.90
N HIS A 9 -18.59 4.97 3.36
CA HIS A 9 -18.03 5.51 2.12
C HIS A 9 -17.21 4.46 1.37
N ARG A 10 -17.27 3.22 1.83
CA ARG A 10 -16.48 2.17 1.22
C ARG A 10 -17.39 1.06 0.72
N LYS A 11 -18.33 0.65 1.57
CA LYS A 11 -19.28 -0.40 1.31
C LYS A 11 -18.59 -1.75 1.19
N SER A 12 -18.44 -2.34 2.31
CA SER A 12 -17.87 -3.63 2.46
C SER A 12 -18.72 -4.36 3.50
N SER A 13 -19.70 -5.07 3.02
CA SER A 13 -20.65 -5.73 3.89
C SER A 13 -20.58 -7.25 3.80
N LYS A 14 -19.73 -7.76 2.94
CA LYS A 14 -19.53 -9.17 2.89
C LYS A 14 -18.21 -9.54 3.53
N PRO A 15 -18.28 -10.29 4.64
CA PRO A 15 -17.10 -10.69 5.41
C PRO A 15 -16.16 -11.53 4.58
N ILE A 16 -16.72 -12.33 3.70
CA ILE A 16 -15.93 -13.20 2.85
C ILE A 16 -15.16 -12.38 1.80
N MET A 17 -15.85 -11.46 1.15
CA MET A 17 -15.25 -10.64 0.09
C MET A 17 -14.12 -9.80 0.61
N GLU A 18 -14.33 -9.19 1.77
CA GLU A 18 -13.32 -8.35 2.36
C GLU A 18 -12.19 -9.16 2.94
N LYS A 19 -12.47 -10.41 3.30
CA LYS A 19 -11.46 -11.28 3.88
C LYS A 19 -10.53 -11.76 2.80
N ARG A 20 -11.08 -12.03 1.65
CA ARG A 20 -10.32 -12.44 0.49
C ARG A 20 -9.47 -11.28 -0.01
N ARG A 21 -10.10 -10.10 -0.07
CA ARG A 21 -9.44 -8.87 -0.45
C ARG A 21 -8.29 -8.60 0.51
N ARG A 22 -8.58 -8.72 1.81
CA ARG A 22 -7.60 -8.56 2.89
C ARG A 22 -6.38 -9.44 2.65
N ALA A 23 -6.60 -10.70 2.34
CA ALA A 23 -5.53 -11.61 2.07
C ALA A 23 -4.67 -11.10 0.96
N ARG A 24 -5.30 -10.68 -0.14
CA ARG A 24 -4.57 -10.15 -1.29
C ARG A 24 -3.79 -8.89 -0.91
N ILE A 25 -4.42 -7.98 -0.14
CA ILE A 25 -3.78 -6.73 0.30
C ILE A 25 -2.47 -7.04 1.03
N ASN A 26 -2.54 -7.91 2.02
CA ASN A 26 -1.35 -8.28 2.79
C ASN A 26 -0.32 -8.93 1.91
N GLU A 27 -0.77 -9.83 1.06
CA GLU A 27 0.12 -10.57 0.17
C GLU A 27 0.82 -9.68 -0.85
N SER A 28 0.12 -8.68 -1.35
CA SER A 28 0.69 -7.81 -2.32
C SER A 28 1.64 -6.81 -1.68
N LEU A 29 1.31 -6.38 -0.48
CA LEU A 29 2.09 -5.38 0.23
C LEU A 29 3.38 -6.02 0.73
N SER A 30 3.28 -7.26 1.15
CA SER A 30 4.40 -7.95 1.69
C SER A 30 5.43 -8.28 0.61
N GLN A 31 4.97 -8.71 -0.56
CA GLN A 31 5.90 -8.99 -1.66
C GLN A 31 6.47 -7.66 -2.17
N LEU A 32 5.65 -6.63 -2.08
CA LEU A 32 6.00 -5.28 -2.48
C LEU A 32 7.24 -4.81 -1.73
N LYS A 33 7.18 -4.81 -0.40
CA LYS A 33 8.33 -4.40 0.43
C LYS A 33 9.54 -5.30 0.17
N THR A 34 9.28 -6.59 -0.03
CA THR A 34 10.32 -7.58 -0.22
C THR A 34 11.12 -7.30 -1.50
N LEU A 35 10.44 -7.13 -2.62
CA LEU A 35 11.11 -6.89 -3.88
C LEU A 35 11.74 -5.50 -3.94
N ILE A 36 11.20 -4.55 -3.21
CA ILE A 36 11.80 -3.22 -3.12
C ILE A 36 13.10 -3.29 -2.34
N LEU A 37 13.00 -3.80 -1.13
CA LEU A 37 14.12 -3.89 -0.22
C LEU A 37 15.24 -4.70 -0.89
N ASP A 38 14.85 -5.65 -1.72
CA ASP A 38 15.77 -6.54 -2.43
C ASP A 38 16.34 -5.87 -3.68
N ALA A 39 15.62 -4.97 -4.25
CA ALA A 39 16.08 -4.34 -5.48
C ALA A 39 17.21 -3.39 -5.23
N LEU A 40 17.25 -2.82 -4.05
CA LEU A 40 18.30 -1.84 -3.74
C LEU A 40 19.19 -2.35 -2.64
N LYS A 41 18.56 -2.99 -1.69
CA LYS A 41 19.18 -3.50 -0.48
C LYS A 41 19.60 -2.42 0.42
N LYS A 42 18.59 -1.91 1.04
CA LYS A 42 18.65 -0.78 1.92
C LYS A 42 19.20 -1.21 3.25
N ASP A 43 18.41 -1.95 3.99
CA ASP A 43 18.79 -2.49 5.27
C ASP A 43 17.71 -3.38 5.71
N SER A 44 18.05 -4.57 6.03
CA SER A 44 17.08 -5.51 6.40
C SER A 44 16.69 -5.39 7.88
N SER A 45 17.50 -4.70 8.63
CA SER A 45 17.21 -4.45 10.01
C SER A 45 16.08 -3.44 10.11
N ARG A 46 16.13 -2.38 9.29
CA ARG A 46 15.07 -1.39 9.24
C ARG A 46 13.86 -1.94 8.52
N HIS A 47 14.05 -3.06 7.84
CA HIS A 47 12.96 -3.79 7.22
C HIS A 47 12.01 -4.34 8.31
N SER A 48 12.58 -4.58 9.47
CA SER A 48 11.82 -5.05 10.61
C SER A 48 11.14 -3.86 11.33
N LYS A 49 11.36 -2.70 10.80
CA LYS A 49 10.83 -1.44 11.33
C LYS A 49 10.15 -0.69 10.19
N LEU A 50 9.82 -1.43 9.16
CA LEU A 50 9.20 -0.87 8.01
C LEU A 50 7.72 -0.71 8.27
N GLU A 51 7.25 0.49 8.22
CA GLU A 51 5.86 0.78 8.43
C GLU A 51 5.19 0.88 7.10
N LYS A 52 3.91 0.59 7.05
CA LYS A 52 3.15 0.57 5.81
C LYS A 52 3.35 1.82 4.93
N ALA A 53 3.28 2.98 5.53
CA ALA A 53 3.48 4.26 4.82
C ALA A 53 4.88 4.39 4.24
N ASP A 54 5.83 3.80 4.94
CA ASP A 54 7.26 3.94 4.62
C ASP A 54 7.53 3.08 3.40
N ILE A 55 6.89 1.93 3.42
CA ILE A 55 6.97 0.93 2.37
C ILE A 55 6.37 1.46 1.08
N LEU A 56 5.15 1.96 1.20
CA LEU A 56 4.40 2.49 0.07
C LEU A 56 5.19 3.54 -0.70
N GLU A 57 5.67 4.55 0.00
CA GLU A 57 6.44 5.62 -0.61
C GLU A 57 7.74 5.11 -1.21
N MET A 58 8.33 4.13 -0.57
CA MET A 58 9.61 3.61 -0.99
C MET A 58 9.46 2.93 -2.34
N THR A 59 8.34 2.29 -2.49
CA THR A 59 8.00 1.58 -3.68
C THR A 59 7.69 2.56 -4.82
N VAL A 60 6.94 3.61 -4.51
CA VAL A 60 6.60 4.62 -5.50
C VAL A 60 7.87 5.33 -5.97
N LYS A 61 8.71 5.69 -5.02
CA LYS A 61 9.94 6.40 -5.32
C LYS A 61 10.91 5.52 -6.12
N HIS A 62 10.94 4.23 -5.82
CA HIS A 62 11.77 3.29 -6.56
C HIS A 62 11.21 3.08 -7.98
N LEU A 63 9.92 3.28 -8.14
CA LEU A 63 9.27 3.09 -9.41
C LEU A 63 9.76 4.20 -10.33
N ARG A 64 9.99 5.37 -9.73
CA ARG A 64 10.51 6.53 -10.43
C ARG A 64 11.94 6.25 -10.87
N ASN A 65 12.66 5.55 -9.98
CA ASN A 65 14.04 5.15 -10.23
C ASN A 65 14.11 4.28 -11.46
N LEU A 66 13.28 3.27 -11.51
CA LEU A 66 13.23 2.35 -12.65
C LEU A 66 12.73 3.07 -13.88
N GLN A 67 11.86 4.03 -13.70
CA GLN A 67 11.35 4.82 -14.79
C GLN A 67 12.38 5.80 -15.32
N ARG A 68 13.46 5.99 -14.60
CA ARG A 68 14.51 6.84 -15.09
C ARG A 68 15.75 6.02 -15.32
N ALA A 69 15.63 4.73 -14.97
CA ALA A 69 16.64 3.74 -15.09
C ALA A 69 17.82 4.07 -14.24
N GLN A 70 17.47 4.78 -13.17
CA GLN A 70 18.34 5.12 -12.04
C GLN A 70 19.74 5.54 -12.46
N MET B 1 -13.60 6.20 36.88
CA MET B 1 -14.88 6.87 37.14
C MET B 1 -15.12 8.08 36.24
N LYS B 2 -14.30 8.23 35.22
CA LYS B 2 -14.39 9.40 34.39
C LYS B 2 -14.07 9.01 32.95
N PRO B 3 -14.80 9.56 31.95
CA PRO B 3 -14.52 9.30 30.52
C PRO B 3 -13.13 9.80 30.15
N LYS B 4 -12.73 10.89 30.82
CA LYS B 4 -11.42 11.52 30.69
C LYS B 4 -11.32 12.31 29.40
N THR B 5 -10.31 13.15 29.32
CA THR B 5 -10.02 13.96 28.15
C THR B 5 -9.90 13.03 26.95
N ALA B 6 -9.21 11.95 27.18
CA ALA B 6 -9.03 10.91 26.24
C ALA B 6 -8.99 9.64 27.05
N SER B 7 -9.68 8.62 26.61
CA SER B 7 -9.68 7.39 27.32
C SER B 7 -8.49 6.57 26.88
N GLU B 8 -7.67 6.19 27.80
CA GLU B 8 -6.59 5.32 27.48
C GLU B 8 -7.12 3.91 27.35
N HIS B 9 -7.93 3.51 28.34
CA HIS B 9 -8.64 2.22 28.37
C HIS B 9 -7.66 1.05 28.46
N ARG B 10 -7.02 0.74 27.36
CA ARG B 10 -6.01 -0.31 27.29
C ARG B 10 -4.92 0.19 26.37
N LYS B 11 -5.35 0.91 25.33
CA LYS B 11 -4.52 1.62 24.38
C LYS B 11 -3.65 0.69 23.55
N SER B 12 -3.99 0.57 22.30
CA SER B 12 -3.27 -0.29 21.39
C SER B 12 -1.98 0.37 20.93
N SER B 13 -2.08 1.64 20.79
CA SER B 13 -1.09 2.50 20.31
C SER B 13 -1.65 3.88 20.47
N LYS B 14 -0.86 4.89 20.33
CA LYS B 14 -1.34 6.22 20.49
C LYS B 14 -2.19 6.61 19.31
N PRO B 15 -3.40 7.13 19.58
CA PRO B 15 -4.38 7.47 18.54
C PRO B 15 -3.81 8.50 17.59
N ILE B 16 -2.99 9.39 18.13
CA ILE B 16 -2.34 10.41 17.36
C ILE B 16 -1.24 9.80 16.49
N MET B 17 -0.43 8.92 17.07
CA MET B 17 0.69 8.29 16.32
C MET B 17 0.18 7.41 15.20
N GLU B 18 -0.86 6.64 15.49
CA GLU B 18 -1.40 5.74 14.50
C GLU B 18 -2.21 6.49 13.46
N LYS B 19 -2.73 7.65 13.83
CA LYS B 19 -3.50 8.46 12.89
C LYS B 19 -2.56 9.11 11.90
N ARG B 20 -1.45 9.61 12.42
CA ARG B 20 -0.41 10.21 11.61
C ARG B 20 0.13 9.18 10.63
N ARG B 21 0.36 7.97 11.14
CA ARG B 21 0.80 6.87 10.30
C ARG B 21 -0.26 6.58 9.24
N ARG B 22 -1.52 6.42 9.69
CA ARG B 22 -2.64 6.10 8.81
C ARG B 22 -2.78 7.11 7.67
N ALA B 23 -2.74 8.39 8.02
CA ALA B 23 -2.85 9.45 7.05
C ALA B 23 -1.72 9.36 6.03
N ARG B 24 -0.50 9.18 6.54
CA ARG B 24 0.68 9.07 5.69
C ARG B 24 0.57 7.84 4.77
N ILE B 25 0.00 6.75 5.28
CA ILE B 25 -0.27 5.54 4.51
C ILE B 25 -1.16 5.86 3.32
N ASN B 26 -2.28 6.51 3.61
CA ASN B 26 -3.24 6.90 2.57
C ASN B 26 -2.58 7.77 1.55
N GLU B 27 -1.85 8.74 2.03
CA GLU B 27 -1.13 9.68 1.15
C GLU B 27 -0.15 8.96 0.22
N SER B 28 0.54 7.98 0.73
CA SER B 28 1.54 7.28 -0.03
C SER B 28 0.90 6.31 -1.03
N LEU B 29 -0.18 5.67 -0.61
CA LEU B 29 -0.88 4.72 -1.45
C LEU B 29 -1.63 5.47 -2.56
N SER B 30 -2.18 6.62 -2.21
CA SER B 30 -2.94 7.40 -3.14
C SER B 30 -2.04 7.88 -4.30
N GLN B 31 -0.81 8.33 -3.98
CA GLN B 31 0.11 8.78 -5.04
C GLN B 31 0.61 7.58 -5.84
N LEU B 32 0.78 6.45 -5.14
CA LEU B 32 1.21 5.17 -5.71
C LEU B 32 0.25 4.79 -6.83
N LYS B 33 -1.01 4.69 -6.45
CA LYS B 33 -2.15 4.43 -7.35
C LYS B 33 -2.12 5.34 -8.57
N THR B 34 -1.88 6.60 -8.32
CA THR B 34 -1.94 7.61 -9.31
C THR B 34 -0.79 7.51 -10.32
N LEU B 35 0.43 7.43 -9.81
CA LEU B 35 1.59 7.41 -10.65
C LEU B 35 1.68 6.11 -11.44
N ILE B 36 1.16 5.04 -10.87
CA ILE B 36 1.11 3.77 -11.55
C ILE B 36 0.15 3.84 -12.73
N LEU B 37 -1.04 4.37 -12.50
CA LEU B 37 -2.03 4.44 -13.55
C LEU B 37 -1.47 5.26 -14.72
N ASP B 38 -0.73 6.31 -14.42
CA ASP B 38 -0.11 7.16 -15.42
C ASP B 38 1.14 6.54 -16.03
N ALA B 39 1.78 5.67 -15.34
CA ALA B 39 2.99 5.08 -15.88
C ALA B 39 2.67 4.07 -16.98
N LEU B 40 1.51 3.46 -16.90
CA LEU B 40 1.13 2.43 -17.86
C LEU B 40 0.03 2.92 -18.78
N LYS B 41 -0.81 3.80 -18.24
CA LYS B 41 -1.95 4.38 -18.95
C LYS B 41 -2.95 3.34 -19.29
N LYS B 42 -3.58 2.86 -18.27
CA LYS B 42 -4.62 1.88 -18.43
C LYS B 42 -5.94 2.57 -18.72
N ASP B 43 -6.62 2.99 -17.69
CA ASP B 43 -7.92 3.62 -17.81
C ASP B 43 -8.20 4.44 -16.61
N SER B 44 -8.83 5.54 -16.84
CA SER B 44 -9.16 6.48 -15.81
C SER B 44 -10.48 6.12 -15.15
N SER B 45 -11.27 5.35 -15.86
CA SER B 45 -12.55 4.89 -15.36
C SER B 45 -12.34 3.79 -14.32
N ARG B 46 -11.46 2.84 -14.64
CA ARG B 46 -11.22 1.73 -13.73
C ARG B 46 -10.21 2.08 -12.66
N HIS B 47 -9.67 3.30 -12.76
CA HIS B 47 -8.78 3.87 -11.76
C HIS B 47 -9.49 3.85 -10.39
N SER B 48 -10.76 4.20 -10.39
CA SER B 48 -11.54 4.25 -9.18
C SER B 48 -12.28 2.93 -8.91
N LYS B 49 -11.96 1.92 -9.69
CA LYS B 49 -12.55 0.60 -9.51
C LYS B 49 -11.45 -0.37 -9.07
N LEU B 50 -10.35 0.20 -8.78
CA LEU B 50 -9.22 -0.53 -8.35
C LEU B 50 -9.23 -0.67 -6.86
N GLU B 51 -9.25 -1.91 -6.44
CA GLU B 51 -9.25 -2.23 -5.06
C GLU B 51 -7.83 -2.14 -4.55
N LYS B 52 -7.67 -1.96 -3.26
CA LYS B 52 -6.36 -1.80 -2.63
C LYS B 52 -5.37 -2.87 -3.06
N ALA B 53 -5.79 -4.09 -2.92
CA ALA B 53 -5.00 -5.26 -3.26
C ALA B 53 -4.54 -5.24 -4.72
N ASP B 54 -5.34 -4.63 -5.56
CA ASP B 54 -5.08 -4.60 -7.00
C ASP B 54 -4.06 -3.57 -7.30
N ILE B 55 -4.23 -2.44 -6.69
CA ILE B 55 -3.33 -1.31 -6.81
C ILE B 55 -1.94 -1.69 -6.31
N LEU B 56 -1.88 -2.26 -5.11
CA LEU B 56 -0.62 -2.71 -4.50
C LEU B 56 0.13 -3.65 -5.46
N GLU B 57 -0.56 -4.67 -5.92
CA GLU B 57 0.00 -5.66 -6.84
C GLU B 57 0.38 -5.10 -8.20
N MET B 58 -0.36 -4.13 -8.68
CA MET B 58 -0.11 -3.56 -10.01
C MET B 58 1.19 -2.80 -9.98
N THR B 59 1.43 -2.18 -8.86
CA THR B 59 2.63 -1.41 -8.60
C THR B 59 3.85 -2.36 -8.55
N VAL B 60 3.70 -3.47 -7.84
CA VAL B 60 4.77 -4.47 -7.72
C VAL B 60 5.02 -5.13 -9.08
N LYS B 61 3.96 -5.46 -9.79
CA LYS B 61 4.09 -6.11 -11.06
C LYS B 61 4.68 -5.20 -12.12
N HIS B 62 4.41 -3.91 -12.01
CA HIS B 62 5.00 -2.94 -12.92
C HIS B 62 6.49 -2.77 -12.61
N LEU B 63 6.86 -3.01 -11.36
CA LEU B 63 8.24 -2.91 -10.90
C LEU B 63 9.01 -3.96 -11.66
N ARG B 64 8.40 -5.14 -11.78
CA ARG B 64 8.99 -6.27 -12.44
C ARG B 64 9.17 -5.96 -13.91
N ASN B 65 8.14 -5.34 -14.49
CA ASN B 65 8.14 -4.98 -15.91
C ASN B 65 9.28 -4.11 -16.25
N LEU B 66 9.46 -3.09 -15.46
CA LEU B 66 10.56 -2.21 -15.64
C LEU B 66 11.85 -2.97 -15.45
N GLN B 67 11.95 -3.74 -14.40
CA GLN B 67 13.18 -4.48 -14.05
C GLN B 67 13.59 -5.50 -15.12
N ARG B 68 12.68 -5.83 -16.01
CA ARG B 68 12.96 -6.84 -17.04
C ARG B 68 13.12 -6.21 -18.39
N ALA B 69 13.00 -4.92 -18.42
CA ALA B 69 13.21 -4.17 -19.62
C ALA B 69 14.58 -3.51 -19.54
N GLN B 70 15.34 -3.92 -18.53
CA GLN B 70 16.64 -3.34 -18.29
C GLN B 70 17.68 -4.19 -18.97
N MET A 1 -16.10 11.43 16.09
CA MET A 1 -14.96 11.85 15.27
C MET A 1 -15.36 11.96 13.80
N LYS A 2 -15.96 10.93 13.26
CA LYS A 2 -16.39 10.95 11.88
C LYS A 2 -17.85 10.60 11.77
N PRO A 3 -18.52 11.04 10.67
CA PRO A 3 -19.87 10.61 10.35
C PRO A 3 -19.87 9.10 10.06
N LYS A 4 -18.72 8.63 9.56
CA LYS A 4 -18.44 7.24 9.26
C LYS A 4 -19.31 6.71 8.13
N THR A 5 -20.50 6.33 8.42
CA THR A 5 -21.41 5.81 7.44
C THR A 5 -22.86 6.02 7.89
N ALA A 6 -23.63 6.71 7.08
CA ALA A 6 -25.02 6.94 7.38
C ALA A 6 -25.85 5.77 6.89
N SER A 7 -25.80 4.72 7.66
CA SER A 7 -26.49 3.49 7.40
C SER A 7 -26.56 2.76 8.72
N GLU A 8 -27.24 1.65 8.75
CA GLU A 8 -27.28 0.83 9.94
C GLU A 8 -25.97 0.07 10.01
N HIS A 9 -25.25 0.22 11.09
CA HIS A 9 -23.94 -0.39 11.22
C HIS A 9 -23.98 -1.87 11.50
N ARG A 10 -24.23 -2.61 10.46
CA ARG A 10 -24.11 -4.04 10.52
C ARG A 10 -22.75 -4.33 9.93
N LYS A 11 -22.52 -3.71 8.79
CA LYS A 11 -21.30 -3.78 8.05
C LYS A 11 -21.47 -2.72 6.95
N SER A 12 -20.41 -2.27 6.32
CA SER A 12 -20.54 -1.23 5.30
C SER A 12 -19.95 -1.73 3.96
N SER A 13 -19.80 -3.03 3.84
CA SER A 13 -19.23 -3.70 2.69
C SER A 13 -19.55 -5.16 2.85
N LYS A 14 -19.11 -5.96 1.94
CA LYS A 14 -19.31 -7.36 2.08
C LYS A 14 -18.19 -7.98 2.84
N PRO A 15 -18.51 -8.65 3.96
CA PRO A 15 -17.51 -9.22 4.85
C PRO A 15 -16.61 -10.22 4.13
N ILE A 16 -17.20 -10.96 3.22
CA ILE A 16 -16.48 -11.95 2.44
C ILE A 16 -15.55 -11.27 1.43
N MET A 17 -16.06 -10.24 0.78
CA MET A 17 -15.32 -9.55 -0.25
C MET A 17 -14.15 -8.82 0.32
N GLU A 18 -14.37 -8.14 1.44
CA GLU A 18 -13.30 -7.38 2.04
C GLU A 18 -12.31 -8.28 2.72
N LYS A 19 -12.73 -9.48 3.09
CA LYS A 19 -11.84 -10.41 3.74
C LYS A 19 -10.91 -11.01 2.70
N ARG A 20 -11.47 -11.33 1.55
CA ARG A 20 -10.70 -11.83 0.41
C ARG A 20 -9.72 -10.76 -0.04
N ARG A 21 -10.24 -9.53 -0.10
CA ARG A 21 -9.47 -8.39 -0.48
C ARG A 21 -8.35 -8.15 0.52
N ARG A 22 -8.67 -8.18 1.80
CA ARG A 22 -7.74 -7.95 2.91
C ARG A 22 -6.60 -8.92 2.87
N ALA A 23 -6.91 -10.16 2.62
CA ALA A 23 -5.92 -11.19 2.48
C ALA A 23 -4.96 -10.81 1.35
N ARG A 24 -5.53 -10.46 0.21
CA ARG A 24 -4.78 -10.08 -0.97
C ARG A 24 -3.94 -8.81 -0.69
N ILE A 25 -4.50 -7.88 0.10
CA ILE A 25 -3.79 -6.69 0.52
C ILE A 25 -2.52 -7.07 1.25
N ASN A 26 -2.65 -7.91 2.26
CA ASN A 26 -1.48 -8.38 3.03
C ASN A 26 -0.51 -9.08 2.14
N GLU A 27 -1.01 -10.00 1.35
CA GLU A 27 -0.18 -10.78 0.46
C GLU A 27 0.59 -9.91 -0.55
N SER A 28 -0.07 -8.90 -1.09
CA SER A 28 0.56 -8.06 -2.06
C SER A 28 1.53 -7.09 -1.40
N LEU A 29 1.13 -6.55 -0.25
CA LEU A 29 1.93 -5.58 0.48
C LEU A 29 3.22 -6.24 0.96
N SER A 30 3.08 -7.45 1.47
CA SER A 30 4.18 -8.21 1.98
C SER A 30 5.20 -8.53 0.87
N GLN A 31 4.74 -8.96 -0.29
CA GLN A 31 5.67 -9.25 -1.37
C GLN A 31 6.25 -7.95 -1.97
N LEU A 32 5.50 -6.88 -1.85
CA LEU A 32 5.91 -5.57 -2.32
C LEU A 32 7.17 -5.12 -1.59
N LYS A 33 7.12 -5.07 -0.25
CA LYS A 33 8.29 -4.73 0.55
C LYS A 33 9.45 -5.69 0.27
N THR A 34 9.12 -6.95 0.06
CA THR A 34 10.09 -7.99 -0.23
C THR A 34 10.87 -7.67 -1.52
N LEU A 35 10.15 -7.39 -2.59
CA LEU A 35 10.76 -7.12 -3.87
C LEU A 35 11.48 -5.79 -3.89
N ILE A 36 10.89 -4.76 -3.28
CA ILE A 36 11.52 -3.45 -3.21
C ILE A 36 12.86 -3.52 -2.48
N LEU A 37 12.87 -4.16 -1.34
CA LEU A 37 14.08 -4.28 -0.60
C LEU A 37 15.09 -5.21 -1.23
N ASP A 38 14.64 -6.07 -2.09
CA ASP A 38 15.58 -6.96 -2.79
C ASP A 38 16.18 -6.22 -3.98
N ALA A 39 15.42 -5.30 -4.52
CA ALA A 39 15.84 -4.53 -5.68
C ALA A 39 16.83 -3.46 -5.27
N LEU A 40 16.64 -2.90 -4.09
CA LEU A 40 17.55 -1.82 -3.66
C LEU A 40 18.47 -2.27 -2.54
N LYS A 41 17.97 -3.13 -1.64
CA LYS A 41 18.77 -3.69 -0.52
C LYS A 41 19.42 -2.62 0.32
N LYS A 42 18.61 -1.64 0.66
CA LYS A 42 19.04 -0.52 1.47
C LYS A 42 19.44 -0.98 2.85
N ASP A 43 18.47 -1.53 3.56
CA ASP A 43 18.69 -1.99 4.91
C ASP A 43 17.77 -3.12 5.21
N SER A 44 18.27 -4.08 5.88
CA SER A 44 17.50 -5.19 6.32
C SER A 44 16.71 -4.81 7.58
N SER A 45 17.29 -3.92 8.38
CA SER A 45 16.69 -3.47 9.60
C SER A 45 15.41 -2.68 9.32
N ARG A 46 15.41 -1.86 8.26
CA ARG A 46 14.24 -1.09 7.94
C ARG A 46 13.15 -2.03 7.45
N HIS A 47 13.55 -2.99 6.62
CA HIS A 47 12.71 -4.01 6.05
C HIS A 47 11.97 -4.79 7.14
N SER A 48 12.66 -5.09 8.21
CA SER A 48 12.13 -5.90 9.28
C SER A 48 11.23 -5.10 10.24
N LYS A 49 11.03 -3.84 9.94
CA LYS A 49 10.20 -2.97 10.77
C LYS A 49 9.65 -1.84 9.88
N LEU A 50 9.22 -2.24 8.73
CA LEU A 50 8.64 -1.35 7.77
C LEU A 50 7.19 -1.09 8.12
N GLU A 51 6.87 0.15 8.37
CA GLU A 51 5.50 0.54 8.59
C GLU A 51 4.87 0.84 7.26
N LYS A 52 3.55 0.72 7.19
CA LYS A 52 2.79 0.84 5.94
C LYS A 52 3.22 2.03 5.09
N ALA A 53 3.21 3.19 5.69
CA ALA A 53 3.57 4.46 5.06
C ALA A 53 4.96 4.42 4.42
N ASP A 54 5.83 3.68 5.05
CA ASP A 54 7.25 3.64 4.69
C ASP A 54 7.42 2.74 3.50
N ILE A 55 6.61 1.71 3.48
CA ILE A 55 6.61 0.71 2.44
C ILE A 55 5.99 1.28 1.17
N LEU A 56 4.81 1.89 1.32
CA LEU A 56 4.06 2.45 0.19
C LEU A 56 4.94 3.42 -0.56
N GLU A 57 5.55 4.31 0.20
CA GLU A 57 6.44 5.32 -0.30
C GLU A 57 7.58 4.71 -1.08
N MET A 58 8.20 3.72 -0.49
CA MET A 58 9.39 3.08 -1.02
C MET A 58 9.16 2.58 -2.46
N THR A 59 7.97 2.04 -2.72
CA THR A 59 7.57 1.63 -4.07
C THR A 59 7.46 2.84 -4.99
N VAL A 60 6.80 3.90 -4.52
CA VAL A 60 6.60 5.14 -5.27
C VAL A 60 7.98 5.72 -5.64
N LYS A 61 8.86 5.69 -4.68
CA LYS A 61 10.19 6.21 -4.79
C LYS A 61 11.01 5.39 -5.80
N HIS A 62 10.79 4.08 -5.81
CA HIS A 62 11.47 3.17 -6.73
C HIS A 62 10.91 3.35 -8.15
N LEU A 63 9.65 3.77 -8.24
CA LEU A 63 9.00 4.08 -9.52
C LEU A 63 9.81 5.16 -10.21
N ARG A 64 10.10 6.24 -9.49
CA ARG A 64 10.92 7.32 -10.05
C ARG A 64 12.28 6.80 -10.46
N ASN A 65 12.89 6.00 -9.59
CA ASN A 65 14.24 5.45 -9.82
C ASN A 65 14.31 4.69 -11.12
N LEU A 66 13.39 3.77 -11.32
CA LEU A 66 13.35 2.97 -12.51
C LEU A 66 12.91 3.75 -13.73
N GLN A 67 12.30 4.88 -13.52
CA GLN A 67 11.87 5.72 -14.61
C GLN A 67 12.98 6.68 -15.07
N ARG A 68 13.94 6.92 -14.21
CA ARG A 68 15.05 7.82 -14.54
C ARG A 68 16.34 7.05 -14.67
N ALA A 69 16.23 5.74 -14.67
CA ALA A 69 17.40 4.87 -14.79
C ALA A 69 17.91 4.89 -16.22
N GLN A 70 17.11 5.44 -17.10
CA GLN A 70 17.45 5.57 -18.47
C GLN A 70 17.71 7.02 -18.70
N MET B 1 8.37 -14.66 15.14
CA MET B 1 8.18 -13.61 16.13
C MET B 1 9.45 -13.43 16.95
N LYS B 2 9.82 -12.20 17.18
CA LYS B 2 10.91 -11.91 18.08
C LYS B 2 10.32 -11.50 19.45
N PRO B 3 9.33 -10.52 19.53
CA PRO B 3 8.58 -10.31 20.76
C PRO B 3 7.70 -11.53 21.01
N LYS B 4 7.37 -11.80 22.23
CA LYS B 4 6.66 -13.03 22.54
C LYS B 4 5.16 -12.80 22.58
N THR B 5 4.78 -11.65 23.05
CA THR B 5 3.40 -11.29 23.13
C THR B 5 3.19 -9.89 22.55
N ALA B 6 2.43 -9.82 21.48
CA ALA B 6 2.14 -8.58 20.82
C ALA B 6 0.96 -8.80 19.89
N SER B 7 0.22 -7.75 19.64
CA SER B 7 -0.87 -7.82 18.72
C SER B 7 -0.38 -7.61 17.28
N GLU B 8 0.20 -8.68 16.74
CA GLU B 8 0.76 -8.79 15.38
C GLU B 8 1.64 -7.64 14.86
N HIS B 9 1.04 -6.55 14.41
CA HIS B 9 1.84 -5.47 13.82
C HIS B 9 1.73 -4.19 14.62
N ARG B 10 0.91 -4.23 15.65
CA ARG B 10 0.68 -3.06 16.47
C ARG B 10 1.03 -3.34 17.93
N LYS B 11 2.00 -2.62 18.44
CA LYS B 11 2.39 -2.69 19.83
C LYS B 11 3.28 -1.50 20.17
N SER B 12 2.77 -0.68 21.06
CA SER B 12 3.42 0.50 21.57
C SER B 12 3.62 1.57 20.48
N SER B 13 2.62 2.42 20.33
CA SER B 13 2.70 3.47 19.37
C SER B 13 2.25 4.77 20.00
N LYS B 14 2.47 5.84 19.33
CA LYS B 14 2.00 7.10 19.79
C LYS B 14 0.83 7.51 18.96
N PRO B 15 -0.23 7.99 19.60
CA PRO B 15 -1.42 8.46 18.88
C PRO B 15 -1.06 9.58 17.90
N ILE B 16 -0.14 10.44 18.31
CA ILE B 16 0.34 11.51 17.45
C ILE B 16 1.16 10.94 16.29
N MET B 17 2.06 10.01 16.58
CA MET B 17 2.92 9.43 15.55
C MET B 17 2.14 8.61 14.56
N GLU B 18 1.19 7.86 15.05
CA GLU B 18 0.43 7.01 14.16
C GLU B 18 -0.54 7.82 13.33
N LYS B 19 -0.88 9.01 13.80
CA LYS B 19 -1.69 9.90 13.00
C LYS B 19 -0.87 10.41 11.83
N ARG B 20 0.37 10.72 12.12
CA ARG B 20 1.31 11.19 11.11
C ARG B 20 1.61 10.05 10.14
N ARG B 21 1.73 8.84 10.69
CA ARG B 21 1.90 7.64 9.89
C ARG B 21 0.72 7.50 8.95
N ARG B 22 -0.46 7.54 9.53
CA ARG B 22 -1.74 7.42 8.84
C ARG B 22 -1.81 8.37 7.63
N ALA B 23 -1.45 9.62 7.85
CA ALA B 23 -1.43 10.63 6.82
C ALA B 23 -0.48 10.23 5.72
N ARG B 24 0.74 9.85 6.10
CA ARG B 24 1.79 9.45 5.15
C ARG B 24 1.34 8.22 4.35
N ILE B 25 0.54 7.36 4.98
CA ILE B 25 -0.06 6.21 4.33
C ILE B 25 -0.95 6.68 3.18
N ASN B 26 -1.94 7.51 3.50
CA ASN B 26 -2.89 8.01 2.50
C ASN B 26 -2.17 8.78 1.43
N GLU B 27 -1.28 9.65 1.85
CA GLU B 27 -0.53 10.50 0.96
C GLU B 27 0.35 9.69 0.00
N SER B 28 1.02 8.64 0.49
CA SER B 28 1.89 7.88 -0.37
C SER B 28 1.09 6.95 -1.27
N LEU B 29 0.02 6.38 -0.74
CA LEU B 29 -0.79 5.42 -1.48
C LEU B 29 -1.51 6.13 -2.64
N SER B 30 -2.00 7.34 -2.39
CA SER B 30 -2.71 8.07 -3.40
C SER B 30 -1.77 8.56 -4.52
N GLN B 31 -0.59 9.07 -4.15
CA GLN B 31 0.33 9.55 -5.18
C GLN B 31 0.85 8.36 -5.98
N LEU B 32 0.91 7.22 -5.31
CA LEU B 32 1.37 6.00 -5.92
C LEU B 32 0.45 5.59 -7.05
N LYS B 33 -0.81 5.37 -6.73
CA LYS B 33 -1.82 5.00 -7.74
C LYS B 33 -1.89 6.00 -8.89
N THR B 34 -1.54 7.25 -8.60
CA THR B 34 -1.48 8.27 -9.61
C THR B 34 -0.34 7.98 -10.62
N LEU B 35 0.88 7.90 -10.12
CA LEU B 35 2.05 7.69 -10.97
C LEU B 35 2.02 6.33 -11.67
N ILE B 36 1.61 5.31 -10.96
CA ILE B 36 1.55 3.97 -11.53
C ILE B 36 0.56 3.90 -12.68
N LEU B 37 -0.64 4.38 -12.43
CA LEU B 37 -1.67 4.27 -13.44
C LEU B 37 -1.32 5.15 -14.63
N ASP B 38 -0.67 6.28 -14.39
CA ASP B 38 -0.30 7.14 -15.49
C ASP B 38 0.89 6.67 -16.27
N ALA B 39 1.78 5.95 -15.65
CA ALA B 39 2.95 5.51 -16.37
C ALA B 39 2.64 4.26 -17.17
N LEU B 40 1.83 3.41 -16.60
CA LEU B 40 1.51 2.14 -17.20
C LEU B 40 0.33 2.26 -18.11
N LYS B 41 -0.53 3.23 -17.80
CA LYS B 41 -1.73 3.52 -18.58
C LYS B 41 -2.62 2.28 -18.68
N LYS B 42 -3.14 1.91 -17.53
CA LYS B 42 -4.01 0.75 -17.44
C LYS B 42 -5.40 1.06 -17.96
N ASP B 43 -6.14 1.85 -17.21
CA ASP B 43 -7.50 2.23 -17.60
C ASP B 43 -7.98 3.25 -16.64
N SER B 44 -8.73 4.15 -17.12
CA SER B 44 -9.28 5.16 -16.30
C SER B 44 -10.46 4.61 -15.44
N SER B 45 -11.13 3.61 -15.97
CA SER B 45 -12.24 2.98 -15.27
C SER B 45 -11.69 2.16 -14.12
N ARG B 46 -10.57 1.50 -14.37
CA ARG B 46 -9.98 0.67 -13.37
C ARG B 46 -9.20 1.53 -12.38
N HIS B 47 -8.91 2.78 -12.76
CA HIS B 47 -8.29 3.73 -11.84
C HIS B 47 -9.30 4.07 -10.75
N SER B 48 -10.53 4.27 -11.15
CA SER B 48 -11.59 4.58 -10.21
C SER B 48 -12.17 3.31 -9.58
N LYS B 49 -11.54 2.19 -9.84
CA LYS B 49 -11.93 0.90 -9.29
C LYS B 49 -10.69 0.29 -8.64
N LEU B 50 -9.79 1.14 -8.27
CA LEU B 50 -8.59 0.73 -7.65
C LEU B 50 -8.81 0.53 -6.19
N GLU B 51 -8.99 -0.71 -5.85
CA GLU B 51 -9.10 -1.09 -4.49
C GLU B 51 -7.69 -1.21 -3.94
N LYS B 52 -7.53 -1.22 -2.65
CA LYS B 52 -6.21 -1.24 -2.02
C LYS B 52 -5.31 -2.36 -2.57
N ALA B 53 -5.86 -3.54 -2.64
CA ALA B 53 -5.15 -4.72 -3.14
C ALA B 53 -4.78 -4.57 -4.63
N ASP B 54 -5.58 -3.77 -5.34
CA ASP B 54 -5.40 -3.55 -6.78
C ASP B 54 -4.22 -2.68 -7.01
N ILE B 55 -4.16 -1.66 -6.20
CA ILE B 55 -3.12 -0.66 -6.25
C ILE B 55 -1.79 -1.28 -5.86
N LEU B 56 -1.77 -1.98 -4.70
CA LEU B 56 -0.52 -2.59 -4.18
C LEU B 56 0.11 -3.47 -5.22
N GLU B 57 -0.69 -4.35 -5.79
CA GLU B 57 -0.24 -5.28 -6.79
C GLU B 57 0.29 -4.56 -7.99
N MET B 58 -0.39 -3.52 -8.41
CA MET B 58 -0.06 -2.81 -9.62
C MET B 58 1.35 -2.21 -9.54
N THR B 59 1.74 -1.78 -8.35
CA THR B 59 3.09 -1.32 -8.10
C THR B 59 4.08 -2.48 -8.21
N VAL B 60 3.78 -3.60 -7.58
CA VAL B 60 4.65 -4.78 -7.62
C VAL B 60 4.85 -5.23 -9.10
N LYS B 61 3.75 -5.21 -9.83
CA LYS B 61 3.75 -5.55 -11.23
C LYS B 61 4.57 -4.53 -12.06
N HIS B 62 4.53 -3.23 -11.67
CA HIS B 62 5.29 -2.19 -12.39
C HIS B 62 6.77 -2.45 -12.23
N LEU B 63 7.13 -2.98 -11.05
CA LEU B 63 8.47 -3.24 -10.69
C LEU B 63 9.04 -4.20 -11.67
N ARG B 64 8.27 -5.25 -11.92
CA ARG B 64 8.70 -6.29 -12.85
C ARG B 64 8.98 -5.70 -14.22
N ASN B 65 8.04 -4.88 -14.70
CA ASN B 65 8.10 -4.27 -16.03
C ASN B 65 9.32 -3.41 -16.19
N LEU B 66 9.48 -2.44 -15.31
CA LEU B 66 10.59 -1.56 -15.39
C LEU B 66 11.89 -2.28 -15.16
N GLN B 67 11.90 -3.28 -14.30
CA GLN B 67 13.12 -4.02 -13.99
C GLN B 67 13.67 -4.74 -15.22
N ARG B 68 12.78 -5.20 -16.08
CA ARG B 68 13.17 -5.93 -17.27
C ARG B 68 13.29 -5.01 -18.49
N ALA B 69 12.90 -3.76 -18.30
CA ALA B 69 12.94 -2.78 -19.38
C ALA B 69 14.37 -2.41 -19.71
N GLN B 70 15.23 -2.55 -18.73
CA GLN B 70 16.63 -2.24 -18.88
C GLN B 70 17.47 -3.04 -17.90
N MET A 1 -2.88 -10.02 30.95
CA MET A 1 -3.31 -8.92 30.10
C MET A 1 -4.62 -9.27 29.43
N LYS A 2 -5.53 -8.33 29.41
CA LYS A 2 -6.86 -8.55 28.85
C LYS A 2 -6.86 -8.21 27.36
N PRO A 3 -7.92 -8.61 26.60
CA PRO A 3 -8.07 -8.26 25.19
C PRO A 3 -7.89 -6.74 24.93
N LYS A 4 -7.29 -6.43 23.82
CA LYS A 4 -6.95 -5.06 23.48
C LYS A 4 -7.18 -4.79 22.00
N THR A 5 -6.94 -3.58 21.58
CA THR A 5 -7.17 -3.19 20.22
C THR A 5 -5.89 -3.40 19.37
N ALA A 6 -5.79 -4.52 18.69
CA ALA A 6 -4.66 -4.77 17.82
C ALA A 6 -5.05 -4.65 16.35
N SER A 7 -6.31 -4.43 16.12
CA SER A 7 -6.83 -4.29 14.80
C SER A 7 -8.01 -3.35 14.84
N GLU A 8 -8.24 -2.64 13.76
CA GLU A 8 -9.36 -1.73 13.65
C GLU A 8 -10.61 -2.51 13.29
N HIS A 9 -10.40 -3.65 12.59
CA HIS A 9 -11.47 -4.52 12.08
C HIS A 9 -12.29 -3.81 10.99
N ARG A 10 -13.10 -4.56 10.23
CA ARG A 10 -13.92 -3.96 9.20
C ARG A 10 -15.04 -4.87 8.73
N LYS A 11 -15.97 -4.25 8.05
CA LYS A 11 -17.10 -4.84 7.37
C LYS A 11 -17.74 -3.72 6.59
N SER A 12 -17.72 -3.82 5.30
CA SER A 12 -18.24 -2.77 4.47
C SER A 12 -19.23 -3.25 3.41
N SER A 13 -18.97 -4.38 2.85
CA SER A 13 -19.83 -4.95 1.88
C SER A 13 -20.10 -6.37 2.28
N LYS A 14 -19.35 -7.25 1.75
CA LYS A 14 -19.43 -8.62 2.11
C LYS A 14 -18.25 -8.98 2.95
N PRO A 15 -18.50 -9.52 4.13
CA PRO A 15 -17.43 -9.86 5.07
C PRO A 15 -16.48 -10.88 4.47
N ILE A 16 -17.03 -11.83 3.73
CA ILE A 16 -16.24 -12.85 3.09
C ILE A 16 -15.42 -12.26 1.95
N MET A 17 -16.04 -11.42 1.12
CA MET A 17 -15.37 -10.86 -0.04
C MET A 17 -14.23 -9.94 0.36
N GLU A 18 -14.47 -9.13 1.36
CA GLU A 18 -13.45 -8.20 1.78
C GLU A 18 -12.40 -8.87 2.64
N LYS A 19 -12.73 -10.04 3.15
CA LYS A 19 -11.76 -10.86 3.86
C LYS A 19 -10.84 -11.50 2.83
N ARG A 20 -11.41 -11.87 1.70
CA ARG A 20 -10.67 -12.43 0.58
C ARG A 20 -9.78 -11.36 -0.01
N ARG A 21 -10.33 -10.16 -0.14
CA ARG A 21 -9.57 -9.02 -0.60
C ARG A 21 -8.48 -8.69 0.40
N ARG A 22 -8.80 -8.79 1.70
CA ARG A 22 -7.86 -8.52 2.79
C ARG A 22 -6.63 -9.39 2.64
N ALA A 23 -6.84 -10.66 2.33
CA ALA A 23 -5.78 -11.60 2.08
C ALA A 23 -4.90 -11.08 0.96
N ARG A 24 -5.53 -10.72 -0.18
CA ARG A 24 -4.80 -10.18 -1.33
C ARG A 24 -4.02 -8.93 -0.97
N ILE A 25 -4.61 -8.09 -0.13
CA ILE A 25 -3.96 -6.87 0.34
C ILE A 25 -2.66 -7.21 1.06
N ASN A 26 -2.76 -8.10 2.03
CA ASN A 26 -1.57 -8.53 2.80
C ASN A 26 -0.56 -9.18 1.89
N GLU A 27 -1.04 -10.05 1.04
CA GLU A 27 -0.19 -10.79 0.12
C GLU A 27 0.55 -9.84 -0.84
N SER A 28 -0.13 -8.84 -1.35
CA SER A 28 0.47 -7.95 -2.30
C SER A 28 1.40 -6.94 -1.61
N LEU A 29 1.03 -6.52 -0.40
CA LEU A 29 1.80 -5.53 0.33
C LEU A 29 3.10 -6.16 0.82
N SER A 30 3.01 -7.39 1.26
CA SER A 30 4.15 -8.10 1.76
C SER A 30 5.20 -8.33 0.68
N GLN A 31 4.76 -8.85 -0.48
CA GLN A 31 5.68 -9.10 -1.58
C GLN A 31 6.23 -7.79 -2.14
N LEU A 32 5.42 -6.73 -2.05
CA LEU A 32 5.81 -5.38 -2.45
C LEU A 32 7.03 -4.96 -1.63
N LYS A 33 6.86 -5.01 -0.33
CA LYS A 33 7.92 -4.73 0.65
C LYS A 33 9.17 -5.59 0.36
N THR A 34 8.92 -6.86 0.08
CA THR A 34 9.96 -7.83 -0.11
C THR A 34 10.78 -7.52 -1.35
N LEU A 35 10.10 -7.29 -2.46
CA LEU A 35 10.73 -7.07 -3.73
C LEU A 35 11.39 -5.71 -3.81
N ILE A 36 10.85 -4.74 -3.12
CA ILE A 36 11.46 -3.43 -3.07
C ILE A 36 12.80 -3.52 -2.31
N LEU A 37 12.79 -4.17 -1.17
CA LEU A 37 14.01 -4.30 -0.40
C LEU A 37 15.00 -5.22 -1.16
N ASP A 38 14.47 -6.01 -2.06
CA ASP A 38 15.27 -6.94 -2.88
C ASP A 38 15.88 -6.23 -4.08
N ALA A 39 15.21 -5.22 -4.56
CA ALA A 39 15.66 -4.46 -5.69
C ALA A 39 16.64 -3.41 -5.26
N LEU A 40 16.41 -2.82 -4.11
CA LEU A 40 17.30 -1.76 -3.63
C LEU A 40 18.36 -2.30 -2.69
N LYS A 41 17.96 -3.28 -1.87
CA LYS A 41 18.82 -3.93 -0.90
C LYS A 41 19.47 -2.95 0.03
N LYS A 42 18.62 -2.35 0.82
CA LYS A 42 19.01 -1.35 1.80
C LYS A 42 19.61 -2.02 3.03
N ASP A 43 18.75 -2.66 3.82
CA ASP A 43 19.17 -3.30 5.06
C ASP A 43 17.99 -4.08 5.55
N SER A 44 18.22 -5.14 6.27
CA SER A 44 17.13 -5.92 6.75
C SER A 44 16.61 -5.36 8.10
N SER A 45 17.45 -4.58 8.79
CA SER A 45 17.08 -4.01 10.06
C SER A 45 16.06 -2.90 9.80
N ARG A 46 16.34 -2.06 8.81
CA ARG A 46 15.44 -0.97 8.43
C ARG A 46 14.23 -1.54 7.72
N HIS A 47 14.35 -2.77 7.24
CA HIS A 47 13.25 -3.51 6.63
C HIS A 47 12.29 -3.95 7.74
N SER A 48 12.84 -4.26 8.90
CA SER A 48 12.05 -4.72 10.03
C SER A 48 11.40 -3.54 10.76
N LYS A 49 11.80 -2.37 10.37
CA LYS A 49 11.29 -1.14 10.95
C LYS A 49 10.57 -0.36 9.86
N LEU A 50 10.22 -1.07 8.83
CA LEU A 50 9.48 -0.48 7.78
C LEU A 50 8.03 -0.46 8.11
N GLU A 51 7.56 0.71 8.35
CA GLU A 51 6.18 0.97 8.62
C GLU A 51 5.45 0.98 7.31
N LYS A 52 4.15 0.74 7.33
CA LYS A 52 3.34 0.67 6.10
C LYS A 52 3.49 1.90 5.22
N ALA A 53 3.50 3.05 5.87
CA ALA A 53 3.67 4.34 5.18
C ALA A 53 4.99 4.40 4.43
N ASP A 54 5.98 3.78 5.01
CA ASP A 54 7.34 3.78 4.48
C ASP A 54 7.47 2.83 3.35
N ILE A 55 6.91 1.68 3.55
CA ILE A 55 6.89 0.62 2.56
C ILE A 55 6.20 1.10 1.28
N LEU A 56 5.00 1.65 1.42
CA LEU A 56 4.24 2.14 0.28
C LEU A 56 5.04 3.20 -0.46
N GLU A 57 5.53 4.17 0.30
CA GLU A 57 6.30 5.27 -0.23
C GLU A 57 7.58 4.79 -0.90
N MET A 58 8.22 3.77 -0.36
CA MET A 58 9.52 3.31 -0.85
C MET A 58 9.36 2.77 -2.25
N THR A 59 8.25 2.10 -2.44
CA THR A 59 7.88 1.51 -3.69
C THR A 59 7.62 2.62 -4.74
N VAL A 60 6.99 3.70 -4.30
CA VAL A 60 6.69 4.84 -5.16
C VAL A 60 7.99 5.61 -5.49
N LYS A 61 8.83 5.79 -4.50
CA LYS A 61 10.10 6.49 -4.69
C LYS A 61 11.04 5.68 -5.61
N HIS A 62 11.01 4.37 -5.48
CA HIS A 62 11.80 3.49 -6.36
C HIS A 62 11.21 3.50 -7.77
N LEU A 63 9.91 3.76 -7.85
CA LEU A 63 9.22 3.85 -9.11
C LEU A 63 9.81 4.98 -9.88
N ARG A 64 10.09 6.05 -9.16
CA ARG A 64 10.64 7.24 -9.74
C ARG A 64 12.02 6.97 -10.30
N ASN A 65 12.80 6.23 -9.53
CA ASN A 65 14.17 5.86 -9.89
C ASN A 65 14.17 5.08 -11.17
N LEU A 66 13.30 4.12 -11.26
CA LEU A 66 13.18 3.33 -12.45
C LEU A 66 12.64 4.19 -13.58
N GLN A 67 11.64 4.97 -13.29
CA GLN A 67 10.94 5.76 -14.29
C GLN A 67 11.82 6.80 -14.98
N ARG A 68 12.97 7.16 -14.41
CA ARG A 68 13.77 8.16 -15.13
C ARG A 68 14.93 7.47 -15.80
N ALA A 69 15.16 6.24 -15.39
CA ALA A 69 16.26 5.46 -15.89
C ALA A 69 15.87 4.80 -17.20
N GLN A 70 14.60 4.94 -17.54
CA GLN A 70 14.11 4.38 -18.78
C GLN A 70 14.12 5.47 -19.82
N MET B 1 -5.62 -21.97 4.10
CA MET B 1 -4.83 -23.04 4.68
C MET B 1 -3.65 -22.44 5.38
N LYS B 2 -3.48 -22.81 6.66
CA LYS B 2 -2.41 -22.33 7.53
C LYS B 2 -2.57 -20.82 7.79
N PRO B 3 -3.06 -20.44 8.95
CA PRO B 3 -3.32 -19.06 9.27
C PRO B 3 -2.03 -18.27 9.52
N LYS B 4 -1.96 -17.10 8.95
CA LYS B 4 -0.88 -16.20 9.25
C LYS B 4 -1.45 -14.97 9.91
N THR B 5 -1.39 -15.00 11.21
CA THR B 5 -1.95 -13.99 12.04
C THR B 5 -1.18 -12.67 11.90
N ALA B 6 -1.91 -11.57 11.83
CA ALA B 6 -1.30 -10.27 11.84
C ALA B 6 -1.08 -9.90 13.29
N SER B 7 -0.10 -10.52 13.87
CA SER B 7 0.26 -10.40 15.25
C SER B 7 0.62 -8.96 15.62
N GLU B 8 0.23 -8.56 16.81
CA GLU B 8 0.58 -7.25 17.27
C GLU B 8 2.01 -7.28 17.80
N HIS B 9 2.94 -7.17 16.90
CA HIS B 9 4.35 -7.09 17.26
C HIS B 9 4.81 -5.65 17.13
N ARG B 10 3.87 -4.81 16.76
CA ARG B 10 4.13 -3.43 16.52
C ARG B 10 2.88 -2.63 16.85
N LYS B 11 3.06 -1.47 17.40
CA LYS B 11 1.95 -0.60 17.80
C LYS B 11 2.47 0.82 17.88
N SER B 12 1.58 1.78 17.88
CA SER B 12 1.93 3.16 18.01
C SER B 12 0.90 3.78 18.94
N SER B 13 1.31 4.03 20.16
CA SER B 13 0.42 4.59 21.15
C SER B 13 0.54 6.10 21.24
N LYS B 14 1.42 6.68 20.45
CA LYS B 14 1.50 8.10 20.36
C LYS B 14 0.51 8.56 19.32
N PRO B 15 -0.42 9.43 19.72
CA PRO B 15 -1.52 9.89 18.87
C PRO B 15 -1.01 10.59 17.62
N ILE B 16 0.04 11.33 17.80
CA ILE B 16 0.60 12.10 16.73
C ILE B 16 1.40 11.18 15.80
N MET B 17 2.16 10.28 16.38
CA MET B 17 2.98 9.35 15.59
C MET B 17 2.13 8.42 14.78
N GLU B 18 1.04 7.95 15.37
CA GLU B 18 0.16 7.07 14.66
C GLU B 18 -0.57 7.83 13.57
N LYS B 19 -0.81 9.12 13.80
CA LYS B 19 -1.52 9.94 12.85
C LYS B 19 -0.64 10.28 11.67
N ARG B 20 0.60 10.65 11.95
CA ARG B 20 1.59 10.97 10.92
C ARG B 20 1.80 9.77 10.01
N ARG B 21 1.89 8.62 10.64
CA ARG B 21 2.03 7.37 9.93
C ARG B 21 0.80 7.13 9.06
N ARG B 22 -0.36 7.17 9.69
CA ARG B 22 -1.65 6.92 9.06
C ARG B 22 -1.85 7.82 7.85
N ALA B 23 -1.58 9.10 8.03
CA ALA B 23 -1.69 10.08 6.98
C ALA B 23 -0.80 9.68 5.82
N ARG B 24 0.46 9.39 6.11
CA ARG B 24 1.40 9.04 5.08
C ARG B 24 1.03 7.71 4.42
N ILE B 25 0.42 6.79 5.16
CA ILE B 25 -0.08 5.53 4.60
C ILE B 25 -1.09 5.81 3.48
N ASN B 26 -2.14 6.54 3.83
CA ASN B 26 -3.19 6.87 2.87
C ASN B 26 -2.64 7.66 1.71
N GLU B 27 -1.79 8.62 2.04
CA GLU B 27 -1.20 9.49 1.06
C GLU B 27 -0.24 8.79 0.11
N SER B 28 0.52 7.84 0.61
CA SER B 28 1.48 7.17 -0.23
C SER B 28 0.77 6.20 -1.14
N LEU B 29 -0.20 5.48 -0.58
CA LEU B 29 -0.99 4.52 -1.32
C LEU B 29 -1.76 5.23 -2.45
N SER B 30 -2.24 6.43 -2.16
CA SER B 30 -2.99 7.18 -3.14
C SER B 30 -2.08 7.61 -4.30
N GLN B 31 -0.93 8.22 -4.01
CA GLN B 31 -0.03 8.68 -5.07
C GLN B 31 0.59 7.49 -5.80
N LEU B 32 0.75 6.39 -5.09
CA LEU B 32 1.22 5.12 -5.61
C LEU B 32 0.29 4.69 -6.73
N LYS B 33 -0.98 4.62 -6.40
CA LYS B 33 -2.07 4.34 -7.34
C LYS B 33 -1.94 5.21 -8.58
N THR B 34 -1.75 6.49 -8.34
CA THR B 34 -1.77 7.48 -9.36
C THR B 34 -0.58 7.34 -10.30
N LEU B 35 0.61 7.33 -9.75
CA LEU B 35 1.82 7.31 -10.54
C LEU B 35 1.98 6.01 -11.30
N ILE B 36 1.56 4.90 -10.70
CA ILE B 36 1.64 3.62 -11.38
C ILE B 36 0.69 3.59 -12.55
N LEU B 37 -0.59 3.84 -12.30
CA LEU B 37 -1.61 3.72 -13.32
C LEU B 37 -1.32 4.69 -14.45
N ASP B 38 -0.81 5.85 -14.09
CA ASP B 38 -0.52 6.89 -15.04
C ASP B 38 0.70 6.57 -15.86
N ALA B 39 1.57 5.75 -15.33
CA ALA B 39 2.75 5.41 -16.06
C ALA B 39 2.47 4.36 -17.13
N LEU B 40 1.49 3.50 -16.90
CA LEU B 40 1.16 2.53 -17.94
C LEU B 40 0.12 3.08 -18.83
N LYS B 41 -0.74 3.91 -18.24
CA LYS B 41 -1.87 4.52 -18.91
C LYS B 41 -2.84 3.44 -19.36
N LYS B 42 -3.42 2.80 -18.36
CA LYS B 42 -4.34 1.73 -18.58
C LYS B 42 -5.72 2.24 -18.95
N ASP B 43 -6.39 2.85 -17.99
CA ASP B 43 -7.74 3.39 -18.21
C ASP B 43 -8.18 4.01 -16.96
N SER B 44 -8.93 5.03 -17.08
CA SER B 44 -9.41 5.74 -15.97
C SER B 44 -10.55 4.99 -15.24
N SER B 45 -11.24 4.09 -15.95
CA SER B 45 -12.33 3.33 -15.36
C SER B 45 -11.75 2.32 -14.38
N ARG B 46 -10.71 1.62 -14.82
CA ARG B 46 -10.07 0.62 -13.98
C ARG B 46 -9.16 1.28 -12.95
N HIS B 47 -8.99 2.59 -13.08
CA HIS B 47 -8.30 3.42 -12.10
C HIS B 47 -9.30 3.85 -11.01
N SER B 48 -10.56 3.92 -11.39
CA SER B 48 -11.62 4.30 -10.47
C SER B 48 -12.22 3.05 -9.81
N LYS B 49 -11.76 1.93 -10.28
CA LYS B 49 -12.21 0.63 -9.83
C LYS B 49 -11.04 -0.05 -9.14
N LEU B 50 -10.18 0.75 -8.66
CA LEU B 50 -9.01 0.30 -8.01
C LEU B 50 -9.26 0.01 -6.56
N GLU B 51 -9.19 -1.23 -6.26
CA GLU B 51 -9.30 -1.70 -4.90
C GLU B 51 -7.90 -1.72 -4.34
N LYS B 52 -7.77 -1.70 -3.03
CA LYS B 52 -6.46 -1.65 -2.38
C LYS B 52 -5.53 -2.76 -2.89
N ALA B 53 -6.05 -3.95 -2.98
CA ALA B 53 -5.30 -5.11 -3.47
C ALA B 53 -4.91 -4.97 -4.95
N ASP B 54 -5.70 -4.19 -5.69
CA ASP B 54 -5.49 -4.05 -7.15
C ASP B 54 -4.35 -3.09 -7.35
N ILE B 55 -4.42 -2.04 -6.55
CA ILE B 55 -3.44 -0.97 -6.53
C ILE B 55 -2.07 -1.48 -6.08
N LEU B 56 -2.05 -2.20 -4.94
CA LEU B 56 -0.80 -2.72 -4.38
C LEU B 56 -0.09 -3.57 -5.39
N GLU B 57 -0.83 -4.52 -5.92
CA GLU B 57 -0.29 -5.46 -6.85
C GLU B 57 0.16 -4.79 -8.13
N MET B 58 -0.55 -3.78 -8.57
CA MET B 58 -0.27 -3.13 -9.84
C MET B 58 1.11 -2.50 -9.79
N THR B 59 1.39 -1.92 -8.67
CA THR B 59 2.63 -1.28 -8.37
C THR B 59 3.77 -2.32 -8.36
N VAL B 60 3.51 -3.48 -7.79
CA VAL B 60 4.50 -4.55 -7.72
C VAL B 60 4.72 -5.16 -9.11
N LYS B 61 3.66 -5.34 -9.86
CA LYS B 61 3.73 -5.91 -11.19
C LYS B 61 4.46 -4.95 -12.14
N HIS B 62 4.15 -3.66 -12.01
CA HIS B 62 4.82 -2.63 -12.81
C HIS B 62 6.29 -2.51 -12.40
N LEU B 63 6.59 -2.88 -11.15
CA LEU B 63 7.95 -2.92 -10.65
C LEU B 63 8.74 -3.89 -11.48
N ARG B 64 8.18 -5.07 -11.69
CA ARG B 64 8.84 -6.07 -12.50
C ARG B 64 9.01 -5.60 -13.92
N ASN B 65 8.03 -4.89 -14.44
CA ASN B 65 8.07 -4.37 -15.80
C ASN B 65 9.24 -3.40 -15.97
N LEU B 66 9.38 -2.50 -15.03
CA LEU B 66 10.48 -1.53 -15.06
C LEU B 66 11.82 -2.20 -14.76
N GLN B 67 11.78 -3.24 -13.96
CA GLN B 67 12.99 -3.98 -13.61
C GLN B 67 13.43 -4.95 -14.73
N ARG B 68 12.56 -5.20 -15.68
CA ARG B 68 12.85 -6.16 -16.76
C ARG B 68 13.16 -5.45 -18.06
N ALA B 69 13.15 -4.14 -18.02
CA ALA B 69 13.38 -3.38 -19.24
C ALA B 69 14.86 -3.34 -19.56
N GLN B 70 15.67 -3.86 -18.65
CA GLN B 70 17.09 -3.91 -18.83
C GLN B 70 17.54 -5.35 -18.60
N MET A 1 -32.30 -4.35 4.24
CA MET A 1 -33.08 -3.36 3.49
C MET A 1 -33.51 -2.19 4.37
N LYS A 2 -33.94 -2.46 5.59
CA LYS A 2 -34.37 -1.40 6.47
C LYS A 2 -33.19 -0.84 7.26
N PRO A 3 -33.24 0.46 7.60
CA PRO A 3 -32.25 1.08 8.47
C PRO A 3 -32.44 0.58 9.91
N LYS A 4 -31.38 0.50 10.68
CA LYS A 4 -31.50 -0.01 12.04
C LYS A 4 -31.37 1.15 13.03
N THR A 5 -30.26 1.82 13.03
CA THR A 5 -30.08 2.96 13.89
C THR A 5 -30.38 4.25 13.13
N ALA A 6 -29.96 4.27 11.89
CA ALA A 6 -30.15 5.38 11.02
C ALA A 6 -30.03 4.84 9.62
N SER A 7 -30.09 5.68 8.62
CA SER A 7 -29.95 5.22 7.26
C SER A 7 -28.47 5.05 6.91
N GLU A 8 -27.61 5.68 7.69
CA GLU A 8 -26.20 5.63 7.44
C GLU A 8 -25.56 4.37 8.06
N HIS A 9 -25.71 3.27 7.37
CA HIS A 9 -24.98 2.05 7.65
C HIS A 9 -24.17 1.81 6.42
N ARG A 10 -22.99 2.36 6.38
CA ARG A 10 -22.28 2.37 5.14
C ARG A 10 -20.99 1.60 5.12
N LYS A 11 -21.02 0.60 4.31
CA LYS A 11 -19.89 -0.16 3.91
C LYS A 11 -20.36 -0.90 2.70
N SER A 12 -19.49 -1.18 1.79
CA SER A 12 -19.91 -1.85 0.59
C SER A 12 -19.04 -3.04 0.30
N SER A 13 -19.25 -4.09 1.04
CA SER A 13 -18.51 -5.30 0.87
C SER A 13 -19.20 -6.45 1.55
N LYS A 14 -18.88 -7.62 1.10
CA LYS A 14 -19.35 -8.85 1.70
C LYS A 14 -18.28 -9.37 2.58
N PRO A 15 -18.62 -9.94 3.72
CA PRO A 15 -17.63 -10.54 4.62
C PRO A 15 -16.75 -11.56 3.89
N ILE A 16 -17.36 -12.35 2.99
CA ILE A 16 -16.61 -13.33 2.20
C ILE A 16 -15.74 -12.65 1.15
N MET A 17 -16.29 -11.65 0.47
CA MET A 17 -15.54 -10.96 -0.57
C MET A 17 -14.43 -10.11 -0.02
N GLU A 18 -14.68 -9.46 1.09
CA GLU A 18 -13.63 -8.65 1.71
C GLU A 18 -12.58 -9.53 2.38
N LYS A 19 -12.96 -10.76 2.71
CA LYS A 19 -12.02 -11.72 3.28
C LYS A 19 -11.05 -12.11 2.15
N ARG A 20 -11.63 -12.30 0.97
CA ARG A 20 -10.87 -12.58 -0.23
C ARG A 20 -9.99 -11.39 -0.59
N ARG A 21 -10.59 -10.22 -0.56
CA ARG A 21 -9.91 -8.97 -0.84
C ARG A 21 -8.71 -8.76 0.10
N ARG A 22 -8.90 -8.88 1.42
CA ARG A 22 -7.80 -8.66 2.38
C ARG A 22 -6.64 -9.59 2.14
N ALA A 23 -6.94 -10.84 1.79
CA ALA A 23 -5.91 -11.81 1.51
C ALA A 23 -5.06 -11.31 0.38
N ARG A 24 -5.72 -10.90 -0.70
CA ARG A 24 -5.04 -10.39 -1.89
C ARG A 24 -4.25 -9.12 -1.55
N ILE A 25 -4.85 -8.25 -0.71
CA ILE A 25 -4.19 -7.03 -0.24
C ILE A 25 -2.89 -7.35 0.47
N ASN A 26 -2.99 -8.18 1.50
CA ASN A 26 -1.84 -8.53 2.33
C ASN A 26 -0.79 -9.21 1.52
N GLU A 27 -1.23 -10.14 0.68
CA GLU A 27 -0.31 -10.85 -0.23
C GLU A 27 0.45 -9.89 -1.14
N SER A 28 -0.22 -8.85 -1.62
CA SER A 28 0.40 -7.92 -2.52
C SER A 28 1.33 -6.97 -1.76
N LEU A 29 0.91 -6.54 -0.57
CA LEU A 29 1.70 -5.67 0.28
C LEU A 29 2.97 -6.43 0.72
N SER A 30 2.79 -7.70 1.01
CA SER A 30 3.86 -8.58 1.43
C SER A 30 4.95 -8.67 0.38
N GLN A 31 4.58 -9.04 -0.85
CA GLN A 31 5.56 -9.17 -1.93
C GLN A 31 6.15 -7.80 -2.29
N LEU A 32 5.36 -6.76 -2.10
CA LEU A 32 5.73 -5.39 -2.38
C LEU A 32 6.96 -4.98 -1.55
N LYS A 33 6.83 -5.05 -0.24
CA LYS A 33 7.94 -4.72 0.66
C LYS A 33 9.13 -5.66 0.44
N THR A 34 8.83 -6.89 0.04
CA THR A 34 9.85 -7.88 -0.18
C THR A 34 10.70 -7.53 -1.39
N LEU A 35 10.06 -7.34 -2.54
CA LEU A 35 10.78 -7.06 -3.78
C LEU A 35 11.48 -5.73 -3.75
N ILE A 36 10.93 -4.78 -3.03
CA ILE A 36 11.58 -3.50 -2.85
C ILE A 36 12.91 -3.69 -2.12
N LEU A 37 12.86 -4.38 -1.01
CA LEU A 37 14.06 -4.56 -0.22
C LEU A 37 15.01 -5.56 -0.94
N ASP A 38 14.46 -6.39 -1.77
CA ASP A 38 15.23 -7.44 -2.48
C ASP A 38 15.92 -6.92 -3.74
N ALA A 39 15.30 -5.98 -4.43
CA ALA A 39 15.86 -5.48 -5.68
C ALA A 39 16.87 -4.42 -5.40
N LEU A 40 16.57 -3.66 -4.38
CA LEU A 40 17.34 -2.50 -4.05
C LEU A 40 18.34 -2.81 -2.98
N LYS A 41 17.98 -3.77 -2.13
CA LYS A 41 18.81 -4.28 -1.04
C LYS A 41 19.43 -3.22 -0.19
N LYS A 42 18.58 -2.60 0.57
CA LYS A 42 18.98 -1.59 1.50
C LYS A 42 19.62 -2.23 2.73
N ASP A 43 18.80 -2.71 3.64
CA ASP A 43 19.29 -3.40 4.83
C ASP A 43 18.18 -4.18 5.39
N SER A 44 18.51 -5.23 6.02
CA SER A 44 17.55 -6.11 6.55
C SER A 44 17.09 -5.59 7.93
N SER A 45 17.99 -4.89 8.59
CA SER A 45 17.75 -4.38 9.92
C SER A 45 16.65 -3.31 9.91
N ARG A 46 16.79 -2.35 9.00
CA ARG A 46 15.86 -1.25 8.95
C ARG A 46 14.58 -1.65 8.23
N HIS A 47 14.60 -2.79 7.54
CA HIS A 47 13.39 -3.35 6.87
C HIS A 47 12.30 -3.55 7.93
N SER A 48 12.72 -3.99 9.08
CA SER A 48 11.84 -4.24 10.18
C SER A 48 11.55 -2.95 10.98
N LYS A 49 11.89 -1.82 10.42
CA LYS A 49 11.61 -0.54 11.03
C LYS A 49 10.95 0.39 10.00
N LEU A 50 10.51 -0.17 8.92
CA LEU A 50 9.74 0.59 8.00
C LEU A 50 8.31 0.54 8.46
N GLU A 51 7.71 1.67 8.61
CA GLU A 51 6.32 1.75 8.95
C GLU A 51 5.57 1.52 7.66
N LYS A 52 4.32 1.07 7.71
CA LYS A 52 3.55 0.78 6.47
C LYS A 52 3.58 1.93 5.48
N ALA A 53 3.49 3.12 6.02
CA ALA A 53 3.57 4.35 5.26
C ALA A 53 4.88 4.44 4.49
N ASP A 54 5.93 3.99 5.12
CA ASP A 54 7.27 4.10 4.57
C ASP A 54 7.49 3.02 3.54
N ILE A 55 6.88 1.84 3.77
CA ILE A 55 6.91 0.75 2.78
C ILE A 55 6.26 1.21 1.48
N LEU A 56 5.05 1.74 1.59
CA LEU A 56 4.30 2.19 0.43
C LEU A 56 5.07 3.28 -0.29
N GLU A 57 5.52 4.27 0.47
CA GLU A 57 6.28 5.37 -0.05
C GLU A 57 7.55 4.90 -0.73
N MET A 58 8.21 3.89 -0.16
CA MET A 58 9.50 3.43 -0.66
C MET A 58 9.33 2.86 -2.06
N THR A 59 8.27 2.13 -2.20
CA THR A 59 7.90 1.50 -3.43
C THR A 59 7.58 2.57 -4.50
N VAL A 60 6.90 3.63 -4.08
CA VAL A 60 6.58 4.74 -4.96
C VAL A 60 7.86 5.46 -5.38
N LYS A 61 8.65 5.88 -4.39
CA LYS A 61 9.91 6.61 -4.61
C LYS A 61 10.85 5.81 -5.51
N HIS A 62 10.88 4.53 -5.29
CA HIS A 62 11.73 3.65 -6.07
C HIS A 62 11.23 3.37 -7.46
N LEU A 63 9.92 3.45 -7.67
CA LEU A 63 9.42 3.24 -9.01
C LEU A 63 9.79 4.44 -9.83
N ARG A 64 9.91 5.61 -9.16
CA ARG A 64 10.32 6.85 -9.83
C ARG A 64 11.75 6.66 -10.29
N ASN A 65 12.55 6.09 -9.37
CA ASN A 65 13.95 5.80 -9.63
C ASN A 65 14.08 4.91 -10.84
N LEU A 66 13.40 3.78 -10.81
CA LEU A 66 13.43 2.81 -11.91
C LEU A 66 12.86 3.40 -13.21
N GLN A 67 11.92 4.32 -13.09
CA GLN A 67 11.35 5.00 -14.24
C GLN A 67 12.41 5.81 -14.98
N ARG A 68 13.28 6.45 -14.24
CA ARG A 68 14.29 7.31 -14.84
C ARG A 68 15.70 6.77 -14.66
N ALA A 69 15.82 5.50 -14.41
CA ALA A 69 17.13 4.84 -14.23
C ALA A 69 17.74 4.52 -15.59
N GLN A 70 17.42 5.33 -16.56
CA GLN A 70 17.78 5.11 -17.92
C GLN A 70 18.92 6.05 -18.24
N MET B 1 -3.01 17.70 30.32
CA MET B 1 -3.89 18.33 29.34
C MET B 1 -4.87 17.28 28.83
N LYS B 2 -6.16 17.55 29.00
CA LYS B 2 -7.26 16.61 28.68
C LYS B 2 -7.11 15.30 29.47
N PRO B 3 -7.83 15.18 30.60
CA PRO B 3 -7.73 14.05 31.53
C PRO B 3 -7.90 12.68 30.84
N LYS B 4 -6.93 11.83 31.05
CA LYS B 4 -6.94 10.48 30.55
C LYS B 4 -7.20 9.58 31.75
N THR B 5 -8.46 9.41 32.08
CA THR B 5 -8.81 8.66 33.25
C THR B 5 -10.01 7.75 32.96
N ALA B 6 -11.15 8.33 32.60
CA ALA B 6 -12.33 7.54 32.24
C ALA B 6 -12.07 6.87 30.91
N SER B 7 -11.30 7.54 30.11
CA SER B 7 -10.83 7.01 28.88
C SER B 7 -9.32 6.76 29.04
N GLU B 8 -8.93 5.48 28.97
CA GLU B 8 -7.55 5.02 29.20
C GLU B 8 -6.55 5.85 28.44
N HIS B 9 -6.70 5.87 27.11
CA HIS B 9 -5.75 6.49 26.23
C HIS B 9 -4.42 5.78 26.34
N ARG B 10 -4.34 4.67 25.64
CA ARG B 10 -3.21 3.78 25.67
C ARG B 10 -1.89 4.51 25.42
N LYS B 11 -0.99 4.34 26.35
CA LYS B 11 0.32 4.92 26.26
C LYS B 11 1.32 3.86 25.86
N SER B 12 1.50 3.73 24.60
CA SER B 12 2.42 2.78 24.03
C SER B 12 3.23 3.38 22.89
N SER B 13 2.75 4.46 22.38
CA SER B 13 3.33 5.14 21.28
C SER B 13 2.79 6.57 21.27
N LYS B 14 2.97 7.27 20.18
CA LYS B 14 2.44 8.57 20.05
C LYS B 14 1.26 8.60 19.15
N PRO B 15 0.13 9.05 19.70
CA PRO B 15 -1.12 9.17 18.96
C PRO B 15 -0.94 10.10 17.77
N ILE B 16 -0.20 11.18 17.98
CA ILE B 16 0.04 12.16 16.92
C ILE B 16 0.88 11.54 15.80
N MET B 17 1.89 10.81 16.18
CA MET B 17 2.84 10.24 15.23
C MET B 17 2.21 9.17 14.42
N GLU B 18 1.42 8.34 15.06
CA GLU B 18 0.78 7.27 14.34
C GLU B 18 -0.42 7.77 13.53
N LYS B 19 -0.94 8.94 13.90
CA LYS B 19 -2.02 9.54 13.14
C LYS B 19 -1.41 10.04 11.85
N ARG B 20 -0.24 10.66 11.97
CA ARG B 20 0.54 11.12 10.83
C ARG B 20 0.98 9.93 10.00
N ARG B 21 1.30 8.84 10.68
CA ARG B 21 1.67 7.59 10.04
C ARG B 21 0.54 7.11 9.19
N ARG B 22 -0.66 7.00 9.78
CA ARG B 22 -1.83 6.58 9.03
C ARG B 22 -2.11 7.49 7.88
N ALA B 23 -1.98 8.78 8.12
CA ALA B 23 -2.15 9.76 7.07
C ALA B 23 -1.20 9.46 5.93
N ARG B 24 0.07 9.25 6.24
CA ARG B 24 1.05 8.99 5.22
C ARG B 24 0.84 7.59 4.59
N ILE B 25 0.27 6.64 5.34
CA ILE B 25 -0.07 5.34 4.78
C ILE B 25 -1.05 5.55 3.64
N ASN B 26 -2.13 6.27 3.92
CA ASN B 26 -3.16 6.53 2.94
C ASN B 26 -2.63 7.40 1.82
N GLU B 27 -1.86 8.41 2.18
CA GLU B 27 -1.28 9.32 1.20
C GLU B 27 -0.26 8.63 0.28
N SER B 28 0.45 7.65 0.78
CA SER B 28 1.41 6.97 -0.04
C SER B 28 0.69 6.05 -0.99
N LEU B 29 -0.34 5.37 -0.49
CA LEU B 29 -1.15 4.48 -1.30
C LEU B 29 -1.87 5.31 -2.40
N SER B 30 -2.26 6.52 -2.00
CA SER B 30 -2.91 7.48 -2.89
C SER B 30 -2.00 7.81 -4.07
N GLN B 31 -0.80 8.31 -3.79
CA GLN B 31 0.12 8.73 -4.85
C GLN B 31 0.63 7.51 -5.64
N LEU B 32 0.69 6.39 -4.95
CA LEU B 32 1.12 5.12 -5.52
C LEU B 32 0.22 4.75 -6.70
N LYS B 33 -1.08 4.62 -6.45
CA LYS B 33 -2.04 4.28 -7.52
C LYS B 33 -2.06 5.37 -8.60
N THR B 34 -1.85 6.62 -8.18
CA THR B 34 -1.88 7.75 -9.06
C THR B 34 -0.77 7.67 -10.11
N LEU B 35 0.47 7.55 -9.65
CA LEU B 35 1.61 7.53 -10.56
C LEU B 35 1.73 6.21 -11.31
N ILE B 36 1.24 5.13 -10.71
CA ILE B 36 1.22 3.83 -11.37
C ILE B 36 0.39 3.86 -12.63
N LEU B 37 -0.85 4.28 -12.52
CA LEU B 37 -1.72 4.23 -13.64
C LEU B 37 -1.40 5.34 -14.61
N ASP B 38 -0.74 6.34 -14.11
CA ASP B 38 -0.26 7.45 -14.93
C ASP B 38 0.90 7.02 -15.83
N ALA B 39 1.67 6.06 -15.35
CA ALA B 39 2.81 5.57 -16.09
C ALA B 39 2.37 4.54 -17.09
N LEU B 40 1.36 3.79 -16.73
CA LEU B 40 0.91 2.70 -17.56
C LEU B 40 -0.19 3.15 -18.50
N LYS B 41 -1.06 4.00 -17.98
CA LYS B 41 -2.20 4.56 -18.69
C LYS B 41 -3.03 3.48 -19.32
N LYS B 42 -3.61 2.69 -18.44
CA LYS B 42 -4.45 1.59 -18.83
C LYS B 42 -5.83 2.11 -19.21
N ASP B 43 -6.58 2.56 -18.21
CA ASP B 43 -7.92 3.02 -18.41
C ASP B 43 -8.32 3.83 -17.24
N SER B 44 -8.89 4.96 -17.49
CA SER B 44 -9.24 5.81 -16.44
C SER B 44 -10.64 5.50 -15.86
N SER B 45 -11.41 4.73 -16.59
CA SER B 45 -12.69 4.29 -16.13
C SER B 45 -12.46 3.29 -14.98
N ARG B 46 -11.62 2.30 -15.23
CA ARG B 46 -11.32 1.28 -14.25
C ARG B 46 -10.44 1.82 -13.14
N HIS B 47 -9.92 3.04 -13.34
CA HIS B 47 -9.15 3.76 -12.32
C HIS B 47 -10.09 4.03 -11.11
N SER B 48 -11.38 4.03 -11.37
CA SER B 48 -12.37 4.30 -10.36
C SER B 48 -12.86 3.00 -9.71
N LYS B 49 -12.28 1.90 -10.11
CA LYS B 49 -12.65 0.58 -9.61
C LYS B 49 -11.37 -0.18 -9.26
N LEU B 50 -10.43 0.54 -8.74
CA LEU B 50 -9.22 -0.07 -8.29
C LEU B 50 -9.42 -0.62 -6.90
N GLU B 51 -9.16 -1.87 -6.78
CA GLU B 51 -9.19 -2.55 -5.52
C GLU B 51 -7.83 -2.37 -4.89
N LYS B 52 -7.76 -2.22 -3.59
CA LYS B 52 -6.49 -2.03 -2.91
C LYS B 52 -5.50 -3.14 -3.24
N ALA B 53 -6.02 -4.33 -3.33
CA ALA B 53 -5.25 -5.51 -3.69
C ALA B 53 -4.69 -5.40 -5.11
N ASP B 54 -5.45 -4.74 -5.96
CA ASP B 54 -5.12 -4.60 -7.37
C ASP B 54 -4.09 -3.53 -7.53
N ILE B 55 -4.27 -2.49 -6.75
CA ILE B 55 -3.39 -1.33 -6.68
C ILE B 55 -1.99 -1.74 -6.23
N LEU B 56 -1.91 -2.42 -5.08
CA LEU B 56 -0.63 -2.84 -4.51
C LEU B 56 0.10 -3.72 -5.51
N GLU B 57 -0.62 -4.68 -6.05
CA GLU B 57 -0.10 -5.60 -7.01
C GLU B 57 0.36 -4.89 -8.28
N MET B 58 -0.36 -3.87 -8.71
CA MET B 58 -0.05 -3.22 -9.98
C MET B 58 1.27 -2.47 -9.86
N THR B 59 1.51 -2.00 -8.67
CA THR B 59 2.70 -1.28 -8.34
C THR B 59 3.90 -2.23 -8.33
N VAL B 60 3.70 -3.41 -7.77
CA VAL B 60 4.73 -4.44 -7.73
C VAL B 60 4.98 -4.98 -9.14
N LYS B 61 3.91 -5.17 -9.89
CA LYS B 61 4.02 -5.66 -11.25
C LYS B 61 4.73 -4.66 -12.15
N HIS B 62 4.55 -3.38 -11.86
CA HIS B 62 5.24 -2.31 -12.56
C HIS B 62 6.73 -2.32 -12.17
N LEU B 63 7.02 -2.77 -10.95
CA LEU B 63 8.37 -2.85 -10.44
C LEU B 63 9.09 -3.86 -11.28
N ARG B 64 8.38 -4.95 -11.56
CA ARG B 64 8.92 -6.05 -12.35
C ARG B 64 9.25 -5.54 -13.73
N ASN B 65 8.30 -4.83 -14.33
CA ASN B 65 8.41 -4.31 -15.69
C ASN B 65 9.63 -3.47 -15.85
N LEU B 66 9.79 -2.54 -14.95
CA LEU B 66 10.92 -1.68 -14.97
C LEU B 66 12.20 -2.48 -14.77
N GLN B 67 12.17 -3.40 -13.81
CA GLN B 67 13.36 -4.19 -13.44
C GLN B 67 13.87 -5.09 -14.57
N ARG B 68 13.02 -5.38 -15.52
CA ARG B 68 13.39 -6.30 -16.59
C ARG B 68 13.49 -5.59 -17.90
N ALA B 69 13.36 -4.29 -17.83
CA ALA B 69 13.47 -3.44 -18.98
C ALA B 69 14.88 -2.91 -19.07
N GLN B 70 15.77 -3.54 -18.34
CA GLN B 70 17.13 -3.10 -18.30
C GLN B 70 17.86 -3.75 -19.45
N MET A 1 -35.09 -1.75 13.90
CA MET A 1 -33.97 -1.07 14.54
C MET A 1 -33.22 -2.05 15.43
N LYS A 2 -32.14 -1.56 16.04
CA LYS A 2 -31.24 -2.33 16.92
C LYS A 2 -30.51 -3.39 16.14
N PRO A 3 -29.34 -3.06 15.59
CA PRO A 3 -28.53 -4.00 14.86
C PRO A 3 -27.91 -5.00 15.83
N LYS A 4 -28.57 -6.11 15.99
CA LYS A 4 -28.16 -7.13 16.91
C LYS A 4 -27.61 -8.32 16.18
N THR A 5 -28.32 -8.77 15.18
CA THR A 5 -27.92 -9.93 14.43
C THR A 5 -27.13 -9.53 13.19
N ALA A 6 -27.64 -8.50 12.51
CA ALA A 6 -27.00 -8.03 11.28
C ALA A 6 -25.73 -7.28 11.63
N SER A 7 -25.90 -6.10 12.23
CA SER A 7 -24.79 -5.25 12.67
C SER A 7 -23.94 -4.72 11.49
N GLU A 8 -22.98 -3.84 11.82
CA GLU A 8 -22.02 -3.27 10.87
C GLU A 8 -22.75 -2.48 9.74
N HIS A 9 -23.28 -1.32 10.08
CA HIS A 9 -23.99 -0.50 9.10
C HIS A 9 -23.21 0.74 8.76
N ARG A 10 -22.13 0.51 8.07
CA ARG A 10 -21.20 1.52 7.56
C ARG A 10 -20.42 0.80 6.47
N LYS A 11 -21.07 -0.18 5.91
CA LYS A 11 -20.43 -1.12 5.05
C LYS A 11 -21.48 -1.77 4.17
N SER A 12 -21.22 -1.86 2.89
CA SER A 12 -22.12 -2.52 1.99
C SER A 12 -21.31 -3.08 0.82
N SER A 13 -21.11 -4.38 0.86
CA SER A 13 -20.34 -5.13 -0.11
C SER A 13 -20.43 -6.60 0.27
N LYS A 14 -19.65 -7.46 -0.36
CA LYS A 14 -19.67 -8.86 -0.03
C LYS A 14 -18.47 -9.26 0.77
N PRO A 15 -18.72 -9.78 1.98
CA PRO A 15 -17.66 -10.18 2.90
C PRO A 15 -16.78 -11.28 2.31
N ILE A 16 -17.40 -12.20 1.57
CA ILE A 16 -16.65 -13.31 0.96
C ILE A 16 -15.74 -12.79 -0.14
N MET A 17 -16.27 -11.90 -0.96
CA MET A 17 -15.52 -11.36 -2.08
C MET A 17 -14.37 -10.52 -1.60
N GLU A 18 -14.63 -9.70 -0.61
CA GLU A 18 -13.60 -8.83 -0.14
C GLU A 18 -12.65 -9.53 0.82
N LYS A 19 -13.03 -10.69 1.32
CA LYS A 19 -12.13 -11.50 2.15
C LYS A 19 -11.04 -12.01 1.22
N ARG A 20 -11.49 -12.42 0.04
CA ARG A 20 -10.62 -12.90 -1.03
C ARG A 20 -9.71 -11.77 -1.49
N ARG A 21 -10.32 -10.61 -1.69
CA ARG A 21 -9.60 -9.39 -2.03
C ARG A 21 -8.56 -9.07 -0.96
N ARG A 22 -9.00 -9.09 0.28
CA ARG A 22 -8.14 -8.82 1.41
C ARG A 22 -6.94 -9.77 1.47
N ALA A 23 -7.14 -11.02 1.09
CA ALA A 23 -6.06 -11.97 1.04
C ALA A 23 -5.05 -11.48 0.00
N ARG A 24 -5.57 -11.02 -1.13
CA ARG A 24 -4.76 -10.46 -2.21
C ARG A 24 -4.03 -9.20 -1.75
N ILE A 25 -4.63 -8.45 -0.82
CA ILE A 25 -4.01 -7.27 -0.24
C ILE A 25 -2.74 -7.69 0.50
N ASN A 26 -2.89 -8.67 1.40
CA ASN A 26 -1.75 -9.17 2.17
C ASN A 26 -0.71 -9.75 1.24
N GLU A 27 -1.19 -10.52 0.25
CA GLU A 27 -0.32 -11.12 -0.76
C GLU A 27 0.53 -10.07 -1.46
N SER A 28 -0.12 -9.01 -1.90
CA SER A 28 0.53 -8.00 -2.68
C SER A 28 1.44 -7.13 -1.81
N LEU A 29 0.96 -6.73 -0.65
CA LEU A 29 1.72 -5.85 0.25
C LEU A 29 2.98 -6.56 0.74
N SER A 30 2.84 -7.84 1.06
CA SER A 30 3.94 -8.62 1.56
C SER A 30 5.04 -8.71 0.50
N GLN A 31 4.67 -9.07 -0.73
CA GLN A 31 5.66 -9.23 -1.78
C GLN A 31 6.18 -7.87 -2.24
N LEU A 32 5.36 -6.84 -2.07
CA LEU A 32 5.69 -5.47 -2.43
C LEU A 32 6.95 -5.01 -1.70
N LYS A 33 6.89 -5.04 -0.38
CA LYS A 33 8.04 -4.66 0.44
C LYS A 33 9.23 -5.59 0.18
N THR A 34 8.93 -6.86 -0.03
CA THR A 34 9.93 -7.87 -0.25
C THR A 34 10.73 -7.58 -1.53
N LEU A 35 10.06 -7.41 -2.65
CA LEU A 35 10.73 -7.17 -3.90
C LEU A 35 11.36 -5.79 -3.95
N ILE A 36 10.75 -4.84 -3.30
CA ILE A 36 11.32 -3.51 -3.19
C ILE A 36 12.66 -3.56 -2.43
N LEU A 37 12.68 -4.33 -1.36
CA LEU A 37 13.84 -4.47 -0.56
C LEU A 37 14.88 -5.29 -1.32
N ASP A 38 14.45 -6.30 -2.04
CA ASP A 38 15.35 -7.22 -2.76
C ASP A 38 15.88 -6.62 -4.04
N ALA A 39 15.15 -5.70 -4.59
CA ALA A 39 15.54 -5.05 -5.80
C ALA A 39 16.68 -4.13 -5.53
N LEU A 40 16.62 -3.40 -4.44
CA LEU A 40 17.70 -2.49 -4.19
C LEU A 40 18.68 -2.98 -3.15
N LYS A 41 18.18 -3.80 -2.23
CA LYS A 41 18.97 -4.33 -1.12
C LYS A 41 19.60 -3.21 -0.35
N LYS A 42 18.73 -2.46 0.27
CA LYS A 42 19.11 -1.32 1.04
C LYS A 42 19.58 -1.74 2.38
N ASP A 43 18.65 -2.16 3.22
CA ASP A 43 18.97 -2.55 4.58
C ASP A 43 17.96 -3.54 5.07
N SER A 44 18.38 -4.38 5.96
CA SER A 44 17.51 -5.33 6.61
C SER A 44 16.90 -4.65 7.86
N SER A 45 17.64 -3.71 8.44
CA SER A 45 17.25 -2.99 9.64
C SER A 45 15.96 -2.18 9.40
N ARG A 46 15.95 -1.35 8.35
CA ARG A 46 14.75 -0.59 8.01
C ARG A 46 13.64 -1.48 7.53
N HIS A 47 14.00 -2.59 6.87
CA HIS A 47 13.02 -3.56 6.36
C HIS A 47 12.16 -4.13 7.49
N SER A 48 12.79 -4.51 8.56
CA SER A 48 12.08 -5.10 9.68
C SER A 48 11.51 -4.05 10.64
N LYS A 49 11.66 -2.80 10.26
CA LYS A 49 11.13 -1.70 11.04
C LYS A 49 10.27 -0.83 10.12
N LEU A 50 9.91 -1.41 9.00
CA LEU A 50 9.13 -0.75 8.01
C LEU A 50 7.71 -0.54 8.44
N GLU A 51 7.37 0.71 8.59
CA GLU A 51 6.02 1.13 8.86
C GLU A 51 5.25 1.04 7.56
N LYS A 52 3.97 0.78 7.63
CA LYS A 52 3.13 0.61 6.46
C LYS A 52 3.26 1.73 5.44
N ALA A 53 3.21 2.95 5.92
CA ALA A 53 3.34 4.13 5.08
C ALA A 53 4.73 4.22 4.46
N ASP A 54 5.70 3.72 5.19
CA ASP A 54 7.12 3.80 4.80
C ASP A 54 7.37 2.83 3.67
N ILE A 55 6.68 1.74 3.75
CA ILE A 55 6.71 0.69 2.76
C ILE A 55 6.09 1.17 1.44
N LEU A 56 4.91 1.76 1.55
CA LEU A 56 4.20 2.24 0.37
C LEU A 56 5.03 3.29 -0.34
N GLU A 57 5.50 4.28 0.42
CA GLU A 57 6.33 5.35 -0.10
C GLU A 57 7.61 4.84 -0.73
N MET A 58 8.20 3.81 -0.15
CA MET A 58 9.47 3.29 -0.63
C MET A 58 9.28 2.72 -2.02
N THR A 59 8.18 2.08 -2.20
CA THR A 59 7.80 1.47 -3.44
C THR A 59 7.53 2.55 -4.52
N VAL A 60 6.87 3.63 -4.11
CA VAL A 60 6.58 4.74 -5.03
C VAL A 60 7.87 5.45 -5.41
N LYS A 61 8.67 5.78 -4.43
CA LYS A 61 9.90 6.49 -4.64
C LYS A 61 10.86 5.67 -5.52
N HIS A 62 10.88 4.36 -5.29
CA HIS A 62 11.72 3.45 -6.06
C HIS A 62 11.29 3.37 -7.51
N LEU A 63 10.00 3.49 -7.78
CA LEU A 63 9.54 3.44 -9.14
C LEU A 63 10.06 4.64 -9.90
N ARG A 64 10.06 5.84 -9.26
CA ARG A 64 10.59 7.02 -9.96
C ARG A 64 12.06 6.90 -10.20
N ASN A 65 12.78 6.28 -9.26
CA ASN A 65 14.22 6.06 -9.41
C ASN A 65 14.47 5.35 -10.70
N LEU A 66 13.75 4.26 -10.89
CA LEU A 66 13.84 3.48 -12.08
C LEU A 66 13.39 4.31 -13.29
N GLN A 67 12.29 5.01 -13.13
CA GLN A 67 11.66 5.78 -14.23
C GLN A 67 12.58 6.89 -14.79
N ARG A 68 13.56 7.31 -14.02
CA ARG A 68 14.40 8.39 -14.45
C ARG A 68 15.84 7.95 -14.67
N ALA A 69 16.15 6.74 -14.29
CA ALA A 69 17.52 6.26 -14.35
C ALA A 69 17.73 5.21 -15.41
N GLN A 70 16.68 4.75 -16.06
CA GLN A 70 16.88 3.74 -17.07
C GLN A 70 17.04 4.46 -18.39
N MET B 1 -17.14 3.44 1.18
CA MET B 1 -15.84 2.84 0.88
C MET B 1 -14.93 2.87 2.10
N LYS B 2 -14.96 3.95 2.85
CA LYS B 2 -14.11 4.07 4.02
C LYS B 2 -14.98 4.11 5.29
N PRO B 3 -15.03 3.00 6.05
CA PRO B 3 -15.80 2.92 7.29
C PRO B 3 -14.99 3.40 8.49
N LYS B 4 -14.24 4.50 8.30
CA LYS B 4 -13.40 5.15 9.33
C LYS B 4 -12.16 4.33 9.71
N THR B 5 -12.38 3.12 10.16
CA THR B 5 -11.31 2.29 10.66
C THR B 5 -11.05 1.03 9.83
N ALA B 6 -12.02 0.14 9.81
CA ALA B 6 -11.88 -1.19 9.23
C ALA B 6 -11.76 -1.21 7.70
N SER B 7 -10.54 -1.06 7.21
CA SER B 7 -10.15 -1.19 5.81
C SER B 7 -8.63 -1.30 5.69
N GLU B 8 -7.99 -1.61 6.81
CA GLU B 8 -6.55 -1.66 6.90
C GLU B 8 -6.17 -2.16 8.28
N HIS B 9 -5.07 -2.87 8.39
CA HIS B 9 -4.63 -3.35 9.65
C HIS B 9 -3.50 -2.47 10.19
N ARG B 10 -3.64 -2.07 11.42
CA ARG B 10 -2.65 -1.31 12.12
C ARG B 10 -2.76 -1.57 13.60
N LYS B 11 -1.72 -1.27 14.32
CA LYS B 11 -1.70 -1.44 15.74
C LYS B 11 -1.05 -0.23 16.36
N SER B 12 -1.81 0.48 17.14
CA SER B 12 -1.35 1.66 17.82
C SER B 12 -2.25 1.89 19.02
N SER B 13 -1.67 2.26 20.13
CA SER B 13 -2.41 2.61 21.30
C SER B 13 -2.65 4.10 21.30
N LYS B 14 -1.82 4.78 20.57
CA LYS B 14 -1.90 6.20 20.44
C LYS B 14 -2.77 6.60 19.30
N PRO B 15 -3.85 7.32 19.61
CA PRO B 15 -4.80 7.75 18.61
C PRO B 15 -4.18 8.82 17.72
N ILE B 16 -3.25 9.57 18.29
CA ILE B 16 -2.56 10.60 17.54
C ILE B 16 -1.57 10.00 16.55
N MET B 17 -0.86 8.98 16.99
CA MET B 17 0.16 8.34 16.18
C MET B 17 -0.46 7.58 15.05
N GLU B 18 -1.55 6.93 15.34
CA GLU B 18 -2.21 6.16 14.32
C GLU B 18 -2.88 7.06 13.32
N LYS B 19 -3.31 8.24 13.76
CA LYS B 19 -3.96 9.19 12.86
C LYS B 19 -2.93 9.64 11.84
N ARG B 20 -1.77 9.98 12.37
CA ARG B 20 -0.63 10.38 11.57
C ARG B 20 -0.24 9.27 10.60
N ARG B 21 -0.13 8.06 11.13
CA ARG B 21 0.27 6.92 10.34
C ARG B 21 -0.75 6.63 9.23
N ARG B 22 -2.04 6.58 9.58
CA ARG B 22 -3.13 6.30 8.61
C ARG B 22 -3.06 7.27 7.46
N ALA B 23 -2.93 8.55 7.79
CA ALA B 23 -2.88 9.59 6.78
C ALA B 23 -1.69 9.35 5.86
N ARG B 24 -0.53 9.10 6.46
CA ARG B 24 0.68 8.80 5.71
C ARG B 24 0.46 7.58 4.79
N ILE B 25 -0.20 6.56 5.33
CA ILE B 25 -0.51 5.35 4.58
C ILE B 25 -1.39 5.66 3.35
N ASN B 26 -2.55 6.26 3.59
CA ASN B 26 -3.51 6.54 2.52
C ASN B 26 -2.92 7.43 1.48
N GLU B 27 -2.21 8.45 1.93
CA GLU B 27 -1.64 9.42 1.01
C GLU B 27 -0.45 8.85 0.22
N SER B 28 0.25 7.90 0.79
CA SER B 28 1.32 7.26 0.06
C SER B 28 0.73 6.28 -0.94
N LEU B 29 -0.40 5.69 -0.59
CA LEU B 29 -1.07 4.72 -1.39
C LEU B 29 -1.76 5.43 -2.58
N SER B 30 -2.28 6.60 -2.32
CA SER B 30 -2.98 7.35 -3.31
C SER B 30 -2.02 7.88 -4.38
N GLN B 31 -0.88 8.42 -3.97
CA GLN B 31 0.10 8.90 -4.96
C GLN B 31 0.66 7.71 -5.74
N LEU B 32 0.72 6.58 -5.05
CA LEU B 32 1.20 5.32 -5.59
C LEU B 32 0.36 4.88 -6.79
N LYS B 33 -0.95 4.72 -6.58
CA LYS B 33 -1.85 4.31 -7.66
C LYS B 33 -1.88 5.32 -8.82
N THR B 34 -1.68 6.59 -8.47
CA THR B 34 -1.73 7.66 -9.41
C THR B 34 -0.58 7.54 -10.42
N LEU B 35 0.62 7.41 -9.90
CA LEU B 35 1.80 7.35 -10.73
C LEU B 35 1.88 6.05 -11.50
N ILE B 36 1.39 4.98 -10.89
CA ILE B 36 1.35 3.69 -11.55
C ILE B 36 0.44 3.74 -12.75
N LEU B 37 -0.77 4.18 -12.55
CA LEU B 37 -1.77 4.18 -13.58
C LEU B 37 -1.32 5.07 -14.73
N ASP B 38 -0.70 6.18 -14.40
CA ASP B 38 -0.25 7.10 -15.42
C ASP B 38 0.94 6.61 -16.18
N ALA B 39 1.73 5.77 -15.60
CA ALA B 39 2.91 5.30 -16.30
C ALA B 39 2.55 4.14 -17.21
N LEU B 40 1.47 3.48 -16.89
CA LEU B 40 1.07 2.31 -17.66
C LEU B 40 0.08 2.69 -18.72
N LYS B 41 -0.80 3.61 -18.36
CA LYS B 41 -1.85 4.09 -19.24
C LYS B 41 -2.76 2.96 -19.64
N LYS B 42 -3.40 2.39 -18.65
CA LYS B 42 -4.35 1.36 -18.90
C LYS B 42 -5.70 1.97 -19.20
N ASP B 43 -6.39 2.39 -18.13
CA ASP B 43 -7.72 2.95 -18.23
C ASP B 43 -7.97 3.78 -17.01
N SER B 44 -8.76 4.79 -17.14
CA SER B 44 -9.08 5.64 -16.04
C SER B 44 -10.30 5.10 -15.26
N SER B 45 -11.11 4.31 -15.92
CA SER B 45 -12.27 3.72 -15.29
C SER B 45 -11.84 2.67 -14.27
N ARG B 46 -10.87 1.84 -14.63
CA ARG B 46 -10.33 0.84 -13.70
C ARG B 46 -9.68 1.56 -12.52
N HIS B 47 -9.01 2.67 -12.82
CA HIS B 47 -8.40 3.56 -11.82
C HIS B 47 -9.42 3.95 -10.74
N SER B 48 -10.64 4.19 -11.16
CA SER B 48 -11.70 4.60 -10.27
C SER B 48 -12.38 3.38 -9.60
N LYS B 49 -11.89 2.21 -9.91
CA LYS B 49 -12.39 0.97 -9.33
C LYS B 49 -11.39 0.46 -8.36
N LEU B 50 -10.15 0.69 -8.72
CA LEU B 50 -8.95 0.21 -8.07
C LEU B 50 -9.06 0.08 -6.60
N GLU B 51 -9.09 -1.13 -6.20
CA GLU B 51 -9.22 -1.49 -4.85
C GLU B 51 -7.83 -1.66 -4.29
N LYS B 52 -7.73 -1.80 -3.00
CA LYS B 52 -6.45 -1.87 -2.33
C LYS B 52 -5.55 -2.99 -2.86
N ALA B 53 -6.11 -4.15 -3.03
CA ALA B 53 -5.40 -5.32 -3.56
C ALA B 53 -4.92 -5.07 -4.99
N ASP B 54 -5.68 -4.28 -5.71
CA ASP B 54 -5.43 -4.02 -7.12
C ASP B 54 -4.25 -3.11 -7.24
N ILE B 55 -4.36 -2.02 -6.53
CA ILE B 55 -3.37 -0.98 -6.45
C ILE B 55 -2.02 -1.52 -6.03
N LEU B 56 -2.00 -2.25 -4.92
CA LEU B 56 -0.76 -2.85 -4.40
C LEU B 56 -0.05 -3.67 -5.46
N GLU B 57 -0.78 -4.59 -6.05
CA GLU B 57 -0.24 -5.48 -7.05
C GLU B 57 0.21 -4.75 -8.29
N MET B 58 -0.52 -3.72 -8.68
CA MET B 58 -0.26 -3.01 -9.93
C MET B 58 1.11 -2.36 -9.87
N THR B 59 1.42 -1.91 -8.69
CA THR B 59 2.65 -1.24 -8.38
C THR B 59 3.81 -2.25 -8.33
N VAL B 60 3.57 -3.40 -7.71
CA VAL B 60 4.58 -4.47 -7.63
C VAL B 60 4.90 -4.98 -9.03
N LYS B 61 3.85 -5.16 -9.82
CA LYS B 61 4.00 -5.63 -11.17
C LYS B 61 4.79 -4.64 -12.03
N HIS B 62 4.58 -3.36 -11.78
CA HIS B 62 5.31 -2.33 -12.49
C HIS B 62 6.78 -2.30 -12.04
N LEU B 63 7.02 -2.73 -10.81
CA LEU B 63 8.35 -2.75 -10.26
C LEU B 63 9.12 -3.80 -11.01
N ARG B 64 8.43 -4.90 -11.32
CA ARG B 64 9.01 -6.00 -12.07
C ARG B 64 9.43 -5.49 -13.42
N ASN B 65 8.51 -4.78 -14.05
CA ASN B 65 8.67 -4.26 -15.41
C ASN B 65 9.91 -3.42 -15.53
N LEU B 66 10.01 -2.41 -14.68
CA LEU B 66 11.17 -1.53 -14.71
C LEU B 66 12.45 -2.26 -14.34
N GLN B 67 12.35 -3.23 -13.46
CA GLN B 67 13.50 -4.00 -13.02
C GLN B 67 13.95 -5.02 -14.07
N ARG B 68 13.12 -5.27 -15.06
CA ARG B 68 13.48 -6.20 -16.12
C ARG B 68 13.66 -5.49 -17.46
N ALA B 69 13.44 -4.19 -17.44
CA ALA B 69 13.55 -3.33 -18.64
C ALA B 69 15.02 -2.99 -18.92
N GLN B 70 15.89 -3.86 -18.52
CA GLN B 70 17.29 -3.67 -18.60
C GLN B 70 17.76 -4.31 -19.90
N MET A 1 -36.23 6.15 7.46
CA MET A 1 -34.88 6.65 7.25
C MET A 1 -34.39 6.24 5.86
N LYS A 2 -34.06 4.97 5.69
CA LYS A 2 -33.64 4.43 4.40
C LYS A 2 -34.29 3.07 4.19
N PRO A 3 -35.20 2.95 3.24
CA PRO A 3 -35.85 1.68 2.94
C PRO A 3 -34.90 0.75 2.19
N LYS A 4 -34.92 -0.51 2.54
CA LYS A 4 -34.05 -1.48 1.90
C LYS A 4 -34.85 -2.29 0.89
N THR A 5 -34.89 -1.79 -0.30
CA THR A 5 -35.57 -2.42 -1.40
C THR A 5 -34.77 -2.16 -2.66
N ALA A 6 -33.98 -3.18 -3.05
CA ALA A 6 -33.10 -3.17 -4.22
C ALA A 6 -31.85 -2.32 -4.00
N SER A 7 -32.03 -1.12 -3.47
CA SER A 7 -30.95 -0.19 -3.15
C SER A 7 -30.20 0.30 -4.37
N GLU A 8 -30.53 1.50 -4.76
CA GLU A 8 -29.85 2.16 -5.83
C GLU A 8 -28.58 2.76 -5.29
N HIS A 9 -28.56 3.01 -3.99
CA HIS A 9 -27.35 3.43 -3.33
C HIS A 9 -26.42 2.22 -3.27
N ARG A 10 -25.26 2.35 -3.82
CA ARG A 10 -24.34 1.24 -3.81
C ARG A 10 -23.44 1.36 -2.61
N LYS A 11 -23.90 0.83 -1.51
CA LYS A 11 -23.16 0.84 -0.30
C LYS A 11 -22.59 -0.52 -0.11
N SER A 12 -21.35 -0.61 -0.36
CA SER A 12 -20.68 -1.85 -0.33
C SER A 12 -20.28 -2.23 1.09
N SER A 13 -21.09 -3.05 1.70
CA SER A 13 -20.81 -3.59 2.99
C SER A 13 -20.86 -5.11 2.91
N LYS A 14 -19.95 -5.64 2.13
CA LYS A 14 -19.88 -7.04 1.92
C LYS A 14 -18.73 -7.62 2.68
N PRO A 15 -19.03 -8.52 3.60
CA PRO A 15 -18.02 -9.14 4.44
C PRO A 15 -17.07 -9.97 3.58
N ILE A 16 -17.64 -10.66 2.62
CA ILE A 16 -16.88 -11.54 1.75
C ILE A 16 -15.92 -10.74 0.86
N MET A 17 -16.41 -9.66 0.29
CA MET A 17 -15.61 -8.86 -0.66
C MET A 17 -14.46 -8.17 0.02
N GLU A 18 -14.70 -7.67 1.21
CA GLU A 18 -13.66 -6.93 1.88
C GLU A 18 -12.64 -7.84 2.48
N LYS A 19 -13.02 -9.08 2.71
CA LYS A 19 -12.08 -10.06 3.23
C LYS A 19 -11.13 -10.47 2.13
N ARG A 20 -11.68 -10.60 0.93
CA ARG A 20 -10.90 -10.92 -0.25
C ARG A 20 -9.95 -9.77 -0.53
N ARG A 21 -10.50 -8.55 -0.44
CA ARG A 21 -9.75 -7.33 -0.62
C ARG A 21 -8.63 -7.26 0.41
N ARG A 22 -8.99 -7.36 1.70
CA ARG A 22 -8.01 -7.30 2.79
C ARG A 22 -6.92 -8.31 2.63
N ALA A 23 -7.28 -9.52 2.24
CA ALA A 23 -6.31 -10.56 1.99
C ALA A 23 -5.32 -10.08 0.93
N ARG A 24 -5.83 -9.65 -0.22
CA ARG A 24 -4.98 -9.18 -1.32
C ARG A 24 -4.15 -7.96 -0.92
N ILE A 25 -4.71 -7.10 -0.06
CA ILE A 25 -3.99 -5.94 0.46
C ILE A 25 -2.75 -6.41 1.19
N ASN A 26 -2.92 -7.28 2.17
CA ASN A 26 -1.80 -7.79 2.95
C ASN A 26 -0.83 -8.52 2.08
N GLU A 27 -1.34 -9.38 1.23
CA GLU A 27 -0.51 -10.17 0.33
C GLU A 27 0.35 -9.29 -0.58
N SER A 28 -0.26 -8.30 -1.20
CA SER A 28 0.44 -7.46 -2.13
C SER A 28 1.34 -6.44 -1.43
N LEU A 29 0.89 -5.90 -0.29
CA LEU A 29 1.66 -4.89 0.46
C LEU A 29 2.93 -5.53 0.99
N SER A 30 2.80 -6.74 1.46
CA SER A 30 3.89 -7.45 2.02
C SER A 30 4.95 -7.77 0.96
N GLN A 31 4.54 -8.26 -0.20
CA GLN A 31 5.51 -8.58 -1.25
C GLN A 31 6.12 -7.29 -1.81
N LEU A 32 5.33 -6.23 -1.79
CA LEU A 32 5.72 -4.91 -2.26
C LEU A 32 6.97 -4.43 -1.53
N LYS A 33 6.90 -4.39 -0.21
CA LYS A 33 8.03 -3.96 0.61
C LYS A 33 9.23 -4.92 0.43
N THR A 34 8.93 -6.19 0.28
CA THR A 34 9.94 -7.22 0.14
C THR A 34 10.76 -7.08 -1.17
N LEU A 35 10.06 -6.91 -2.29
CA LEU A 35 10.74 -6.78 -3.56
C LEU A 35 11.50 -5.48 -3.66
N ILE A 36 10.94 -4.44 -3.06
CA ILE A 36 11.60 -3.14 -3.00
C ILE A 36 12.90 -3.22 -2.18
N LEU A 37 12.81 -3.98 -1.11
CA LEU A 37 13.89 -4.19 -0.21
C LEU A 37 15.02 -4.82 -0.96
N ASP A 38 14.72 -5.89 -1.66
CA ASP A 38 15.72 -6.67 -2.40
C ASP A 38 16.22 -5.92 -3.58
N ALA A 39 15.34 -5.27 -4.31
CA ALA A 39 15.71 -4.57 -5.52
C ALA A 39 16.84 -3.58 -5.28
N LEU A 40 16.88 -3.02 -4.08
CA LEU A 40 17.94 -2.09 -3.77
C LEU A 40 18.85 -2.58 -2.68
N LYS A 41 18.46 -3.67 -2.05
CA LYS A 41 19.24 -4.37 -1.02
C LYS A 41 19.53 -3.46 0.12
N LYS A 42 18.47 -2.94 0.66
CA LYS A 42 18.54 -2.07 1.81
C LYS A 42 19.11 -2.78 3.03
N ASP A 43 18.26 -3.51 3.73
CA ASP A 43 18.63 -4.19 4.96
C ASP A 43 17.43 -4.90 5.42
N SER A 44 17.63 -6.04 5.96
CA SER A 44 16.55 -6.80 6.41
C SER A 44 16.04 -6.29 7.78
N SER A 45 16.89 -5.53 8.46
CA SER A 45 16.53 -4.95 9.75
C SER A 45 15.50 -3.83 9.51
N ARG A 46 15.74 -3.00 8.49
CA ARG A 46 14.84 -1.90 8.15
C ARG A 46 13.65 -2.40 7.35
N HIS A 47 13.67 -3.69 7.05
CA HIS A 47 12.52 -4.38 6.47
C HIS A 47 11.58 -4.81 7.60
N SER A 48 12.13 -4.92 8.80
CA SER A 48 11.37 -5.28 9.98
C SER A 48 10.85 -4.02 10.67
N LYS A 49 11.56 -2.98 10.43
CA LYS A 49 11.25 -1.65 10.96
C LYS A 49 10.67 -0.81 9.81
N LEU A 50 9.94 -1.47 8.97
CA LEU A 50 9.39 -0.88 7.80
C LEU A 50 7.94 -0.55 8.02
N GLU A 51 7.71 0.71 8.25
CA GLU A 51 6.40 1.25 8.51
C GLU A 51 5.64 1.41 7.22
N LYS A 52 4.32 1.35 7.29
CA LYS A 52 3.44 1.41 6.13
C LYS A 52 3.73 2.60 5.20
N ALA A 53 3.84 3.76 5.79
CA ALA A 53 4.12 4.98 5.03
C ALA A 53 5.49 4.92 4.37
N ASP A 54 6.39 4.20 5.03
CA ASP A 54 7.79 4.10 4.62
C ASP A 54 7.87 3.18 3.44
N ILE A 55 7.02 2.18 3.48
CA ILE A 55 6.86 1.18 2.45
C ILE A 55 6.28 1.80 1.19
N LEU A 56 5.17 2.49 1.34
CA LEU A 56 4.48 3.09 0.21
C LEU A 56 5.39 4.07 -0.50
N GLU A 57 5.94 5.01 0.27
CA GLU A 57 6.85 6.01 -0.24
C GLU A 57 8.04 5.40 -0.96
N MET A 58 8.55 4.33 -0.41
CA MET A 58 9.75 3.70 -0.89
C MET A 58 9.53 3.22 -2.30
N THR A 59 8.47 2.48 -2.46
CA THR A 59 8.06 1.88 -3.70
C THR A 59 7.78 2.95 -4.77
N VAL A 60 7.04 3.99 -4.40
CA VAL A 60 6.74 5.10 -5.33
C VAL A 60 8.02 5.83 -5.73
N LYS A 61 8.86 6.11 -4.76
CA LYS A 61 10.04 6.88 -5.00
C LYS A 61 11.08 6.05 -5.77
N HIS A 62 10.99 4.75 -5.66
CA HIS A 62 11.81 3.85 -6.43
C HIS A 62 11.34 3.75 -7.85
N LEU A 63 10.04 4.02 -8.05
CA LEU A 63 9.46 4.05 -9.37
C LEU A 63 10.16 5.14 -10.12
N ARG A 64 10.33 6.27 -9.44
CA ARG A 64 11.01 7.44 -10.02
C ARG A 64 12.44 7.04 -10.40
N ASN A 65 13.10 6.35 -9.48
CA ASN A 65 14.49 5.91 -9.64
C ASN A 65 14.66 5.02 -10.85
N LEU A 66 13.73 4.14 -11.05
CA LEU A 66 13.80 3.28 -12.19
C LEU A 66 13.42 4.04 -13.45
N GLN A 67 12.44 4.91 -13.33
CA GLN A 67 11.93 5.67 -14.47
C GLN A 67 12.92 6.68 -15.00
N ARG A 68 13.89 7.04 -14.21
CA ARG A 68 14.90 7.99 -14.66
C ARG A 68 16.05 7.27 -15.35
N ALA A 69 16.06 5.95 -15.21
CA ALA A 69 17.13 5.11 -15.73
C ALA A 69 16.96 4.89 -17.22
N GLN A 70 15.75 5.05 -17.67
CA GLN A 70 15.36 4.78 -19.03
C GLN A 70 15.27 6.06 -19.82
N MET B 1 -7.22 20.72 15.22
CA MET B 1 -7.83 19.39 15.31
C MET B 1 -9.15 19.42 14.58
N LYS B 2 -9.52 18.30 14.03
CA LYS B 2 -10.75 18.15 13.31
C LYS B 2 -11.18 16.69 13.38
N PRO B 3 -12.49 16.41 13.27
CA PRO B 3 -13.03 15.04 13.31
C PRO B 3 -12.38 14.11 12.27
N LYS B 4 -12.35 14.55 11.02
CA LYS B 4 -11.78 13.73 9.99
C LYS B 4 -10.27 13.74 10.11
N THR B 5 -9.68 12.59 9.84
CA THR B 5 -8.24 12.33 10.00
C THR B 5 -7.78 12.41 11.48
N ALA B 6 -8.72 12.25 12.39
CA ALA B 6 -8.41 12.17 13.81
C ALA B 6 -8.17 10.73 14.15
N SER B 7 -7.43 10.47 15.22
CA SER B 7 -7.08 9.13 15.64
C SER B 7 -8.33 8.23 15.75
N GLU B 8 -8.28 7.09 15.06
CA GLU B 8 -9.42 6.18 14.98
C GLU B 8 -9.51 5.26 16.21
N HIS B 9 -8.81 5.64 17.28
CA HIS B 9 -8.78 4.93 18.58
C HIS B 9 -7.93 3.68 18.56
N ARG B 10 -7.01 3.62 19.51
CA ARG B 10 -6.05 2.53 19.68
C ARG B 10 -5.32 2.26 18.38
N LYS B 11 -4.51 3.21 18.03
CA LYS B 11 -3.82 3.21 16.80
C LYS B 11 -2.39 3.53 17.07
N SER B 12 -1.58 2.52 17.00
CA SER B 12 -0.16 2.58 17.27
C SER B 12 0.13 2.90 18.74
N SER B 13 -0.02 4.12 19.10
CA SER B 13 0.20 4.56 20.44
C SER B 13 -0.39 5.94 20.62
N LYS B 14 0.21 6.88 19.97
CA LYS B 14 -0.15 8.27 20.08
C LYS B 14 -1.01 8.70 18.94
N PRO B 15 -2.06 9.43 19.26
CA PRO B 15 -2.94 10.06 18.25
C PRO B 15 -2.14 10.93 17.28
N ILE B 16 -1.22 11.74 17.80
CA ILE B 16 -0.42 12.62 16.97
C ILE B 16 0.51 11.83 16.05
N MET B 17 1.07 10.78 16.58
CA MET B 17 2.00 9.93 15.83
C MET B 17 1.29 9.16 14.78
N GLU B 18 0.09 8.70 15.09
CA GLU B 18 -0.67 7.94 14.13
C GLU B 18 -1.05 8.83 13.00
N LYS B 19 -1.36 10.08 13.32
CA LYS B 19 -1.78 11.05 12.34
C LYS B 19 -0.67 11.42 11.40
N ARG B 20 0.52 11.59 11.95
CA ARG B 20 1.73 11.87 11.18
C ARG B 20 2.00 10.77 10.17
N ARG B 21 1.96 9.55 10.65
CA ARG B 21 2.22 8.39 9.83
C ARG B 21 1.11 8.21 8.81
N ARG B 22 -0.12 8.31 9.29
CA ARG B 22 -1.34 8.16 8.52
C ARG B 22 -1.35 9.11 7.35
N ALA B 23 -0.98 10.36 7.62
CA ALA B 23 -0.88 11.37 6.60
C ALA B 23 0.05 10.89 5.50
N ARG B 24 1.25 10.48 5.89
CA ARG B 24 2.24 10.00 4.93
C ARG B 24 1.77 8.74 4.21
N ILE B 25 1.00 7.89 4.91
CA ILE B 25 0.41 6.71 4.29
C ILE B 25 -0.49 7.13 3.14
N ASN B 26 -1.46 8.00 3.43
CA ASN B 26 -2.40 8.47 2.40
C ASN B 26 -1.66 9.20 1.30
N GLU B 27 -0.74 10.06 1.69
CA GLU B 27 0.06 10.84 0.73
C GLU B 27 0.86 9.94 -0.21
N SER B 28 1.47 8.91 0.32
CA SER B 28 2.26 8.04 -0.47
C SER B 28 1.39 7.09 -1.29
N LEU B 29 0.23 6.68 -0.75
CA LEU B 29 -0.64 5.71 -1.41
C LEU B 29 -1.33 6.39 -2.60
N SER B 30 -1.65 7.65 -2.43
CA SER B 30 -2.30 8.40 -3.45
C SER B 30 -1.35 8.65 -4.64
N GLN B 31 -0.12 9.06 -4.37
CA GLN B 31 0.85 9.28 -5.44
C GLN B 31 1.26 7.93 -6.07
N LEU B 32 1.25 6.89 -5.24
CA LEU B 32 1.51 5.50 -5.62
C LEU B 32 0.58 5.15 -6.78
N LYS B 33 -0.69 5.27 -6.52
CA LYS B 33 -1.74 5.04 -7.49
C LYS B 33 -1.60 5.99 -8.70
N THR B 34 -1.36 7.26 -8.42
CA THR B 34 -1.29 8.30 -9.46
C THR B 34 -0.19 8.00 -10.50
N LEU B 35 1.02 7.74 -10.03
CA LEU B 35 2.12 7.46 -10.93
C LEU B 35 1.93 6.15 -11.66
N ILE B 36 1.40 5.17 -10.97
CA ILE B 36 1.13 3.88 -11.57
C ILE B 36 0.04 3.99 -12.65
N LEU B 37 -0.91 4.82 -12.43
CA LEU B 37 -1.96 4.99 -13.38
C LEU B 37 -1.41 5.68 -14.62
N ASP B 38 -0.60 6.69 -14.43
CA ASP B 38 -0.07 7.50 -15.54
C ASP B 38 1.07 6.81 -16.28
N ALA B 39 1.82 6.00 -15.59
CA ALA B 39 2.95 5.33 -16.20
C ALA B 39 2.50 4.16 -17.03
N LEU B 40 1.39 3.54 -16.66
CA LEU B 40 0.90 2.42 -17.42
C LEU B 40 -0.23 2.81 -18.35
N LYS B 41 -1.04 3.80 -17.93
CA LYS B 41 -2.20 4.28 -18.68
C LYS B 41 -3.09 3.17 -19.11
N LYS B 42 -3.70 2.62 -18.12
CA LYS B 42 -4.56 1.50 -18.25
C LYS B 42 -5.96 1.91 -18.70
N ASP B 43 -6.74 2.48 -17.79
CA ASP B 43 -8.10 2.91 -18.09
C ASP B 43 -8.67 3.49 -16.86
N SER B 44 -9.62 4.34 -17.01
CA SER B 44 -10.21 4.97 -15.91
C SER B 44 -11.33 4.12 -15.29
N SER B 45 -11.84 3.17 -16.05
CA SER B 45 -12.85 2.27 -15.58
C SER B 45 -12.24 1.36 -14.52
N ARG B 46 -11.11 0.78 -14.89
CA ARG B 46 -10.37 -0.12 -14.00
C ARG B 46 -9.59 0.67 -12.94
N HIS B 47 -9.65 2.00 -13.05
CA HIS B 47 -9.13 2.92 -12.05
C HIS B 47 -10.21 3.11 -10.96
N SER B 48 -11.45 3.03 -11.38
CA SER B 48 -12.58 3.18 -10.48
C SER B 48 -12.92 1.83 -9.82
N LYS B 49 -12.22 0.83 -10.27
CA LYS B 49 -12.32 -0.53 -9.77
C LYS B 49 -10.94 -0.92 -9.23
N LEU B 50 -10.19 0.08 -8.93
CA LEU B 50 -8.87 -0.09 -8.45
C LEU B 50 -8.91 0.06 -6.97
N GLU B 51 -8.94 -1.07 -6.33
CA GLU B 51 -9.01 -1.16 -4.90
C GLU B 51 -7.60 -1.11 -4.37
N LYS B 52 -7.44 -0.85 -3.08
CA LYS B 52 -6.12 -0.79 -2.45
C LYS B 52 -5.29 -2.03 -2.77
N ALA B 53 -5.95 -3.17 -2.71
CA ALA B 53 -5.33 -4.45 -3.03
C ALA B 53 -4.78 -4.48 -4.45
N ASP B 54 -5.51 -3.86 -5.34
CA ASP B 54 -5.19 -3.85 -6.76
C ASP B 54 -4.07 -2.91 -7.03
N ILE B 55 -4.23 -1.73 -6.52
CA ILE B 55 -3.25 -0.67 -6.60
C ILE B 55 -1.87 -1.15 -6.11
N LEU B 56 -1.84 -1.80 -4.95
CA LEU B 56 -0.61 -2.36 -4.39
C LEU B 56 0.07 -3.32 -5.37
N GLU B 57 -0.69 -4.30 -5.84
CA GLU B 57 -0.19 -5.29 -6.79
C GLU B 57 0.29 -4.66 -8.08
N MET B 58 -0.43 -3.66 -8.54
CA MET B 58 -0.15 -3.06 -9.83
C MET B 58 1.18 -2.34 -9.79
N THR B 59 1.52 -1.86 -8.64
CA THR B 59 2.75 -1.14 -8.41
C THR B 59 3.92 -2.12 -8.32
N VAL B 60 3.70 -3.25 -7.66
CA VAL B 60 4.73 -4.29 -7.54
C VAL B 60 4.99 -4.90 -8.91
N LYS B 61 3.93 -5.06 -9.68
CA LYS B 61 4.02 -5.58 -11.01
C LYS B 61 4.75 -4.61 -11.94
N HIS B 62 4.53 -3.32 -11.73
CA HIS B 62 5.23 -2.29 -12.49
C HIS B 62 6.73 -2.28 -12.13
N LEU B 63 7.03 -2.73 -10.91
CA LEU B 63 8.39 -2.80 -10.44
C LEU B 63 9.13 -3.81 -11.25
N ARG B 64 8.48 -4.93 -11.51
CA ARG B 64 9.08 -6.01 -12.30
C ARG B 64 9.41 -5.47 -13.66
N ASN B 65 8.46 -4.76 -14.23
CA ASN B 65 8.56 -4.20 -15.56
C ASN B 65 9.75 -3.27 -15.68
N LEU B 66 9.86 -2.33 -14.77
CA LEU B 66 10.95 -1.36 -14.79
C LEU B 66 12.27 -1.98 -14.41
N GLN B 67 12.23 -3.02 -13.62
CA GLN B 67 13.44 -3.72 -13.22
C GLN B 67 14.07 -4.50 -14.38
N ARG B 68 13.27 -4.94 -15.32
CA ARG B 68 13.81 -5.70 -16.44
C ARG B 68 13.58 -5.02 -17.79
N ALA B 69 13.19 -3.74 -17.75
CA ALA B 69 12.95 -2.93 -18.97
C ALA B 69 14.21 -2.89 -19.82
N GLN B 70 15.28 -2.77 -19.14
CA GLN B 70 16.57 -2.81 -19.70
C GLN B 70 17.09 -4.22 -19.62
N MET A 1 -29.19 -11.76 -4.57
CA MET A 1 -30.32 -12.66 -4.40
C MET A 1 -31.24 -12.12 -3.33
N LYS A 2 -32.52 -11.92 -3.69
CA LYS A 2 -33.57 -11.42 -2.78
C LYS A 2 -33.39 -9.95 -2.40
N PRO A 3 -34.36 -9.09 -2.76
CA PRO A 3 -34.38 -7.72 -2.32
C PRO A 3 -34.82 -7.66 -0.86
N LYS A 4 -33.87 -7.63 0.04
CA LYS A 4 -34.16 -7.68 1.44
C LYS A 4 -34.36 -6.29 2.01
N THR A 5 -33.28 -5.56 2.15
CA THR A 5 -33.33 -4.21 2.68
C THR A 5 -31.92 -3.59 2.68
N ALA A 6 -31.01 -4.19 1.97
CA ALA A 6 -29.64 -3.76 2.01
C ALA A 6 -29.01 -3.86 0.65
N SER A 7 -28.71 -2.75 0.07
CA SER A 7 -28.05 -2.73 -1.19
C SER A 7 -26.55 -2.70 -0.93
N GLU A 8 -25.92 -3.84 -1.09
CA GLU A 8 -24.50 -3.99 -0.90
C GLU A 8 -23.72 -3.29 -2.04
N HIS A 9 -23.14 -2.16 -1.69
CA HIS A 9 -22.49 -1.26 -2.66
C HIS A 9 -20.98 -1.56 -2.81
N ARG A 10 -20.18 -1.08 -1.87
CA ARG A 10 -18.73 -1.27 -1.92
C ARG A 10 -18.31 -2.12 -0.75
N LYS A 11 -18.83 -1.78 0.39
CA LYS A 11 -18.69 -2.57 1.55
C LYS A 11 -19.88 -3.44 1.55
N SER A 12 -19.75 -4.44 0.81
CA SER A 12 -20.79 -5.36 0.56
C SER A 12 -20.91 -6.37 1.70
N SER A 13 -19.98 -6.28 2.64
CA SER A 13 -19.94 -7.11 3.83
C SER A 13 -19.82 -8.59 3.46
N LYS A 14 -19.28 -8.84 2.28
CA LYS A 14 -19.14 -10.17 1.80
C LYS A 14 -17.89 -10.75 2.33
N PRO A 15 -18.02 -11.73 3.22
CA PRO A 15 -16.89 -12.31 3.95
C PRO A 15 -15.90 -12.93 3.00
N ILE A 16 -16.42 -13.54 1.97
CA ILE A 16 -15.62 -14.23 1.00
C ILE A 16 -14.94 -13.24 0.07
N MET A 17 -15.69 -12.26 -0.41
CA MET A 17 -15.15 -11.29 -1.35
C MET A 17 -14.11 -10.42 -0.73
N GLU A 18 -14.36 -9.99 0.50
CA GLU A 18 -13.41 -9.16 1.17
C GLU A 18 -12.22 -9.96 1.61
N LYS A 19 -12.41 -11.27 1.82
CA LYS A 19 -11.32 -12.12 2.21
C LYS A 19 -10.41 -12.37 1.01
N ARG A 20 -11.03 -12.56 -0.14
CA ARG A 20 -10.34 -12.73 -1.42
C ARG A 20 -9.52 -11.48 -1.72
N ARG A 21 -10.10 -10.34 -1.47
CA ARG A 21 -9.42 -9.09 -1.68
C ARG A 21 -8.30 -8.92 -0.67
N ARG A 22 -8.59 -9.20 0.58
CA ARG A 22 -7.65 -9.04 1.69
C ARG A 22 -6.44 -9.94 1.55
N ALA A 23 -6.67 -11.16 1.09
CA ALA A 23 -5.59 -12.10 0.85
C ALA A 23 -4.66 -11.51 -0.16
N ARG A 24 -5.26 -11.01 -1.25
CA ARG A 24 -4.50 -10.37 -2.31
C ARG A 24 -3.77 -9.13 -1.79
N ILE A 25 -4.42 -8.37 -0.92
CA ILE A 25 -3.83 -7.19 -0.31
C ILE A 25 -2.56 -7.55 0.47
N ASN A 26 -2.69 -8.49 1.37
CA ASN A 26 -1.60 -8.86 2.26
C ASN A 26 -0.47 -9.45 1.52
N GLU A 27 -0.78 -10.35 0.62
CA GLU A 27 0.24 -11.00 -0.17
C GLU A 27 0.93 -10.04 -1.11
N SER A 28 0.16 -9.12 -1.68
CA SER A 28 0.72 -8.18 -2.60
C SER A 28 1.61 -7.21 -1.85
N LEU A 29 1.11 -6.65 -0.73
CA LEU A 29 1.84 -5.69 0.08
C LEU A 29 3.13 -6.33 0.62
N SER A 30 3.04 -7.58 0.95
CA SER A 30 4.16 -8.31 1.45
C SER A 30 5.23 -8.54 0.36
N GLN A 31 4.83 -8.90 -0.86
CA GLN A 31 5.83 -9.10 -1.92
C GLN A 31 6.35 -7.74 -2.41
N LEU A 32 5.48 -6.75 -2.30
CA LEU A 32 5.71 -5.34 -2.62
C LEU A 32 6.96 -4.85 -1.89
N LYS A 33 6.94 -4.96 -0.56
CA LYS A 33 8.09 -4.56 0.26
C LYS A 33 9.30 -5.46 -0.03
N THR A 34 9.04 -6.75 -0.27
CA THR A 34 10.08 -7.73 -0.50
C THR A 34 10.91 -7.36 -1.72
N LEU A 35 10.26 -7.15 -2.85
CA LEU A 35 10.96 -6.84 -4.08
C LEU A 35 11.68 -5.51 -4.01
N ILE A 36 11.10 -4.56 -3.31
CA ILE A 36 11.74 -3.26 -3.13
C ILE A 36 13.03 -3.41 -2.34
N LEU A 37 12.94 -4.06 -1.21
CA LEU A 37 14.07 -4.22 -0.32
C LEU A 37 15.08 -5.18 -0.96
N ASP A 38 14.62 -6.04 -1.84
CA ASP A 38 15.47 -7.02 -2.49
C ASP A 38 16.22 -6.42 -3.69
N ALA A 39 15.63 -5.43 -4.32
CA ALA A 39 16.22 -4.82 -5.49
C ALA A 39 17.23 -3.79 -5.05
N LEU A 40 16.96 -3.20 -3.91
CA LEU A 40 17.78 -2.12 -3.39
C LEU A 40 18.75 -2.63 -2.35
N LYS A 41 18.30 -3.63 -1.56
CA LYS A 41 19.11 -4.29 -0.53
C LYS A 41 19.71 -3.29 0.42
N LYS A 42 18.87 -2.36 0.86
CA LYS A 42 19.27 -1.30 1.76
C LYS A 42 19.66 -1.89 3.12
N ASP A 43 18.69 -2.38 3.86
CA ASP A 43 18.92 -2.89 5.18
C ASP A 43 17.75 -3.65 5.65
N SER A 44 17.98 -4.77 6.25
CA SER A 44 16.92 -5.57 6.71
C SER A 44 16.46 -5.16 8.11
N SER A 45 17.33 -4.47 8.82
CA SER A 45 17.03 -4.00 10.14
C SER A 45 15.98 -2.88 10.04
N ARG A 46 16.16 -1.96 9.10
CA ARG A 46 15.17 -0.91 8.88
C ARG A 46 13.96 -1.47 8.14
N HIS A 47 14.10 -2.68 7.60
CA HIS A 47 12.98 -3.41 7.00
C HIS A 47 12.12 -4.00 8.11
N SER A 48 12.71 -4.09 9.29
CA SER A 48 12.03 -4.57 10.47
C SER A 48 11.42 -3.40 11.23
N LYS A 49 11.57 -2.23 10.67
CA LYS A 49 11.03 -1.02 11.19
C LYS A 49 10.39 -0.25 10.03
N LEU A 50 10.08 -0.97 9.01
CA LEU A 50 9.44 -0.40 7.86
C LEU A 50 7.96 -0.50 8.05
N GLU A 51 7.38 0.64 8.32
CA GLU A 51 5.96 0.74 8.55
C GLU A 51 5.25 0.71 7.22
N LYS A 52 3.98 0.39 7.24
CA LYS A 52 3.14 0.34 6.04
C LYS A 52 3.30 1.59 5.18
N ALA A 53 3.24 2.72 5.83
CA ALA A 53 3.39 4.03 5.18
C ALA A 53 4.73 4.17 4.50
N ASP A 54 5.71 3.60 5.13
CA ASP A 54 7.10 3.76 4.76
C ASP A 54 7.39 2.84 3.58
N ILE A 55 6.77 1.70 3.63
CA ILE A 55 6.85 0.67 2.61
C ILE A 55 6.23 1.14 1.32
N LEU A 56 5.06 1.73 1.41
CA LEU A 56 4.36 2.25 0.24
C LEU A 56 5.24 3.28 -0.46
N GLU A 57 5.77 4.22 0.33
CA GLU A 57 6.64 5.27 -0.17
C GLU A 57 7.89 4.71 -0.83
N MET A 58 8.46 3.68 -0.23
CA MET A 58 9.75 3.14 -0.66
C MET A 58 9.60 2.58 -2.08
N THR A 59 8.44 2.03 -2.31
CA THR A 59 8.07 1.48 -3.57
C THR A 59 7.83 2.59 -4.60
N VAL A 60 7.13 3.64 -4.19
CA VAL A 60 6.84 4.80 -5.06
C VAL A 60 8.16 5.46 -5.48
N LYS A 61 9.03 5.67 -4.52
CA LYS A 61 10.31 6.31 -4.77
C LYS A 61 11.16 5.48 -5.72
N HIS A 62 11.20 4.16 -5.48
CA HIS A 62 11.96 3.24 -6.33
C HIS A 62 11.36 3.17 -7.74
N LEU A 63 10.06 3.40 -7.83
CA LEU A 63 9.36 3.35 -9.08
C LEU A 63 9.94 4.44 -9.98
N ARG A 64 10.11 5.63 -9.41
CA ARG A 64 10.71 6.73 -10.14
C ARG A 64 12.19 6.50 -10.40
N ASN A 65 12.84 5.77 -9.51
CA ASN A 65 14.26 5.46 -9.66
C ASN A 65 14.48 4.64 -10.89
N LEU A 66 13.64 3.68 -11.07
CA LEU A 66 13.70 2.86 -12.24
C LEU A 66 13.31 3.69 -13.46
N GLN A 67 12.26 4.49 -13.33
CA GLN A 67 11.73 5.29 -14.44
C GLN A 67 12.71 6.35 -14.94
N ARG A 68 13.61 6.79 -14.09
CA ARG A 68 14.55 7.85 -14.44
C ARG A 68 15.80 7.30 -15.09
N ALA A 69 15.94 5.99 -15.06
CA ALA A 69 17.12 5.32 -15.59
C ALA A 69 17.05 5.20 -17.09
N GLN A 70 15.89 5.49 -17.61
CA GLN A 70 15.61 5.35 -18.99
C GLN A 70 15.45 6.72 -19.60
N MET B 1 -0.52 10.35 40.79
CA MET B 1 -0.42 10.33 39.33
C MET B 1 0.95 9.88 38.87
N LYS B 2 2.01 10.53 39.39
CA LYS B 2 3.39 10.34 38.94
C LYS B 2 3.50 10.89 37.53
N PRO B 3 3.73 12.20 37.40
CA PRO B 3 3.74 12.88 36.10
C PRO B 3 4.82 12.38 35.16
N LYS B 4 4.39 11.71 34.11
CA LYS B 4 5.28 11.21 33.12
C LYS B 4 4.60 11.30 31.75
N THR B 5 3.55 10.55 31.59
CA THR B 5 2.77 10.50 30.37
C THR B 5 1.38 9.97 30.73
N ALA B 6 0.33 10.59 30.24
CA ALA B 6 -1.03 10.15 30.58
C ALA B 6 -1.30 8.72 30.07
N SER B 7 -0.77 8.42 28.91
CA SER B 7 -0.90 7.09 28.33
C SER B 7 0.28 6.19 28.78
N GLU B 8 0.71 6.39 30.04
CA GLU B 8 1.82 5.66 30.66
C GLU B 8 1.61 4.14 30.64
N HIS B 9 0.49 3.71 31.12
CA HIS B 9 0.15 2.33 31.17
C HIS B 9 -0.96 2.11 30.20
N ARG B 10 -1.22 0.85 29.85
CA ARG B 10 -2.12 0.50 28.75
C ARG B 10 -1.46 0.98 27.48
N LYS B 11 -0.59 0.15 26.92
CA LYS B 11 0.15 0.52 25.75
C LYS B 11 -0.78 0.69 24.60
N SER B 12 -1.04 1.90 24.32
CA SER B 12 -1.94 2.27 23.34
C SER B 12 -1.22 2.93 22.18
N SER B 13 0.10 2.89 22.23
CA SER B 13 0.95 3.49 21.22
C SER B 13 0.80 5.02 21.30
N LYS B 14 1.31 5.73 20.35
CA LYS B 14 1.14 7.14 20.33
C LYS B 14 0.14 7.55 19.28
N PRO B 15 -0.92 8.25 19.70
CA PRO B 15 -2.03 8.65 18.82
C PRO B 15 -1.54 9.54 17.70
N ILE B 16 -0.60 10.39 18.02
CA ILE B 16 -0.05 11.28 17.04
C ILE B 16 0.83 10.51 16.08
N MET B 17 1.67 9.64 16.59
CA MET B 17 2.60 8.87 15.76
C MET B 17 1.87 7.93 14.83
N GLU B 18 0.85 7.27 15.35
CA GLU B 18 0.07 6.34 14.53
C GLU B 18 -0.76 7.10 13.50
N LYS B 19 -1.09 8.35 13.82
CA LYS B 19 -1.87 9.18 12.94
C LYS B 19 -0.99 9.68 11.81
N ARG B 20 0.25 9.98 12.14
CA ARG B 20 1.23 10.42 11.16
C ARG B 20 1.51 9.28 10.19
N ARG B 21 1.62 8.07 10.74
CA ARG B 21 1.81 6.88 9.95
C ARG B 21 0.61 6.71 9.03
N ARG B 22 -0.57 6.74 9.63
CA ARG B 22 -1.85 6.60 8.94
C ARG B 22 -1.98 7.59 7.78
N ALA B 23 -1.66 8.83 8.05
CA ALA B 23 -1.66 9.87 7.05
C ALA B 23 -0.72 9.50 5.91
N ARG B 24 0.51 9.13 6.27
CA ARG B 24 1.51 8.76 5.27
C ARG B 24 1.08 7.54 4.47
N ILE B 25 0.33 6.63 5.09
CA ILE B 25 -0.18 5.46 4.40
C ILE B 25 -1.07 5.91 3.26
N ASN B 26 -2.04 6.75 3.57
CA ASN B 26 -2.95 7.28 2.56
C ASN B 26 -2.19 8.06 1.51
N GLU B 27 -1.31 8.94 1.98
CA GLU B 27 -0.53 9.81 1.10
C GLU B 27 0.37 9.04 0.15
N SER B 28 0.99 7.99 0.64
CA SER B 28 1.89 7.23 -0.18
C SER B 28 1.11 6.31 -1.12
N LEU B 29 -0.01 5.78 -0.66
CA LEU B 29 -0.81 4.83 -1.44
C LEU B 29 -1.50 5.57 -2.58
N SER B 30 -1.90 6.79 -2.31
CA SER B 30 -2.58 7.59 -3.28
C SER B 30 -1.65 8.02 -4.40
N GLN B 31 -0.47 8.56 -4.04
CA GLN B 31 0.51 9.00 -5.04
C GLN B 31 1.02 7.81 -5.85
N LEU B 32 1.11 6.67 -5.17
CA LEU B 32 1.51 5.41 -5.78
C LEU B 32 0.56 5.11 -6.92
N LYS B 33 -0.73 5.01 -6.57
CA LYS B 33 -1.80 4.78 -7.54
C LYS B 33 -1.74 5.79 -8.67
N THR B 34 -1.52 7.05 -8.31
CA THR B 34 -1.49 8.15 -9.25
C THR B 34 -0.39 7.95 -10.33
N LEU B 35 0.85 7.75 -9.88
CA LEU B 35 1.98 7.59 -10.81
C LEU B 35 1.95 6.26 -11.54
N ILE B 36 1.46 5.25 -10.87
CA ILE B 36 1.34 3.94 -11.47
C ILE B 36 0.32 3.92 -12.58
N LEU B 37 -0.87 4.42 -12.29
CA LEU B 37 -1.96 4.42 -13.25
C LEU B 37 -1.57 5.33 -14.41
N ASP B 38 -0.71 6.29 -14.14
CA ASP B 38 -0.24 7.24 -15.14
C ASP B 38 0.76 6.58 -16.08
N ALA B 39 1.52 5.64 -15.56
CA ALA B 39 2.53 4.96 -16.33
C ALA B 39 1.90 3.83 -17.11
N LEU B 40 0.95 3.15 -16.50
CA LEU B 40 0.38 1.97 -17.13
C LEU B 40 -0.76 2.37 -18.00
N LYS B 41 -1.53 3.33 -17.50
CA LYS B 41 -2.71 3.85 -18.13
C LYS B 41 -3.64 2.74 -18.55
N LYS B 42 -4.20 2.09 -17.54
CA LYS B 42 -5.12 0.99 -17.74
C LYS B 42 -6.41 1.46 -18.41
N ASP B 43 -7.06 2.42 -17.77
CA ASP B 43 -8.32 3.02 -18.25
C ASP B 43 -8.74 3.99 -17.22
N SER B 44 -9.42 4.98 -17.64
CA SER B 44 -9.87 5.97 -16.76
C SER B 44 -11.16 5.54 -16.05
N SER B 45 -11.94 4.69 -16.71
CA SER B 45 -13.17 4.18 -16.16
C SER B 45 -12.87 3.19 -15.02
N ARG B 46 -11.81 2.43 -15.18
CA ARG B 46 -11.44 1.45 -14.16
C ARG B 46 -10.58 2.08 -13.10
N HIS B 47 -10.18 3.33 -13.31
CA HIS B 47 -9.42 4.06 -12.31
C HIS B 47 -10.35 4.38 -11.12
N SER B 48 -11.63 4.39 -11.40
CA SER B 48 -12.64 4.61 -10.38
C SER B 48 -13.05 3.28 -9.70
N LYS B 49 -12.25 2.25 -9.92
CA LYS B 49 -12.43 0.97 -9.29
C LYS B 49 -11.06 0.46 -9.02
N LEU B 50 -10.52 0.85 -7.95
CA LEU B 50 -9.25 0.38 -7.56
C LEU B 50 -9.31 -0.26 -6.22
N GLU B 51 -8.92 -1.48 -6.20
CA GLU B 51 -8.87 -2.25 -4.98
C GLU B 51 -7.50 -2.04 -4.42
N LYS B 52 -7.36 -2.07 -3.12
CA LYS B 52 -6.04 -1.93 -2.49
C LYS B 52 -5.05 -2.93 -3.10
N ALA B 53 -5.52 -4.14 -3.23
CA ALA B 53 -4.74 -5.24 -3.83
C ALA B 53 -4.35 -4.94 -5.28
N ASP B 54 -5.17 -4.18 -5.98
CA ASP B 54 -4.96 -3.93 -7.41
C ASP B 54 -3.87 -2.93 -7.54
N ILE B 55 -3.94 -1.95 -6.67
CA ILE B 55 -3.01 -0.85 -6.60
C ILE B 55 -1.63 -1.36 -6.22
N LEU B 56 -1.59 -2.14 -5.13
CA LEU B 56 -0.33 -2.72 -4.63
C LEU B 56 0.32 -3.53 -5.72
N GLU B 57 -0.48 -4.39 -6.34
CA GLU B 57 -0.03 -5.25 -7.38
C GLU B 57 0.49 -4.48 -8.56
N MET B 58 -0.18 -3.37 -8.93
CA MET B 58 0.28 -2.58 -10.08
C MET B 58 1.72 -2.13 -9.89
N THR B 59 2.04 -1.62 -8.71
CA THR B 59 3.40 -1.19 -8.40
C THR B 59 4.41 -2.33 -8.55
N VAL B 60 4.07 -3.46 -7.96
CA VAL B 60 4.92 -4.63 -7.97
C VAL B 60 5.11 -5.17 -9.40
N LYS B 61 4.04 -5.26 -10.15
CA LYS B 61 4.11 -5.76 -11.52
C LYS B 61 4.89 -4.79 -12.41
N HIS B 62 4.69 -3.50 -12.21
CA HIS B 62 5.40 -2.49 -12.98
C HIS B 62 6.88 -2.51 -12.61
N LEU B 63 7.16 -2.94 -11.38
CA LEU B 63 8.52 -3.11 -10.91
C LEU B 63 9.21 -4.15 -11.79
N ARG B 64 8.52 -5.28 -12.06
CA ARG B 64 9.07 -6.30 -12.98
C ARG B 64 9.33 -5.68 -14.33
N ASN B 65 8.34 -4.93 -14.81
CA ASN B 65 8.40 -4.28 -16.12
C ASN B 65 9.62 -3.40 -16.25
N LEU B 66 9.81 -2.54 -15.29
CA LEU B 66 10.92 -1.63 -15.28
C LEU B 66 12.24 -2.38 -15.09
N GLN B 67 12.20 -3.46 -14.35
CA GLN B 67 13.40 -4.28 -14.10
C GLN B 67 13.81 -5.10 -15.35
N ARG B 68 12.90 -5.18 -16.32
CA ARG B 68 13.17 -5.90 -17.57
C ARG B 68 13.14 -4.92 -18.75
N ALA B 69 13.11 -3.65 -18.43
CA ALA B 69 13.02 -2.59 -19.44
C ALA B 69 14.39 -2.06 -19.80
N GLN B 70 15.38 -2.90 -19.67
CA GLN B 70 16.73 -2.48 -19.91
C GLN B 70 17.10 -2.84 -21.35
N MET A 1 -15.22 -11.12 22.64
CA MET A 1 -16.32 -10.76 21.73
C MET A 1 -15.74 -10.50 20.36
N LYS A 2 -16.61 -10.25 19.41
CA LYS A 2 -16.17 -9.97 18.05
C LYS A 2 -15.78 -8.50 17.91
N PRO A 3 -14.92 -8.16 16.93
CA PRO A 3 -14.52 -6.76 16.64
C PRO A 3 -15.72 -5.90 16.24
N LYS A 4 -16.74 -6.56 15.70
CA LYS A 4 -17.94 -5.91 15.23
C LYS A 4 -18.95 -5.72 16.38
N THR A 5 -18.43 -5.64 17.59
CA THR A 5 -19.23 -5.35 18.78
C THR A 5 -19.82 -3.93 18.64
N ALA A 6 -19.11 -3.10 17.89
CA ALA A 6 -19.55 -1.78 17.58
C ALA A 6 -20.33 -1.84 16.28
N SER A 7 -21.59 -2.19 16.38
CA SER A 7 -22.46 -2.32 15.24
C SER A 7 -22.74 -0.94 14.63
N GLU A 8 -22.43 0.09 15.41
CA GLU A 8 -22.53 1.46 14.99
C GLU A 8 -21.58 1.71 13.82
N HIS A 9 -20.49 0.98 13.80
CA HIS A 9 -19.57 1.02 12.69
C HIS A 9 -19.96 -0.11 11.76
N ARG A 10 -20.71 0.20 10.74
CA ARG A 10 -21.20 -0.81 9.83
C ARG A 10 -20.12 -1.28 8.87
N LYS A 11 -20.36 -2.39 8.26
CA LYS A 11 -19.42 -2.97 7.34
C LYS A 11 -20.15 -3.43 6.12
N SER A 12 -19.96 -2.70 5.07
CA SER A 12 -20.57 -2.99 3.80
C SER A 12 -19.79 -4.10 3.08
N SER A 13 -20.18 -4.42 1.85
CA SER A 13 -19.52 -5.41 1.01
C SER A 13 -19.76 -6.83 1.52
N LYS A 14 -19.23 -7.78 0.82
CA LYS A 14 -19.34 -9.14 1.19
C LYS A 14 -18.13 -9.59 1.94
N PRO A 15 -18.33 -10.15 3.14
CA PRO A 15 -17.24 -10.57 4.02
C PRO A 15 -16.32 -11.58 3.36
N ILE A 16 -16.88 -12.46 2.54
CA ILE A 16 -16.08 -13.46 1.85
C ILE A 16 -15.29 -12.82 0.71
N MET A 17 -15.95 -11.99 -0.07
CA MET A 17 -15.30 -11.34 -1.20
C MET A 17 -14.23 -10.37 -0.73
N GLU A 18 -14.54 -9.59 0.28
CA GLU A 18 -13.60 -8.61 0.77
C GLU A 18 -12.49 -9.27 1.58
N LYS A 19 -12.74 -10.49 2.04
CA LYS A 19 -11.73 -11.26 2.76
C LYS A 19 -10.66 -11.68 1.79
N ARG A 20 -11.13 -12.14 0.62
CA ARG A 20 -10.27 -12.53 -0.48
C ARG A 20 -9.47 -11.32 -0.96
N ARG A 21 -10.16 -10.20 -1.02
CA ARG A 21 -9.53 -8.94 -1.36
C ARG A 21 -8.46 -8.58 -0.35
N ARG A 22 -8.85 -8.58 0.92
CA ARG A 22 -7.96 -8.24 2.01
C ARG A 22 -6.74 -9.16 2.07
N ALA A 23 -6.95 -10.43 1.80
CA ALA A 23 -5.86 -11.39 1.73
C ALA A 23 -4.92 -10.97 0.63
N ARG A 24 -5.49 -10.63 -0.53
CA ARG A 24 -4.73 -10.19 -1.69
C ARG A 24 -3.95 -8.91 -1.35
N ILE A 25 -4.55 -8.03 -0.55
CA ILE A 25 -3.90 -6.82 -0.06
C ILE A 25 -2.59 -7.18 0.63
N ASN A 26 -2.69 -8.02 1.65
CA ASN A 26 -1.53 -8.47 2.43
C ASN A 26 -0.52 -9.15 1.54
N GLU A 27 -1.00 -10.03 0.68
CA GLU A 27 -0.15 -10.76 -0.25
C GLU A 27 0.63 -9.83 -1.17
N SER A 28 -0.01 -8.75 -1.60
CA SER A 28 0.62 -7.83 -2.48
C SER A 28 1.61 -6.96 -1.73
N LEU A 29 1.22 -6.46 -0.56
CA LEU A 29 2.07 -5.59 0.25
C LEU A 29 3.31 -6.36 0.73
N SER A 30 3.11 -7.63 1.05
CA SER A 30 4.17 -8.52 1.48
C SER A 30 5.23 -8.65 0.39
N GLN A 31 4.82 -8.97 -0.83
CA GLN A 31 5.76 -9.15 -1.92
C GLN A 31 6.33 -7.80 -2.36
N LEU A 32 5.52 -6.76 -2.20
CA LEU A 32 5.89 -5.39 -2.52
C LEU A 32 7.12 -4.98 -1.73
N LYS A 33 7.02 -5.05 -0.41
CA LYS A 33 8.16 -4.70 0.46
C LYS A 33 9.35 -5.62 0.18
N THR A 34 9.07 -6.89 -0.13
CA THR A 34 10.10 -7.87 -0.38
C THR A 34 10.93 -7.50 -1.62
N LEU A 35 10.26 -7.26 -2.73
CA LEU A 35 10.94 -6.93 -3.98
C LEU A 35 11.57 -5.56 -3.94
N ILE A 36 10.96 -4.64 -3.22
CA ILE A 36 11.53 -3.32 -3.07
C ILE A 36 12.82 -3.40 -2.24
N LEU A 37 12.72 -4.02 -1.09
CA LEU A 37 13.84 -4.12 -0.18
C LEU A 37 14.99 -4.87 -0.87
N ASP A 38 14.63 -5.81 -1.72
CA ASP A 38 15.60 -6.64 -2.39
C ASP A 38 16.21 -5.96 -3.58
N ALA A 39 15.50 -5.08 -4.20
CA ALA A 39 16.04 -4.46 -5.37
C ALA A 39 17.00 -3.36 -5.02
N LEU A 40 16.73 -2.68 -3.95
CA LEU A 40 17.61 -1.58 -3.54
C LEU A 40 18.64 -2.10 -2.59
N LYS A 41 18.29 -3.21 -1.92
CA LYS A 41 19.16 -3.87 -0.97
C LYS A 41 19.51 -2.92 0.15
N LYS A 42 18.46 -2.55 0.85
CA LYS A 42 18.52 -1.61 1.93
C LYS A 42 19.21 -2.20 3.14
N ASP A 43 18.47 -3.02 3.89
CA ASP A 43 18.98 -3.64 5.09
C ASP A 43 17.92 -4.49 5.64
N SER A 44 18.29 -5.49 6.33
CA SER A 44 17.35 -6.35 6.91
C SER A 44 16.71 -5.73 8.17
N SER A 45 17.44 -4.87 8.85
CA SER A 45 16.94 -4.25 10.06
C SER A 45 15.82 -3.25 9.69
N ARG A 46 16.05 -2.51 8.61
CA ARG A 46 15.09 -1.51 8.17
C ARG A 46 13.96 -2.16 7.38
N HIS A 47 14.07 -3.45 7.16
CA HIS A 47 12.98 -4.21 6.59
C HIS A 47 11.97 -4.46 7.74
N SER A 48 12.50 -4.76 8.91
CA SER A 48 11.68 -4.99 10.08
C SER A 48 11.31 -3.65 10.77
N LYS A 49 11.80 -2.60 10.20
CA LYS A 49 11.48 -1.27 10.63
C LYS A 49 10.90 -0.55 9.45
N LEU A 50 9.84 -1.11 8.98
CA LEU A 50 9.10 -0.61 7.91
C LEU A 50 7.69 -0.36 8.33
N GLU A 51 7.38 0.88 8.45
CA GLU A 51 6.07 1.33 8.72
C GLU A 51 5.31 1.26 7.42
N LYS A 52 4.00 1.07 7.49
CA LYS A 52 3.17 0.99 6.27
C LYS A 52 3.44 2.15 5.29
N ALA A 53 3.53 3.33 5.84
CA ALA A 53 3.82 4.55 5.09
C ALA A 53 5.21 4.53 4.44
N ASP A 54 6.11 3.82 5.09
CA ASP A 54 7.53 3.79 4.68
C ASP A 54 7.67 2.87 3.52
N ILE A 55 6.88 1.84 3.55
CA ILE A 55 6.87 0.82 2.54
C ILE A 55 6.23 1.35 1.26
N LEU A 56 5.04 1.95 1.39
CA LEU A 56 4.31 2.47 0.21
C LEU A 56 5.17 3.48 -0.52
N GLU A 57 5.66 4.46 0.22
CA GLU A 57 6.49 5.52 -0.32
C GLU A 57 7.76 5.00 -0.94
N MET A 58 8.34 3.96 -0.36
CA MET A 58 9.60 3.45 -0.86
C MET A 58 9.39 2.81 -2.22
N THR A 59 8.25 2.22 -2.39
CA THR A 59 7.87 1.58 -3.61
C THR A 59 7.59 2.64 -4.71
N VAL A 60 6.91 3.72 -4.33
CA VAL A 60 6.59 4.79 -5.26
C VAL A 60 7.87 5.54 -5.65
N LYS A 61 8.72 5.81 -4.67
CA LYS A 61 9.94 6.52 -4.93
C LYS A 61 10.89 5.70 -5.78
N HIS A 62 10.82 4.39 -5.65
CA HIS A 62 11.64 3.51 -6.45
C HIS A 62 11.14 3.48 -7.89
N LEU A 63 9.83 3.70 -8.10
CA LEU A 63 9.32 3.72 -9.46
C LEU A 63 9.88 4.94 -10.18
N ARG A 64 10.05 6.07 -9.45
CA ARG A 64 10.71 7.25 -10.04
C ARG A 64 12.10 6.89 -10.50
N ASN A 65 12.83 6.21 -9.63
CA ASN A 65 14.22 5.79 -9.91
C ASN A 65 14.26 4.96 -11.17
N LEU A 66 13.42 3.94 -11.22
CA LEU A 66 13.38 3.04 -12.36
C LEU A 66 12.79 3.69 -13.59
N GLN A 67 12.03 4.74 -13.42
CA GLN A 67 11.51 5.48 -14.55
C GLN A 67 12.61 6.34 -15.19
N ARG A 68 13.44 6.94 -14.35
CA ARG A 68 14.48 7.87 -14.82
C ARG A 68 15.79 7.14 -15.12
N ALA A 69 15.76 5.83 -15.05
CA ALA A 69 16.95 5.01 -15.26
C ALA A 69 17.28 4.88 -16.75
N GLN A 70 16.39 5.40 -17.55
CA GLN A 70 16.52 5.40 -18.98
C GLN A 70 15.71 6.56 -19.54
N MET B 1 7.65 -14.77 15.37
CA MET B 1 7.64 -13.68 16.35
C MET B 1 7.46 -12.36 15.64
N LYS B 2 7.20 -11.33 16.40
CA LYS B 2 7.00 -10.00 15.88
C LYS B 2 8.32 -9.41 15.40
N PRO B 3 8.29 -8.48 14.43
CA PRO B 3 9.48 -7.78 14.00
C PRO B 3 10.01 -6.85 15.08
N LYS B 4 10.82 -7.41 15.95
CA LYS B 4 11.44 -6.67 17.00
C LYS B 4 12.52 -5.77 16.45
N THR B 5 12.10 -4.60 16.08
CA THR B 5 12.97 -3.55 15.68
C THR B 5 12.36 -2.27 16.22
N ALA B 6 12.46 -2.21 17.53
CA ALA B 6 11.90 -1.19 18.38
C ALA B 6 12.32 -1.59 19.76
N SER B 7 11.75 -0.96 20.76
CA SER B 7 12.06 -1.30 22.13
C SER B 7 11.58 -2.72 22.50
N GLU B 8 10.30 -2.88 22.79
CA GLU B 8 9.80 -4.19 23.18
C GLU B 8 8.33 -4.31 22.77
N HIS B 9 7.93 -3.47 21.87
CA HIS B 9 6.55 -3.39 21.42
C HIS B 9 6.54 -2.64 20.12
N ARG B 10 5.37 -2.46 19.54
CA ARG B 10 5.24 -1.64 18.37
C ARG B 10 5.35 -0.22 18.84
N LYS B 11 6.38 0.48 18.45
CA LYS B 11 6.58 1.82 18.90
C LYS B 11 5.70 2.73 18.11
N SER B 12 4.54 2.89 18.62
CA SER B 12 3.51 3.67 18.02
C SER B 12 2.64 4.27 19.12
N SER B 13 3.25 4.53 20.27
CA SER B 13 2.53 4.95 21.46
C SER B 13 1.88 6.33 21.28
N LYS B 14 2.39 7.09 20.36
CA LYS B 14 1.92 8.42 20.15
C LYS B 14 0.88 8.50 19.07
N PRO B 15 -0.32 9.01 19.42
CA PRO B 15 -1.39 9.22 18.46
C PRO B 15 -0.97 10.24 17.40
N ILE B 16 -0.14 11.20 17.81
CA ILE B 16 0.36 12.23 16.90
C ILE B 16 1.32 11.60 15.87
N MET B 17 2.15 10.69 16.33
CA MET B 17 3.14 10.06 15.48
C MET B 17 2.51 9.11 14.53
N GLU B 18 1.55 8.35 15.00
CA GLU B 18 0.88 7.42 14.14
C GLU B 18 -0.03 8.16 13.15
N LYS B 19 -0.49 9.35 13.55
CA LYS B 19 -1.29 10.20 12.69
C LYS B 19 -0.45 10.68 11.51
N ARG B 20 0.81 10.98 11.81
CA ARG B 20 1.78 11.39 10.79
C ARG B 20 2.05 10.22 9.87
N ARG B 21 2.16 9.03 10.45
CA ARG B 21 2.29 7.82 9.68
C ARG B 21 1.10 7.69 8.75
N ARG B 22 -0.12 7.78 9.31
CA ARG B 22 -1.37 7.68 8.55
C ARG B 22 -1.40 8.64 7.39
N ALA B 23 -1.03 9.88 7.66
CA ALA B 23 -0.99 10.91 6.64
C ALA B 23 -0.10 10.46 5.51
N ARG B 24 1.10 10.03 5.86
CA ARG B 24 2.09 9.59 4.92
C ARG B 24 1.60 8.34 4.15
N ILE B 25 0.85 7.45 4.84
CA ILE B 25 0.24 6.26 4.22
C ILE B 25 -0.73 6.67 3.13
N ASN B 26 -1.65 7.55 3.49
CA ASN B 26 -2.67 8.00 2.55
C ASN B 26 -2.04 8.69 1.38
N GLU B 27 -1.09 9.57 1.68
CA GLU B 27 -0.36 10.33 0.67
C GLU B 27 0.40 9.42 -0.29
N SER B 28 1.06 8.40 0.24
CA SER B 28 1.86 7.56 -0.59
C SER B 28 1.02 6.63 -1.44
N LEU B 29 -0.01 6.04 -0.84
CA LEU B 29 -0.92 5.14 -1.55
C LEU B 29 -1.63 5.92 -2.67
N SER B 30 -1.99 7.16 -2.38
CA SER B 30 -2.66 8.02 -3.32
C SER B 30 -1.79 8.23 -4.57
N GLN B 31 -0.59 8.71 -4.37
CA GLN B 31 0.29 8.99 -5.49
C GLN B 31 0.78 7.69 -6.13
N LEU B 32 0.82 6.63 -5.36
CA LEU B 32 1.24 5.31 -5.81
C LEU B 32 0.35 4.88 -6.98
N LYS B 33 -0.95 4.81 -6.75
CA LYS B 33 -1.90 4.41 -7.80
C LYS B 33 -1.89 5.43 -8.95
N THR B 34 -1.70 6.69 -8.60
CA THR B 34 -1.75 7.78 -9.55
C THR B 34 -0.59 7.70 -10.53
N LEU B 35 0.61 7.47 -10.03
CA LEU B 35 1.79 7.36 -10.87
C LEU B 35 1.78 6.07 -11.64
N ILE B 36 1.30 5.01 -11.02
CA ILE B 36 1.21 3.73 -11.70
C ILE B 36 0.25 3.81 -12.88
N LEU B 37 -0.92 4.35 -12.67
CA LEU B 37 -1.89 4.44 -13.73
C LEU B 37 -1.39 5.41 -14.81
N ASP B 38 -0.57 6.35 -14.42
CA ASP B 38 -0.02 7.35 -15.35
C ASP B 38 1.15 6.79 -16.15
N ALA B 39 1.84 5.85 -15.57
CA ALA B 39 2.98 5.24 -16.21
C ALA B 39 2.53 4.15 -17.16
N LEU B 40 1.52 3.42 -16.76
CA LEU B 40 1.05 2.31 -17.58
C LEU B 40 -0.04 2.77 -18.51
N LYS B 41 -0.89 3.65 -18.01
CA LYS B 41 -2.02 4.19 -18.75
C LYS B 41 -2.91 3.11 -19.31
N LYS B 42 -3.52 2.43 -18.38
CA LYS B 42 -4.45 1.36 -18.69
C LYS B 42 -5.82 1.95 -19.00
N ASP B 43 -6.48 2.45 -17.97
CA ASP B 43 -7.82 3.00 -18.10
C ASP B 43 -8.17 3.66 -16.82
N SER B 44 -8.86 4.72 -16.90
CA SER B 44 -9.27 5.40 -15.74
C SER B 44 -10.56 4.75 -15.19
N SER B 45 -11.26 4.01 -16.04
CA SER B 45 -12.46 3.31 -15.63
C SER B 45 -12.09 2.19 -14.63
N ARG B 46 -10.92 1.63 -14.83
CA ARG B 46 -10.44 0.58 -13.97
C ARG B 46 -9.60 1.16 -12.85
N HIS B 47 -9.36 2.47 -12.93
CA HIS B 47 -8.64 3.23 -11.90
C HIS B 47 -9.65 3.62 -10.79
N SER B 48 -10.83 4.04 -11.20
CA SER B 48 -11.90 4.45 -10.28
C SER B 48 -12.57 3.27 -9.57
N LYS B 49 -12.07 2.09 -9.79
CA LYS B 49 -12.61 0.90 -9.16
C LYS B 49 -11.47 0.11 -8.53
N LEU B 50 -10.37 0.78 -8.38
CA LEU B 50 -9.21 0.17 -7.83
C LEU B 50 -9.34 -0.04 -6.36
N GLU B 51 -9.21 -1.27 -6.00
CA GLU B 51 -9.20 -1.66 -4.64
C GLU B 51 -7.77 -1.69 -4.20
N LYS B 52 -7.56 -1.64 -2.92
CA LYS B 52 -6.24 -1.62 -2.33
C LYS B 52 -5.36 -2.76 -2.85
N ALA B 53 -5.92 -3.93 -2.86
CA ALA B 53 -5.25 -5.14 -3.36
C ALA B 53 -4.82 -5.00 -4.83
N ASP B 54 -5.59 -4.23 -5.57
CA ASP B 54 -5.38 -4.10 -7.02
C ASP B 54 -4.26 -3.15 -7.26
N ILE B 55 -4.31 -2.08 -6.53
CA ILE B 55 -3.36 -1.00 -6.58
C ILE B 55 -1.98 -1.49 -6.16
N LEU B 56 -1.92 -2.16 -5.02
CA LEU B 56 -0.68 -2.71 -4.49
C LEU B 56 -0.01 -3.60 -5.51
N GLU B 57 -0.76 -4.56 -6.02
CA GLU B 57 -0.27 -5.48 -7.01
C GLU B 57 0.22 -4.77 -8.27
N MET B 58 -0.53 -3.76 -8.73
CA MET B 58 -0.24 -3.12 -10.02
C MET B 58 1.12 -2.44 -9.97
N THR B 59 1.40 -1.91 -8.82
CA THR B 59 2.62 -1.21 -8.54
C THR B 59 3.80 -2.22 -8.49
N VAL B 60 3.58 -3.36 -7.84
CA VAL B 60 4.59 -4.41 -7.76
C VAL B 60 4.87 -4.99 -9.15
N LYS B 61 3.81 -5.21 -9.91
CA LYS B 61 3.93 -5.74 -11.26
C LYS B 61 4.70 -4.76 -12.15
N HIS B 62 4.43 -3.46 -12.01
CA HIS B 62 5.14 -2.43 -12.76
C HIS B 62 6.62 -2.42 -12.38
N LEU B 63 6.89 -2.72 -11.12
CA LEU B 63 8.24 -2.85 -10.61
C LEU B 63 9.02 -3.86 -11.43
N ARG B 64 8.44 -5.04 -11.68
CA ARG B 64 9.14 -6.03 -12.49
C ARG B 64 9.33 -5.54 -13.89
N ASN B 65 8.32 -4.87 -14.44
CA ASN B 65 8.37 -4.35 -15.81
C ASN B 65 9.55 -3.42 -15.96
N LEU B 66 9.66 -2.46 -15.06
CA LEU B 66 10.77 -1.51 -15.08
C LEU B 66 12.09 -2.17 -14.80
N GLN B 67 12.07 -3.22 -14.01
CA GLN B 67 13.28 -3.94 -13.68
C GLN B 67 13.76 -4.84 -14.84
N ARG B 68 12.88 -5.13 -15.77
CA ARG B 68 13.20 -6.07 -16.85
C ARG B 68 13.22 -5.38 -18.20
N ALA B 69 13.05 -4.08 -18.21
CA ALA B 69 12.96 -3.33 -19.45
C ALA B 69 14.33 -3.22 -20.10
N GLN B 70 15.33 -3.58 -19.33
CA GLN B 70 16.67 -3.58 -19.78
C GLN B 70 16.97 -4.99 -20.17
N MET A 1 2.52 -17.92 12.03
CA MET A 1 1.38 -18.50 11.31
C MET A 1 0.12 -17.73 11.67
N LYS A 2 -0.09 -17.49 12.94
CA LYS A 2 -1.22 -16.74 13.41
C LYS A 2 -0.70 -15.47 14.06
N PRO A 3 -0.76 -14.34 13.35
CA PRO A 3 -0.29 -13.08 13.87
C PRO A 3 -1.32 -12.40 14.76
N LYS A 4 -0.84 -11.61 15.71
CA LYS A 4 -1.71 -10.90 16.63
C LYS A 4 -1.84 -9.43 16.20
N THR A 5 -1.11 -9.08 15.19
CA THR A 5 -1.14 -7.75 14.67
C THR A 5 -2.30 -7.63 13.68
N ALA A 6 -3.42 -7.11 14.15
CA ALA A 6 -4.60 -6.98 13.34
C ALA A 6 -4.51 -5.75 12.47
N SER A 7 -4.11 -5.94 11.24
CA SER A 7 -3.98 -4.87 10.31
C SER A 7 -5.07 -4.96 9.23
N GLU A 8 -5.42 -3.79 8.67
CA GLU A 8 -6.39 -3.66 7.57
C GLU A 8 -7.73 -4.29 7.84
N HIS A 9 -8.57 -3.60 8.53
CA HIS A 9 -9.90 -4.10 8.78
C HIS A 9 -10.78 -3.64 7.65
N ARG A 10 -10.89 -4.46 6.64
CA ARG A 10 -11.65 -4.12 5.47
C ARG A 10 -12.86 -4.99 5.31
N LYS A 11 -14.00 -4.37 5.36
CA LYS A 11 -15.29 -5.00 5.26
C LYS A 11 -15.85 -4.72 3.87
N SER A 12 -16.58 -5.64 3.35
CA SER A 12 -17.24 -5.48 2.09
C SER A 12 -18.68 -5.91 2.30
N SER A 13 -19.43 -6.10 1.25
CA SER A 13 -20.79 -6.54 1.39
C SER A 13 -20.79 -8.07 1.44
N LYS A 14 -19.84 -8.63 0.78
CA LYS A 14 -19.65 -10.05 0.73
C LYS A 14 -18.44 -10.44 1.58
N PRO A 15 -18.57 -11.50 2.39
CA PRO A 15 -17.48 -12.01 3.21
C PRO A 15 -16.36 -12.53 2.32
N ILE A 16 -16.74 -13.15 1.22
CA ILE A 16 -15.81 -13.69 0.25
C ILE A 16 -15.01 -12.56 -0.40
N MET A 17 -15.70 -11.50 -0.78
CA MET A 17 -15.06 -10.37 -1.48
C MET A 17 -14.05 -9.69 -0.62
N GLU A 18 -14.39 -9.46 0.63
CA GLU A 18 -13.48 -8.80 1.54
C GLU A 18 -12.33 -9.71 1.92
N LYS A 19 -12.56 -11.01 1.83
CA LYS A 19 -11.56 -11.98 2.20
C LYS A 19 -10.51 -12.05 1.12
N ARG A 20 -10.96 -12.12 -0.13
CA ARG A 20 -10.07 -12.16 -1.29
C ARG A 20 -9.31 -10.86 -1.37
N ARG A 21 -10.02 -9.76 -1.11
CA ARG A 21 -9.43 -8.44 -1.06
C ARG A 21 -8.33 -8.39 -0.02
N ARG A 22 -8.67 -8.72 1.22
CA ARG A 22 -7.77 -8.64 2.35
C ARG A 22 -6.55 -9.51 2.18
N ALA A 23 -6.77 -10.73 1.68
CA ALA A 23 -5.69 -11.65 1.41
C ALA A 23 -4.75 -11.04 0.41
N ARG A 24 -5.30 -10.53 -0.70
CA ARG A 24 -4.46 -9.94 -1.72
C ARG A 24 -3.80 -8.66 -1.25
N ILE A 25 -4.43 -7.92 -0.34
CA ILE A 25 -3.82 -6.74 0.24
C ILE A 25 -2.52 -7.14 0.92
N ASN A 26 -2.62 -8.10 1.79
CA ASN A 26 -1.49 -8.57 2.58
C ASN A 26 -0.46 -9.20 1.67
N GLU A 27 -0.93 -10.07 0.79
CA GLU A 27 -0.05 -10.77 -0.13
C GLU A 27 0.66 -9.82 -1.12
N SER A 28 -0.01 -8.77 -1.58
CA SER A 28 0.61 -7.85 -2.49
C SER A 28 1.57 -6.90 -1.78
N LEU A 29 1.23 -6.49 -0.55
CA LEU A 29 2.05 -5.54 0.20
C LEU A 29 3.34 -6.26 0.64
N SER A 30 3.22 -7.53 0.91
CA SER A 30 4.34 -8.31 1.35
C SER A 30 5.33 -8.59 0.22
N GLN A 31 4.84 -8.94 -0.96
CA GLN A 31 5.75 -9.14 -2.10
C GLN A 31 6.35 -7.80 -2.52
N LEU A 32 5.56 -6.75 -2.34
CA LEU A 32 5.95 -5.38 -2.62
C LEU A 32 7.21 -5.01 -1.85
N LYS A 33 7.15 -5.11 -0.52
CA LYS A 33 8.30 -4.79 0.34
C LYS A 33 9.49 -5.70 0.01
N THR A 34 9.19 -6.93 -0.38
CA THR A 34 10.19 -7.91 -0.68
C THR A 34 10.99 -7.51 -1.90
N LEU A 35 10.29 -7.23 -2.99
CA LEU A 35 10.92 -6.92 -4.25
C LEU A 35 11.67 -5.61 -4.19
N ILE A 36 11.08 -4.64 -3.51
CA ILE A 36 11.71 -3.34 -3.33
C ILE A 36 13.03 -3.49 -2.59
N LEU A 37 12.98 -4.12 -1.44
CA LEU A 37 14.15 -4.27 -0.63
C LEU A 37 15.18 -5.17 -1.27
N ASP A 38 14.75 -6.06 -2.11
CA ASP A 38 15.64 -7.03 -2.74
C ASP A 38 16.34 -6.42 -3.95
N ALA A 39 15.73 -5.42 -4.55
CA ALA A 39 16.30 -4.75 -5.70
C ALA A 39 17.26 -3.70 -5.23
N LEU A 40 16.93 -3.08 -4.12
CA LEU A 40 17.70 -1.98 -3.61
C LEU A 40 18.74 -2.45 -2.64
N LYS A 41 18.35 -3.44 -1.83
CA LYS A 41 19.19 -4.04 -0.81
C LYS A 41 19.80 -2.99 0.07
N LYS A 42 18.93 -2.32 0.78
CA LYS A 42 19.35 -1.32 1.68
C LYS A 42 19.71 -1.94 3.00
N ASP A 43 18.70 -2.22 3.81
CA ASP A 43 18.91 -2.76 5.13
C ASP A 43 17.77 -3.58 5.60
N SER A 44 18.11 -4.73 6.10
CA SER A 44 17.17 -5.64 6.69
C SER A 44 16.87 -5.17 8.13
N SER A 45 17.73 -4.30 8.64
CA SER A 45 17.56 -3.71 9.95
C SER A 45 16.38 -2.72 9.93
N ARG A 46 16.17 -2.06 8.80
CA ARG A 46 15.05 -1.16 8.65
C ARG A 46 13.84 -1.93 8.18
N HIS A 47 14.08 -3.09 7.61
CA HIS A 47 13.01 -4.00 7.28
C HIS A 47 12.47 -4.58 8.59
N SER A 48 11.16 -4.85 8.66
CA SER A 48 10.47 -5.31 9.88
C SER A 48 10.36 -4.20 10.93
N LYS A 49 10.86 -3.04 10.56
CA LYS A 49 10.72 -1.81 11.31
C LYS A 49 10.26 -0.78 10.30
N LEU A 50 9.71 -1.31 9.25
CA LEU A 50 9.17 -0.58 8.16
C LEU A 50 7.72 -0.37 8.38
N GLU A 51 7.37 0.86 8.53
CA GLU A 51 6.03 1.25 8.75
C GLU A 51 5.33 1.24 7.40
N LYS A 52 4.03 1.06 7.41
CA LYS A 52 3.23 0.98 6.19
C LYS A 52 3.51 2.14 5.25
N ALA A 53 3.46 3.33 5.78
CA ALA A 53 3.72 4.55 5.02
C ALA A 53 5.14 4.60 4.45
N ASP A 54 6.03 3.92 5.14
CA ASP A 54 7.45 3.96 4.81
C ASP A 54 7.72 3.05 3.64
N ILE A 55 7.05 1.93 3.68
CA ILE A 55 7.12 0.90 2.66
C ILE A 55 6.47 1.41 1.36
N LEU A 56 5.28 1.99 1.48
CA LEU A 56 4.55 2.52 0.32
C LEU A 56 5.42 3.50 -0.46
N GLU A 57 5.96 4.49 0.24
CA GLU A 57 6.81 5.49 -0.37
C GLU A 57 8.07 4.89 -0.96
N MET A 58 8.61 3.87 -0.32
CA MET A 58 9.87 3.28 -0.74
C MET A 58 9.69 2.59 -2.09
N THR A 59 8.48 2.10 -2.29
CA THR A 59 8.07 1.44 -3.50
C THR A 59 7.84 2.49 -4.62
N VAL A 60 7.11 3.55 -4.28
CA VAL A 60 6.83 4.63 -5.24
C VAL A 60 8.14 5.29 -5.66
N LYS A 61 9.00 5.55 -4.71
CA LYS A 61 10.27 6.16 -4.98
C LYS A 61 11.16 5.27 -5.85
N HIS A 62 11.03 3.96 -5.68
CA HIS A 62 11.79 3.02 -6.50
C HIS A 62 11.33 3.10 -7.95
N LEU A 63 10.04 3.35 -8.18
CA LEU A 63 9.57 3.40 -9.53
C LEU A 63 10.07 4.66 -10.19
N ARG A 64 10.28 5.70 -9.39
CA ARG A 64 10.82 6.98 -9.91
C ARG A 64 12.25 6.73 -10.36
N ASN A 65 12.97 5.98 -9.52
CA ASN A 65 14.37 5.63 -9.78
C ASN A 65 14.48 4.84 -11.04
N LEU A 66 13.59 3.92 -11.21
CA LEU A 66 13.53 3.14 -12.41
C LEU A 66 13.20 4.04 -13.58
N GLN A 67 12.19 4.88 -13.40
CA GLN A 67 11.70 5.75 -14.46
C GLN A 67 12.70 6.75 -14.96
N ARG A 68 13.62 7.15 -14.12
CA ARG A 68 14.62 8.11 -14.52
C ARG A 68 15.76 7.44 -15.26
N ALA A 69 15.79 6.11 -15.19
CA ALA A 69 16.83 5.33 -15.79
C ALA A 69 16.57 5.12 -17.27
N GLN A 70 15.31 5.13 -17.62
CA GLN A 70 14.88 4.91 -18.97
C GLN A 70 13.60 5.67 -19.29
N MET B 1 -15.76 13.38 32.46
CA MET B 1 -15.66 12.54 31.27
C MET B 1 -14.33 12.78 30.58
N LYS B 2 -13.79 11.74 30.01
CA LYS B 2 -12.51 11.80 29.32
C LYS B 2 -12.69 11.37 27.87
N PRO B 3 -11.81 11.81 26.96
CA PRO B 3 -11.89 11.45 25.53
C PRO B 3 -11.57 9.97 25.30
N LYS B 4 -11.90 9.48 24.14
CA LYS B 4 -11.64 8.11 23.77
C LYS B 4 -11.20 8.04 22.31
N THR B 5 -10.16 7.26 22.07
CA THR B 5 -9.55 7.10 20.76
C THR B 5 -10.47 6.40 19.73
N ALA B 6 -10.07 6.48 18.47
CA ALA B 6 -10.83 5.92 17.37
C ALA B 6 -9.88 5.16 16.43
N SER B 7 -10.31 4.95 15.17
CA SER B 7 -9.55 4.25 14.13
C SER B 7 -9.54 2.72 14.35
N GLU B 8 -9.17 1.95 13.33
CA GLU B 8 -9.20 0.51 13.46
C GLU B 8 -7.84 -0.15 13.77
N HIS B 9 -6.77 0.25 13.09
CA HIS B 9 -5.46 -0.31 13.44
C HIS B 9 -4.43 0.79 13.61
N ARG B 10 -3.89 0.90 14.80
CA ARG B 10 -2.88 1.88 15.09
C ARG B 10 -1.81 1.22 15.93
N LYS B 11 -0.60 1.68 15.81
CA LYS B 11 0.45 1.18 16.65
C LYS B 11 1.30 2.31 17.11
N SER B 12 0.68 3.08 17.94
CA SER B 12 1.19 4.27 18.58
C SER B 12 0.26 4.56 19.73
N SER B 13 0.73 5.31 20.67
CA SER B 13 -0.08 5.72 21.79
C SER B 13 -0.55 7.13 21.59
N LYS B 14 0.22 7.81 20.86
CA LYS B 14 0.13 9.16 20.69
C LYS B 14 -0.61 9.48 19.39
N PRO B 15 -1.71 10.24 19.50
CA PRO B 15 -2.55 10.62 18.37
C PRO B 15 -1.81 11.36 17.26
N ILE B 16 -0.72 12.04 17.60
CA ILE B 16 0.03 12.78 16.59
C ILE B 16 0.89 11.83 15.77
N MET B 17 1.51 10.89 16.45
CA MET B 17 2.36 9.89 15.80
C MET B 17 1.57 9.02 14.86
N GLU B 18 0.40 8.59 15.32
CA GLU B 18 -0.45 7.75 14.50
C GLU B 18 -1.03 8.54 13.34
N LYS B 19 -1.25 9.83 13.57
CA LYS B 19 -1.85 10.72 12.57
C LYS B 19 -0.89 10.92 11.42
N ARG B 20 0.34 11.23 11.78
CA ARG B 20 1.42 11.45 10.82
C ARG B 20 1.60 10.22 9.95
N ARG B 21 1.59 9.06 10.59
CA ARG B 21 1.72 7.81 9.88
C ARG B 21 0.54 7.63 8.95
N ARG B 22 -0.65 7.74 9.50
CA ARG B 22 -1.91 7.56 8.79
C ARG B 22 -1.98 8.42 7.54
N ALA B 23 -1.74 9.70 7.69
CA ALA B 23 -1.76 10.63 6.60
C ALA B 23 -0.73 10.24 5.56
N ARG B 24 0.48 9.93 6.02
CA ARG B 24 1.56 9.55 5.12
C ARG B 24 1.21 8.25 4.37
N ILE B 25 0.51 7.33 5.04
CA ILE B 25 0.04 6.09 4.43
C ILE B 25 -0.88 6.42 3.26
N ASN B 26 -1.96 7.14 3.57
CA ASN B 26 -2.97 7.49 2.57
C ASN B 26 -2.36 8.25 1.43
N GLU B 27 -1.54 9.23 1.76
CA GLU B 27 -0.92 10.07 0.76
C GLU B 27 0.10 9.33 -0.10
N SER B 28 0.83 8.38 0.47
CA SER B 28 1.80 7.65 -0.31
C SER B 28 1.08 6.66 -1.21
N LEU B 29 0.02 6.06 -0.69
CA LEU B 29 -0.77 5.09 -1.43
C LEU B 29 -1.52 5.82 -2.56
N SER B 30 -1.92 7.06 -2.30
CA SER B 30 -2.65 7.84 -3.26
C SER B 30 -1.73 8.20 -4.44
N GLN B 31 -0.53 8.71 -4.16
CA GLN B 31 0.38 9.08 -5.24
C GLN B 31 0.87 7.81 -5.95
N LEU B 32 0.93 6.72 -5.20
CA LEU B 32 1.31 5.41 -5.70
C LEU B 32 0.42 5.00 -6.87
N LYS B 33 -0.89 4.93 -6.64
CA LYS B 33 -1.82 4.56 -7.71
C LYS B 33 -1.82 5.57 -8.86
N THR B 34 -1.55 6.80 -8.52
CA THR B 34 -1.51 7.89 -9.46
C THR B 34 -0.34 7.72 -10.44
N LEU B 35 0.88 7.53 -9.92
CA LEU B 35 2.07 7.39 -10.75
C LEU B 35 2.06 6.10 -11.55
N ILE B 36 1.47 5.05 -10.99
CA ILE B 36 1.36 3.79 -11.68
C ILE B 36 0.48 3.94 -12.92
N LEU B 37 -0.72 4.44 -12.72
CA LEU B 37 -1.64 4.67 -13.80
C LEU B 37 -1.17 5.76 -14.74
N ASP B 38 -0.29 6.58 -14.29
CA ASP B 38 0.27 7.66 -15.10
C ASP B 38 1.30 7.15 -16.08
N ALA B 39 2.01 6.14 -15.71
CA ALA B 39 3.07 5.64 -16.54
C ALA B 39 2.51 4.71 -17.58
N LEU B 40 1.47 4.04 -17.19
CA LEU B 40 0.89 3.02 -18.02
C LEU B 40 -0.35 3.53 -18.70
N LYS B 41 -1.16 4.29 -17.96
CA LYS B 41 -2.42 4.89 -18.45
C LYS B 41 -3.29 3.85 -19.12
N LYS B 42 -3.32 2.65 -18.50
CA LYS B 42 -4.03 1.51 -19.02
C LYS B 42 -5.50 1.84 -19.25
N ASP B 43 -6.18 2.17 -18.18
CA ASP B 43 -7.57 2.47 -18.24
C ASP B 43 -7.96 3.21 -17.03
N SER B 44 -8.71 4.22 -17.21
CA SER B 44 -9.09 5.01 -16.13
C SER B 44 -10.38 4.49 -15.45
N SER B 45 -11.09 3.61 -16.14
CA SER B 45 -12.30 3.02 -15.63
C SER B 45 -11.96 2.07 -14.48
N ARG B 46 -10.93 1.25 -14.69
CA ARG B 46 -10.45 0.33 -13.66
C ARG B 46 -9.68 1.07 -12.60
N HIS B 47 -9.19 2.26 -12.95
CA HIS B 47 -8.56 3.14 -11.97
C HIS B 47 -9.62 3.67 -11.01
N SER B 48 -10.83 3.76 -11.51
CA SER B 48 -11.96 4.24 -10.76
C SER B 48 -12.69 3.09 -10.06
N LYS B 49 -12.03 1.95 -9.98
CA LYS B 49 -12.49 0.79 -9.25
C LYS B 49 -11.28 0.00 -8.87
N LEU B 50 -10.57 0.53 -7.94
CA LEU B 50 -9.38 -0.04 -7.48
C LEU B 50 -9.48 -0.42 -6.05
N GLU B 51 -9.35 -1.68 -5.83
CA GLU B 51 -9.31 -2.26 -4.52
C GLU B 51 -7.92 -2.06 -4.01
N LYS B 52 -7.73 -1.96 -2.70
CA LYS B 52 -6.39 -1.80 -2.13
C LYS B 52 -5.44 -2.89 -2.64
N ALA B 53 -5.96 -4.09 -2.67
CA ALA B 53 -5.26 -5.26 -3.18
C ALA B 53 -4.83 -5.07 -4.63
N ASP B 54 -5.66 -4.39 -5.39
CA ASP B 54 -5.48 -4.24 -6.84
C ASP B 54 -4.44 -3.18 -7.07
N ILE B 55 -4.51 -2.15 -6.27
CA ILE B 55 -3.61 -1.03 -6.30
C ILE B 55 -2.19 -1.47 -5.96
N LEU B 56 -2.03 -2.18 -4.85
CA LEU B 56 -0.72 -2.65 -4.42
C LEU B 56 -0.12 -3.51 -5.51
N GLU B 57 -0.93 -4.42 -6.00
CA GLU B 57 -0.57 -5.33 -7.07
C GLU B 57 -0.15 -4.59 -8.33
N MET B 58 -0.86 -3.56 -8.70
CA MET B 58 -0.61 -2.86 -9.95
C MET B 58 0.72 -2.14 -9.88
N THR B 59 1.07 -1.75 -8.69
CA THR B 59 2.29 -1.07 -8.42
C THR B 59 3.48 -2.07 -8.45
N VAL B 60 3.28 -3.21 -7.82
CA VAL B 60 4.28 -4.26 -7.80
C VAL B 60 4.50 -4.81 -9.21
N LYS B 61 3.42 -5.01 -9.91
CA LYS B 61 3.48 -5.52 -11.27
C LYS B 61 4.22 -4.53 -12.19
N HIS B 62 4.01 -3.26 -11.95
CA HIS B 62 4.68 -2.21 -12.72
C HIS B 62 6.18 -2.22 -12.42
N LEU B 63 6.56 -2.55 -11.19
CA LEU B 63 7.96 -2.57 -10.87
C LEU B 63 8.66 -3.70 -11.61
N ARG B 64 7.94 -4.84 -11.82
CA ARG B 64 8.50 -5.94 -12.64
C ARG B 64 8.85 -5.42 -14.01
N ASN B 65 7.90 -4.72 -14.61
CA ASN B 65 8.05 -4.17 -15.97
C ASN B 65 9.29 -3.32 -16.03
N LEU B 66 9.38 -2.36 -15.12
CA LEU B 66 10.49 -1.45 -15.05
C LEU B 66 11.79 -2.13 -14.62
N GLN B 67 11.69 -3.31 -14.05
CA GLN B 67 12.87 -4.06 -13.65
C GLN B 67 13.48 -4.85 -14.78
N ARG B 68 12.68 -5.44 -15.64
CA ARG B 68 13.25 -6.33 -16.63
C ARG B 68 13.31 -5.66 -17.99
N ALA B 69 13.01 -4.38 -18.03
CA ALA B 69 13.05 -3.61 -19.28
C ALA B 69 14.49 -3.37 -19.68
N GLN B 70 15.39 -3.75 -18.81
CA GLN B 70 16.79 -3.64 -19.02
C GLN B 70 17.35 -5.02 -19.00
N MET A 1 -8.46 -17.72 16.12
CA MET A 1 -9.35 -16.59 15.90
C MET A 1 -9.73 -16.52 14.43
N LYS A 2 -11.01 -16.41 14.16
CA LYS A 2 -11.54 -16.33 12.81
C LYS A 2 -11.23 -14.95 12.22
N PRO A 3 -11.07 -14.86 10.87
CA PRO A 3 -10.75 -13.59 10.18
C PRO A 3 -11.71 -12.45 10.54
N LYS A 4 -12.99 -12.76 10.61
CA LYS A 4 -13.98 -11.79 10.98
C LYS A 4 -14.25 -11.85 12.48
N THR A 5 -13.45 -11.12 13.22
CA THR A 5 -13.61 -11.01 14.66
C THR A 5 -13.39 -9.54 15.06
N ALA A 6 -12.22 -9.02 14.74
CA ALA A 6 -11.88 -7.65 15.08
C ALA A 6 -11.91 -6.79 13.82
N SER A 7 -12.64 -7.24 12.84
CA SER A 7 -12.70 -6.56 11.58
C SER A 7 -13.84 -5.54 11.64
N GLU A 8 -13.48 -4.28 11.74
CA GLU A 8 -14.43 -3.22 11.89
C GLU A 8 -15.10 -2.86 10.56
N HIS A 9 -16.38 -2.59 10.63
CA HIS A 9 -17.15 -2.21 9.50
C HIS A 9 -16.87 -0.76 9.08
N ARG A 10 -16.05 -0.62 8.08
CA ARG A 10 -15.87 0.66 7.42
C ARG A 10 -16.55 0.55 6.07
N LYS A 11 -16.27 -0.55 5.40
CA LYS A 11 -16.92 -0.92 4.17
C LYS A 11 -16.82 -2.42 4.02
N SER A 12 -17.82 -3.07 4.51
CA SER A 12 -17.91 -4.50 4.55
C SER A 12 -19.37 -4.93 4.54
N SER A 13 -19.64 -6.07 3.99
CA SER A 13 -20.99 -6.60 3.94
C SER A 13 -20.93 -8.04 3.47
N LYS A 14 -20.09 -8.25 2.51
CA LYS A 14 -19.89 -9.52 1.92
C LYS A 14 -18.65 -10.17 2.46
N PRO A 15 -18.82 -11.32 3.12
CA PRO A 15 -17.75 -11.99 3.84
C PRO A 15 -16.73 -12.58 2.88
N ILE A 16 -17.22 -12.99 1.73
CA ILE A 16 -16.38 -13.56 0.73
C ILE A 16 -15.62 -12.46 0.00
N MET A 17 -16.32 -11.38 -0.27
CA MET A 17 -15.74 -10.25 -1.01
C MET A 17 -14.65 -9.59 -0.21
N GLU A 18 -14.90 -9.40 1.08
CA GLU A 18 -13.92 -8.79 1.94
C GLU A 18 -12.75 -9.72 2.12
N LYS A 19 -13.01 -11.03 2.15
CA LYS A 19 -11.98 -12.03 2.35
C LYS A 19 -11.05 -12.06 1.15
N ARG A 20 -11.67 -12.09 -0.03
CA ARG A 20 -10.98 -12.09 -1.30
C ARG A 20 -10.00 -10.95 -1.41
N ARG A 21 -10.51 -9.76 -1.15
CA ARG A 21 -9.72 -8.57 -1.26
C ARG A 21 -8.67 -8.51 -0.16
N ARG A 22 -9.08 -8.76 1.08
CA ARG A 22 -8.19 -8.72 2.25
C ARG A 22 -6.96 -9.57 2.06
N ALA A 23 -7.17 -10.81 1.63
CA ALA A 23 -6.10 -11.73 1.41
C ALA A 23 -5.15 -11.19 0.36
N ARG A 24 -5.70 -10.75 -0.76
CA ARG A 24 -4.89 -10.23 -1.84
C ARG A 24 -4.13 -8.98 -1.43
N ILE A 25 -4.72 -8.16 -0.56
CA ILE A 25 -4.05 -6.99 -0.01
C ILE A 25 -2.76 -7.42 0.69
N ASN A 26 -2.91 -8.33 1.62
CA ASN A 26 -1.79 -8.83 2.42
C ASN A 26 -0.77 -9.52 1.54
N GLU A 27 -1.25 -10.36 0.65
CA GLU A 27 -0.39 -11.10 -0.27
C GLU A 27 0.39 -10.17 -1.22
N SER A 28 -0.26 -9.10 -1.68
CA SER A 28 0.38 -8.19 -2.61
C SER A 28 1.39 -7.31 -1.87
N LEU A 29 1.01 -6.87 -0.68
CA LEU A 29 1.88 -6.02 0.13
C LEU A 29 3.12 -6.81 0.54
N SER A 30 2.91 -8.09 0.82
CA SER A 30 3.96 -9.01 1.20
C SER A 30 5.04 -9.07 0.12
N GLN A 31 4.65 -9.38 -1.10
CA GLN A 31 5.61 -9.49 -2.19
C GLN A 31 6.18 -8.13 -2.56
N LEU A 32 5.36 -7.09 -2.40
CA LEU A 32 5.74 -5.72 -2.68
C LEU A 32 6.97 -5.33 -1.89
N LYS A 33 6.86 -5.39 -0.57
CA LYS A 33 7.97 -5.05 0.30
C LYS A 33 9.16 -6.00 0.16
N THR A 34 8.88 -7.24 -0.23
CA THR A 34 9.91 -8.22 -0.44
C THR A 34 10.78 -7.83 -1.65
N LEU A 35 10.15 -7.54 -2.78
CA LEU A 35 10.90 -7.16 -3.96
C LEU A 35 11.46 -5.77 -3.83
N ILE A 36 10.77 -4.90 -3.12
CA ILE A 36 11.27 -3.57 -2.87
C ILE A 36 12.54 -3.61 -2.01
N LEU A 37 12.61 -4.53 -1.09
CA LEU A 37 13.76 -4.63 -0.28
C LEU A 37 14.91 -5.26 -1.09
N ASP A 38 14.59 -6.24 -1.91
CA ASP A 38 15.61 -6.98 -2.72
C ASP A 38 16.12 -6.15 -3.88
N ALA A 39 15.31 -5.26 -4.38
CA ALA A 39 15.69 -4.43 -5.49
C ALA A 39 16.55 -3.32 -5.03
N LEU A 40 16.22 -2.77 -3.87
CA LEU A 40 17.00 -1.65 -3.38
C LEU A 40 18.14 -2.10 -2.47
N LYS A 41 17.93 -3.22 -1.78
CA LYS A 41 18.93 -3.84 -0.86
C LYS A 41 19.42 -2.85 0.18
N LYS A 42 18.46 -2.05 0.65
CA LYS A 42 18.68 -0.99 1.62
C LYS A 42 19.31 -1.52 2.90
N ASP A 43 18.53 -2.26 3.68
CA ASP A 43 19.01 -2.84 4.92
C ASP A 43 17.91 -3.63 5.49
N SER A 44 18.25 -4.63 6.23
CA SER A 44 17.28 -5.46 6.83
C SER A 44 16.75 -4.84 8.13
N SER A 45 17.55 -4.02 8.80
CA SER A 45 17.17 -3.41 10.05
C SER A 45 16.07 -2.37 9.78
N ARG A 46 16.26 -1.60 8.73
CA ARG A 46 15.31 -0.58 8.36
C ARG A 46 14.08 -1.21 7.67
N HIS A 47 14.18 -2.51 7.40
CA HIS A 47 13.08 -3.29 6.87
C HIS A 47 12.27 -3.88 8.03
N SER A 48 12.97 -4.27 9.11
CA SER A 48 12.31 -4.84 10.30
C SER A 48 11.51 -3.80 11.07
N LYS A 49 11.71 -2.58 10.70
CA LYS A 49 11.04 -1.47 11.32
C LYS A 49 10.41 -0.60 10.23
N LEU A 50 10.15 -1.22 9.11
CA LEU A 50 9.61 -0.51 7.99
C LEU A 50 8.12 -0.35 8.16
N GLU A 51 7.72 0.88 8.28
CA GLU A 51 6.33 1.27 8.46
C GLU A 51 5.59 1.08 7.17
N LYS A 52 4.32 0.69 7.26
CA LYS A 52 3.46 0.54 6.08
C LYS A 52 3.52 1.77 5.17
N ALA A 53 3.49 2.91 5.80
CA ALA A 53 3.58 4.20 5.14
C ALA A 53 4.89 4.33 4.35
N ASP A 54 5.94 3.74 4.88
CA ASP A 54 7.27 3.82 4.29
C ASP A 54 7.36 2.87 3.16
N ILE A 55 6.87 1.68 3.40
CA ILE A 55 6.81 0.62 2.43
C ILE A 55 6.09 1.06 1.15
N LEU A 56 4.90 1.63 1.31
CA LEU A 56 4.12 2.09 0.16
C LEU A 56 4.90 3.16 -0.61
N GLU A 57 5.39 4.14 0.13
CA GLU A 57 6.18 5.23 -0.44
C GLU A 57 7.40 4.71 -1.17
N MET A 58 8.04 3.72 -0.60
CA MET A 58 9.30 3.22 -1.11
C MET A 58 9.09 2.55 -2.44
N THR A 59 7.93 1.98 -2.60
CA THR A 59 7.56 1.31 -3.81
C THR A 59 7.29 2.36 -4.92
N VAL A 60 6.69 3.47 -4.54
CA VAL A 60 6.43 4.59 -5.45
C VAL A 60 7.76 5.21 -5.83
N LYS A 61 8.61 5.41 -4.85
CA LYS A 61 9.93 5.97 -5.04
C LYS A 61 10.78 5.08 -5.95
N HIS A 62 10.65 3.77 -5.79
CA HIS A 62 11.35 2.80 -6.63
C HIS A 62 10.92 2.94 -8.09
N LEU A 63 9.64 3.27 -8.29
CA LEU A 63 9.09 3.49 -9.60
C LEU A 63 9.82 4.64 -10.23
N ARG A 64 10.02 5.67 -9.44
CA ARG A 64 10.64 6.87 -9.91
C ARG A 64 12.08 6.60 -10.29
N ASN A 65 12.75 5.82 -9.46
CA ASN A 65 14.16 5.49 -9.66
C ASN A 65 14.39 4.73 -10.93
N LEU A 66 13.52 3.81 -11.22
CA LEU A 66 13.61 3.06 -12.43
C LEU A 66 13.27 3.93 -13.62
N GLN A 67 12.22 4.72 -13.47
CA GLN A 67 11.70 5.57 -14.55
C GLN A 67 12.70 6.66 -14.95
N ARG A 68 13.49 7.09 -14.01
CA ARG A 68 14.41 8.21 -14.21
C ARG A 68 15.80 7.74 -14.60
N ALA A 69 16.01 6.45 -14.60
CA ALA A 69 17.32 5.87 -14.91
C ALA A 69 17.59 5.90 -16.41
N GLN A 70 16.58 6.29 -17.14
CA GLN A 70 16.60 6.28 -18.56
C GLN A 70 16.42 7.70 -19.08
N MET B 1 -9.24 22.74 27.96
CA MET B 1 -9.50 21.37 28.41
C MET B 1 -9.56 20.44 27.22
N LYS B 2 -9.70 19.17 27.51
CA LYS B 2 -9.98 18.18 26.51
C LYS B 2 -11.34 17.56 26.82
N PRO B 3 -12.42 18.08 26.18
CA PRO B 3 -13.78 17.52 26.32
C PRO B 3 -13.79 16.04 25.95
N LYS B 4 -12.97 15.70 24.99
CA LYS B 4 -12.74 14.34 24.62
C LYS B 4 -11.50 13.90 25.36
N THR B 5 -11.71 13.24 26.47
CA THR B 5 -10.65 12.86 27.37
C THR B 5 -9.69 11.88 26.71
N ALA B 6 -10.21 10.76 26.30
CA ALA B 6 -9.40 9.74 25.68
C ALA B 6 -10.24 8.88 24.78
N SER B 7 -11.09 8.05 25.39
CA SER B 7 -11.95 7.09 24.71
C SER B 7 -11.12 6.19 23.79
N GLU B 8 -10.51 5.17 24.41
CA GLU B 8 -9.63 4.20 23.73
C GLU B 8 -8.33 4.86 23.27
N HIS B 9 -7.41 4.03 22.79
CA HIS B 9 -6.10 4.46 22.25
C HIS B 9 -5.36 5.33 23.26
N ARG B 10 -4.95 4.70 24.34
CA ARG B 10 -4.29 5.40 25.44
C ARG B 10 -2.92 4.80 25.72
N LYS B 11 -2.80 3.53 25.52
CA LYS B 11 -1.67 2.80 25.90
C LYS B 11 -1.22 2.13 24.66
N SER B 12 0.01 2.35 24.33
CA SER B 12 0.66 1.81 23.15
C SER B 12 0.25 2.58 21.88
N SER B 13 -1.00 2.81 21.76
CA SER B 13 -1.54 3.54 20.67
C SER B 13 -1.60 5.01 21.00
N LYS B 14 -0.94 5.79 20.23
CA LYS B 14 -1.06 7.19 20.33
C LYS B 14 -1.87 7.71 19.20
N PRO B 15 -2.99 8.37 19.50
CA PRO B 15 -3.95 8.85 18.49
C PRO B 15 -3.27 9.71 17.42
N ILE B 16 -2.36 10.53 17.86
CA ILE B 16 -1.62 11.40 16.99
C ILE B 16 -0.58 10.63 16.16
N MET B 17 0.15 9.73 16.81
CA MET B 17 1.19 8.96 16.12
C MET B 17 0.61 8.03 15.08
N GLU B 18 -0.47 7.38 15.43
CA GLU B 18 -1.12 6.47 14.52
C GLU B 18 -1.77 7.23 13.39
N LYS B 19 -2.19 8.47 13.67
CA LYS B 19 -2.82 9.32 12.68
C LYS B 19 -1.79 9.74 11.66
N ARG B 20 -0.61 10.05 12.14
CA ARG B 20 0.52 10.44 11.29
C ARG B 20 0.87 9.32 10.33
N ARG B 21 0.99 8.13 10.87
CA ARG B 21 1.30 6.94 10.10
C ARG B 21 0.18 6.70 9.09
N ARG B 22 -1.05 6.69 9.60
CA ARG B 22 -2.27 6.45 8.82
C ARG B 22 -2.35 7.42 7.64
N ALA B 23 -2.08 8.68 7.91
CA ALA B 23 -2.08 9.72 6.91
C ALA B 23 -1.12 9.33 5.81
N ARG B 24 0.12 9.04 6.19
CA ARG B 24 1.14 8.67 5.22
C ARG B 24 0.77 7.40 4.47
N ILE B 25 0.09 6.47 5.13
CA ILE B 25 -0.36 5.25 4.49
C ILE B 25 -1.31 5.60 3.32
N ASN B 26 -2.34 6.39 3.61
CA ASN B 26 -3.31 6.79 2.57
C ASN B 26 -2.63 7.65 1.51
N GLU B 27 -1.79 8.57 1.97
CA GLU B 27 -1.07 9.46 1.08
C GLU B 27 -0.17 8.70 0.11
N SER B 28 0.53 7.69 0.60
CA SER B 28 1.45 6.96 -0.22
C SER B 28 0.70 6.04 -1.17
N LEU B 29 -0.33 5.37 -0.66
CA LEU B 29 -1.12 4.43 -1.45
C LEU B 29 -1.84 5.16 -2.59
N SER B 30 -2.38 6.32 -2.26
CA SER B 30 -3.09 7.10 -3.22
C SER B 30 -2.17 7.68 -4.31
N GLN B 31 -0.99 8.19 -3.94
CA GLN B 31 -0.07 8.71 -4.96
C GLN B 31 0.49 7.55 -5.78
N LEU B 32 0.62 6.41 -5.12
CA LEU B 32 1.10 5.17 -5.71
C LEU B 32 0.23 4.80 -6.92
N LYS B 33 -1.08 4.65 -6.70
CA LYS B 33 -1.99 4.32 -7.80
C LYS B 33 -1.98 5.43 -8.87
N THR B 34 -1.80 6.67 -8.44
CA THR B 34 -1.80 7.79 -9.34
C THR B 34 -0.59 7.73 -10.30
N LEU B 35 0.60 7.56 -9.76
CA LEU B 35 1.81 7.52 -10.56
C LEU B 35 1.90 6.27 -11.41
N ILE B 36 1.32 5.17 -10.95
CA ILE B 36 1.27 3.95 -11.73
C ILE B 36 0.37 4.14 -12.95
N LEU B 37 -0.82 4.67 -12.73
CA LEU B 37 -1.74 4.96 -13.84
C LEU B 37 -1.20 6.01 -14.77
N ASP B 38 -0.27 6.78 -14.30
CA ASP B 38 0.39 7.80 -15.09
C ASP B 38 1.53 7.21 -15.92
N ALA B 39 2.22 6.26 -15.33
CA ALA B 39 3.39 5.65 -15.97
C ALA B 39 2.97 4.67 -17.03
N LEU B 40 1.86 4.00 -16.80
CA LEU B 40 1.41 3.02 -17.78
C LEU B 40 0.21 3.54 -18.52
N LYS B 41 -0.67 4.23 -17.80
CA LYS B 41 -1.92 4.76 -18.35
C LYS B 41 -2.76 3.64 -18.93
N LYS B 42 -3.29 2.85 -18.02
CA LYS B 42 -4.11 1.71 -18.40
C LYS B 42 -5.52 2.16 -18.75
N ASP B 43 -6.20 2.75 -17.77
CA ASP B 43 -7.58 3.23 -17.94
C ASP B 43 -7.95 3.96 -16.70
N SER B 44 -8.78 4.91 -16.83
CA SER B 44 -9.19 5.68 -15.73
C SER B 44 -10.38 5.03 -15.00
N SER B 45 -11.11 4.18 -15.69
CA SER B 45 -12.22 3.48 -15.11
C SER B 45 -11.70 2.45 -14.11
N ARG B 46 -10.69 1.69 -14.51
CA ARG B 46 -10.09 0.68 -13.64
C ARG B 46 -9.26 1.35 -12.56
N HIS B 47 -8.96 2.63 -12.76
CA HIS B 47 -8.26 3.44 -11.78
C HIS B 47 -9.25 3.85 -10.69
N SER B 48 -10.46 4.13 -11.08
CA SER B 48 -11.45 4.63 -10.14
C SER B 48 -12.23 3.49 -9.47
N LYS B 49 -11.89 2.30 -9.83
CA LYS B 49 -12.49 1.10 -9.28
C LYS B 49 -11.52 0.39 -8.35
N LEU B 50 -10.28 0.78 -8.47
CA LEU B 50 -9.13 0.22 -7.80
C LEU B 50 -9.32 -0.19 -6.35
N GLU B 51 -9.31 -1.48 -6.16
CA GLU B 51 -9.35 -2.10 -4.86
C GLU B 51 -7.95 -2.05 -4.32
N LYS B 52 -7.79 -1.99 -3.01
CA LYS B 52 -6.46 -1.92 -2.39
C LYS B 52 -5.51 -3.02 -2.92
N ALA B 53 -6.03 -4.22 -2.97
CA ALA B 53 -5.31 -5.39 -3.48
C ALA B 53 -4.90 -5.24 -4.95
N ASP B 54 -5.71 -4.50 -5.68
CA ASP B 54 -5.53 -4.34 -7.14
C ASP B 54 -4.43 -3.36 -7.36
N ILE B 55 -4.45 -2.33 -6.56
CA ILE B 55 -3.49 -1.24 -6.57
C ILE B 55 -2.11 -1.76 -6.19
N LEU B 56 -2.04 -2.45 -5.07
CA LEU B 56 -0.79 -2.99 -4.55
C LEU B 56 -0.09 -3.85 -5.58
N GLU B 57 -0.80 -4.83 -6.11
CA GLU B 57 -0.23 -5.75 -7.06
C GLU B 57 0.18 -5.03 -8.34
N MET B 58 -0.58 -4.04 -8.74
CA MET B 58 -0.37 -3.34 -10.02
C MET B 58 1.00 -2.70 -10.04
N THR B 59 1.32 -2.09 -8.94
CA THR B 59 2.54 -1.41 -8.70
C THR B 59 3.72 -2.42 -8.64
N VAL B 60 3.48 -3.56 -7.99
CA VAL B 60 4.49 -4.61 -7.90
C VAL B 60 4.79 -5.17 -9.29
N LYS B 61 3.74 -5.47 -10.02
CA LYS B 61 3.86 -6.03 -11.36
C LYS B 61 4.61 -5.05 -12.29
N HIS B 62 4.36 -3.77 -12.10
CA HIS B 62 5.02 -2.77 -12.90
C HIS B 62 6.50 -2.66 -12.55
N LEU B 63 6.84 -2.87 -11.27
CA LEU B 63 8.24 -2.80 -10.88
C LEU B 63 8.99 -3.94 -11.53
N ARG B 64 8.31 -5.09 -11.71
CA ARG B 64 8.87 -6.21 -12.44
C ARG B 64 9.23 -5.78 -13.83
N ASN B 65 8.28 -5.16 -14.51
CA ASN B 65 8.44 -4.72 -15.90
C ASN B 65 9.63 -3.79 -16.05
N LEU B 66 9.70 -2.81 -15.16
CA LEU B 66 10.80 -1.84 -15.16
C LEU B 66 12.11 -2.46 -14.74
N GLN B 67 12.06 -3.55 -14.03
CA GLN B 67 13.26 -4.26 -13.62
C GLN B 67 13.81 -5.12 -14.75
N ARG B 68 12.93 -5.74 -15.49
CA ARG B 68 13.34 -6.70 -16.54
C ARG B 68 13.26 -6.11 -17.93
N ALA B 69 13.12 -4.81 -18.03
CA ALA B 69 13.03 -4.16 -19.33
C ALA B 69 14.40 -4.06 -19.95
N GLN B 70 15.38 -4.12 -19.10
CA GLN B 70 16.75 -4.00 -19.47
C GLN B 70 17.57 -4.99 -18.69
N MET A 1 -18.22 -2.71 16.15
CA MET A 1 -17.70 -2.55 14.79
C MET A 1 -18.65 -3.16 13.74
N LYS A 2 -19.22 -4.32 14.02
CA LYS A 2 -20.02 -5.06 13.03
C LYS A 2 -21.31 -4.32 12.53
N PRO A 3 -22.24 -3.83 13.42
CA PRO A 3 -23.47 -3.14 12.99
C PRO A 3 -23.15 -1.88 12.18
N LYS A 4 -22.09 -1.22 12.57
CA LYS A 4 -21.63 -0.04 11.90
C LYS A 4 -20.83 -0.46 10.67
N THR A 5 -21.51 -0.63 9.57
CA THR A 5 -20.91 -1.11 8.37
C THR A 5 -20.03 -0.03 7.72
N ALA A 6 -18.82 0.07 8.21
CA ALA A 6 -17.84 1.00 7.71
C ALA A 6 -17.14 0.37 6.53
N SER A 7 -17.69 0.61 5.38
CA SER A 7 -17.20 0.07 4.17
C SER A 7 -16.14 1.00 3.59
N GLU A 8 -14.91 0.49 3.45
CA GLU A 8 -13.83 1.25 2.85
C GLU A 8 -14.18 1.41 1.36
N HIS A 9 -14.71 0.34 0.81
CA HIS A 9 -15.28 0.34 -0.52
C HIS A 9 -16.76 0.14 -0.31
N ARG A 10 -17.58 0.89 -1.03
CA ARG A 10 -19.04 0.91 -0.82
C ARG A 10 -19.66 -0.48 -0.87
N LYS A 11 -19.33 -1.25 -1.89
CA LYS A 11 -19.90 -2.59 -2.05
C LYS A 11 -19.17 -3.66 -1.21
N SER A 12 -19.08 -3.38 0.03
CA SER A 12 -18.52 -4.28 1.00
C SER A 12 -19.54 -4.53 2.10
N SER A 13 -20.37 -5.50 1.89
CA SER A 13 -21.35 -5.91 2.86
C SER A 13 -21.35 -7.43 2.97
N LYS A 14 -20.48 -8.06 2.20
CA LYS A 14 -20.27 -9.47 2.28
C LYS A 14 -18.99 -9.73 3.00
N PRO A 15 -19.05 -10.46 4.10
CA PRO A 15 -17.90 -10.75 4.94
C PRO A 15 -16.82 -11.51 4.19
N ILE A 16 -17.27 -12.40 3.32
CA ILE A 16 -16.39 -13.21 2.51
C ILE A 16 -15.66 -12.35 1.46
N MET A 17 -16.37 -11.41 0.88
CA MET A 17 -15.80 -10.56 -0.16
C MET A 17 -14.75 -9.62 0.38
N GLU A 18 -15.01 -9.07 1.54
CA GLU A 18 -14.09 -8.14 2.12
C GLU A 18 -12.91 -8.85 2.76
N LYS A 19 -13.12 -10.09 3.16
CA LYS A 19 -12.06 -10.87 3.76
C LYS A 19 -11.10 -11.35 2.67
N ARG A 20 -11.67 -11.63 1.51
CA ARG A 20 -10.90 -11.98 0.30
C ARG A 20 -9.99 -10.82 -0.07
N ARG A 21 -10.58 -9.63 -0.13
CA ARG A 21 -9.85 -8.42 -0.44
C ARG A 21 -8.76 -8.21 0.60
N ARG A 22 -9.13 -8.33 1.87
CA ARG A 22 -8.23 -8.14 2.99
C ARG A 22 -7.00 -9.02 2.86
N ALA A 23 -7.22 -10.30 2.59
CA ALA A 23 -6.16 -11.26 2.43
C ALA A 23 -5.26 -10.85 1.29
N ARG A 24 -5.86 -10.49 0.16
CA ARG A 24 -5.12 -10.10 -1.03
C ARG A 24 -4.28 -8.83 -0.77
N ILE A 25 -4.82 -7.94 0.05
CA ILE A 25 -4.12 -6.73 0.46
C ILE A 25 -2.82 -7.10 1.19
N ASN A 26 -2.96 -7.95 2.21
CA ASN A 26 -1.81 -8.40 3.00
C ASN A 26 -0.80 -9.10 2.13
N GLU A 27 -1.29 -9.94 1.24
CA GLU A 27 -0.43 -10.69 0.31
C GLU A 27 0.38 -9.74 -0.58
N SER A 28 -0.25 -8.70 -1.07
CA SER A 28 0.40 -7.81 -1.98
C SER A 28 1.37 -6.87 -1.25
N LEU A 29 0.99 -6.44 -0.06
CA LEU A 29 1.76 -5.49 0.72
C LEU A 29 3.05 -6.15 1.19
N SER A 30 2.94 -7.39 1.59
CA SER A 30 4.05 -8.11 2.11
C SER A 30 5.08 -8.43 1.01
N GLN A 31 4.62 -8.86 -0.15
CA GLN A 31 5.54 -9.15 -1.24
C GLN A 31 6.12 -7.86 -1.80
N LEU A 32 5.37 -6.78 -1.68
CA LEU A 32 5.78 -5.46 -2.15
C LEU A 32 7.08 -5.05 -1.46
N LYS A 33 7.05 -5.02 -0.13
CA LYS A 33 8.22 -4.65 0.65
C LYS A 33 9.38 -5.63 0.41
N THR A 34 9.03 -6.89 0.17
CA THR A 34 10.01 -7.92 -0.05
C THR A 34 10.74 -7.73 -1.42
N LEU A 35 9.97 -7.51 -2.48
CA LEU A 35 10.52 -7.34 -3.82
C LEU A 35 11.27 -6.04 -4.01
N ILE A 36 10.79 -4.95 -3.41
CA ILE A 36 11.50 -3.68 -3.48
C ILE A 36 12.87 -3.84 -2.80
N LEU A 37 12.86 -4.53 -1.68
CA LEU A 37 14.07 -4.74 -0.94
C LEU A 37 14.97 -5.76 -1.63
N ASP A 38 14.40 -6.56 -2.47
CA ASP A 38 15.17 -7.57 -3.22
C ASP A 38 15.79 -6.97 -4.46
N ALA A 39 15.10 -6.02 -5.03
CA ALA A 39 15.54 -5.37 -6.24
C ALA A 39 16.55 -4.31 -5.93
N LEU A 40 16.35 -3.62 -4.83
CA LEU A 40 17.28 -2.56 -4.49
C LEU A 40 18.22 -2.94 -3.38
N LYS A 41 17.75 -3.83 -2.48
CA LYS A 41 18.59 -4.43 -1.43
C LYS A 41 19.20 -3.38 -0.53
N LYS A 42 18.32 -2.56 0.04
CA LYS A 42 18.73 -1.50 0.94
C LYS A 42 19.32 -2.09 2.23
N ASP A 43 18.47 -2.65 3.07
CA ASP A 43 18.89 -3.21 4.35
C ASP A 43 17.72 -3.93 4.92
N SER A 44 17.98 -4.98 5.60
CA SER A 44 16.94 -5.72 6.21
C SER A 44 16.57 -5.10 7.57
N SER A 45 17.47 -4.30 8.13
CA SER A 45 17.24 -3.66 9.40
C SER A 45 16.19 -2.55 9.24
N ARG A 46 16.29 -1.80 8.14
CA ARG A 46 15.33 -0.75 7.84
C ARG A 46 14.00 -1.38 7.42
N HIS A 47 14.08 -2.61 6.92
CA HIS A 47 12.90 -3.38 6.53
C HIS A 47 12.05 -3.76 7.77
N SER A 48 12.70 -3.92 8.91
CA SER A 48 11.97 -4.24 10.13
C SER A 48 11.44 -2.99 10.83
N LYS A 49 11.90 -1.87 10.37
CA LYS A 49 11.49 -0.59 10.86
C LYS A 49 10.34 -0.14 10.00
N LEU A 50 10.52 -0.42 8.76
CA LEU A 50 9.65 -0.13 7.62
C LEU A 50 8.18 -0.30 7.97
N GLU A 51 7.57 0.82 8.28
CA GLU A 51 6.19 0.90 8.64
C GLU A 51 5.38 0.89 7.37
N LYS A 52 4.09 0.71 7.46
CA LYS A 52 3.24 0.59 6.28
C LYS A 52 3.33 1.83 5.40
N ALA A 53 3.37 2.96 6.05
CA ALA A 53 3.50 4.25 5.39
C ALA A 53 4.84 4.36 4.65
N ASP A 54 5.85 3.68 5.18
CA ASP A 54 7.19 3.74 4.62
C ASP A 54 7.22 2.88 3.40
N ILE A 55 6.79 1.66 3.61
CA ILE A 55 6.66 0.63 2.58
C ILE A 55 5.92 1.15 1.34
N LEU A 56 4.73 1.73 1.55
CA LEU A 56 3.93 2.23 0.42
C LEU A 56 4.67 3.32 -0.34
N GLU A 57 5.19 4.31 0.39
CA GLU A 57 5.90 5.41 -0.21
C GLU A 57 7.15 4.91 -0.92
N MET A 58 7.77 3.87 -0.38
CA MET A 58 8.98 3.30 -0.91
C MET A 58 8.75 2.89 -2.35
N THR A 59 7.71 2.09 -2.60
CA THR A 59 7.35 1.69 -3.95
C THR A 59 7.13 2.91 -4.86
N VAL A 60 6.41 3.91 -4.35
CA VAL A 60 6.09 5.13 -5.11
C VAL A 60 7.38 5.85 -5.55
N LYS A 61 8.26 6.07 -4.60
CA LYS A 61 9.51 6.79 -4.84
C LYS A 61 10.42 6.00 -5.78
N HIS A 62 10.32 4.70 -5.70
CA HIS A 62 11.08 3.80 -6.56
C HIS A 62 10.53 3.71 -7.95
N LEU A 63 9.22 3.96 -8.09
CA LEU A 63 8.58 4.04 -9.37
C LEU A 63 9.23 5.15 -10.13
N ARG A 64 9.46 6.25 -9.42
CA ARG A 64 10.10 7.44 -9.98
C ARG A 64 11.50 7.06 -10.46
N ASN A 65 12.23 6.37 -9.58
CA ASN A 65 13.62 5.98 -9.81
C ASN A 65 13.75 5.14 -11.05
N LEU A 66 12.99 4.07 -11.09
CA LEU A 66 13.03 3.15 -12.21
C LEU A 66 12.53 3.81 -13.49
N GLN A 67 11.62 4.73 -13.37
CA GLN A 67 11.09 5.43 -14.51
C GLN A 67 12.04 6.48 -15.08
N ARG A 68 12.99 6.90 -14.30
CA ARG A 68 13.98 7.86 -14.79
C ARG A 68 15.35 7.22 -14.93
N ALA A 69 15.39 5.91 -14.81
CA ALA A 69 16.63 5.14 -14.93
C ALA A 69 16.91 4.82 -16.40
N GLN A 70 16.51 5.72 -17.25
CA GLN A 70 16.63 5.52 -18.67
C GLN A 70 17.80 6.36 -19.17
N MET B 1 -2.01 20.23 28.73
CA MET B 1 -2.97 19.21 28.34
C MET B 1 -4.38 19.70 28.64
N LYS B 2 -5.09 20.10 27.61
CA LYS B 2 -6.46 20.58 27.76
C LYS B 2 -7.49 19.46 27.82
N PRO B 3 -7.46 18.42 26.92
CA PRO B 3 -8.43 17.32 26.97
C PRO B 3 -8.37 16.55 28.29
N LYS B 4 -9.40 16.74 29.11
CA LYS B 4 -9.53 16.02 30.36
C LYS B 4 -10.03 14.64 29.99
N THR B 5 -11.01 14.65 29.13
CA THR B 5 -11.50 13.50 28.51
C THR B 5 -10.70 13.33 27.23
N ALA B 6 -9.62 12.61 27.31
CA ALA B 6 -8.74 12.44 26.19
C ALA B 6 -9.26 11.35 25.29
N SER B 7 -8.90 11.41 24.05
CA SER B 7 -9.25 10.38 23.13
C SER B 7 -8.10 9.41 23.08
N GLU B 8 -8.17 8.41 23.92
CA GLU B 8 -7.17 7.41 24.03
C GLU B 8 -7.77 6.28 24.85
N HIS B 9 -8.41 5.38 24.17
CA HIS B 9 -9.14 4.30 24.78
C HIS B 9 -8.84 3.06 24.00
N ARG B 10 -8.40 2.00 24.69
CA ARG B 10 -8.03 0.72 24.07
C ARG B 10 -6.91 0.96 23.04
N LYS B 11 -5.99 1.81 23.40
CA LYS B 11 -4.94 2.17 22.53
C LYS B 11 -3.74 2.66 23.28
N SER B 12 -2.81 1.80 23.45
CA SER B 12 -1.56 2.11 24.07
C SER B 12 -0.59 2.52 22.98
N SER B 13 -0.61 3.80 22.72
CA SER B 13 0.12 4.44 21.66
C SER B 13 -0.29 5.87 21.73
N LYS B 14 0.12 6.65 20.81
CA LYS B 14 -0.35 7.97 20.70
C LYS B 14 -1.31 8.07 19.55
N PRO B 15 -2.54 8.47 19.83
CA PRO B 15 -3.57 8.62 18.81
C PRO B 15 -3.14 9.64 17.76
N ILE B 16 -2.41 10.65 18.21
CA ILE B 16 -1.90 11.67 17.34
C ILE B 16 -0.82 11.10 16.41
N MET B 17 0.06 10.30 16.96
CA MET B 17 1.17 9.76 16.18
C MET B 17 0.70 8.75 15.18
N GLU B 18 -0.21 7.90 15.58
CA GLU B 18 -0.69 6.91 14.66
C GLU B 18 -1.67 7.48 13.66
N LYS B 19 -2.29 8.60 14.01
CA LYS B 19 -3.17 9.31 13.08
C LYS B 19 -2.30 9.90 11.96
N ARG B 20 -1.11 10.34 12.35
CA ARG B 20 -0.12 10.86 11.42
C ARG B 20 0.33 9.76 10.48
N ARG B 21 0.66 8.59 11.06
CA ARG B 21 1.04 7.42 10.30
C ARG B 21 -0.08 7.02 9.34
N ARG B 22 -1.29 6.86 9.88
CA ARG B 22 -2.49 6.45 9.15
C ARG B 22 -2.71 7.35 7.96
N ALA B 23 -2.64 8.65 8.19
CA ALA B 23 -2.76 9.62 7.13
C ALA B 23 -1.72 9.37 6.05
N ARG B 24 -0.45 9.26 6.45
CA ARG B 24 0.66 9.03 5.50
C ARG B 24 0.45 7.71 4.75
N ILE B 25 -0.15 6.72 5.39
CA ILE B 25 -0.48 5.46 4.75
C ILE B 25 -1.47 5.68 3.61
N ASN B 26 -2.61 6.27 3.92
CA ASN B 26 -3.64 6.52 2.90
C ASN B 26 -3.12 7.45 1.82
N GLU B 27 -2.36 8.43 2.23
CA GLU B 27 -1.78 9.40 1.32
C GLU B 27 -0.70 8.79 0.42
N SER B 28 0.12 7.86 0.95
CA SER B 28 1.14 7.27 0.14
C SER B 28 0.51 6.32 -0.86
N LEU B 29 -0.54 5.65 -0.42
CA LEU B 29 -1.32 4.78 -1.26
C LEU B 29 -2.01 5.62 -2.36
N SER B 30 -2.47 6.81 -1.99
CA SER B 30 -3.14 7.70 -2.89
C SER B 30 -2.19 8.16 -4.02
N GLN B 31 -1.00 8.61 -3.67
CA GLN B 31 -0.04 9.03 -4.68
C GLN B 31 0.48 7.83 -5.46
N LEU B 32 0.47 6.68 -4.81
CA LEU B 32 0.93 5.44 -5.39
C LEU B 32 0.10 5.10 -6.61
N LYS B 33 -1.21 4.94 -6.40
CA LYS B 33 -2.13 4.63 -7.52
C LYS B 33 -2.05 5.70 -8.60
N THR B 34 -1.92 6.97 -8.16
CA THR B 34 -1.84 8.11 -9.04
C THR B 34 -0.66 7.97 -10.01
N LEU B 35 0.54 7.73 -9.47
CA LEU B 35 1.73 7.61 -10.28
C LEU B 35 1.82 6.27 -11.00
N ILE B 36 1.26 5.23 -10.43
CA ILE B 36 1.24 3.93 -11.08
C ILE B 36 0.41 3.99 -12.36
N LEU B 37 -0.76 4.56 -12.27
CA LEU B 37 -1.62 4.64 -13.42
C LEU B 37 -1.03 5.67 -14.39
N ASP B 38 -0.31 6.64 -13.86
CA ASP B 38 0.29 7.70 -14.66
C ASP B 38 1.47 7.20 -15.45
N ALA B 39 2.22 6.32 -14.85
CA ALA B 39 3.40 5.79 -15.47
C ALA B 39 3.07 4.68 -16.40
N LEU B 40 2.19 3.81 -15.97
CA LEU B 40 1.86 2.65 -16.77
C LEU B 40 0.83 2.99 -17.82
N LYS B 41 -0.02 3.96 -17.48
CA LYS B 41 -1.08 4.46 -18.35
C LYS B 41 -1.92 3.37 -18.93
N LYS B 42 -2.65 2.73 -18.05
CA LYS B 42 -3.55 1.69 -18.44
C LYS B 42 -4.88 2.28 -18.88
N ASP B 43 -5.67 2.79 -17.93
CA ASP B 43 -6.95 3.43 -18.22
C ASP B 43 -7.51 3.97 -16.97
N SER B 44 -8.34 4.94 -17.11
CA SER B 44 -8.91 5.58 -15.99
C SER B 44 -10.11 4.78 -15.44
N SER B 45 -10.79 4.05 -16.30
CA SER B 45 -11.97 3.32 -15.90
C SER B 45 -11.62 2.24 -14.88
N ARG B 46 -10.57 1.47 -15.16
CA ARG B 46 -10.15 0.42 -14.24
C ARG B 46 -9.58 1.04 -12.97
N HIS B 47 -8.83 2.12 -13.12
CA HIS B 47 -8.29 2.88 -11.99
C HIS B 47 -9.42 3.33 -11.03
N SER B 48 -10.58 3.64 -11.58
CA SER B 48 -11.73 4.05 -10.80
C SER B 48 -12.42 2.86 -10.11
N LYS B 49 -11.90 1.71 -10.36
CA LYS B 49 -12.34 0.50 -9.75
C LYS B 49 -11.30 0.00 -8.77
N LEU B 50 -10.08 0.33 -9.09
CA LEU B 50 -8.88 -0.15 -8.43
C LEU B 50 -8.98 -0.15 -6.93
N GLU B 51 -9.02 -1.35 -6.39
CA GLU B 51 -9.10 -1.60 -4.99
C GLU B 51 -7.72 -1.58 -4.42
N LYS B 52 -7.63 -1.48 -3.11
CA LYS B 52 -6.36 -1.46 -2.43
C LYS B 52 -5.50 -2.68 -2.80
N ALA B 53 -6.13 -3.81 -2.90
CA ALA B 53 -5.45 -5.05 -3.28
C ALA B 53 -4.95 -4.98 -4.73
N ASP B 54 -5.65 -4.21 -5.57
CA ASP B 54 -5.28 -4.11 -6.98
C ASP B 54 -4.10 -3.19 -7.10
N ILE B 55 -4.28 -2.03 -6.52
CA ILE B 55 -3.29 -0.97 -6.42
C ILE B 55 -1.95 -1.51 -5.89
N LEU B 56 -2.00 -2.24 -4.78
CA LEU B 56 -0.81 -2.84 -4.17
C LEU B 56 -0.10 -3.80 -5.10
N GLU B 57 -0.85 -4.70 -5.74
CA GLU B 57 -0.26 -5.63 -6.66
C GLU B 57 0.32 -4.89 -7.84
N MET B 58 -0.37 -3.85 -8.27
CA MET B 58 0.01 -3.08 -9.44
C MET B 58 1.38 -2.42 -9.23
N THR B 59 1.71 -2.10 -7.98
CA THR B 59 2.99 -1.53 -7.66
C THR B 59 4.07 -2.63 -7.70
N VAL B 60 3.76 -3.76 -7.13
CA VAL B 60 4.68 -4.90 -7.11
C VAL B 60 4.98 -5.35 -8.57
N LYS B 61 3.95 -5.36 -9.39
CA LYS B 61 4.08 -5.72 -10.77
C LYS B 61 4.87 -4.65 -11.53
N HIS B 62 4.77 -3.37 -11.11
CA HIS B 62 5.53 -2.30 -11.78
C HIS B 62 7.01 -2.57 -11.60
N LEU B 63 7.34 -3.11 -10.42
CA LEU B 63 8.69 -3.45 -10.08
C LEU B 63 9.20 -4.41 -11.11
N ARG B 64 8.46 -5.50 -11.34
CA ARG B 64 8.86 -6.47 -12.36
C ARG B 64 8.97 -5.84 -13.74
N ASN B 65 7.97 -5.07 -14.10
CA ASN B 65 7.85 -4.45 -15.44
C ASN B 65 9.01 -3.56 -15.76
N LEU B 66 9.35 -2.71 -14.85
CA LEU B 66 10.44 -1.83 -15.08
C LEU B 66 11.75 -2.56 -14.98
N GLN B 67 11.83 -3.50 -14.07
CA GLN B 67 13.07 -4.22 -13.85
C GLN B 67 13.42 -5.16 -15.00
N ARG B 68 12.41 -5.56 -15.72
CA ARG B 68 12.60 -6.47 -16.84
C ARG B 68 12.94 -5.67 -18.10
N ALA B 69 12.82 -4.36 -17.99
CA ALA B 69 13.08 -3.45 -19.09
C ALA B 69 14.55 -3.17 -19.19
N GLN B 70 15.29 -3.68 -18.25
CA GLN B 70 16.70 -3.44 -18.17
C GLN B 70 17.42 -4.76 -18.25
N MET A 1 -1.15 -15.77 22.43
CA MET A 1 -2.51 -16.00 21.91
C MET A 1 -2.78 -15.20 20.66
N LYS A 2 -2.67 -15.85 19.52
CA LYS A 2 -3.02 -15.23 18.26
C LYS A 2 -4.55 -15.29 18.05
N PRO A 3 -5.21 -16.51 18.14
CA PRO A 3 -6.66 -16.57 18.10
C PRO A 3 -7.23 -16.07 19.44
N LYS A 4 -7.60 -14.83 19.46
CA LYS A 4 -8.08 -14.18 20.64
C LYS A 4 -9.33 -13.40 20.27
N THR A 5 -10.17 -13.11 21.23
CA THR A 5 -11.36 -12.35 20.99
C THR A 5 -10.97 -10.89 20.77
N ALA A 6 -10.98 -10.49 19.52
CA ALA A 6 -10.59 -9.16 19.16
C ALA A 6 -11.81 -8.36 18.77
N SER A 7 -11.68 -7.06 18.83
CA SER A 7 -12.75 -6.19 18.47
C SER A 7 -12.51 -5.64 17.06
N GLU A 8 -13.54 -5.70 16.24
CA GLU A 8 -13.45 -5.25 14.87
C GLU A 8 -13.31 -3.75 14.80
N HIS A 9 -12.13 -3.32 14.40
CA HIS A 9 -11.78 -1.92 14.25
C HIS A 9 -12.57 -1.33 13.08
N ARG A 10 -12.76 -2.13 12.05
CA ARG A 10 -13.47 -1.71 10.89
C ARG A 10 -14.42 -2.80 10.44
N LYS A 11 -15.60 -2.43 10.02
CA LYS A 11 -16.53 -3.34 9.45
C LYS A 11 -17.23 -2.62 8.32
N SER A 12 -17.21 -3.21 7.17
CA SER A 12 -17.80 -2.60 6.02
C SER A 12 -19.25 -3.04 5.86
N SER A 13 -19.42 -4.24 5.46
CA SER A 13 -20.72 -4.80 5.26
C SER A 13 -20.67 -6.29 5.43
N LYS A 14 -19.92 -6.90 4.59
CA LYS A 14 -19.74 -8.31 4.66
C LYS A 14 -18.41 -8.67 5.22
N PRO A 15 -18.42 -9.35 6.37
CA PRO A 15 -17.20 -9.72 7.09
C PRO A 15 -16.32 -10.63 6.24
N ILE A 16 -16.96 -11.48 5.46
CA ILE A 16 -16.24 -12.39 4.61
C ILE A 16 -15.63 -11.65 3.42
N MET A 17 -16.40 -10.75 2.82
CA MET A 17 -15.94 -10.03 1.63
C MET A 17 -14.80 -9.11 1.95
N GLU A 18 -14.90 -8.42 3.06
CA GLU A 18 -13.85 -7.52 3.48
C GLU A 18 -12.62 -8.30 3.92
N LYS A 19 -12.85 -9.50 4.45
CA LYS A 19 -11.75 -10.33 4.93
C LYS A 19 -10.94 -10.88 3.78
N ARG A 20 -11.62 -11.17 2.67
CA ARG A 20 -10.98 -11.63 1.44
C ARG A 20 -10.08 -10.52 0.91
N ARG A 21 -10.61 -9.31 0.93
CA ARG A 21 -9.88 -8.15 0.45
C ARG A 21 -8.71 -7.85 1.38
N ARG A 22 -8.98 -7.81 2.68
CA ARG A 22 -8.00 -7.54 3.73
C ARG A 22 -6.82 -8.49 3.66
N ALA A 23 -7.11 -9.78 3.52
CA ALA A 23 -6.05 -10.77 3.37
C ALA A 23 -5.16 -10.42 2.21
N ARG A 24 -5.79 -10.13 1.06
CA ARG A 24 -5.06 -9.77 -0.15
C ARG A 24 -4.26 -8.49 0.03
N ILE A 25 -4.81 -7.53 0.77
CA ILE A 25 -4.12 -6.28 1.07
C ILE A 25 -2.81 -6.58 1.82
N ASN A 26 -2.90 -7.39 2.85
CA ASN A 26 -1.73 -7.76 3.66
C ASN A 26 -0.75 -8.55 2.83
N GLU A 27 -1.27 -9.48 2.08
CA GLU A 27 -0.44 -10.34 1.25
C GLU A 27 0.30 -9.55 0.17
N SER A 28 -0.37 -8.58 -0.46
CA SER A 28 0.25 -7.83 -1.51
C SER A 28 1.25 -6.83 -0.96
N LEU A 29 0.90 -6.17 0.14
CA LEU A 29 1.77 -5.20 0.80
C LEU A 29 3.04 -5.91 1.29
N SER A 30 2.87 -7.09 1.81
CA SER A 30 3.96 -7.86 2.32
C SER A 30 4.90 -8.35 1.19
N GLN A 31 4.36 -8.81 0.06
CA GLN A 31 5.24 -9.24 -1.04
C GLN A 31 5.92 -8.00 -1.64
N LEU A 32 5.18 -6.89 -1.60
CA LEU A 32 5.61 -5.61 -2.10
C LEU A 32 6.90 -5.16 -1.42
N LYS A 33 6.86 -5.04 -0.10
CA LYS A 33 8.03 -4.65 0.67
C LYS A 33 9.19 -5.63 0.46
N THR A 34 8.85 -6.91 0.30
CA THR A 34 9.85 -7.93 0.11
C THR A 34 10.62 -7.71 -1.19
N LEU A 35 9.90 -7.58 -2.30
CA LEU A 35 10.53 -7.41 -3.60
C LEU A 35 11.16 -6.03 -3.75
N ILE A 36 10.55 -5.02 -3.14
CA ILE A 36 11.09 -3.66 -3.17
C ILE A 36 12.41 -3.58 -2.44
N LEU A 37 12.43 -4.05 -1.20
CA LEU A 37 13.65 -3.98 -0.39
C LEU A 37 14.76 -4.78 -1.06
N ASP A 38 14.36 -5.82 -1.75
CA ASP A 38 15.26 -6.72 -2.46
C ASP A 38 15.76 -6.08 -3.75
N ALA A 39 14.98 -5.19 -4.30
CA ALA A 39 15.32 -4.53 -5.54
C ALA A 39 16.24 -3.35 -5.30
N LEU A 40 16.12 -2.74 -4.14
CA LEU A 40 16.99 -1.61 -3.82
C LEU A 40 18.15 -2.05 -2.97
N LYS A 41 17.89 -3.01 -2.09
CA LYS A 41 18.86 -3.57 -1.18
C LYS A 41 19.46 -2.52 -0.28
N LYS A 42 18.62 -2.05 0.59
CA LYS A 42 18.96 -1.02 1.54
C LYS A 42 19.60 -1.61 2.78
N ASP A 43 18.81 -2.39 3.53
CA ASP A 43 19.28 -2.96 4.78
C ASP A 43 18.21 -3.84 5.31
N SER A 44 18.59 -4.89 5.97
CA SER A 44 17.64 -5.80 6.51
C SER A 44 17.12 -5.30 7.87
N SER A 45 17.86 -4.40 8.51
CA SER A 45 17.45 -3.85 9.77
C SER A 45 16.28 -2.88 9.54
N ARG A 46 16.39 -2.06 8.50
CA ARG A 46 15.35 -1.08 8.19
C ARG A 46 14.18 -1.76 7.46
N HIS A 47 14.38 -3.02 7.13
CA HIS A 47 13.35 -3.88 6.59
C HIS A 47 12.60 -4.57 7.75
N SER A 48 13.22 -4.58 8.91
CA SER A 48 12.60 -5.21 10.07
C SER A 48 11.92 -4.17 10.96
N LYS A 49 12.09 -2.95 10.58
CA LYS A 49 11.42 -1.81 11.19
C LYS A 49 10.89 -1.01 10.05
N LEU A 50 9.86 -1.52 9.47
CA LEU A 50 9.33 -0.96 8.30
C LEU A 50 7.84 -0.69 8.49
N GLU A 51 7.53 0.55 8.62
CA GLU A 51 6.18 1.05 8.79
C GLU A 51 5.46 1.02 7.46
N LYS A 52 4.15 0.84 7.49
CA LYS A 52 3.30 0.82 6.29
C LYS A 52 3.58 2.01 5.36
N ALA A 53 3.66 3.18 5.94
CA ALA A 53 3.93 4.42 5.22
C ALA A 53 5.30 4.41 4.55
N ASP A 54 6.22 3.73 5.19
CA ASP A 54 7.64 3.73 4.77
C ASP A 54 7.79 2.79 3.59
N ILE A 55 7.00 1.73 3.66
CA ILE A 55 6.91 0.73 2.63
C ILE A 55 6.28 1.29 1.37
N LEU A 56 5.12 1.91 1.52
CA LEU A 56 4.40 2.48 0.39
C LEU A 56 5.29 3.45 -0.36
N GLU A 57 5.86 4.38 0.38
CA GLU A 57 6.73 5.40 -0.15
C GLU A 57 7.95 4.80 -0.84
N MET A 58 8.48 3.72 -0.33
CA MET A 58 9.71 3.15 -0.89
C MET A 58 9.42 2.59 -2.27
N THR A 59 8.28 1.98 -2.38
CA THR A 59 7.77 1.39 -3.59
C THR A 59 7.46 2.49 -4.63
N VAL A 60 6.81 3.57 -4.19
CA VAL A 60 6.48 4.69 -5.07
C VAL A 60 7.76 5.39 -5.53
N LYS A 61 8.68 5.61 -4.61
CA LYS A 61 9.90 6.29 -4.93
C LYS A 61 10.76 5.47 -5.90
N HIS A 62 10.74 4.16 -5.74
CA HIS A 62 11.48 3.28 -6.63
C HIS A 62 10.81 3.27 -8.01
N LEU A 63 9.50 3.52 -8.02
CA LEU A 63 8.75 3.63 -9.26
C LEU A 63 9.28 4.79 -10.06
N ARG A 64 9.51 5.92 -9.40
CA ARG A 64 10.12 7.07 -10.06
C ARG A 64 11.47 6.68 -10.63
N ASN A 65 12.26 6.02 -9.81
CA ASN A 65 13.62 5.59 -10.15
C ASN A 65 13.63 4.77 -11.41
N LEU A 66 12.84 3.74 -11.44
CA LEU A 66 12.77 2.88 -12.59
C LEU A 66 12.20 3.59 -13.79
N GLN A 67 11.26 4.48 -13.56
CA GLN A 67 10.61 5.21 -14.65
C GLN A 67 11.55 6.24 -15.31
N ARG A 68 12.60 6.62 -14.62
CA ARG A 68 13.50 7.66 -15.13
C ARG A 68 14.84 7.11 -15.52
N ALA A 69 15.01 5.83 -15.31
CA ALA A 69 16.28 5.15 -15.57
C ALA A 69 16.46 4.86 -17.07
N GLN A 70 15.70 5.54 -17.90
CA GLN A 70 15.71 5.32 -19.31
C GLN A 70 16.34 6.54 -19.95
N MET B 1 -14.72 11.27 26.56
CA MET B 1 -13.46 10.91 25.90
C MET B 1 -13.77 10.31 24.56
N LYS B 2 -12.79 10.29 23.70
CA LYS B 2 -12.99 9.82 22.35
C LYS B 2 -12.18 8.55 22.11
N PRO B 3 -12.59 7.71 21.13
CA PRO B 3 -11.79 6.56 20.68
C PRO B 3 -10.77 7.01 19.61
N LYS B 4 -10.66 8.34 19.49
CA LYS B 4 -9.78 9.05 18.58
C LYS B 4 -10.23 8.99 17.14
N THR B 5 -9.87 7.93 16.47
CA THR B 5 -10.12 7.76 15.06
C THR B 5 -9.60 6.38 14.68
N ALA B 6 -9.62 6.07 13.40
CA ALA B 6 -9.16 4.80 12.92
C ALA B 6 -7.64 4.74 12.83
N SER B 7 -7.01 4.61 13.96
CA SER B 7 -5.59 4.48 14.04
C SER B 7 -5.22 3.02 14.25
N GLU B 8 -4.87 2.36 13.18
CA GLU B 8 -4.50 0.98 13.26
C GLU B 8 -3.19 0.74 12.53
N HIS B 9 -2.28 0.08 13.22
CA HIS B 9 -0.97 -0.33 12.71
C HIS B 9 -0.23 -0.97 13.86
N ARG B 10 -0.39 -2.28 13.98
CA ARG B 10 0.18 -3.12 15.05
C ARG B 10 -0.52 -2.80 16.38
N LYS B 11 -0.17 -1.66 16.93
CA LYS B 11 -0.72 -1.13 18.13
C LYS B 11 -0.36 0.33 18.17
N SER B 12 -1.25 1.12 17.73
CA SER B 12 -1.01 2.53 17.62
C SER B 12 -1.58 3.22 18.85
N SER B 13 -0.70 3.70 19.70
CA SER B 13 -1.11 4.34 20.91
C SER B 13 -0.56 5.78 21.04
N LYS B 14 0.32 6.15 20.15
CA LYS B 14 0.85 7.50 20.18
C LYS B 14 0.26 8.34 19.09
N PRO B 15 -0.50 9.39 19.46
CA PRO B 15 -1.23 10.25 18.52
C PRO B 15 -0.30 10.95 17.53
N ILE B 16 0.88 11.26 17.97
CA ILE B 16 1.86 11.94 17.13
C ILE B 16 2.43 10.96 16.10
N MET B 17 2.72 9.74 16.56
CA MET B 17 3.34 8.73 15.72
C MET B 17 2.39 8.27 14.66
N GLU B 18 1.15 8.11 15.03
CA GLU B 18 0.14 7.66 14.12
C GLU B 18 -0.25 8.76 13.17
N LYS B 19 -0.10 10.01 13.58
CA LYS B 19 -0.42 11.12 12.71
C LYS B 19 0.61 11.15 11.58
N ARG B 20 1.87 11.01 11.97
CA ARG B 20 2.99 10.98 11.03
C ARG B 20 2.84 9.82 10.06
N ARG B 21 2.59 8.66 10.64
CA ARG B 21 2.47 7.42 9.89
C ARG B 21 1.28 7.46 8.94
N ARG B 22 0.09 7.70 9.48
CA ARG B 22 -1.16 7.64 8.72
C ARG B 22 -1.16 8.63 7.58
N ALA B 23 -0.62 9.82 7.83
CA ALA B 23 -0.52 10.83 6.81
C ALA B 23 0.26 10.28 5.63
N ARG B 24 1.47 9.76 5.91
CA ARG B 24 2.29 9.24 4.84
C ARG B 24 1.69 7.99 4.21
N ILE B 25 0.88 7.24 4.97
CA ILE B 25 0.19 6.10 4.40
C ILE B 25 -0.75 6.55 3.29
N ASN B 26 -1.63 7.50 3.60
CA ASN B 26 -2.60 7.96 2.60
C ASN B 26 -1.89 8.68 1.47
N GLU B 27 -0.92 9.52 1.82
CA GLU B 27 -0.19 10.30 0.84
C GLU B 27 0.57 9.40 -0.13
N SER B 28 1.23 8.37 0.39
CA SER B 28 2.03 7.54 -0.47
C SER B 28 1.17 6.61 -1.30
N LEU B 29 0.09 6.11 -0.71
CA LEU B 29 -0.80 5.19 -1.41
C LEU B 29 -1.53 5.94 -2.54
N SER B 30 -1.93 7.18 -2.25
CA SER B 30 -2.63 7.99 -3.22
C SER B 30 -1.72 8.32 -4.40
N GLN B 31 -0.50 8.78 -4.13
CA GLN B 31 0.40 9.11 -5.21
C GLN B 31 0.85 7.85 -5.95
N LEU B 32 0.88 6.73 -5.24
CA LEU B 32 1.23 5.44 -5.81
C LEU B 32 0.28 5.12 -6.96
N LYS B 33 -1.01 5.08 -6.66
CA LYS B 33 -2.02 4.78 -7.68
C LYS B 33 -2.03 5.82 -8.81
N THR B 34 -1.68 7.05 -8.46
CA THR B 34 -1.62 8.13 -9.42
C THR B 34 -0.50 7.88 -10.43
N LEU B 35 0.72 7.66 -9.92
CA LEU B 35 1.87 7.43 -10.76
C LEU B 35 1.74 6.15 -11.54
N ILE B 36 1.24 5.12 -10.92
CA ILE B 36 1.03 3.84 -11.59
C ILE B 36 0.09 3.98 -12.80
N LEU B 37 -0.99 4.70 -12.60
CA LEU B 37 -1.99 4.86 -13.62
C LEU B 37 -1.42 5.75 -14.72
N ASP B 38 -0.72 6.80 -14.33
CA ASP B 38 -0.24 7.83 -15.26
C ASP B 38 1.01 7.42 -16.00
N ALA B 39 1.81 6.59 -15.41
CA ALA B 39 3.06 6.17 -16.02
C ALA B 39 2.82 5.07 -17.01
N LEU B 40 1.82 4.26 -16.75
CA LEU B 40 1.54 3.18 -17.68
C LEU B 40 0.35 3.45 -18.54
N LYS B 41 -0.45 4.42 -18.11
CA LYS B 41 -1.64 4.87 -18.81
C LYS B 41 -2.56 3.77 -19.23
N LYS B 42 -3.07 3.12 -18.21
CA LYS B 42 -4.03 2.05 -18.34
C LYS B 42 -5.33 2.54 -18.98
N ASP B 43 -6.17 3.16 -18.20
CA ASP B 43 -7.45 3.66 -18.65
C ASP B 43 -8.07 4.35 -17.50
N SER B 44 -8.91 5.26 -17.78
CA SER B 44 -9.56 5.99 -16.76
C SER B 44 -10.81 5.25 -16.28
N SER B 45 -11.37 4.43 -17.15
CA SER B 45 -12.56 3.70 -16.82
C SER B 45 -12.21 2.66 -15.77
N ARG B 46 -11.08 1.99 -15.95
CA ARG B 46 -10.68 0.99 -14.99
C ARG B 46 -10.04 1.62 -13.76
N HIS B 47 -9.76 2.92 -13.83
CA HIS B 47 -9.23 3.66 -12.69
C HIS B 47 -10.30 3.75 -11.59
N SER B 48 -11.54 3.58 -12.00
CA SER B 48 -12.67 3.61 -11.09
C SER B 48 -12.89 2.23 -10.45
N LYS B 49 -11.95 1.34 -10.67
CA LYS B 49 -12.01 0.02 -10.10
C LYS B 49 -10.62 -0.40 -9.68
N LEU B 50 -10.18 0.19 -8.61
CA LEU B 50 -8.95 -0.16 -7.99
C LEU B 50 -9.15 -0.29 -6.53
N GLU B 51 -8.93 -1.46 -6.06
CA GLU B 51 -9.03 -1.77 -4.66
C GLU B 51 -7.66 -1.65 -4.08
N LYS B 52 -7.55 -1.46 -2.78
CA LYS B 52 -6.24 -1.34 -2.15
C LYS B 52 -5.34 -2.52 -2.46
N ALA B 53 -5.91 -3.71 -2.42
CA ALA B 53 -5.18 -4.94 -2.73
C ALA B 53 -4.70 -4.95 -4.19
N ASP B 54 -5.44 -4.28 -5.04
CA ASP B 54 -5.11 -4.21 -6.48
C ASP B 54 -4.02 -3.22 -6.70
N ILE B 55 -4.15 -2.11 -6.02
CA ILE B 55 -3.22 -1.01 -6.10
C ILE B 55 -1.83 -1.46 -5.63
N LEU B 56 -1.78 -2.17 -4.51
CA LEU B 56 -0.51 -2.68 -3.96
C LEU B 56 0.13 -3.65 -4.96
N GLU B 57 -0.65 -4.61 -5.42
CA GLU B 57 -0.23 -5.60 -6.40
C GLU B 57 0.25 -4.95 -7.68
N MET B 58 -0.41 -3.89 -8.09
CA MET B 58 -0.10 -3.18 -9.31
C MET B 58 1.34 -2.68 -9.26
N THR B 59 1.71 -2.02 -8.16
CA THR B 59 3.09 -1.54 -7.98
C THR B 59 4.10 -2.68 -8.03
N VAL B 60 3.76 -3.79 -7.40
CA VAL B 60 4.66 -4.94 -7.34
C VAL B 60 4.86 -5.52 -8.73
N LYS B 61 3.77 -5.73 -9.44
CA LYS B 61 3.82 -6.29 -10.77
C LYS B 61 4.54 -5.34 -11.74
N HIS B 62 4.37 -4.06 -11.51
CA HIS B 62 5.04 -3.04 -12.33
C HIS B 62 6.51 -2.94 -12.02
N LEU B 63 6.85 -3.30 -10.79
CA LEU B 63 8.23 -3.36 -10.36
C LEU B 63 8.94 -4.35 -11.23
N ARG B 64 8.28 -5.46 -11.44
CA ARG B 64 8.83 -6.54 -12.23
C ARG B 64 9.08 -6.04 -13.64
N ASN B 65 8.06 -5.37 -14.20
CA ASN B 65 8.09 -4.85 -15.57
C ASN B 65 9.24 -3.88 -15.75
N LEU B 66 9.27 -2.90 -14.90
CA LEU B 66 10.26 -1.84 -14.97
C LEU B 66 11.64 -2.32 -14.59
N GLN B 67 11.74 -3.44 -13.92
CA GLN B 67 13.03 -4.04 -13.61
C GLN B 67 13.55 -4.92 -14.73
N ARG B 68 12.68 -5.36 -15.62
CA ARG B 68 13.12 -6.19 -16.73
C ARG B 68 13.09 -5.44 -18.05
N ALA B 69 12.78 -4.15 -17.96
CA ALA B 69 12.69 -3.26 -19.13
C ALA B 69 14.07 -3.00 -19.71
N GLN B 70 15.05 -3.35 -18.94
CA GLN B 70 16.41 -3.21 -19.28
C GLN B 70 17.11 -4.40 -18.67
#